data_7F66
#
_entry.id   7F66
#
_cell.length_a   1.00
_cell.length_b   1.00
_cell.length_c   1.00
_cell.angle_alpha   90.00
_cell.angle_beta   90.00
_cell.angle_gamma   90.00
#
_symmetry.space_group_name_H-M   'P 1'
#
loop_
_entity.id
_entity.type
_entity.pdbx_description
1 polymer 'Translation initiation factor eIF-2B subunit alpha'
2 polymer 'Translation initiation factor eIF-2B subunit beta'
3 polymer 'Translation initiation factor eIF-2B subunit gamma'
4 polymer 'Translation initiation factor eIF-2B subunit delta'
5 polymer 'Translation initiation factor eIF-2B subunit epsilon'
6 polymer 'Non-structural protein NS-S'
7 polymer 'Eukaryotic translation initiation factor 2 subunit 1'
8 polymer eIF2beta
9 polymer 'Eukaryotic translation initiation factor 2 subunit 3'
#
loop_
_entity_poly.entity_id
_entity_poly.type
_entity_poly.pdbx_seq_one_letter_code
_entity_poly.pdbx_strand_id
1 'polypeptide(L)'
;GPMDDKELIEYFKSQMKEDPDMASAVAAIRTLLEFLKRDKGETIQGLRANLTSAIETLCGVDSSVAVSSGGELFLRFISL
ASLEYSDYSKCKKIMIERGELFLRRISLSRNKIADLCHTFIKDGATILTHAYSRVVLRVLEAAVAAKKRFSVYVTESQPD
LSGKKMAKALCHLNVPVTVVLDAAVGYIMEKADLVIVGAEGVVENGGIINKIGTNQMAVCAKAQNKPFYVVAESFKFVRL
FPLNQQDVPDKFKYKADTLKVAQTGQDLKEEHPWVDYTAPSLITLLFTDLGVLTPSAVSDELIKLYL
;
A,B
2 'polypeptide(L)'
;MPGSAAKGSELSERIESFVETLKRGGGPRSSEEMARETLGLLRQIITDHRWSNAGELMELIRREGRRMTAAQPSETTVGN
MVRRVLKIIREEYGRLHGRSDESDQQESLHKLLTSGGLNEDFSFHYAQLQSNIIEAINELLVELEGTMENIAAQALEHIH
SNEVIMTIGFSRTVEAFLKEAARKRKFHVIVAECAPFCQGHEMAVNLSKAGIETTVMTDAAIFAVMSRVNKVIIGTKTIL
ANGALRAVTGTHTLALAAKHHSTPLIVCAPMFKLSPQFPNEEDSFHKFVAPEEVLPFTEGDILEKVSVHCPVFDYVPPEL
ITLFISNIGGNAPSYIYRLMSELYHPDDHVL
;
C,D
3 'polypeptide(L)'
;MEFQAVVMAVGGGSRMTDLTSSIPKPLLPVGNKPLIWYPLNLLERVGFEEVIVVTTRDVQKALCAEFKMKMKPDIVCIPD
DADMGTADSLRYIYPKLKTDVLVLSCDLITDVALHEVVDLFRAYDASLAMLMRKGQDSIEPVPGQKGKKKAVEQRDFIGV
DSTGKRLLFMANEADLDEELVIKGSILQKHPRIRFHTGLVDAHLYCLKKYIVDFLMENGSITSIRSELIPYLVRKQFSSA
SSQQGQEEKEEDLKKKELKSLDIYSFIKEANTLNLAPYDACWNACRGDRWEDLSRSQVRCYVHIMKEGLCSRVSTLGLYM
EANRQVPKLLSALCPEEPPVHSSAQIVSKHLVGVDSLIGPETQIGEKSSIKRSVIGSSCLIKDRVTITNCLLMNSVTVEE
GSNIQGSVICNNAVIEKGADIKDCLIGSGQRIEAKAKRVNEVIVGNDQLMEI
;
E,F
4 'polypeptide(L)'
;MAAVAVAVREDSGSGMKAELPPGPGAVGREMTKEEKLQLRKEKKQQKKKRKEEKGAEPETGSAVSAAQCQVGPTRELPES
GIQLGTPREKVPAGRSKAELRAERRAKQEAERALKQARKGEQGGPPPKASPSTAGETPSGVKRLPEYPQVDDLLLRRLVK
KPERQQVPTRKDYGSKVSLFSHLPQYSRQNSLTQFMSIPSSVIHPAMVRLGLQYSQGLVSGSNARCIALLRALQQVIQDY
TTPPNEELSRDLVNKLKPYMSFLTQCRPLSASMHNAIKFLNKEITSVGSSKREEEAKSELRAAIDRYVQEKIVLAAQAIS
RFAYQKISNGDVILVYGCSSLVSRILQEAWTEGRRFRVVVVDSRPWLEGRHTLRSLVHAGVPASYLLIPAASYVLPEVSK
VLLGAHALLANGSVMSRVGTAQLALVARAHNVPVLVCCETYKFCERVQTDAFVSNELDDPDDLQCKRGEHVALANWQNHA
SLRLLNLVYDVTPPELVDLVITELGMIPCSSVPVVLRVKSSDQ
;
G,H
5 'polypeptide(L)'
;MAAPVVAPPGVVVSRANKRSGAGPGGSGGGGARGAEEEPPPPLQAVLVADSFDRRFFPISKDQPRVLLPLANVALIDYTL
EFLTATGVQETFVFCCWKAAQIKEHLLKSKWCRPTSLNVVRIITSELYRSLGDVLRDVDAKALVRSDFLLVYGDVISNIN
ITRALEEHRLRRKLEKNVSVMTMIFKESSPSHPTRCHEDNVVVAVDSTTNRVLHFQKTQGLRRFAFPLSLFQGSSDGVEV
RYDLLDCHISICSPQVAQLFTDNFDYQTRDDFVRGLLVNEEILGNQIHMHVTAKEYGARVSNLHMYSAVCADVIRRWVYP
LTPEANFTDSTTQSCTHSRHNIYRGPEVSLGHGSILEENVLLGSGTVIGSNCFITNSVIGPGCHIGDNVVLDQTYLWQGV
RVAAGAQIHQSLLCDNAEVKERVTLKPRSVLTSQVVVGPNITLPEGSVISLHPPDAEEDEDDGEFSDDSGADQEKDKVKM
KGYNPAEVGAAGKGYLWKAAGMNMEEEEELQQNLWGLKINMEEESESESEQSMDSEEPDSRGGSPQMDDIKVFQNEVLGT
LQRGKEENISCDNLVLEINSLKYAYNISLKEVMQVLSHVVLEFPLQQMDSPLDSSRYCALLLPLLKAWSPVFRNYIKRAA
DHLEALAAIEDFFLEHEALGISMAKVLMAFYQLEILAEETILSWFSQRDTTDKGQQLRKNQQLQRFIQWLKEAEEESSED
D
;
I,J
6 'polypeptide(L)'
;MNSQYMFDYPAINIDVRCHRLLSSVSYVAYNKFHTHDVSTYEHCEIPLEKLRLGFGRRNSLADFYSLGELPASWGPACYF
SSVKPMMYTFQGMASDLSRFDLTSFSRKGLPNVLKALSWPLGIPDCEIFSICSDRFVRGLQTRDQLMSYILRMGDSHSLD
ECIVQAHKKILQEARRLGLSDEHYNGYDLFREIGSLVCLRLINAEPFDTASSGEALDVRTVIRSYRASDPSTGLTEYGNS
LWTPIHSHVDENDESSSDSDF
;
K,L
7 'polypeptide(L)'
;MPGLSCRFYQHKFPEVEDVVMVNVRSIAEMGAYVSLLEYNNIEGMILLSELSRRRIRSINKLIRIGRNECVVVIRVDKEK
GYIDLSKRRVSPEEAIKCEDKFTKSKTVYSILRHVAEVLEYTKDEQLESLFQRTAWVFDDKYKRPGYGAYDAFKHAVSDP
SILDSLDLNEDEREVLINNINRRLTPQAVKIRADIEVACYGYEGIDAVKEALRAGLNCSTENMPIKINLIAPPRYVMTTT
TLERTEGLSVLSQAMAVIKEKIEEKRGVFNVQMEPKVVTDTDETELARQMERLERENAEVDGDDDAEEMEAKAED
;
N
8 'polypeptide(L)' (UNK)(UNK)(UNK)(UNK)(UNK)(UNK)(UNK)(UNK)(UNK)(UNK)(UNK)(UNK)(UNK)(UNK) O
9 'polypeptide(L)'
;MAGGEAGVTLGQPHLSRQDLTTLDVTKLTPLSHEVISRQATINIGTIGHVAHGKSTVVKAISGVHTVRFKNELERNITIK
LGYANAKIYKLDDPSCPRPECYRSCGSSTPDEFPTDIPGTKGNFKLVRHVSFVDCPGHDILMATMLNGAAVMDAALLLIA
GNESCPQPQTSEHLAAIEIMKLKHILILQNKIDLVKESQAKEQYEQILAFVQGTVAEGAPIIPISAQLKYNIEVVCEYIV
KKIPVPPRDFTSEPRLIVIRSFDVNKPGCEVDDLKGGVAGGSILKGVLKVGQEIEVRPGIVSKDSEGKLMCKPIFSKIVS
LFAEHNDLQYAAPGGLIGVGTKIDPTLCRADRMVGQVLGAVGALPEIFTELEISYFLLRRLLGVRTEGDKKAAKVQKLSK
NEVLMVNIGSLSTGGRVSAVKADLGKIVLTNPVCTEVGEKIALSRRVEKHWRLIGWGQIRRGVTIKPTVDDD
;
S
#
# COMPACT_ATOMS: atom_id res chain seq x y z
N PRO A 2 66.93 10.74 -4.27
CA PRO A 2 65.84 11.18 -3.39
C PRO A 2 65.34 12.57 -3.73
N MET A 3 64.07 12.84 -3.46
CA MET A 3 63.47 14.15 -3.67
C MET A 3 63.36 14.86 -2.33
N ASP A 4 63.83 16.10 -2.29
CA ASP A 4 63.82 16.86 -1.05
C ASP A 4 62.40 17.23 -0.64
N ASP A 5 62.23 17.53 0.64
CA ASP A 5 60.94 17.98 1.15
C ASP A 5 60.49 19.25 0.43
N LYS A 6 61.40 20.21 0.30
CA LYS A 6 61.07 21.44 -0.44
C LYS A 6 60.66 21.09 -1.87
N GLU A 7 61.53 20.37 -2.58
CA GLU A 7 61.23 20.01 -3.96
C GLU A 7 59.86 19.36 -4.09
N LEU A 8 59.50 18.51 -3.11
CA LEU A 8 58.17 17.92 -3.10
C LEU A 8 57.08 18.99 -2.95
N ILE A 9 57.29 19.96 -2.06
CA ILE A 9 56.25 20.96 -1.81
C ILE A 9 56.03 21.83 -3.05
N GLU A 10 57.12 22.34 -3.65
CA GLU A 10 56.94 23.10 -4.88
C GLU A 10 56.46 22.25 -6.05
N TYR A 11 56.80 20.96 -6.10
CA TYR A 11 56.22 20.12 -7.13
C TYR A 11 54.71 20.03 -6.97
N PHE A 12 54.24 19.83 -5.75
CA PHE A 12 52.81 19.80 -5.48
C PHE A 12 52.15 21.12 -5.85
N LYS A 13 52.75 22.23 -5.43
CA LYS A 13 52.15 23.53 -5.68
C LYS A 13 52.10 23.85 -7.17
N SER A 14 53.17 23.57 -7.90
CA SER A 14 53.17 23.80 -9.35
C SER A 14 52.20 22.87 -10.05
N GLN A 15 52.08 21.62 -9.60
CA GLN A 15 51.11 20.71 -10.19
C GLN A 15 49.69 21.23 -10.01
N MET A 16 49.40 21.77 -8.82
CA MET A 16 48.10 22.41 -8.61
C MET A 16 47.93 23.63 -9.51
N LYS A 17 48.96 24.46 -9.61
CA LYS A 17 48.83 25.75 -10.28
C LYS A 17 48.67 25.59 -11.79
N GLU A 18 49.43 24.68 -12.41
CA GLU A 18 49.39 24.53 -13.85
C GLU A 18 48.03 24.05 -14.35
N ASP A 19 47.33 23.26 -13.54
CA ASP A 19 46.02 22.72 -13.89
C ASP A 19 45.05 23.05 -12.77
N PRO A 20 44.41 24.22 -12.81
CA PRO A 20 43.45 24.59 -11.77
C PRO A 20 42.24 23.67 -11.71
N ASP A 21 41.93 22.93 -12.77
CA ASP A 21 40.76 22.08 -12.85
C ASP A 21 40.97 20.70 -12.25
N MET A 22 42.18 20.39 -11.77
CA MET A 22 42.49 19.07 -11.25
C MET A 22 42.45 19.09 -9.73
N ALA A 23 41.86 18.03 -9.16
CA ALA A 23 41.66 17.98 -7.72
C ALA A 23 42.98 17.81 -6.97
N SER A 24 42.94 18.13 -5.67
CA SER A 24 44.14 18.04 -4.84
C SER A 24 44.62 16.61 -4.69
N ALA A 25 43.70 15.65 -4.58
CA ALA A 25 44.09 14.26 -4.41
C ALA A 25 44.84 13.74 -5.64
N VAL A 26 44.39 14.12 -6.83
CA VAL A 26 45.06 13.68 -8.05
C VAL A 26 46.48 14.25 -8.10
N ALA A 27 46.64 15.52 -7.75
CA ALA A 27 47.97 16.12 -7.74
C ALA A 27 48.86 15.47 -6.68
N ALA A 28 48.31 15.14 -5.52
CA ALA A 28 49.08 14.45 -4.50
C ALA A 28 49.55 13.08 -4.98
N ILE A 29 48.66 12.34 -5.64
CA ILE A 29 49.03 11.04 -6.16
C ILE A 29 50.10 11.18 -7.24
N ARG A 30 49.97 12.19 -8.11
CA ARG A 30 50.97 12.42 -9.15
C ARG A 30 52.32 12.77 -8.53
N THR A 31 52.31 13.60 -7.48
CA THR A 31 53.55 13.95 -6.79
C THR A 31 54.19 12.73 -6.15
N LEU A 32 53.37 11.86 -5.54
CA LEU A 32 53.91 10.64 -4.95
C LEU A 32 54.51 9.73 -6.01
N LEU A 33 53.85 9.61 -7.16
CA LEU A 33 54.38 8.78 -8.23
C LEU A 33 55.69 9.36 -8.77
N GLU A 34 55.77 10.69 -8.89
CA GLU A 34 57.01 11.32 -9.33
C GLU A 34 58.11 11.11 -8.31
N PHE A 35 57.78 11.17 -7.02
CA PHE A 35 58.75 10.88 -5.97
C PHE A 35 59.25 9.45 -6.08
N LEU A 36 58.35 8.50 -6.32
CA LEU A 36 58.76 7.11 -6.48
C LEU A 36 59.60 6.92 -7.75
N LYS A 37 59.36 7.74 -8.77
CA LYS A 37 60.07 7.57 -10.03
C LYS A 37 61.56 7.79 -9.86
N ARG A 38 61.95 8.82 -9.09
CA ARG A 38 63.35 9.10 -8.79
C ARG A 38 63.53 9.01 -7.28
N ASP A 39 63.94 7.83 -6.82
CA ASP A 39 64.14 7.56 -5.39
C ASP A 39 65.53 7.05 -5.07
N LYS A 40 66.16 6.29 -5.96
CA LYS A 40 67.51 5.76 -5.77
C LYS A 40 67.61 4.85 -4.55
N GLY A 41 66.49 4.26 -4.13
CA GLY A 41 66.50 3.31 -3.04
C GLY A 41 66.82 1.91 -3.52
N GLU A 42 66.86 0.98 -2.56
CA GLU A 42 67.16 -0.41 -2.85
C GLU A 42 66.22 -1.42 -2.21
N THR A 43 65.52 -1.06 -1.14
CA THR A 43 64.66 -1.98 -0.42
C THR A 43 63.23 -1.46 -0.40
N ILE A 44 62.26 -2.37 -0.50
CA ILE A 44 60.87 -1.99 -0.39
C ILE A 44 60.55 -1.50 1.02
N GLN A 45 61.32 -1.94 2.02
CA GLN A 45 61.11 -1.47 3.38
C GLN A 45 61.41 0.02 3.50
N GLY A 46 62.52 0.46 2.92
CA GLY A 46 62.83 1.88 2.94
C GLY A 46 61.87 2.71 2.11
N LEU A 47 61.39 2.14 1.00
CA LEU A 47 60.50 2.89 0.12
C LEU A 47 59.22 3.29 0.84
N ARG A 48 58.64 2.37 1.62
CA ARG A 48 57.38 2.67 2.30
C ARG A 48 57.56 3.77 3.33
N ALA A 49 58.68 3.76 4.06
CA ALA A 49 58.93 4.80 5.06
C ALA A 49 59.05 6.17 4.39
N ASN A 50 59.80 6.25 3.30
CA ASN A 50 59.92 7.52 2.58
C ASN A 50 58.58 7.96 2.02
N LEU A 51 57.78 7.01 1.52
CA LEU A 51 56.48 7.35 0.97
C LEU A 51 55.54 7.88 2.04
N THR A 52 55.52 7.27 3.22
CA THR A 52 54.64 7.77 4.26
C THR A 52 55.14 9.09 4.83
N SER A 53 56.45 9.31 4.86
CA SER A 53 56.97 10.62 5.24
C SER A 53 56.56 11.69 4.24
N ALA A 54 56.62 11.37 2.95
CA ALA A 54 56.17 12.30 1.93
C ALA A 54 54.67 12.58 2.04
N ILE A 55 53.89 11.56 2.36
CA ILE A 55 52.46 11.76 2.55
C ILE A 55 52.20 12.66 3.75
N GLU A 56 52.97 12.48 4.82
CA GLU A 56 52.84 13.36 5.98
C GLU A 56 53.18 14.80 5.61
N THR A 57 54.24 14.99 4.82
CA THR A 57 54.60 16.34 4.39
C THR A 57 53.49 16.96 3.54
N LEU A 58 52.94 16.19 2.60
CA LEU A 58 51.88 16.70 1.75
C LEU A 58 50.63 17.04 2.55
N CYS A 59 50.29 16.20 3.53
CA CYS A 59 49.16 16.50 4.41
C CYS A 59 49.43 17.74 5.25
N GLY A 60 50.69 17.98 5.61
CA GLY A 60 51.03 19.24 6.24
C GLY A 60 50.81 20.42 5.33
N VAL A 61 51.15 20.27 4.05
CA VAL A 61 50.92 21.35 3.09
C VAL A 61 49.43 21.58 2.88
N ASP A 62 48.67 20.51 2.64
CA ASP A 62 47.24 20.59 2.41
C ASP A 62 46.53 19.66 3.38
N SER A 63 45.62 20.20 4.17
CA SER A 63 44.93 19.45 5.21
C SER A 63 43.63 18.80 4.72
N SER A 64 43.42 18.76 3.40
CA SER A 64 42.21 18.16 2.87
C SER A 64 42.20 16.65 3.12
N VAL A 65 40.98 16.12 3.29
CA VAL A 65 40.84 14.68 3.52
C VAL A 65 41.24 13.89 2.28
N ALA A 66 40.98 14.44 1.09
CA ALA A 66 41.27 13.72 -0.14
C ALA A 66 42.76 13.44 -0.28
N VAL A 67 43.62 14.33 0.22
CA VAL A 67 45.06 14.10 0.14
C VAL A 67 45.45 12.88 0.97
N SER A 68 44.93 12.79 2.20
CA SER A 68 45.22 11.63 3.04
C SER A 68 44.64 10.36 2.44
N SER A 69 43.44 10.45 1.87
CA SER A 69 42.84 9.28 1.21
C SER A 69 43.71 8.80 0.06
N GLY A 70 44.20 9.73 -0.76
CA GLY A 70 45.09 9.35 -1.85
C GLY A 70 46.39 8.76 -1.35
N GLY A 71 46.92 9.29 -0.25
CA GLY A 71 48.12 8.71 0.33
C GLY A 71 47.92 7.28 0.80
N GLU A 72 46.80 7.03 1.49
CA GLU A 72 46.51 5.67 1.92
C GLU A 72 46.31 4.74 0.73
N LEU A 73 45.63 5.22 -0.31
CA LEU A 73 45.44 4.42 -1.51
C LEU A 73 46.76 4.11 -2.17
N PHE A 74 47.68 5.07 -2.21
CA PHE A 74 49.00 4.84 -2.79
C PHE A 74 49.79 3.82 -1.98
N LEU A 75 49.70 3.91 -0.64
CA LEU A 75 50.39 2.92 0.19
C LEU A 75 49.85 1.52 -0.04
N ARG A 76 48.52 1.39 -0.14
CA ARG A 76 47.93 0.09 -0.44
C ARG A 76 48.35 -0.40 -1.82
N PHE A 77 48.46 0.51 -2.77
CA PHE A 77 48.93 0.14 -4.11
C PHE A 77 50.36 -0.40 -4.05
N ILE A 78 51.23 0.25 -3.27
CA ILE A 78 52.60 -0.22 -3.14
C ILE A 78 52.62 -1.61 -2.49
N SER A 79 51.82 -1.80 -1.44
CA SER A 79 51.78 -3.11 -0.78
C SER A 79 51.28 -4.19 -1.73
N LEU A 80 50.23 -3.91 -2.49
CA LEU A 80 49.69 -4.89 -3.42
C LEU A 80 50.71 -5.24 -4.51
N ALA A 81 51.41 -4.23 -5.03
CA ALA A 81 52.41 -4.50 -6.05
C ALA A 81 53.58 -5.30 -5.49
N SER A 82 54.01 -4.99 -4.26
CA SER A 82 55.13 -5.71 -3.67
C SER A 82 54.75 -7.13 -3.29
N LEU A 83 53.45 -7.40 -3.09
CA LEU A 83 53.02 -8.75 -2.76
C LEU A 83 53.35 -9.72 -3.88
N GLU A 84 53.15 -9.31 -5.14
CA GLU A 84 53.34 -10.23 -6.25
C GLU A 84 54.81 -10.51 -6.53
N TYR A 85 55.65 -9.48 -6.48
CA TYR A 85 57.05 -9.59 -6.88
C TYR A 85 57.94 -9.34 -5.67
N SER A 86 58.87 -10.28 -5.42
CA SER A 86 59.80 -10.12 -4.31
C SER A 86 61.02 -9.29 -4.71
N ASP A 87 61.51 -9.46 -5.94
CA ASP A 87 62.64 -8.68 -6.42
C ASP A 87 62.24 -7.21 -6.53
N TYR A 88 63.16 -6.32 -6.13
CA TYR A 88 62.81 -4.92 -6.01
C TYR A 88 62.74 -4.22 -7.37
N SER A 89 63.57 -4.64 -8.33
CA SER A 89 63.59 -3.97 -9.63
C SER A 89 62.33 -4.26 -10.43
N LYS A 90 61.93 -5.54 -10.48
CA LYS A 90 60.69 -5.89 -11.16
C LYS A 90 59.49 -5.22 -10.50
N CYS A 91 59.47 -5.20 -9.17
CA CYS A 91 58.41 -4.50 -8.45
C CYS A 91 58.41 -3.02 -8.78
N LYS A 92 59.60 -2.42 -8.91
CA LYS A 92 59.69 -1.00 -9.23
C LYS A 92 59.09 -0.71 -10.59
N LYS A 93 59.46 -1.50 -11.59
CA LYS A 93 58.91 -1.30 -12.94
C LYS A 93 57.39 -1.50 -12.94
N ILE A 94 56.92 -2.54 -12.24
CA ILE A 94 55.49 -2.81 -12.16
C ILE A 94 54.76 -1.64 -11.51
N MET A 95 55.31 -1.12 -10.41
CA MET A 95 54.67 0.01 -9.74
C MET A 95 54.63 1.23 -10.63
N ILE A 96 55.70 1.48 -11.39
CA ILE A 96 55.72 2.67 -12.26
C ILE A 96 54.64 2.55 -13.33
N GLU A 97 54.58 1.41 -14.03
CA GLU A 97 53.61 1.28 -15.11
C GLU A 97 52.18 1.28 -14.57
N ARG A 98 51.94 0.59 -13.45
CA ARG A 98 50.62 0.57 -12.85
C ARG A 98 50.23 1.96 -12.35
N GLY A 99 51.19 2.76 -11.88
CA GLY A 99 50.89 4.11 -11.47
C GLY A 99 50.50 4.99 -12.64
N GLU A 100 51.16 4.82 -13.79
CA GLU A 100 50.75 5.56 -14.98
C GLU A 100 49.32 5.21 -15.37
N LEU A 101 49.00 3.91 -15.40
CA LEU A 101 47.64 3.50 -15.73
C LEU A 101 46.63 4.02 -14.73
N PHE A 102 46.99 3.98 -13.44
CA PHE A 102 46.11 4.47 -12.39
C PHE A 102 45.87 5.98 -12.53
N LEU A 103 46.92 6.72 -12.90
CA LEU A 103 46.76 8.16 -13.11
C LEU A 103 45.80 8.44 -14.25
N ARG A 104 45.93 7.72 -15.36
CA ARG A 104 45.00 7.98 -16.46
C ARG A 104 43.58 7.58 -16.09
N ARG A 105 43.42 6.51 -15.30
CA ARG A 105 42.08 6.10 -14.89
C ARG A 105 41.43 7.15 -13.99
N ILE A 106 42.18 7.65 -12.99
CA ILE A 106 41.62 8.68 -12.11
C ILE A 106 41.43 9.99 -12.86
N SER A 107 42.14 10.20 -13.97
CA SER A 107 41.84 11.34 -14.82
C SER A 107 40.52 11.19 -15.56
N LEU A 108 40.21 9.99 -16.05
CA LEU A 108 38.94 9.73 -16.71
C LEU A 108 37.77 9.59 -15.74
N SER A 109 38.06 9.49 -14.44
CA SER A 109 37.02 9.28 -13.43
C SER A 109 35.93 10.35 -13.49
N ARG A 110 36.31 11.62 -13.64
CA ARG A 110 35.32 12.68 -13.60
C ARG A 110 34.33 12.57 -14.75
N ASN A 111 34.83 12.32 -15.96
CA ASN A 111 33.93 12.16 -17.11
C ASN A 111 33.05 10.93 -16.92
N LYS A 112 33.61 9.85 -16.37
CA LYS A 112 32.79 8.66 -16.12
C LYS A 112 31.65 8.98 -15.16
N ILE A 113 31.94 9.71 -14.09
CA ILE A 113 30.92 10.09 -13.13
C ILE A 113 29.85 10.95 -13.81
N ALA A 114 30.28 11.91 -14.63
CA ALA A 114 29.32 12.77 -15.30
C ALA A 114 28.38 11.98 -16.20
N ASP A 115 28.93 11.06 -17.00
CA ASP A 115 28.09 10.26 -17.88
C ASP A 115 27.12 9.40 -17.09
N LEU A 116 27.58 8.81 -15.98
CA LEU A 116 26.68 7.98 -15.18
C LEU A 116 25.61 8.81 -14.48
N CYS A 117 25.93 10.07 -14.15
CA CYS A 117 25.06 10.81 -13.23
C CYS A 117 24.04 11.68 -13.96
N HIS A 118 24.38 12.18 -15.15
CA HIS A 118 23.55 13.23 -15.75
C HIS A 118 22.13 12.76 -16.04
N THR A 119 21.91 11.44 -16.11
CA THR A 119 20.59 10.94 -16.47
C THR A 119 19.57 11.15 -15.34
N PHE A 120 20.04 11.32 -14.11
CA PHE A 120 19.10 11.48 -12.99
C PHE A 120 18.46 12.85 -12.99
N ILE A 121 19.11 13.83 -13.61
CA ILE A 121 18.51 15.17 -13.71
C ILE A 121 17.39 15.15 -14.74
N LYS A 122 16.21 15.56 -14.33
CA LYS A 122 15.04 15.56 -15.19
C LYS A 122 14.90 16.91 -15.89
N ASP A 123 13.83 17.07 -16.66
CA ASP A 123 13.56 18.30 -17.39
C ASP A 123 12.65 19.19 -16.56
N GLY A 124 13.04 20.44 -16.38
CA GLY A 124 12.31 21.36 -15.54
C GLY A 124 12.53 21.20 -14.06
N ALA A 125 13.45 20.31 -13.66
CA ALA A 125 13.74 20.10 -12.25
C ALA A 125 14.59 21.26 -11.71
N THR A 126 14.68 21.32 -10.38
CA THR A 126 15.46 22.33 -9.69
C THR A 126 16.57 21.65 -8.89
N ILE A 127 17.79 22.14 -9.07
CA ILE A 127 18.97 21.57 -8.43
C ILE A 127 19.39 22.46 -7.27
N LEU A 128 19.72 21.85 -6.14
CA LEU A 128 20.25 22.55 -4.98
C LEU A 128 21.66 22.05 -4.74
N THR A 129 22.63 22.98 -4.73
CA THR A 129 24.03 22.65 -4.55
C THR A 129 24.59 23.49 -3.40
N HIS A 130 25.60 22.96 -2.72
CA HIS A 130 26.14 23.61 -1.53
C HIS A 130 27.26 24.59 -1.86
N ALA A 131 28.34 24.09 -2.46
CA ALA A 131 29.54 24.91 -2.65
C ALA A 131 30.10 24.61 -4.04
N TYR A 132 31.32 25.07 -4.28
CA TYR A 132 31.99 24.85 -5.55
C TYR A 132 32.58 23.46 -5.59
N SER A 133 32.06 22.62 -6.47
CA SER A 133 32.62 21.30 -6.74
C SER A 133 32.76 21.14 -8.24
N ARG A 134 33.91 20.64 -8.68
CA ARG A 134 34.12 20.47 -10.11
C ARG A 134 33.29 19.32 -10.66
N VAL A 135 32.99 18.32 -9.83
CA VAL A 135 32.23 17.16 -10.31
C VAL A 135 30.78 17.55 -10.58
N VAL A 136 30.16 18.32 -9.69
CA VAL A 136 28.80 18.76 -9.95
C VAL A 136 28.77 19.70 -11.15
N LEU A 137 29.80 20.51 -11.32
CA LEU A 137 29.87 21.38 -12.51
C LEU A 137 29.94 20.53 -13.78
N ARG A 138 30.72 19.46 -13.74
CA ARG A 138 30.82 18.59 -14.92
C ARG A 138 29.51 17.86 -15.20
N VAL A 139 28.82 17.40 -14.16
CA VAL A 139 27.55 16.71 -14.41
C VAL A 139 26.50 17.70 -14.91
N LEU A 140 26.54 18.95 -14.45
CA LEU A 140 25.63 19.95 -15.00
C LEU A 140 25.98 20.28 -16.45
N GLU A 141 27.27 20.30 -16.79
CA GLU A 141 27.66 20.42 -18.18
C GLU A 141 27.09 19.29 -19.02
N ALA A 142 27.19 18.06 -18.53
CA ALA A 142 26.67 16.92 -19.26
C ALA A 142 25.15 17.01 -19.43
N ALA A 143 24.46 17.47 -18.38
CA ALA A 143 23.01 17.64 -18.47
C ALA A 143 22.65 18.71 -19.49
N VAL A 144 23.40 19.81 -19.51
CA VAL A 144 23.15 20.87 -20.50
C VAL A 144 23.39 20.35 -21.91
N ALA A 145 24.45 19.58 -22.11
CA ALA A 145 24.73 19.03 -23.43
C ALA A 145 23.62 18.11 -23.90
N ALA A 146 22.90 17.48 -22.98
CA ALA A 146 21.76 16.63 -23.32
C ALA A 146 20.50 17.44 -23.61
N LYS A 147 20.62 18.76 -23.76
CA LYS A 147 19.49 19.64 -24.06
C LYS A 147 18.38 19.52 -23.02
N LYS A 148 18.78 19.49 -21.75
CA LYS A 148 17.85 19.52 -20.64
C LYS A 148 17.82 20.93 -20.04
N ARG A 149 16.63 21.36 -19.61
CA ARG A 149 16.43 22.67 -19.02
C ARG A 149 16.13 22.53 -17.55
N PHE A 150 16.90 23.21 -16.71
CA PHE A 150 16.75 23.10 -15.27
C PHE A 150 17.29 24.36 -14.61
N SER A 151 16.91 24.57 -13.36
CA SER A 151 17.39 25.69 -12.56
C SER A 151 18.24 25.17 -11.41
N VAL A 152 19.17 26.00 -10.95
CA VAL A 152 20.12 25.62 -9.92
C VAL A 152 20.13 26.69 -8.84
N TYR A 153 20.02 26.26 -7.58
CA TYR A 153 20.26 27.11 -6.43
C TYR A 153 21.58 26.71 -5.80
N VAL A 154 22.39 27.71 -5.42
CA VAL A 154 23.69 27.45 -4.82
C VAL A 154 23.86 28.36 -3.61
N THR A 155 24.35 27.79 -2.51
CA THR A 155 24.61 28.58 -1.31
C THR A 155 25.93 29.34 -1.48
N GLU A 156 26.16 30.28 -0.56
CA GLU A 156 27.31 31.18 -0.67
C GLU A 156 28.57 30.65 -0.01
N SER A 157 28.47 29.67 0.89
CA SER A 157 29.65 29.11 1.55
C SER A 157 30.43 30.19 2.28
N GLN A 158 29.85 30.73 3.34
CA GLN A 158 30.31 32.00 3.91
C GLN A 158 31.81 32.11 4.17
N PRO A 159 32.51 31.12 4.74
CA PRO A 159 33.95 31.33 5.01
C PRO A 159 34.74 31.77 3.79
N ASP A 160 34.69 31.01 2.70
CA ASP A 160 35.22 31.45 1.41
C ASP A 160 34.11 31.29 0.38
N LEU A 161 33.74 32.39 -0.27
CA LEU A 161 32.53 32.43 -1.10
C LEU A 161 32.79 31.63 -2.38
N SER A 162 32.84 30.31 -2.21
CA SER A 162 32.95 29.41 -3.35
C SER A 162 31.65 29.28 -4.13
N GLY A 163 30.51 29.47 -3.47
CA GLY A 163 29.24 29.41 -4.17
C GLY A 163 29.12 30.49 -5.23
N LYS A 164 29.68 31.66 -4.98
CA LYS A 164 29.68 32.72 -6.00
C LYS A 164 30.51 32.33 -7.21
N LYS A 165 31.65 31.67 -6.98
CA LYS A 165 32.44 31.16 -8.09
C LYS A 165 31.68 30.10 -8.87
N MET A 166 30.97 29.22 -8.15
CA MET A 166 30.13 28.22 -8.82
C MET A 166 29.05 28.88 -9.66
N ALA A 167 28.44 29.94 -9.13
CA ALA A 167 27.40 30.64 -9.87
C ALA A 167 27.96 31.33 -11.11
N LYS A 168 29.15 31.92 -10.99
CA LYS A 168 29.79 32.52 -12.16
C LYS A 168 30.07 31.46 -13.22
N ALA A 169 30.60 30.31 -12.81
CA ALA A 169 30.89 29.25 -13.76
C ALA A 169 29.63 28.73 -14.43
N LEU A 170 28.53 28.64 -13.67
CA LEU A 170 27.27 28.20 -14.24
C LEU A 170 26.70 29.24 -15.20
N CYS A 171 26.83 30.53 -14.86
CA CYS A 171 26.40 31.58 -15.77
C CYS A 171 27.20 31.57 -17.06
N HIS A 172 28.48 31.19 -16.99
CA HIS A 172 29.26 31.00 -18.21
C HIS A 172 28.66 29.92 -19.09
N LEU A 173 27.90 29.00 -18.51
CA LEU A 173 27.28 27.89 -19.24
C LEU A 173 25.84 28.19 -19.65
N ASN A 174 25.37 29.41 -19.42
CA ASN A 174 23.99 29.80 -19.75
C ASN A 174 22.98 28.91 -19.04
N VAL A 175 23.10 28.83 -17.72
CA VAL A 175 22.19 28.07 -16.88
C VAL A 175 21.60 29.02 -15.86
N PRO A 176 20.28 29.05 -15.67
CA PRO A 176 19.70 29.91 -14.63
C PRO A 176 20.11 29.46 -13.25
N VAL A 177 20.91 30.27 -12.57
CA VAL A 177 21.47 29.93 -11.26
C VAL A 177 21.19 31.07 -10.30
N THR A 178 20.81 30.72 -9.08
CA THR A 178 20.49 31.70 -8.04
C THR A 178 21.37 31.46 -6.82
N VAL A 179 22.00 32.52 -6.33
CA VAL A 179 22.80 32.46 -5.13
C VAL A 179 21.91 32.75 -3.93
N VAL A 180 21.99 31.88 -2.92
CA VAL A 180 21.17 32.00 -1.72
C VAL A 180 22.09 31.94 -0.51
N LEU A 181 21.62 32.52 0.59
CA LEU A 181 22.42 32.58 1.80
C LEU A 181 22.60 31.19 2.41
N ASP A 182 23.63 31.05 3.24
CA ASP A 182 23.86 29.79 3.94
C ASP A 182 22.77 29.48 4.95
N ALA A 183 22.05 30.50 5.42
CA ALA A 183 21.00 30.32 6.41
C ALA A 183 19.63 30.13 5.79
N ALA A 184 19.52 30.12 4.46
CA ALA A 184 18.23 30.04 3.79
C ALA A 184 17.98 28.68 3.14
N VAL A 185 18.82 27.68 3.42
CA VAL A 185 18.64 26.37 2.80
C VAL A 185 17.29 25.79 3.19
N GLY A 186 16.96 25.84 4.48
CA GLY A 186 15.65 25.39 4.93
C GLY A 186 14.50 26.16 4.30
N TYR A 187 14.75 27.38 3.83
CA TYR A 187 13.72 28.13 3.12
C TYR A 187 13.65 27.73 1.65
N ILE A 188 14.76 27.26 1.08
CA ILE A 188 14.82 26.95 -0.34
C ILE A 188 14.54 25.46 -0.63
N MET A 189 14.70 24.59 0.37
CA MET A 189 14.61 23.16 0.13
C MET A 189 13.25 22.76 -0.46
N GLU A 190 12.18 23.46 -0.09
CA GLU A 190 10.86 23.10 -0.59
C GLU A 190 10.70 23.38 -2.08
N LYS A 191 11.51 24.27 -2.65
CA LYS A 191 11.44 24.58 -4.08
C LYS A 191 12.28 23.63 -4.92
N ALA A 192 13.37 23.11 -4.37
CA ALA A 192 14.23 22.19 -5.10
C ALA A 192 13.59 20.81 -5.21
N ASP A 193 13.99 20.07 -6.24
CA ASP A 193 13.52 18.71 -6.46
C ASP A 193 14.52 17.66 -6.00
N LEU A 194 15.81 17.98 -6.02
CA LEU A 194 16.85 17.06 -5.58
C LEU A 194 18.08 17.87 -5.22
N VAL A 195 18.92 17.27 -4.39
CA VAL A 195 20.14 17.92 -3.89
C VAL A 195 21.34 17.14 -4.41
N ILE A 196 22.22 17.81 -5.15
CA ILE A 196 23.45 17.22 -5.67
C ILE A 196 24.61 17.98 -5.05
N VAL A 197 25.47 17.27 -4.33
CA VAL A 197 26.60 17.87 -3.64
C VAL A 197 27.83 17.01 -3.86
N GLY A 198 29.00 17.64 -3.78
CA GLY A 198 30.25 16.92 -3.85
C GLY A 198 30.68 16.38 -2.49
N ALA A 199 31.87 15.77 -2.48
CA ALA A 199 32.41 15.21 -1.25
C ALA A 199 33.93 15.28 -1.30
N GLU A 200 34.53 15.61 -0.15
CA GLU A 200 35.98 15.62 -0.01
C GLU A 200 36.53 14.30 0.52
N GLY A 201 35.65 13.36 0.86
CA GLY A 201 36.07 12.06 1.36
C GLY A 201 34.89 11.20 1.75
N VAL A 202 34.92 9.93 1.37
CA VAL A 202 33.84 8.99 1.66
C VAL A 202 34.31 8.05 2.75
N VAL A 203 33.64 8.09 3.90
CA VAL A 203 34.04 7.30 5.07
C VAL A 203 33.53 5.87 4.95
N GLU A 204 33.98 5.00 5.85
CA GLU A 204 33.76 3.56 5.72
C GLU A 204 32.27 3.22 5.60
N ASN A 205 31.43 3.76 6.49
CA ASN A 205 30.03 3.35 6.52
C ASN A 205 29.24 3.86 5.32
N GLY A 206 29.78 4.77 4.53
CA GLY A 206 29.07 5.34 3.40
C GLY A 206 28.72 6.80 3.55
N GLY A 207 28.95 7.39 4.71
CA GLY A 207 28.77 8.81 4.88
C GLY A 207 29.84 9.59 4.13
N ILE A 208 29.73 10.91 4.20
CA ILE A 208 30.65 11.76 3.45
C ILE A 208 31.27 12.80 4.38
N ILE A 209 32.43 13.28 3.97
CA ILE A 209 33.15 14.36 4.64
C ILE A 209 33.19 15.53 3.68
N ASN A 210 32.57 16.65 4.06
CA ASN A 210 32.41 17.72 3.09
C ASN A 210 32.44 19.07 3.80
N LYS A 211 32.11 20.12 3.05
CA LYS A 211 32.13 21.48 3.57
C LYS A 211 31.17 21.63 4.74
N ILE A 212 31.40 22.66 5.55
CA ILE A 212 30.78 22.78 6.87
C ILE A 212 29.26 22.81 6.78
N GLY A 213 28.71 23.27 5.66
CA GLY A 213 27.28 23.39 5.55
C GLY A 213 26.53 22.20 4.97
N THR A 214 27.21 21.07 4.75
CA THR A 214 26.57 19.94 4.07
C THR A 214 25.61 19.19 4.98
N ASN A 215 25.97 19.02 6.26
CA ASN A 215 25.17 18.18 7.15
C ASN A 215 23.76 18.76 7.35
N GLN A 216 23.66 20.07 7.55
CA GLN A 216 22.36 20.67 7.76
C GLN A 216 21.52 20.63 6.48
N MET A 217 22.16 20.77 5.32
CA MET A 217 21.43 20.63 4.07
C MET A 217 20.89 19.21 3.90
N ALA A 218 21.69 18.21 4.26
CA ALA A 218 21.23 16.83 4.17
C ALA A 218 20.08 16.57 5.14
N VAL A 219 20.18 17.12 6.36
CA VAL A 219 19.10 16.94 7.34
C VAL A 219 17.82 17.60 6.86
N CYS A 220 17.92 18.81 6.30
CA CYS A 220 16.74 19.49 5.78
C CYS A 220 16.14 18.73 4.61
N ALA A 221 16.98 18.16 3.73
CA ALA A 221 16.47 17.36 2.62
C ALA A 221 15.75 16.13 3.12
N LYS A 222 16.30 15.47 4.15
CA LYS A 222 15.65 14.30 4.71
C LYS A 222 14.32 14.66 5.35
N ALA A 223 14.25 15.82 6.01
CA ALA A 223 13.02 16.23 6.67
C ALA A 223 11.88 16.43 5.67
N GLN A 224 12.20 16.88 4.46
CA GLN A 224 11.19 17.10 3.42
C GLN A 224 11.17 15.97 2.39
N ASN A 225 11.84 14.85 2.66
CA ASN A 225 11.83 13.68 1.79
C ASN A 225 12.33 14.01 0.39
N LYS A 226 13.36 14.85 0.31
CA LYS A 226 13.93 15.08 -1.02
C LYS A 226 15.16 14.21 -1.22
N PRO A 227 15.37 13.69 -2.42
CA PRO A 227 16.57 12.87 -2.68
C PRO A 227 17.84 13.68 -2.48
N PHE A 228 18.86 13.02 -1.93
CA PHE A 228 20.15 13.64 -1.64
C PHE A 228 21.22 12.82 -2.35
N TYR A 229 21.80 13.39 -3.40
CA TYR A 229 22.78 12.70 -4.22
C TYR A 229 24.17 13.28 -3.99
N VAL A 230 25.17 12.39 -3.95
CA VAL A 230 26.55 12.77 -3.72
C VAL A 230 27.39 12.22 -4.87
N VAL A 231 28.19 13.08 -5.49
CA VAL A 231 29.13 12.68 -6.53
C VAL A 231 30.54 12.76 -5.96
N ALA A 232 31.29 11.67 -6.08
CA ALA A 232 32.64 11.61 -5.53
C ALA A 232 33.44 10.59 -6.30
N GLU A 233 34.74 10.84 -6.42
CA GLU A 233 35.64 9.91 -7.08
C GLU A 233 36.01 8.77 -6.13
N SER A 234 36.62 7.73 -6.70
CA SER A 234 36.94 6.54 -5.92
C SER A 234 38.14 6.75 -5.02
N PHE A 235 39.09 7.58 -5.43
CA PHE A 235 40.27 7.81 -4.59
C PHE A 235 39.95 8.64 -3.35
N LYS A 236 38.68 8.97 -3.11
CA LYS A 236 38.26 9.65 -1.91
C LYS A 236 37.72 8.70 -0.85
N PHE A 237 37.83 7.40 -1.07
CA PHE A 237 37.42 6.42 -0.08
C PHE A 237 38.50 6.30 1.00
N VAL A 238 38.10 6.45 2.25
CA VAL A 238 39.03 6.41 3.38
C VAL A 238 38.41 5.59 4.50
N ARG A 239 39.23 4.77 5.17
CA ARG A 239 38.76 3.94 6.26
C ARG A 239 38.77 4.75 7.56
N LEU A 240 37.84 5.70 7.63
CA LEU A 240 37.54 6.42 8.85
C LEU A 240 36.07 6.20 9.18
N PHE A 241 35.75 6.09 10.46
CA PHE A 241 34.35 5.98 10.86
C PHE A 241 34.08 7.03 11.93
N PRO A 242 33.61 8.21 11.59
CA PRO A 242 33.24 9.18 12.63
C PRO A 242 31.94 8.82 13.31
N LEU A 243 31.99 8.65 14.64
CA LEU A 243 30.76 8.42 15.40
C LEU A 243 29.85 9.64 15.33
N ASN A 244 30.43 10.84 15.36
CA ASN A 244 29.67 12.07 15.30
C ASN A 244 30.59 13.16 14.77
N GLN A 245 30.13 14.41 14.86
CA GLN A 245 30.92 15.53 14.37
C GLN A 245 32.19 15.71 15.18
N GLN A 246 32.13 15.48 16.50
CA GLN A 246 33.31 15.62 17.34
C GLN A 246 34.36 14.56 17.02
N ASP A 247 33.93 13.40 16.51
CA ASP A 247 34.86 12.30 16.27
C ASP A 247 35.70 12.51 15.01
N VAL A 248 35.37 13.49 14.19
CA VAL A 248 36.18 13.76 12.98
C VAL A 248 37.56 14.21 13.42
N PRO A 249 38.64 13.72 12.81
CA PRO A 249 39.99 14.15 13.21
C PRO A 249 40.16 15.65 13.04
N ASP A 250 40.89 16.26 13.98
CA ASP A 250 41.07 17.70 13.98
C ASP A 250 41.94 18.19 12.84
N LYS A 251 42.77 17.31 12.26
CA LYS A 251 43.65 17.73 11.17
C LYS A 251 42.89 18.03 9.89
N PHE A 252 41.61 17.67 9.80
CA PHE A 252 40.80 17.96 8.63
C PHE A 252 39.86 19.14 8.84
N LYS A 253 39.47 19.43 10.08
CA LYS A 253 38.52 20.50 10.33
C LYS A 253 39.17 21.87 10.19
N TYR A 254 40.38 22.04 10.70
CA TYR A 254 40.98 23.35 10.86
C TYR A 254 42.18 23.52 9.92
N LYS A 255 42.73 24.74 9.93
CA LYS A 255 43.92 25.08 9.17
C LYS A 255 43.76 24.77 7.68
N ALA A 256 42.58 25.06 7.15
CA ALA A 256 42.31 24.83 5.74
C ALA A 256 41.87 26.11 5.05
N GLU A 270 35.64 32.64 16.40
CA GLU A 270 35.99 31.87 17.58
C GLU A 270 36.28 30.42 17.22
N GLU A 271 35.24 29.72 16.73
CA GLU A 271 35.35 28.36 16.26
C GLU A 271 34.83 28.30 14.82
N HIS A 272 35.68 27.84 13.91
CA HIS A 272 35.33 27.80 12.48
C HIS A 272 35.90 26.53 11.86
N PRO A 273 35.23 25.40 12.04
CA PRO A 273 35.62 24.19 11.31
C PRO A 273 35.29 24.32 9.83
N TRP A 274 36.17 23.78 9.00
CA TRP A 274 36.00 23.83 7.56
C TRP A 274 35.33 22.58 7.00
N VAL A 275 34.95 21.64 7.86
CA VAL A 275 34.55 20.30 7.44
C VAL A 275 33.52 19.76 8.41
N ASP A 276 32.53 19.05 7.85
CA ASP A 276 31.57 18.30 8.65
C ASP A 276 31.37 16.92 8.04
N TYR A 277 30.61 16.09 8.74
CA TYR A 277 30.38 14.70 8.39
C TYR A 277 28.88 14.44 8.25
N THR A 278 28.51 13.73 7.19
CA THR A 278 27.11 13.40 6.90
C THR A 278 26.94 11.90 6.95
N ALA A 279 25.97 11.44 7.74
CA ALA A 279 25.74 10.03 7.94
C ALA A 279 25.17 9.39 6.68
N PRO A 280 25.42 8.08 6.47
CA PRO A 280 24.89 7.42 5.26
C PRO A 280 23.38 7.34 5.22
N SER A 281 22.69 7.46 6.35
CA SER A 281 21.23 7.37 6.34
C SER A 281 20.58 8.56 5.66
N LEU A 282 21.30 9.67 5.54
CA LEU A 282 20.78 10.86 4.87
C LEU A 282 21.15 10.92 3.39
N ILE A 283 21.85 9.91 2.88
CA ILE A 283 22.33 9.89 1.50
C ILE A 283 21.52 8.86 0.73
N THR A 284 21.07 9.25 -0.47
CA THR A 284 20.28 8.35 -1.31
C THR A 284 21.18 7.48 -2.20
N LEU A 285 22.03 8.12 -3.01
CA LEU A 285 22.91 7.38 -3.91
C LEU A 285 24.22 8.13 -4.05
N LEU A 286 25.29 7.37 -4.28
CA LEU A 286 26.62 7.91 -4.54
C LEU A 286 26.98 7.65 -6.00
N PHE A 287 27.45 8.68 -6.69
CA PHE A 287 27.84 8.56 -8.09
C PHE A 287 29.37 8.60 -8.17
N THR A 288 29.97 7.44 -8.37
CA THR A 288 31.41 7.32 -8.53
C THR A 288 31.71 6.76 -9.91
N ASP A 289 32.99 6.74 -10.27
CA ASP A 289 33.39 6.09 -11.51
C ASP A 289 33.20 4.57 -11.45
N LEU A 290 33.02 4.01 -10.25
CA LEU A 290 32.61 2.62 -10.09
C LEU A 290 31.14 2.41 -10.41
N GLY A 291 30.36 3.48 -10.55
CA GLY A 291 28.97 3.41 -10.91
C GLY A 291 28.10 4.15 -9.92
N VAL A 292 26.82 3.83 -9.93
CA VAL A 292 25.86 4.36 -8.97
C VAL A 292 25.73 3.34 -7.85
N LEU A 293 26.07 3.75 -6.63
CA LEU A 293 26.16 2.85 -5.50
C LEU A 293 25.25 3.31 -4.38
N THR A 294 24.76 2.35 -3.60
CA THR A 294 24.23 2.65 -2.29
C THR A 294 25.39 2.89 -1.34
N PRO A 295 25.17 3.63 -0.25
CA PRO A 295 26.27 3.83 0.71
C PRO A 295 26.87 2.53 1.22
N SER A 296 26.03 1.52 1.44
CA SER A 296 26.50 0.24 1.95
C SER A 296 27.52 -0.42 1.02
N ALA A 297 27.55 -0.03 -0.25
CA ALA A 297 28.54 -0.58 -1.17
C ALA A 297 29.94 -0.13 -0.81
N VAL A 298 30.09 1.11 -0.35
CA VAL A 298 31.43 1.69 -0.17
C VAL A 298 32.27 0.84 0.76
N SER A 299 31.71 0.50 1.93
CA SER A 299 32.42 -0.33 2.90
C SER A 299 32.91 -1.61 2.23
N ASP A 300 32.04 -2.25 1.45
CA ASP A 300 32.42 -3.47 0.76
C ASP A 300 33.72 -3.28 -0.02
N GLU A 301 33.79 -2.20 -0.81
CA GLU A 301 35.00 -1.94 -1.58
C GLU A 301 36.21 -1.90 -0.66
N LEU A 302 36.11 -1.14 0.42
CA LEU A 302 37.23 -1.05 1.35
C LEU A 302 37.55 -2.42 1.94
N ILE A 303 36.52 -3.18 2.29
CA ILE A 303 36.75 -4.51 2.83
C ILE A 303 37.43 -5.40 1.79
N LYS A 304 37.09 -5.20 0.51
CA LYS A 304 37.75 -5.97 -0.54
C LYS A 304 39.19 -5.50 -0.74
N LEU A 305 39.49 -4.23 -0.44
CA LEU A 305 40.82 -3.72 -0.71
C LEU A 305 41.84 -4.24 0.29
N TYR A 306 41.49 -4.25 1.57
CA TYR A 306 42.40 -4.71 2.62
C TYR A 306 42.09 -6.17 2.99
N LEU A 307 42.30 -7.04 2.01
CA LEU A 307 42.07 -8.48 2.18
C LEU A 307 40.66 -8.77 2.65
N PRO B 2 -3.80 66.88 13.71
CA PRO B 2 -3.52 65.50 13.27
C PRO B 2 -2.18 65.36 12.57
N MET B 3 -1.53 64.21 12.75
CA MET B 3 -0.23 63.98 12.14
C MET B 3 -0.36 63.84 10.63
N ASP B 4 0.67 64.30 9.90
CA ASP B 4 0.60 64.45 8.46
C ASP B 4 1.66 63.65 7.71
N ASP B 5 1.92 62.41 8.15
CA ASP B 5 2.81 61.46 7.46
C ASP B 5 4.27 61.87 7.58
N LYS B 6 4.53 63.06 8.15
CA LYS B 6 5.89 63.42 8.51
C LYS B 6 6.08 63.41 10.02
N GLU B 7 5.12 63.95 10.76
CA GLU B 7 5.19 63.85 12.22
C GLU B 7 5.10 62.42 12.69
N LEU B 8 4.33 61.59 11.99
CA LEU B 8 4.18 60.19 12.39
C LEU B 8 5.49 59.42 12.22
N ILE B 9 6.11 59.51 11.05
CA ILE B 9 7.34 58.78 10.79
C ILE B 9 8.49 59.32 11.64
N GLU B 10 8.56 60.65 11.77
CA GLU B 10 9.59 61.25 12.61
C GLU B 10 9.40 60.83 14.07
N TYR B 11 8.15 60.79 14.54
CA TYR B 11 7.89 60.34 15.90
C TYR B 11 8.30 58.89 16.10
N PHE B 12 8.00 58.03 15.12
CA PHE B 12 8.38 56.62 15.21
C PHE B 12 9.91 56.48 15.28
N LYS B 13 10.61 57.17 14.39
CA LYS B 13 12.07 57.08 14.35
C LYS B 13 12.69 57.65 15.62
N SER B 14 12.15 58.76 16.13
CA SER B 14 12.67 59.34 17.37
C SER B 14 12.42 58.42 18.55
N GLN B 15 11.25 57.78 18.59
CA GLN B 15 10.96 56.83 19.66
C GLN B 15 11.94 55.67 19.63
N MET B 16 12.24 55.15 18.44
CA MET B 16 13.21 54.07 18.34
C MET B 16 14.62 54.51 18.70
N LYS B 17 15.01 55.72 18.28
CA LYS B 17 16.38 56.16 18.46
C LYS B 17 16.66 56.56 19.92
N GLU B 18 15.73 57.28 20.55
CA GLU B 18 15.96 57.74 21.91
C GLU B 18 16.08 56.60 22.89
N ASP B 19 15.40 55.48 22.62
CA ASP B 19 15.47 54.29 23.46
C ASP B 19 15.88 53.12 22.57
N PRO B 20 17.18 52.87 22.43
CA PRO B 20 17.63 51.77 21.57
C PRO B 20 17.31 50.39 22.13
N ASP B 21 16.90 50.29 23.39
CA ASP B 21 16.47 49.04 24.00
C ASP B 21 14.98 48.82 23.91
N MET B 22 14.34 49.38 22.87
CA MET B 22 12.89 49.35 22.71
C MET B 22 12.51 48.52 21.49
N ALA B 23 11.53 47.65 21.66
CA ALA B 23 11.03 46.86 20.55
C ALA B 23 10.34 47.73 19.52
N SER B 24 10.41 47.31 18.26
CA SER B 24 9.77 48.07 17.18
C SER B 24 8.26 48.11 17.35
N ALA B 25 7.66 46.98 17.76
CA ALA B 25 6.22 46.94 17.95
C ALA B 25 5.78 47.89 19.06
N VAL B 26 6.55 47.97 20.15
CA VAL B 26 6.21 48.88 21.23
C VAL B 26 6.27 50.33 20.76
N ALA B 27 7.29 50.67 19.97
CA ALA B 27 7.40 52.01 19.42
C ALA B 27 6.22 52.32 18.49
N ALA B 28 5.82 51.34 17.67
CA ALA B 28 4.68 51.56 16.78
C ALA B 28 3.40 51.77 17.57
N ILE B 29 3.19 50.99 18.64
CA ILE B 29 1.99 51.14 19.44
C ILE B 29 1.98 52.48 20.15
N ARG B 30 3.14 52.92 20.66
CA ARG B 30 3.22 54.23 21.30
C ARG B 30 2.95 55.34 20.30
N THR B 31 3.47 55.20 19.07
CA THR B 31 3.20 56.19 18.03
C THR B 31 1.71 56.25 17.70
N LEU B 32 1.07 55.09 17.59
CA LEU B 32 -0.36 55.08 17.30
C LEU B 32 -1.17 55.69 18.45
N LEU B 33 -0.77 55.42 19.69
CA LEU B 33 -1.46 56.03 20.83
C LEU B 33 -1.30 57.54 20.83
N GLU B 34 -0.09 58.04 20.53
CA GLU B 34 0.12 59.48 20.46
C GLU B 34 -0.68 60.10 19.33
N PHE B 35 -0.77 59.40 18.19
CA PHE B 35 -1.62 59.86 17.09
C PHE B 35 -3.08 59.93 17.53
N LEU B 36 -3.54 58.92 18.28
CA LEU B 36 -4.91 58.94 18.79
C LEU B 36 -5.12 60.11 19.75
N LYS B 37 -4.09 60.48 20.51
CA LYS B 37 -4.21 61.63 21.41
C LYS B 37 -4.51 62.91 20.64
N ARG B 38 -3.84 63.11 19.52
CA ARG B 38 -4.02 64.31 18.69
C ARG B 38 -4.80 63.91 17.44
N ASP B 39 -6.13 63.95 17.54
CA ASP B 39 -7.00 63.58 16.43
C ASP B 39 -7.85 64.73 15.91
N LYS B 40 -8.44 65.53 16.80
CA LYS B 40 -9.26 66.68 16.41
C LYS B 40 -10.42 66.29 15.51
N GLY B 41 -10.93 65.07 15.69
CA GLY B 41 -12.10 64.63 14.98
C GLY B 41 -13.06 63.94 15.93
N GLU B 42 -14.33 63.90 15.53
CA GLU B 42 -15.39 63.30 16.35
C GLU B 42 -16.18 62.29 15.49
N THR B 43 -15.65 61.08 15.37
CA THR B 43 -16.32 59.95 14.76
C THR B 43 -15.51 58.68 14.99
N ILE B 44 -16.17 57.59 15.42
CA ILE B 44 -15.45 56.35 15.62
C ILE B 44 -15.04 55.74 14.28
N GLN B 45 -15.92 55.84 13.27
CA GLN B 45 -15.58 55.32 11.95
C GLN B 45 -14.39 56.07 11.35
N GLY B 46 -14.39 57.39 11.46
CA GLY B 46 -13.28 58.17 10.95
C GLY B 46 -11.99 57.88 11.69
N LEU B 47 -12.07 57.70 13.01
CA LEU B 47 -10.88 57.36 13.78
C LEU B 47 -10.33 56.00 13.37
N ARG B 48 -11.20 55.02 13.18
CA ARG B 48 -10.75 53.71 12.72
C ARG B 48 -10.11 53.80 11.34
N ALA B 49 -10.71 54.57 10.44
CA ALA B 49 -10.15 54.72 9.10
C ALA B 49 -8.77 55.38 9.16
N ASN B 50 -8.63 56.44 9.96
CA ASN B 50 -7.35 57.11 10.08
C ASN B 50 -6.30 56.19 10.67
N LEU B 51 -6.66 55.42 11.70
CA LEU B 51 -5.70 54.52 12.31
C LEU B 51 -5.26 53.43 11.35
N THR B 52 -6.22 52.78 10.68
CA THR B 52 -5.86 51.72 9.75
C THR B 52 -5.12 52.25 8.54
N SER B 53 -5.31 53.52 8.18
CA SER B 53 -4.52 54.10 7.10
C SER B 53 -3.11 54.44 7.57
N ALA B 54 -2.97 54.90 8.82
CA ALA B 54 -1.64 55.13 9.38
C ALA B 54 -0.87 53.84 9.57
N ILE B 55 -1.57 52.70 9.63
CA ILE B 55 -0.86 51.42 9.75
C ILE B 55 0.06 51.20 8.55
N GLU B 56 -0.42 51.47 7.33
CA GLU B 56 0.42 51.24 6.16
C GLU B 56 1.65 52.14 6.15
N THR B 57 1.47 53.42 6.51
CA THR B 57 2.62 54.33 6.49
C THR B 57 3.57 54.07 7.65
N LEU B 58 3.09 53.45 8.74
CA LEU B 58 4.01 53.00 9.79
C LEU B 58 4.72 51.72 9.39
N CYS B 59 4.10 50.89 8.55
CA CYS B 59 4.73 49.67 8.07
C CYS B 59 5.61 49.91 6.85
N GLY B 60 5.55 51.09 6.23
CA GLY B 60 6.44 51.38 5.12
C GLY B 60 7.89 51.38 5.54
N VAL B 61 8.18 51.99 6.68
CA VAL B 61 9.49 51.90 7.32
C VAL B 61 9.40 50.89 8.44
N ASP B 62 10.46 50.09 8.61
CA ASP B 62 10.48 49.02 9.62
C ASP B 62 9.32 48.04 9.39
N SER B 63 9.42 47.33 8.27
CA SER B 63 8.37 46.45 7.77
C SER B 63 8.30 45.11 8.50
N SER B 64 8.89 45.01 9.68
CA SER B 64 8.85 43.76 10.45
C SER B 64 7.41 43.37 10.78
N VAL B 65 7.23 42.07 11.05
CA VAL B 65 5.91 41.54 11.36
C VAL B 65 5.39 42.09 12.67
N ALA B 66 6.28 42.45 13.60
CA ALA B 66 5.87 42.92 14.91
C ALA B 66 5.06 44.21 14.80
N VAL B 67 5.42 45.10 13.88
CA VAL B 67 4.68 46.34 13.71
C VAL B 67 3.26 46.06 13.25
N SER B 68 3.10 45.16 12.28
CA SER B 68 1.76 44.81 11.80
C SER B 68 0.94 44.15 12.90
N SER B 69 1.57 43.27 13.68
CA SER B 69 0.86 42.64 14.80
C SER B 69 0.41 43.67 15.82
N GLY B 70 1.28 44.63 16.14
CA GLY B 70 0.89 45.69 17.06
C GLY B 70 -0.24 46.54 16.51
N GLY B 71 -0.21 46.83 15.22
CA GLY B 71 -1.30 47.59 14.61
C GLY B 71 -2.62 46.86 14.66
N GLU B 72 -2.60 45.56 14.35
CA GLU B 72 -3.82 44.76 14.44
C GLU B 72 -4.34 44.70 15.88
N LEU B 73 -3.42 44.56 16.84
CA LEU B 73 -3.83 44.54 18.24
C LEU B 73 -4.44 45.88 18.65
N PHE B 74 -3.86 46.99 18.18
CA PHE B 74 -4.42 48.30 18.48
C PHE B 74 -5.82 48.47 17.88
N LEU B 75 -6.01 48.00 16.65
CA LEU B 75 -7.33 48.08 16.02
C LEU B 75 -8.35 47.26 16.81
N ARG B 76 -7.96 46.06 17.22
CA ARG B 76 -8.87 45.24 18.03
C ARG B 76 -9.17 45.93 19.36
N PHE B 77 -8.18 46.60 19.94
CA PHE B 77 -8.38 47.32 21.20
C PHE B 77 -9.41 48.43 21.04
N ILE B 78 -9.28 49.23 19.98
CA ILE B 78 -10.23 50.32 19.80
C ILE B 78 -11.61 49.78 19.48
N SER B 79 -11.70 48.68 18.72
CA SER B 79 -13.00 48.07 18.47
C SER B 79 -13.64 47.56 19.76
N LEU B 80 -12.83 46.96 20.64
CA LEU B 80 -13.35 46.46 21.91
C LEU B 80 -13.87 47.61 22.77
N ALA B 81 -13.14 48.72 22.83
CA ALA B 81 -13.62 49.86 23.60
C ALA B 81 -14.90 50.45 23.01
N SER B 82 -14.95 50.58 21.69
CA SER B 82 -16.14 51.12 21.04
C SER B 82 -17.36 50.23 21.27
N LEU B 83 -17.18 48.94 21.45
CA LEU B 83 -18.34 48.10 21.80
C LEU B 83 -18.96 48.59 23.09
N GLU B 84 -18.14 48.75 24.13
CA GLU B 84 -18.67 49.13 25.44
C GLU B 84 -19.33 50.48 25.64
N TYR B 85 -18.76 51.56 25.11
CA TYR B 85 -19.29 52.88 25.43
C TYR B 85 -20.25 53.58 24.48
N SER B 86 -19.96 53.60 23.18
CA SER B 86 -20.89 54.17 22.16
C SER B 86 -21.00 55.68 21.97
N ASP B 87 -20.27 56.48 22.73
CA ASP B 87 -20.27 57.91 22.50
C ASP B 87 -18.82 58.18 22.28
N TYR B 88 -18.45 58.74 21.14
CA TYR B 88 -17.04 58.91 20.85
C TYR B 88 -16.46 59.78 21.93
N SER B 89 -17.26 60.68 22.45
CA SER B 89 -16.75 61.64 23.43
C SER B 89 -16.42 60.95 24.74
N LYS B 90 -17.28 60.05 25.21
CA LYS B 90 -16.97 59.27 26.40
C LYS B 90 -15.87 58.25 26.13
N CYS B 91 -15.93 57.59 24.96
CA CYS B 91 -15.00 56.50 24.69
C CYS B 91 -13.57 56.99 24.51
N LYS B 92 -13.38 58.26 24.15
CA LYS B 92 -12.04 58.77 23.83
C LYS B 92 -11.13 58.71 25.05
N LYS B 93 -11.59 59.25 26.18
CA LYS B 93 -10.77 59.27 27.39
C LYS B 93 -10.48 57.85 27.88
N ILE B 94 -11.47 56.97 27.78
CA ILE B 94 -11.29 55.60 28.25
C ILE B 94 -10.29 54.86 27.38
N MET B 95 -10.34 55.07 26.06
CA MET B 95 -9.32 54.48 25.19
C MET B 95 -7.94 55.04 25.50
N ILE B 96 -7.85 56.33 25.80
CA ILE B 96 -6.55 56.92 26.12
C ILE B 96 -5.98 56.28 27.38
N GLU B 97 -6.79 56.18 28.43
CA GLU B 97 -6.29 55.60 29.68
C GLU B 97 -5.99 54.11 29.52
N ARG B 98 -6.82 53.39 28.77
CA ARG B 98 -6.54 51.97 28.55
C ARG B 98 -5.28 51.79 27.74
N GLY B 99 -5.00 52.69 26.79
CA GLY B 99 -3.74 52.62 26.07
C GLY B 99 -2.54 52.91 26.97
N GLU B 100 -2.71 53.85 27.92
CA GLU B 100 -1.64 54.10 28.89
C GLU B 100 -1.34 52.86 29.71
N LEU B 101 -2.37 52.23 30.26
CA LEU B 101 -2.16 50.99 31.01
C LEU B 101 -1.60 49.88 30.12
N PHE B 102 -2.04 49.81 28.87
CA PHE B 102 -1.53 48.80 27.95
C PHE B 102 -0.04 48.99 27.69
N LEU B 103 0.39 50.23 27.48
CA LEU B 103 1.81 50.50 27.32
C LEU B 103 2.60 50.14 28.57
N ARG B 104 2.07 50.50 29.74
CA ARG B 104 2.75 50.17 30.99
C ARG B 104 2.87 48.66 31.15
N ARG B 105 1.83 47.92 30.76
CA ARG B 105 1.87 46.45 30.89
C ARG B 105 2.87 45.85 29.92
N ILE B 106 2.85 46.28 28.65
CA ILE B 106 3.76 45.70 27.68
C ILE B 106 5.20 46.12 27.91
N SER B 107 5.43 47.16 28.70
CA SER B 107 6.80 47.53 29.03
C SER B 107 7.48 46.53 29.95
N LEU B 108 6.73 45.67 30.64
CA LEU B 108 7.27 44.71 31.58
C LEU B 108 7.35 43.30 31.02
N SER B 109 7.05 43.12 29.73
CA SER B 109 7.00 41.79 29.15
C SER B 109 8.38 41.12 29.17
N ARG B 110 9.43 41.89 28.90
CA ARG B 110 10.78 41.33 28.92
C ARG B 110 11.11 40.77 30.29
N ASN B 111 10.82 41.54 31.34
CA ASN B 111 11.11 41.08 32.70
C ASN B 111 10.27 39.86 33.06
N LYS B 112 8.99 39.85 32.67
CA LYS B 112 8.15 38.69 32.98
C LYS B 112 8.68 37.44 32.28
N ILE B 113 9.04 37.56 31.00
CA ILE B 113 9.54 36.41 30.26
C ILE B 113 10.86 35.93 30.86
N ALA B 114 11.74 36.86 31.22
CA ALA B 114 13.02 36.48 31.81
C ALA B 114 12.81 35.74 33.12
N ASP B 115 11.92 36.25 33.98
CA ASP B 115 11.67 35.60 35.27
C ASP B 115 11.07 34.22 35.07
N LEU B 116 10.17 34.08 34.09
CA LEU B 116 9.53 32.78 33.89
C LEU B 116 10.45 31.78 33.21
N CYS B 117 11.43 32.25 32.42
CA CYS B 117 12.23 31.36 31.59
C CYS B 117 13.60 31.04 32.16
N HIS B 118 14.14 31.87 33.05
CA HIS B 118 15.51 31.64 33.53
C HIS B 118 15.63 30.35 34.34
N THR B 119 14.51 29.78 34.80
CA THR B 119 14.56 28.55 35.57
C THR B 119 14.77 27.31 34.71
N PHE B 120 14.69 27.44 33.39
CA PHE B 120 14.90 26.31 32.50
C PHE B 120 16.35 26.10 32.12
N ILE B 121 17.25 27.00 32.53
CA ILE B 121 18.67 26.87 32.25
C ILE B 121 19.33 26.24 33.46
N LYS B 122 20.06 25.16 33.25
CA LYS B 122 20.72 24.43 34.32
C LYS B 122 22.19 24.84 34.41
N ASP B 123 22.87 24.31 35.42
CA ASP B 123 24.30 24.57 35.58
C ASP B 123 25.09 23.74 34.58
N GLY B 124 26.03 24.38 33.90
CA GLY B 124 26.83 23.71 32.91
C GLY B 124 26.14 23.47 31.59
N ALA B 125 24.94 24.01 31.39
CA ALA B 125 24.22 23.84 30.14
C ALA B 125 24.89 24.66 29.03
N THR B 126 24.59 24.30 27.79
CA THR B 126 25.15 24.94 26.61
C THR B 126 23.99 25.47 25.78
N ILE B 127 23.78 26.77 25.81
CA ILE B 127 22.67 27.40 25.09
C ILE B 127 23.11 27.67 23.65
N LEU B 128 22.18 27.50 22.71
CA LEU B 128 22.40 27.81 21.31
C LEU B 128 21.40 28.87 20.89
N THR B 129 21.89 29.97 20.33
CA THR B 129 21.07 31.10 19.94
C THR B 129 21.32 31.44 18.48
N HIS B 130 20.34 32.07 17.83
CA HIS B 130 20.43 32.34 16.40
C HIS B 130 21.02 33.71 16.11
N ALA B 131 20.37 34.77 16.56
CA ALA B 131 20.75 36.14 16.22
C ALA B 131 20.60 37.00 17.45
N TYR B 132 20.65 38.31 17.26
CA TYR B 132 20.50 39.27 18.35
C TYR B 132 19.02 39.46 18.65
N SER B 133 18.63 39.23 19.90
CA SER B 133 17.30 39.52 20.39
C SER B 133 17.40 39.93 21.84
N ARG B 134 16.70 41.02 22.19
CA ARG B 134 16.82 41.57 23.53
C ARG B 134 16.13 40.69 24.57
N VAL B 135 15.14 39.90 24.16
CA VAL B 135 14.45 39.03 25.11
C VAL B 135 15.38 37.92 25.59
N VAL B 136 16.11 37.29 24.66
CA VAL B 136 17.07 36.27 25.04
C VAL B 136 18.19 36.88 25.87
N LEU B 137 18.61 38.10 25.53
CA LEU B 137 19.62 38.79 26.32
C LEU B 137 19.16 38.99 27.75
N ARG B 138 17.91 39.44 27.93
CA ARG B 138 17.38 39.62 29.27
C ARG B 138 17.25 38.29 30.01
N VAL B 139 16.85 37.24 29.30
CA VAL B 139 16.75 35.92 29.92
C VAL B 139 18.10 35.46 30.42
N LEU B 140 19.14 35.64 29.61
CA LEU B 140 20.48 35.23 30.04
C LEU B 140 21.01 36.11 31.17
N GLU B 141 20.67 37.41 31.17
CA GLU B 141 21.03 38.25 32.30
C GLU B 141 20.38 37.76 33.59
N ALA B 142 19.10 37.39 33.51
CA ALA B 142 18.42 36.85 34.69
C ALA B 142 19.04 35.53 35.13
N ALA B 143 19.44 34.70 34.18
CA ALA B 143 20.09 33.44 34.52
C ALA B 143 21.42 33.66 35.22
N VAL B 144 22.20 34.64 34.74
CA VAL B 144 23.46 34.97 35.40
C VAL B 144 23.21 35.51 36.80
N ALA B 145 22.19 36.36 36.95
CA ALA B 145 21.86 36.91 38.26
C ALA B 145 21.50 35.82 39.26
N ALA B 146 21.05 34.66 38.78
CA ALA B 146 20.75 33.53 39.64
C ALA B 146 21.96 32.67 39.94
N LYS B 147 23.16 33.15 39.61
CA LYS B 147 24.45 32.48 39.87
C LYS B 147 24.62 31.19 39.07
N LYS B 148 23.79 30.96 38.06
CA LYS B 148 23.98 29.80 37.19
C LYS B 148 25.17 30.03 36.26
N ARG B 149 25.85 28.94 35.92
CA ARG B 149 27.00 28.98 35.02
C ARG B 149 26.68 28.16 33.79
N PHE B 150 26.89 28.75 32.61
CA PHE B 150 26.53 28.10 31.36
C PHE B 150 27.35 28.71 30.23
N SER B 151 27.38 27.99 29.10
CA SER B 151 28.02 28.45 27.89
C SER B 151 26.97 28.77 26.83
N VAL B 152 27.36 29.59 25.86
CA VAL B 152 26.43 30.05 24.83
C VAL B 152 27.14 29.98 23.48
N TYR B 153 26.46 29.40 22.49
CA TYR B 153 26.86 29.48 21.09
C TYR B 153 25.87 30.34 20.34
N VAL B 154 26.37 31.21 19.46
CA VAL B 154 25.52 32.10 18.68
C VAL B 154 26.01 32.10 17.23
N THR B 155 25.06 32.07 16.30
CA THR B 155 25.39 32.15 14.89
C THR B 155 25.60 33.59 14.47
N GLU B 156 26.37 33.77 13.40
CA GLU B 156 26.77 35.11 12.98
C GLU B 156 25.66 35.86 12.27
N SER B 157 24.65 35.17 11.72
CA SER B 157 23.54 35.81 11.03
C SER B 157 24.05 36.67 9.86
N GLN B 158 24.57 35.97 8.86
CA GLN B 158 25.37 36.60 7.81
C GLN B 158 24.78 37.85 7.17
N PRO B 159 23.50 37.93 6.80
CA PRO B 159 23.02 39.13 6.09
C PRO B 159 23.31 40.43 6.82
N ASP B 160 23.14 40.45 8.15
CA ASP B 160 23.60 41.55 8.98
C ASP B 160 24.15 40.96 10.26
N LEU B 161 25.43 41.23 10.54
CA LEU B 161 26.14 40.48 11.57
C LEU B 161 25.66 40.87 12.96
N SER B 162 24.39 40.57 13.25
CA SER B 162 23.84 40.80 14.58
C SER B 162 24.27 39.75 15.59
N GLY B 163 24.69 38.57 15.11
CA GLY B 163 25.21 37.57 16.02
C GLY B 163 26.46 38.04 16.75
N LYS B 164 27.35 38.72 16.03
CA LYS B 164 28.53 39.30 16.67
C LYS B 164 28.12 40.40 17.64
N LYS B 165 27.07 41.16 17.31
CA LYS B 165 26.58 42.17 18.24
C LYS B 165 26.10 41.55 19.55
N MET B 166 25.34 40.46 19.46
CA MET B 166 24.90 39.79 20.68
C MET B 166 26.06 39.14 21.40
N ALA B 167 27.07 38.64 20.67
CA ALA B 167 28.25 38.10 21.32
C ALA B 167 28.98 39.17 22.11
N LYS B 168 29.09 40.38 21.56
CA LYS B 168 29.70 41.48 22.31
C LYS B 168 28.87 41.83 23.53
N ALA B 169 27.55 41.95 23.35
CA ALA B 169 26.68 42.30 24.46
C ALA B 169 26.66 41.24 25.55
N LEU B 170 26.98 39.99 25.20
CA LEU B 170 27.02 38.90 26.17
C LEU B 170 28.38 38.75 26.82
N CYS B 171 29.46 39.03 26.10
CA CYS B 171 30.77 39.14 26.73
C CYS B 171 30.83 40.31 27.70
N HIS B 172 30.01 41.34 27.46
CA HIS B 172 29.90 42.43 28.41
C HIS B 172 29.40 41.96 29.77
N LEU B 173 28.75 40.81 29.83
CA LEU B 173 28.25 40.23 31.07
C LEU B 173 29.14 39.11 31.59
N ASN B 174 30.35 38.96 31.04
CA ASN B 174 31.30 37.93 31.45
C ASN B 174 30.75 36.52 31.26
N VAL B 175 29.92 36.34 30.24
CA VAL B 175 29.40 35.01 29.87
C VAL B 175 30.31 34.42 28.81
N PRO B 176 30.81 33.20 28.99
CA PRO B 176 31.64 32.58 27.95
C PRO B 176 30.81 32.23 26.72
N VAL B 177 31.04 32.92 25.61
CA VAL B 177 30.25 32.73 24.40
C VAL B 177 31.17 32.39 23.23
N THR B 178 30.57 31.77 22.22
CA THR B 178 31.27 31.39 21.00
C THR B 178 30.43 31.82 19.80
N VAL B 179 31.11 32.19 18.73
CA VAL B 179 30.46 32.62 17.49
C VAL B 179 30.73 31.57 16.42
N VAL B 180 29.67 31.10 15.77
CA VAL B 180 29.76 30.07 14.75
C VAL B 180 29.09 30.55 13.48
N LEU B 181 29.50 29.95 12.37
CA LEU B 181 28.91 30.30 11.09
C LEU B 181 27.46 29.79 11.02
N ASP B 182 26.69 30.38 10.10
CA ASP B 182 25.33 29.92 9.88
C ASP B 182 25.30 28.49 9.32
N ALA B 183 26.38 28.05 8.69
CA ALA B 183 26.47 26.71 8.15
C ALA B 183 27.02 25.70 9.15
N ALA B 184 27.44 26.13 10.33
CA ALA B 184 28.02 25.26 11.33
C ALA B 184 27.00 24.77 12.35
N VAL B 185 25.72 25.10 12.15
CA VAL B 185 24.68 24.74 13.13
C VAL B 185 24.62 23.23 13.29
N GLY B 186 24.59 22.50 12.17
CA GLY B 186 24.57 21.05 12.25
C GLY B 186 25.80 20.48 12.93
N TYR B 187 26.92 21.20 12.88
CA TYR B 187 28.12 20.78 13.59
C TYR B 187 28.02 21.06 15.08
N ILE B 188 27.25 22.07 15.47
CA ILE B 188 27.24 22.52 16.87
C ILE B 188 26.08 21.95 17.67
N MET B 189 25.00 21.51 17.00
CA MET B 189 23.80 21.07 17.72
C MET B 189 24.10 19.94 18.69
N GLU B 190 25.03 19.05 18.35
CA GLU B 190 25.33 17.92 19.22
C GLU B 190 26.00 18.35 20.53
N LYS B 191 26.59 19.54 20.58
CA LYS B 191 27.19 20.04 21.80
C LYS B 191 26.19 20.79 22.68
N ALA B 192 25.24 21.48 22.08
CA ALA B 192 24.29 22.27 22.85
C ALA B 192 23.26 21.37 23.54
N ASP B 193 22.76 21.84 24.68
CA ASP B 193 21.73 21.12 25.42
C ASP B 193 20.32 21.58 25.08
N LEU B 194 20.15 22.86 24.74
CA LEU B 194 18.84 23.39 24.38
C LEU B 194 19.04 24.65 23.54
N VAL B 195 18.01 25.01 22.79
CA VAL B 195 18.06 26.12 21.86
C VAL B 195 17.02 27.16 22.29
N ILE B 196 17.47 28.40 22.43
CA ILE B 196 16.59 29.54 22.73
C ILE B 196 16.74 30.56 21.63
N VAL B 197 15.63 30.90 20.98
CA VAL B 197 15.61 31.88 19.90
C VAL B 197 14.50 32.89 20.17
N GLY B 198 14.64 34.05 19.54
CA GLY B 198 13.59 35.06 19.59
C GLY B 198 12.54 34.81 18.52
N ALA B 199 11.60 35.75 18.45
CA ALA B 199 10.53 35.65 17.46
C ALA B 199 10.11 37.05 17.03
N GLU B 200 9.89 37.23 15.74
CA GLU B 200 9.33 38.46 15.21
C GLU B 200 7.81 38.42 15.10
N GLY B 201 7.19 37.30 15.44
CA GLY B 201 5.75 37.16 15.36
C GLY B 201 5.32 35.71 15.51
N VAL B 202 4.23 35.47 16.22
CA VAL B 202 3.71 34.13 16.46
C VAL B 202 2.45 33.96 15.63
N VAL B 203 2.48 33.01 14.70
CA VAL B 203 1.38 32.76 13.78
C VAL B 203 0.31 31.91 14.45
N GLU B 204 -0.84 31.76 13.77
CA GLU B 204 -2.02 31.16 14.38
C GLU B 204 -1.75 29.78 14.95
N ASN B 205 -1.12 28.90 14.16
CA ASN B 205 -0.99 27.50 14.57
C ASN B 205 -0.01 27.31 15.72
N GLY B 206 0.74 28.33 16.10
CA GLY B 206 1.75 28.21 17.12
C GLY B 206 3.17 28.25 16.62
N GLY B 207 3.38 28.21 15.30
CA GLY B 207 4.69 28.39 14.74
C GLY B 207 5.18 29.82 14.94
N ILE B 208 6.40 30.07 14.51
CA ILE B 208 7.01 31.38 14.72
C ILE B 208 7.50 31.92 13.39
N ILE B 209 7.61 33.25 13.33
CA ILE B 209 8.18 33.97 12.19
C ILE B 209 9.45 34.65 12.68
N ASN B 210 10.59 34.29 12.10
CA ASN B 210 11.85 34.75 12.67
C ASN B 210 12.85 34.98 11.54
N LYS B 211 14.10 35.25 11.91
CA LYS B 211 15.16 35.48 10.94
C LYS B 211 15.41 34.21 10.13
N ILE B 212 15.99 34.40 8.95
CA ILE B 212 16.02 33.38 7.90
C ILE B 212 16.66 32.06 8.36
N GLY B 213 17.54 32.10 9.35
CA GLY B 213 18.24 30.89 9.76
C GLY B 213 17.58 30.06 10.83
N THR B 214 16.35 30.38 11.25
CA THR B 214 15.74 29.69 12.37
C THR B 214 15.23 28.30 11.99
N ASN B 215 14.73 28.14 10.76
CA ASN B 215 14.15 26.87 10.37
C ASN B 215 15.19 25.75 10.38
N GLN B 216 16.40 26.03 9.93
CA GLN B 216 17.45 25.02 9.96
C GLN B 216 17.75 24.58 11.37
N MET B 217 17.85 25.54 12.31
CA MET B 217 18.11 25.19 13.70
C MET B 217 16.97 24.37 14.28
N ALA B 218 15.73 24.73 13.98
CA ALA B 218 14.60 23.94 14.47
C ALA B 218 14.64 22.51 13.94
N VAL B 219 14.90 22.35 12.65
CA VAL B 219 14.94 21.02 12.06
C VAL B 219 16.09 20.20 12.64
N CYS B 220 17.27 20.82 12.79
CA CYS B 220 18.41 20.11 13.36
C CYS B 220 18.16 19.72 14.81
N ALA B 221 17.56 20.61 15.59
CA ALA B 221 17.23 20.28 16.97
C ALA B 221 16.25 19.13 17.05
N LYS B 222 15.24 19.13 16.18
CA LYS B 222 14.29 18.02 16.14
C LYS B 222 14.99 16.71 15.77
N ALA B 223 15.91 16.77 14.80
CA ALA B 223 16.64 15.57 14.41
C ALA B 223 17.50 15.05 15.55
N GLN B 224 18.16 15.94 16.29
CA GLN B 224 18.98 15.55 17.43
C GLN B 224 18.18 15.42 18.71
N ASN B 225 16.88 15.65 18.67
CA ASN B 225 15.99 15.54 19.84
C ASN B 225 16.42 16.49 20.95
N LYS B 226 16.76 17.72 20.57
CA LYS B 226 17.05 18.71 21.59
C LYS B 226 15.89 19.67 21.76
N PRO B 227 15.61 20.10 22.99
CA PRO B 227 14.50 21.05 23.20
C PRO B 227 14.74 22.36 22.46
N PHE B 228 13.66 22.93 21.93
CA PHE B 228 13.71 24.15 21.14
C PHE B 228 12.73 25.14 21.77
N TYR B 229 13.27 26.11 22.50
CA TYR B 229 12.45 27.08 23.22
C TYR B 229 12.43 28.40 22.49
N VAL B 230 11.27 29.05 22.49
CA VAL B 230 11.07 30.33 21.82
C VAL B 230 10.53 31.32 22.85
N VAL B 231 11.15 32.50 22.92
CA VAL B 231 10.70 33.59 23.77
C VAL B 231 10.13 34.69 22.90
N ALA B 232 8.91 35.13 23.21
CA ALA B 232 8.23 36.15 22.43
C ALA B 232 7.22 36.85 23.31
N GLU B 233 6.98 38.12 23.01
CA GLU B 233 6.02 38.90 23.79
C GLU B 233 4.59 38.62 23.31
N SER B 234 3.62 39.03 24.13
CA SER B 234 2.22 38.77 23.83
C SER B 234 1.76 39.52 22.59
N PHE B 235 2.21 40.76 22.42
CA PHE B 235 1.76 41.58 21.30
C PHE B 235 2.30 41.12 19.95
N LYS B 236 3.02 40.01 19.89
CA LYS B 236 3.53 39.49 18.62
C LYS B 236 2.62 38.41 18.03
N PHE B 237 1.46 38.17 18.62
CA PHE B 237 0.51 37.20 18.09
C PHE B 237 -0.22 37.83 16.91
N VAL B 238 -0.31 37.10 15.80
CA VAL B 238 -0.94 37.60 14.58
C VAL B 238 -1.72 36.46 13.94
N ARG B 239 -2.88 36.79 13.35
CA ARG B 239 -3.70 35.80 12.67
C ARG B 239 -3.19 35.61 11.24
N LEU B 240 -2.11 34.87 11.14
CA LEU B 240 -1.57 34.42 9.86
C LEU B 240 -1.29 32.93 9.96
N PHE B 241 -1.51 32.21 8.87
CA PHE B 241 -1.20 30.79 8.85
C PHE B 241 -0.37 30.49 7.61
N PRO B 242 0.95 30.48 7.69
CA PRO B 242 1.73 30.05 6.53
C PRO B 242 1.67 28.54 6.33
N LEU B 243 1.15 28.10 5.18
CA LEU B 243 1.19 26.68 4.86
C LEU B 243 2.61 26.18 4.71
N ASN B 244 3.48 27.01 4.14
CA ASN B 244 4.88 26.66 3.95
C ASN B 244 5.69 27.95 3.87
N GLN B 245 6.95 27.82 3.47
CA GLN B 245 7.83 28.99 3.38
C GLN B 245 7.35 29.97 2.34
N GLN B 246 6.85 29.47 1.20
CA GLN B 246 6.38 30.35 0.14
C GLN B 246 5.11 31.10 0.52
N ASP B 247 4.34 30.60 1.48
CA ASP B 247 3.03 31.17 1.76
C ASP B 247 3.09 32.40 2.66
N VAL B 248 4.21 32.66 3.32
CA VAL B 248 4.28 33.86 4.17
C VAL B 248 4.27 35.10 3.29
N PRO B 249 3.55 36.17 3.69
CA PRO B 249 3.44 37.34 2.82
C PRO B 249 4.79 37.93 2.47
N ASP B 250 4.90 38.42 1.23
CA ASP B 250 6.15 38.96 0.73
C ASP B 250 6.53 40.28 1.39
N LYS B 251 5.57 40.99 1.98
CA LYS B 251 5.88 42.25 2.63
C LYS B 251 6.73 42.07 3.89
N PHE B 252 6.85 40.83 4.39
CA PHE B 252 7.69 40.55 5.54
C PHE B 252 9.03 39.92 5.16
N LYS B 253 9.12 39.30 3.99
CA LYS B 253 10.37 38.66 3.59
C LYS B 253 11.46 39.69 3.30
N TYR B 254 11.13 40.71 2.51
CA TYR B 254 12.12 41.57 1.88
C TYR B 254 12.14 42.95 2.54
N LYS B 255 13.04 43.80 2.03
CA LYS B 255 13.23 45.17 2.51
C LYS B 255 13.58 45.19 4.00
N ALA B 256 14.72 44.56 4.31
CA ALA B 256 15.25 44.50 5.67
C ALA B 256 14.24 43.94 6.66
N GLU B 270 20.89 37.05 -4.89
CA GLU B 270 19.85 37.29 -5.88
C GLU B 270 18.46 37.08 -5.26
N GLU B 271 18.42 36.26 -4.22
CA GLU B 271 17.19 36.01 -3.45
C GLU B 271 17.59 35.96 -1.98
N HIS B 272 17.29 37.03 -1.25
CA HIS B 272 17.70 37.18 0.15
C HIS B 272 16.50 37.54 1.01
N PRO B 273 15.67 36.58 1.37
CA PRO B 273 14.61 36.83 2.34
C PRO B 273 15.19 37.08 3.72
N TRP B 274 14.52 37.92 4.49
CA TRP B 274 14.94 38.26 5.84
C TRP B 274 14.17 37.48 6.90
N VAL B 275 13.25 36.61 6.49
CA VAL B 275 12.27 36.02 7.40
C VAL B 275 11.94 34.62 6.91
N ASP B 276 11.79 33.69 7.86
CA ASP B 276 11.27 32.36 7.57
C ASP B 276 10.26 31.97 8.65
N TYR B 277 9.59 30.85 8.42
CA TYR B 277 8.52 30.36 9.27
C TYR B 277 8.88 28.99 9.81
N THR B 278 8.65 28.80 11.11
CA THR B 278 8.92 27.54 11.79
C THR B 278 7.61 26.93 12.27
N ALA B 279 7.36 25.68 11.89
CA ALA B 279 6.12 25.01 12.22
C ALA B 279 6.04 24.73 13.73
N PRO B 280 4.83 24.70 14.28
CA PRO B 280 4.69 24.44 15.72
C PRO B 280 5.14 23.06 16.15
N SER B 281 5.23 22.10 15.22
CA SER B 281 5.66 20.76 15.59
C SER B 281 7.14 20.71 15.96
N LEU B 282 7.92 21.71 15.57
CA LEU B 282 9.33 21.77 15.88
C LEU B 282 9.62 22.59 17.14
N ILE B 283 8.59 23.12 17.78
CA ILE B 283 8.75 24.00 18.94
C ILE B 283 8.29 23.25 20.19
N THR B 284 9.08 23.35 21.25
CA THR B 284 8.75 22.68 22.51
C THR B 284 7.86 23.54 23.39
N LEU B 285 8.27 24.78 23.68
CA LEU B 285 7.52 25.65 24.57
C LEU B 285 7.70 27.10 24.14
N LEU B 286 6.64 27.89 24.33
CA LEU B 286 6.68 29.33 24.12
C LEU B 286 6.76 30.02 25.48
N PHE B 287 7.66 30.98 25.61
CA PHE B 287 7.81 31.75 26.84
C PHE B 287 7.34 33.17 26.56
N THR B 288 6.15 33.50 27.04
CA THR B 288 5.57 34.83 26.88
C THR B 288 5.25 35.40 28.26
N ASP B 289 4.92 36.69 28.28
CA ASP B 289 4.44 37.30 29.52
C ASP B 289 3.10 36.74 29.97
N LEU B 290 2.39 36.03 29.08
CA LEU B 290 1.20 35.29 29.46
C LEU B 290 1.55 34.00 30.21
N GLY B 291 2.79 33.55 30.14
CA GLY B 291 3.27 32.37 30.85
C GLY B 291 4.06 31.46 29.93
N VAL B 292 4.25 30.23 30.37
CA VAL B 292 4.85 29.19 29.56
C VAL B 292 3.71 28.41 28.90
N LEU B 293 3.72 28.35 27.58
CA LEU B 293 2.61 27.81 26.83
C LEU B 293 3.10 26.74 25.86
N THR B 294 2.21 25.80 25.57
CA THR B 294 2.39 24.97 24.39
C THR B 294 2.02 25.78 23.16
N PRO B 295 2.53 25.42 21.98
CA PRO B 295 2.13 26.16 20.77
C PRO B 295 0.63 26.18 20.56
N SER B 296 -0.05 25.05 20.84
CA SER B 296 -1.49 24.97 20.65
C SER B 296 -2.24 25.99 21.50
N ALA B 297 -1.63 26.48 22.58
CA ALA B 297 -2.28 27.49 23.40
C ALA B 297 -2.44 28.80 22.65
N VAL B 298 -1.46 29.14 21.80
CA VAL B 298 -1.43 30.47 21.19
C VAL B 298 -2.72 30.73 20.41
N SER B 299 -3.09 29.79 19.55
CA SER B 299 -4.32 29.92 18.78
C SER B 299 -5.51 30.19 19.69
N ASP B 300 -5.59 29.45 20.80
CA ASP B 300 -6.68 29.66 21.74
C ASP B 300 -6.76 31.11 22.16
N GLU B 301 -5.65 31.68 22.61
CA GLU B 301 -5.64 33.08 22.97
C GLU B 301 -6.07 33.93 21.79
N LEU B 302 -5.47 33.67 20.62
CA LEU B 302 -5.75 34.46 19.44
C LEU B 302 -7.18 34.24 18.95
N ILE B 303 -7.85 33.20 19.43
CA ILE B 303 -9.28 33.04 19.16
C ILE B 303 -10.11 33.85 20.15
N LYS B 304 -9.75 33.78 21.43
CA LYS B 304 -10.57 34.43 22.46
C LYS B 304 -10.62 35.94 22.26
N LEU B 305 -9.63 36.50 21.59
CA LEU B 305 -9.62 37.94 21.34
C LEU B 305 -10.68 38.35 20.32
N TYR B 306 -11.05 37.46 19.42
CA TYR B 306 -11.92 37.80 18.29
C TYR B 306 -13.30 37.17 18.43
N LEU B 307 -13.77 36.98 19.67
CA LEU B 307 -15.14 36.55 19.93
C LEU B 307 -15.81 37.48 20.92
N GLY C 8 16.34 -21.55 -38.29
CA GLY C 8 16.14 -20.94 -39.59
C GLY C 8 14.84 -20.17 -39.70
N SER C 9 13.99 -20.59 -40.64
CA SER C 9 12.70 -19.93 -40.80
C SER C 9 11.81 -20.12 -39.58
N GLU C 10 11.83 -21.31 -39.00
CA GLU C 10 11.03 -21.56 -37.80
C GLU C 10 11.49 -20.71 -36.64
N LEU C 11 12.79 -20.49 -36.51
CA LEU C 11 13.31 -19.62 -35.45
C LEU C 11 12.79 -18.20 -35.62
N SER C 12 12.81 -17.68 -36.85
CA SER C 12 12.29 -16.34 -37.09
C SER C 12 10.80 -16.27 -36.83
N GLU C 13 10.06 -17.32 -37.20
CA GLU C 13 8.62 -17.36 -36.92
C GLU C 13 8.36 -17.34 -35.42
N ARG C 14 9.13 -18.10 -34.65
CA ARG C 14 8.97 -18.11 -33.21
C ARG C 14 9.30 -16.76 -32.61
N ILE C 15 10.35 -16.10 -33.12
CA ILE C 15 10.71 -14.78 -32.62
C ILE C 15 9.60 -13.78 -32.89
N GLU C 16 9.03 -13.81 -34.11
CA GLU C 16 7.93 -12.92 -34.43
C GLU C 16 6.71 -13.20 -33.56
N SER C 17 6.38 -14.48 -33.33
CA SER C 17 5.26 -14.81 -32.47
C SER C 17 5.49 -14.30 -31.05
N PHE C 18 6.71 -14.47 -30.54
CA PHE C 18 7.03 -14.03 -29.18
C PHE C 18 6.89 -12.51 -29.06
N VAL C 19 7.45 -11.76 -30.01
CA VAL C 19 7.41 -10.31 -29.89
C VAL C 19 5.98 -9.79 -30.08
N GLU C 20 5.20 -10.42 -30.98
CA GLU C 20 3.82 -10.00 -31.15
C GLU C 20 2.99 -10.30 -29.91
N THR C 21 3.19 -11.47 -29.30
CA THR C 21 2.50 -11.78 -28.06
C THR C 21 2.88 -10.80 -26.95
N LEU C 22 4.16 -10.43 -26.89
CA LEU C 22 4.61 -9.47 -25.89
C LEU C 22 3.94 -8.11 -26.08
N LYS C 23 3.97 -7.58 -27.30
CA LYS C 23 3.51 -6.21 -27.52
C LYS C 23 1.99 -6.11 -27.63
N ARG C 24 1.29 -7.20 -27.93
CA ARG C 24 -0.16 -7.11 -28.09
C ARG C 24 -0.88 -7.22 -26.75
N GLY C 25 -0.67 -8.32 -26.04
CA GLY C 25 -1.33 -8.56 -24.76
C GLY C 25 -0.52 -9.47 -23.88
N GLY C 26 -1.22 -10.31 -23.12
CA GLY C 26 -0.56 -11.22 -22.22
C GLY C 26 -0.07 -12.49 -22.90
N GLY C 27 0.70 -13.27 -22.15
CA GLY C 27 1.26 -14.50 -22.65
C GLY C 27 2.79 -14.48 -22.64
N PRO C 28 3.40 -15.39 -21.87
CA PRO C 28 2.77 -16.41 -21.02
C PRO C 28 2.11 -15.85 -19.76
N ARG C 29 1.26 -16.65 -19.14
CA ARG C 29 0.52 -16.20 -17.96
C ARG C 29 1.45 -15.81 -16.82
N SER C 30 2.37 -16.70 -16.46
CA SER C 30 3.24 -16.50 -15.32
C SER C 30 4.59 -15.94 -15.74
N SER C 31 5.22 -15.20 -14.82
CA SER C 31 6.56 -14.69 -15.07
C SER C 31 7.58 -15.82 -15.20
N GLU C 32 7.41 -16.90 -14.44
CA GLU C 32 8.28 -18.05 -14.56
C GLU C 32 8.20 -18.65 -15.97
N GLU C 33 6.98 -18.79 -16.50
CA GLU C 33 6.83 -19.32 -17.85
C GLU C 33 7.41 -18.38 -18.88
N MET C 34 7.27 -17.07 -18.67
CA MET C 34 7.85 -16.11 -19.61
C MET C 34 9.37 -16.19 -19.60
N ALA C 35 9.97 -16.33 -18.42
CA ALA C 35 11.41 -16.49 -18.33
C ALA C 35 11.86 -17.78 -19.02
N ARG C 36 11.10 -18.86 -18.82
CA ARG C 36 11.43 -20.13 -19.47
C ARG C 36 11.37 -20.01 -20.99
N GLU C 37 10.32 -19.35 -21.50
CA GLU C 37 10.20 -19.16 -22.95
C GLU C 37 11.32 -18.29 -23.48
N THR C 38 11.69 -17.23 -22.75
CA THR C 38 12.79 -16.38 -23.19
C THR C 38 14.10 -17.16 -23.24
N LEU C 39 14.36 -17.97 -22.22
CA LEU C 39 15.59 -18.75 -22.21
C LEU C 39 15.60 -19.79 -23.33
N GLY C 40 14.46 -20.42 -23.59
CA GLY C 40 14.39 -21.36 -24.70
C GLY C 40 14.62 -20.69 -26.04
N LEU C 41 14.04 -19.51 -26.24
CA LEU C 41 14.26 -18.76 -27.48
C LEU C 41 15.73 -18.38 -27.63
N LEU C 42 16.36 -17.94 -26.53
CA LEU C 42 17.77 -17.59 -26.58
C LEU C 42 18.64 -18.80 -26.89
N ARG C 43 18.30 -19.96 -26.32
CA ARG C 43 19.03 -21.18 -26.62
C ARG C 43 18.88 -21.55 -28.09
N GLN C 44 17.68 -21.43 -28.65
CA GLN C 44 17.47 -21.72 -30.06
C GLN C 44 18.26 -20.75 -30.94
N ILE C 45 18.30 -19.48 -30.56
CA ILE C 45 19.08 -18.49 -31.30
C ILE C 45 20.56 -18.87 -31.27
N ILE C 46 21.06 -19.28 -30.10
CA ILE C 46 22.46 -19.66 -29.98
C ILE C 46 22.77 -20.88 -30.84
N THR C 47 21.89 -21.88 -30.83
CA THR C 47 22.14 -23.09 -31.59
C THR C 47 21.84 -22.90 -33.07
N ASP C 48 20.61 -22.54 -33.42
CA ASP C 48 20.18 -22.47 -34.80
C ASP C 48 20.58 -21.15 -35.46
N HIS C 49 21.86 -20.83 -35.38
CA HIS C 49 22.40 -19.64 -36.04
C HIS C 49 23.92 -19.80 -36.03
N ARG C 50 24.55 -19.22 -37.06
CA ARG C 50 25.99 -19.36 -37.25
C ARG C 50 26.69 -18.06 -36.84
N TRP C 51 27.65 -18.18 -35.93
CA TRP C 51 28.46 -17.06 -35.49
C TRP C 51 29.90 -17.54 -35.38
N SER C 52 30.85 -16.67 -35.74
CA SER C 52 32.26 -17.05 -35.67
C SER C 52 32.86 -16.70 -34.32
N ASN C 53 32.86 -15.43 -33.95
CA ASN C 53 33.44 -15.00 -32.70
C ASN C 53 32.37 -14.92 -31.61
N ALA C 54 32.83 -14.87 -30.35
CA ALA C 54 31.91 -14.64 -29.25
C ALA C 54 31.30 -13.25 -29.32
N GLY C 55 32.06 -12.27 -29.83
CA GLY C 55 31.52 -10.93 -29.96
C GLY C 55 30.35 -10.87 -30.92
N GLU C 56 30.40 -11.63 -32.01
CA GLU C 56 29.29 -11.67 -32.94
C GLU C 56 28.05 -12.28 -32.30
N LEU C 57 28.23 -13.34 -31.51
CA LEU C 57 27.11 -13.92 -30.77
C LEU C 57 26.53 -12.91 -29.79
N MET C 58 27.40 -12.17 -29.10
CA MET C 58 26.92 -11.14 -28.18
C MET C 58 26.14 -10.06 -28.91
N GLU C 59 26.61 -9.66 -30.10
CA GLU C 59 25.90 -8.66 -30.88
C GLU C 59 24.54 -9.16 -31.34
N LEU C 60 24.47 -10.43 -31.78
CA LEU C 60 23.19 -11.01 -32.17
C LEU C 60 22.23 -11.05 -31.00
N ILE C 61 22.71 -11.50 -29.83
CA ILE C 61 21.86 -11.53 -28.64
C ILE C 61 21.43 -10.11 -28.26
N ARG C 62 22.32 -9.14 -28.42
CA ARG C 62 21.97 -7.76 -28.12
C ARG C 62 20.85 -7.26 -29.03
N ARG C 63 20.93 -7.56 -30.32
CA ARG C 63 19.88 -7.13 -31.24
C ARG C 63 18.55 -7.76 -30.90
N GLU C 64 18.55 -9.09 -30.67
CA GLU C 64 17.30 -9.77 -30.34
C GLU C 64 16.72 -9.26 -29.02
N GLY C 65 17.57 -9.06 -28.02
CA GLY C 65 17.09 -8.54 -26.76
C GLY C 65 16.57 -7.12 -26.86
N ARG C 66 17.23 -6.29 -27.67
CA ARG C 66 16.74 -4.94 -27.89
C ARG C 66 15.35 -4.96 -28.50
N ARG C 67 15.14 -5.80 -29.52
CA ARG C 67 13.83 -5.90 -30.14
C ARG C 67 12.78 -6.39 -29.14
N MET C 68 13.12 -7.44 -28.39
CA MET C 68 12.16 -8.00 -27.44
C MET C 68 11.81 -7.03 -26.32
N THR C 69 12.80 -6.27 -25.84
CA THR C 69 12.53 -5.29 -24.79
C THR C 69 11.76 -4.09 -25.34
N ALA C 70 12.02 -3.69 -26.59
CA ALA C 70 11.22 -2.64 -27.20
C ALA C 70 9.79 -3.08 -27.47
N ALA C 71 9.56 -4.40 -27.58
CA ALA C 71 8.19 -4.89 -27.76
C ALA C 71 7.31 -4.52 -26.56
N GLN C 72 7.84 -4.69 -25.34
CA GLN C 72 7.09 -4.37 -24.13
C GLN C 72 8.08 -4.04 -23.02
N PRO C 73 8.37 -2.76 -22.81
CA PRO C 73 9.35 -2.39 -21.77
C PRO C 73 8.93 -2.76 -20.36
N SER C 74 7.64 -2.91 -20.09
CA SER C 74 7.20 -3.22 -18.74
C SER C 74 7.53 -4.66 -18.34
N GLU C 75 7.71 -5.55 -19.30
CA GLU C 75 8.08 -6.94 -19.02
C GLU C 75 9.60 -7.00 -18.93
N THR C 76 10.11 -6.82 -17.71
CA THR C 76 11.55 -6.77 -17.50
C THR C 76 12.20 -8.15 -17.49
N THR C 77 11.42 -9.22 -17.38
CA THR C 77 11.98 -10.55 -17.30
C THR C 77 12.70 -10.95 -18.59
N VAL C 78 12.19 -10.51 -19.74
CA VAL C 78 12.85 -10.80 -21.01
C VAL C 78 14.24 -10.17 -21.05
N GLY C 79 14.33 -8.89 -20.67
CA GLY C 79 15.62 -8.23 -20.61
C GLY C 79 16.54 -8.87 -19.60
N ASN C 80 15.99 -9.29 -18.46
CA ASN C 80 16.81 -9.97 -17.45
C ASN C 80 17.39 -11.26 -17.99
N MET C 81 16.58 -12.04 -18.71
CA MET C 81 17.09 -13.28 -19.30
C MET C 81 18.15 -12.99 -20.36
N VAL C 82 17.94 -11.96 -21.19
CA VAL C 82 18.92 -11.62 -22.21
C VAL C 82 20.25 -11.24 -21.56
N ARG C 83 20.19 -10.41 -20.51
CA ARG C 83 21.42 -9.99 -19.85
C ARG C 83 22.08 -11.14 -19.09
N ARG C 84 21.29 -12.06 -18.54
CA ARG C 84 21.86 -13.25 -17.92
C ARG C 84 22.59 -14.10 -18.94
N VAL C 85 22.02 -14.25 -20.14
CA VAL C 85 22.69 -15.01 -21.18
C VAL C 85 23.98 -14.31 -21.61
N LEU C 86 23.95 -12.99 -21.72
CA LEU C 86 25.16 -12.25 -22.06
C LEU C 86 26.24 -12.42 -21.00
N LYS C 87 25.85 -12.37 -19.72
CA LYS C 87 26.81 -12.59 -18.65
C LYS C 87 27.37 -14.00 -18.68
N ILE C 88 26.53 -14.98 -18.99
CA ILE C 88 26.99 -16.36 -19.11
C ILE C 88 28.03 -16.47 -20.23
N ILE C 89 27.74 -15.83 -21.37
CA ILE C 89 28.69 -15.84 -22.49
C ILE C 89 30.01 -15.21 -22.07
N ARG C 90 29.94 -14.07 -21.39
CA ARG C 90 31.16 -13.39 -20.94
C ARG C 90 31.97 -14.28 -20.00
N GLU C 91 31.29 -14.91 -19.03
CA GLU C 91 31.98 -15.77 -18.08
C GLU C 91 32.63 -16.96 -18.77
N GLU C 92 31.91 -17.59 -19.70
CA GLU C 92 32.47 -18.75 -20.38
C GLU C 92 33.66 -18.36 -21.24
N TYR C 93 33.55 -17.25 -21.97
CA TYR C 93 34.68 -16.82 -22.79
C TYR C 93 35.89 -16.47 -21.94
N GLY C 94 35.67 -15.77 -20.82
CA GLY C 94 36.78 -15.44 -19.95
C GLY C 94 37.43 -16.66 -19.32
N ARG C 95 36.62 -17.64 -18.90
CA ARG C 95 37.17 -18.83 -18.25
C ARG C 95 37.91 -19.72 -19.24
N LEU C 96 37.36 -19.89 -20.45
CA LEU C 96 37.96 -20.80 -21.42
C LEU C 96 39.01 -20.12 -22.29
N HIS C 97 39.14 -18.80 -22.20
CA HIS C 97 40.13 -18.04 -22.95
C HIS C 97 41.32 -17.61 -22.10
N GLY C 98 41.07 -16.92 -21.00
CA GLY C 98 42.13 -16.50 -20.12
C GLY C 98 42.11 -17.23 -18.79
N ARG C 99 41.59 -16.58 -17.76
CA ARG C 99 41.49 -17.20 -16.44
C ARG C 99 40.21 -16.74 -15.74
N GLN C 105 36.65 -9.06 -11.50
CA GLN C 105 35.98 -8.16 -12.43
C GLN C 105 35.22 -7.07 -11.67
N GLN C 106 34.00 -6.79 -12.14
CA GLN C 106 33.00 -5.94 -11.47
C GLN C 106 33.55 -4.60 -11.02
N GLU C 107 34.69 -4.17 -11.57
CA GLU C 107 35.20 -2.80 -11.42
C GLU C 107 35.30 -2.39 -9.95
N SER C 108 36.20 -3.06 -9.22
CA SER C 108 36.46 -2.74 -7.83
C SER C 108 37.73 -1.92 -7.70
N LEU C 109 37.96 -1.39 -6.50
CA LEU C 109 39.20 -0.68 -6.22
C LEU C 109 40.40 -1.62 -6.32
N HIS C 110 40.21 -2.89 -5.97
CA HIS C 110 41.30 -3.85 -6.06
C HIS C 110 41.79 -4.01 -7.50
N LYS C 111 40.86 -4.07 -8.45
CA LYS C 111 41.26 -4.20 -9.85
C LYS C 111 41.89 -2.91 -10.36
N LEU C 112 41.39 -1.76 -9.92
CA LEU C 112 41.97 -0.49 -10.35
C LEU C 112 43.40 -0.35 -9.86
N LEU C 113 43.67 -0.77 -8.62
CA LEU C 113 45.03 -0.68 -8.10
C LEU C 113 45.96 -1.71 -8.74
N THR C 114 45.42 -2.85 -9.17
CA THR C 114 46.21 -3.92 -9.77
C THR C 114 45.90 -4.07 -11.26
N SER C 115 45.70 -2.94 -11.93
CA SER C 115 45.43 -2.91 -13.38
C SER C 115 44.22 -3.77 -13.75
N GLU C 120 37.22 -6.74 -22.59
CA GLU C 120 38.37 -6.74 -23.49
C GLU C 120 37.99 -7.30 -24.86
N ASP C 121 38.94 -7.97 -25.50
CA ASP C 121 38.72 -8.53 -26.82
C ASP C 121 37.85 -9.77 -26.70
N PHE C 122 36.96 -9.96 -27.69
CA PHE C 122 36.04 -11.09 -27.71
C PHE C 122 36.13 -11.88 -29.02
N SER C 123 37.26 -11.78 -29.73
CA SER C 123 37.55 -12.56 -30.92
C SER C 123 38.08 -13.93 -30.51
N PHE C 124 38.76 -14.61 -31.46
CA PHE C 124 39.42 -15.88 -31.19
C PHE C 124 38.41 -17.00 -30.88
N HIS C 125 37.60 -17.36 -31.88
CA HIS C 125 36.71 -18.51 -31.79
C HIS C 125 37.41 -19.73 -31.21
N TYR C 126 36.83 -20.28 -30.15
CA TYR C 126 37.25 -21.54 -29.56
C TYR C 126 36.12 -22.55 -29.69
N ALA C 127 36.47 -23.77 -30.12
CA ALA C 127 35.46 -24.75 -30.50
C ALA C 127 34.61 -25.17 -29.30
N GLN C 128 35.22 -25.34 -28.14
CA GLN C 128 34.53 -25.86 -26.96
C GLN C 128 33.54 -24.87 -26.37
N LEU C 129 33.55 -23.61 -26.82
CA LEU C 129 32.76 -22.56 -26.20
C LEU C 129 31.26 -22.88 -26.26
N GLN C 130 30.71 -23.00 -27.47
CA GLN C 130 29.26 -22.98 -27.66
C GLN C 130 28.57 -24.00 -26.76
N SER C 131 29.00 -25.26 -26.81
CA SER C 131 28.37 -26.31 -26.02
C SER C 131 28.34 -25.93 -24.55
N ASN C 132 29.48 -25.46 -24.03
CA ASN C 132 29.54 -25.03 -22.64
C ASN C 132 28.43 -24.04 -22.33
N ILE C 133 28.27 -23.03 -23.18
CA ILE C 133 27.24 -22.02 -22.97
C ILE C 133 25.89 -22.70 -22.82
N ILE C 134 25.58 -23.62 -23.74
CA ILE C 134 24.29 -24.30 -23.70
C ILE C 134 24.11 -24.96 -22.35
N GLU C 135 25.13 -25.68 -21.88
CA GLU C 135 25.04 -26.33 -20.59
C GLU C 135 24.65 -25.35 -19.50
N ALA C 136 25.34 -24.20 -19.47
CA ALA C 136 25.03 -23.18 -18.47
C ALA C 136 23.57 -22.79 -18.55
N ILE C 137 23.07 -22.54 -19.76
CA ILE C 137 21.67 -22.15 -19.93
C ILE C 137 20.76 -23.22 -19.34
N ASN C 138 21.08 -24.49 -19.62
CA ASN C 138 20.25 -25.57 -19.08
C ASN C 138 20.26 -25.53 -17.56
N GLU C 139 21.44 -25.30 -16.96
CA GLU C 139 21.52 -25.16 -15.51
C GLU C 139 20.57 -24.06 -15.05
N LEU C 140 20.59 -22.92 -15.74
CA LEU C 140 19.67 -21.85 -15.43
C LEU C 140 18.24 -22.36 -15.42
N LEU C 141 17.84 -23.05 -16.50
CA LEU C 141 16.48 -23.55 -16.59
C LEU C 141 16.17 -24.48 -15.42
N VAL C 142 17.16 -25.26 -14.99
CA VAL C 142 16.94 -26.18 -13.87
C VAL C 142 16.53 -25.41 -12.63
N GLU C 143 17.24 -24.32 -12.32
CA GLU C 143 16.88 -23.58 -11.12
C GLU C 143 15.63 -22.75 -11.30
N LEU C 144 15.11 -22.66 -12.53
CA LEU C 144 13.78 -22.09 -12.72
C LEU C 144 12.68 -23.06 -12.31
N GLU C 145 12.98 -24.36 -12.27
CA GLU C 145 11.94 -25.34 -11.95
C GLU C 145 11.57 -25.29 -10.47
N GLY C 146 12.56 -25.24 -9.59
CA GLY C 146 12.31 -25.31 -8.17
C GLY C 146 12.41 -23.99 -7.42
N THR C 147 12.35 -22.89 -8.16
CA THR C 147 12.49 -21.57 -7.53
C THR C 147 11.34 -21.29 -6.56
N MET C 148 10.11 -21.50 -7.01
CA MET C 148 8.96 -21.23 -6.16
C MET C 148 8.95 -22.12 -4.93
N GLU C 149 9.26 -23.41 -5.11
CA GLU C 149 9.34 -24.31 -3.98
C GLU C 149 10.49 -23.94 -3.04
N ASN C 150 11.62 -23.49 -3.60
CA ASN C 150 12.72 -23.03 -2.76
C ASN C 150 12.31 -21.85 -1.91
N ILE C 151 11.58 -20.90 -2.49
CA ILE C 151 11.11 -19.75 -1.73
C ILE C 151 10.11 -20.17 -0.67
N ALA C 152 9.19 -21.08 -1.03
CA ALA C 152 8.15 -21.50 -0.10
C ALA C 152 8.68 -22.35 1.05
N ALA C 153 9.78 -23.07 0.84
CA ALA C 153 10.28 -23.97 1.87
C ALA C 153 10.68 -23.23 3.15
N GLN C 154 11.11 -21.98 3.02
CA GLN C 154 11.56 -21.18 4.15
C GLN C 154 10.47 -20.24 4.67
N ALA C 155 9.20 -20.60 4.49
CA ALA C 155 8.10 -19.80 5.01
C ALA C 155 7.86 -20.04 6.49
N LEU C 156 8.25 -21.21 7.00
CA LEU C 156 7.95 -21.54 8.39
C LEU C 156 8.85 -20.81 9.38
N GLU C 157 9.92 -20.18 8.91
CA GLU C 157 10.81 -19.42 9.77
C GLU C 157 10.51 -17.93 9.76
N HIS C 158 9.42 -17.52 9.11
CA HIS C 158 8.99 -16.13 9.11
C HIS C 158 7.57 -15.93 9.57
N ILE C 159 6.79 -17.00 9.73
CA ILE C 159 5.42 -16.93 10.21
C ILE C 159 5.34 -17.62 11.56
N HIS C 160 4.81 -16.93 12.55
CA HIS C 160 4.59 -17.51 13.87
C HIS C 160 3.10 -17.70 14.10
N SER C 161 2.78 -18.31 15.24
CA SER C 161 1.40 -18.68 15.54
C SER C 161 0.53 -17.44 15.72
N ASN C 162 -0.68 -17.50 15.16
CA ASN C 162 -1.69 -16.45 15.31
C ASN C 162 -1.18 -15.10 14.80
N GLU C 163 -0.42 -15.13 13.71
CA GLU C 163 0.07 -13.89 13.12
C GLU C 163 -1.01 -13.28 12.23
N VAL C 164 -0.80 -12.01 11.89
CA VAL C 164 -1.71 -11.24 11.04
C VAL C 164 -0.90 -10.78 9.84
N ILE C 165 -1.11 -11.41 8.69
CA ILE C 165 -0.39 -11.10 7.46
C ILE C 165 -1.29 -10.29 6.55
N MET C 166 -0.69 -9.39 5.77
CA MET C 166 -1.43 -8.55 4.85
C MET C 166 -0.76 -8.57 3.49
N THR C 167 -1.57 -8.69 2.44
CA THR C 167 -1.07 -8.85 1.08
C THR C 167 -1.87 -7.94 0.15
N ILE C 168 -1.24 -7.52 -0.94
CA ILE C 168 -1.86 -6.69 -1.95
C ILE C 168 -1.85 -7.44 -3.27
N GLY C 169 -2.99 -7.48 -3.95
CA GLY C 169 -3.08 -8.11 -5.25
C GLY C 169 -2.93 -9.62 -5.20
N PHE C 170 -2.65 -10.19 -6.37
CA PHE C 170 -2.48 -11.63 -6.55
C PHE C 170 -1.03 -11.91 -6.90
N SER C 171 -0.39 -12.76 -6.12
CA SER C 171 0.99 -13.17 -6.36
C SER C 171 1.09 -14.67 -6.12
N ARG C 172 1.55 -15.41 -7.13
CA ARG C 172 1.67 -16.85 -6.98
C ARG C 172 2.76 -17.22 -5.99
N THR C 173 3.85 -16.46 -5.95
CA THR C 173 4.92 -16.74 -4.98
C THR C 173 4.42 -16.57 -3.56
N VAL C 174 3.70 -15.48 -3.29
CA VAL C 174 3.15 -15.26 -1.95
C VAL C 174 2.08 -16.29 -1.64
N GLU C 175 1.31 -16.70 -2.64
CA GLU C 175 0.31 -17.74 -2.44
C GLU C 175 0.95 -19.04 -2.02
N ALA C 176 2.03 -19.45 -2.69
CA ALA C 176 2.75 -20.66 -2.30
C ALA C 176 3.36 -20.51 -0.93
N PHE C 177 3.92 -19.33 -0.63
CA PHE C 177 4.48 -19.05 0.68
C PHE C 177 3.46 -19.30 1.78
N LEU C 178 2.27 -18.70 1.64
CA LEU C 178 1.25 -18.81 2.67
C LEU C 178 0.67 -20.22 2.73
N LYS C 179 0.49 -20.86 1.57
CA LYS C 179 -0.06 -22.21 1.57
C LYS C 179 0.89 -23.21 2.20
N GLU C 180 2.20 -23.02 2.04
CA GLU C 180 3.15 -23.90 2.70
C GLU C 180 3.22 -23.59 4.19
N ALA C 181 3.13 -22.31 4.57
CA ALA C 181 3.15 -21.97 5.98
C ALA C 181 1.93 -22.48 6.71
N ALA C 182 0.77 -22.53 6.04
CA ALA C 182 -0.48 -22.91 6.68
C ALA C 182 -0.58 -24.39 7.00
N ARG C 183 0.35 -25.22 6.50
CA ARG C 183 0.28 -26.65 6.76
C ARG C 183 0.60 -26.99 8.21
N LYS C 184 1.23 -26.08 8.95
CA LYS C 184 1.64 -26.36 10.32
C LYS C 184 1.32 -25.25 11.30
N ARG C 185 0.76 -24.13 10.86
CA ARG C 185 0.48 -23.01 11.74
C ARG C 185 -0.81 -22.32 11.32
N LYS C 186 -1.45 -21.68 12.29
CA LYS C 186 -2.70 -20.95 12.08
C LYS C 186 -2.42 -19.46 12.13
N PHE C 187 -2.87 -18.73 11.11
CA PHE C 187 -2.67 -17.29 11.05
C PHE C 187 -3.77 -16.67 10.22
N HIS C 188 -3.82 -15.33 10.26
CA HIS C 188 -4.85 -14.55 9.59
C HIS C 188 -4.23 -13.75 8.46
N VAL C 189 -4.87 -13.77 7.30
CA VAL C 189 -4.39 -13.06 6.11
C VAL C 189 -5.47 -12.12 5.63
N ILE C 190 -5.10 -10.85 5.44
CA ILE C 190 -5.99 -9.84 4.87
C ILE C 190 -5.49 -9.50 3.48
N VAL C 191 -6.38 -9.55 2.50
CA VAL C 191 -6.05 -9.24 1.12
C VAL C 191 -6.77 -7.97 0.72
N ALA C 192 -6.00 -6.99 0.27
CA ALA C 192 -6.55 -5.75 -0.27
C ALA C 192 -6.64 -5.88 -1.79
N GLU C 193 -7.86 -5.77 -2.32
CA GLU C 193 -8.05 -5.85 -3.76
C GLU C 193 -7.29 -4.73 -4.46
N CYS C 194 -6.71 -5.05 -5.62
CA CYS C 194 -5.87 -4.10 -6.35
C CYS C 194 -6.69 -3.51 -7.49
N ALA C 195 -7.47 -2.48 -7.16
CA ALA C 195 -8.30 -1.82 -8.15
C ALA C 195 -7.43 -1.18 -9.23
N PRO C 196 -7.90 -1.15 -10.49
CA PRO C 196 -9.20 -1.62 -10.96
C PRO C 196 -9.30 -3.13 -11.19
N PHE C 197 -8.18 -3.75 -11.56
CA PHE C 197 -8.16 -5.20 -11.75
C PHE C 197 -8.18 -5.91 -10.40
N CYS C 198 -9.37 -6.13 -9.85
CA CYS C 198 -9.46 -6.65 -8.49
C CYS C 198 -9.02 -8.11 -8.47
N GLN C 199 -7.72 -8.34 -8.61
CA GLN C 199 -7.16 -9.69 -8.60
C GLN C 199 -6.96 -10.23 -7.20
N GLY C 200 -7.15 -9.42 -6.17
CA GLY C 200 -7.05 -9.90 -4.81
C GLY C 200 -8.17 -10.82 -4.40
N HIS C 201 -9.31 -10.73 -5.08
CA HIS C 201 -10.42 -11.65 -4.80
C HIS C 201 -10.04 -13.08 -5.11
N GLU C 202 -9.35 -13.29 -6.24
CA GLU C 202 -8.93 -14.64 -6.61
C GLU C 202 -7.96 -15.22 -5.59
N MET C 203 -6.97 -14.43 -5.16
CA MET C 203 -6.04 -14.90 -4.14
C MET C 203 -6.76 -15.16 -2.82
N ALA C 204 -7.73 -14.32 -2.49
CA ALA C 204 -8.47 -14.51 -1.24
C ALA C 204 -9.26 -15.81 -1.25
N VAL C 205 -9.97 -16.09 -2.35
CA VAL C 205 -10.74 -17.33 -2.41
C VAL C 205 -9.80 -18.53 -2.47
N ASN C 206 -8.66 -18.39 -3.15
CA ASN C 206 -7.69 -19.48 -3.19
C ASN C 206 -7.15 -19.81 -1.80
N LEU C 207 -6.85 -18.78 -1.02
CA LEU C 207 -6.39 -19.01 0.35
C LEU C 207 -7.50 -19.56 1.23
N SER C 208 -8.73 -19.10 1.02
CA SER C 208 -9.85 -19.60 1.81
C SER C 208 -10.12 -21.07 1.53
N LYS C 209 -9.93 -21.52 0.29
CA LYS C 209 -10.06 -22.93 -0.02
C LYS C 209 -9.06 -23.79 0.76
N ALA C 210 -7.96 -23.21 1.20
CA ALA C 210 -6.98 -23.90 2.02
C ALA C 210 -7.21 -23.71 3.52
N GLY C 211 -8.30 -23.05 3.90
CA GLY C 211 -8.62 -22.85 5.30
C GLY C 211 -7.64 -21.96 6.03
N ILE C 212 -7.26 -20.83 5.41
CA ILE C 212 -6.32 -19.90 6.00
C ILE C 212 -7.02 -18.74 6.71
N GLU C 213 -8.35 -18.73 6.73
CA GLU C 213 -9.13 -17.72 7.44
C GLU C 213 -8.80 -16.31 6.92
N THR C 214 -9.15 -16.11 5.66
CA THR C 214 -8.78 -14.91 4.92
C THR C 214 -9.90 -13.87 4.96
N THR C 215 -9.49 -12.60 5.01
CA THR C 215 -10.39 -11.46 4.96
C THR C 215 -10.12 -10.67 3.68
N VAL C 216 -11.18 -10.14 3.07
CA VAL C 216 -11.09 -9.36 1.84
C VAL C 216 -11.46 -7.92 2.16
N MET C 217 -10.71 -6.98 1.61
CA MET C 217 -11.13 -5.58 1.71
C MET C 217 -10.61 -4.80 0.52
N THR C 218 -11.20 -3.64 0.28
CA THR C 218 -10.67 -2.73 -0.72
C THR C 218 -9.38 -2.11 -0.21
N ASP C 219 -8.54 -1.69 -1.15
CA ASP C 219 -7.24 -1.13 -0.81
C ASP C 219 -7.32 0.35 -0.45
N ALA C 220 -8.51 0.86 -0.16
CA ALA C 220 -8.67 2.17 0.46
C ALA C 220 -8.63 2.09 1.99
N ALA C 221 -8.64 0.87 2.55
CA ALA C 221 -8.61 0.66 3.99
C ALA C 221 -7.25 0.16 4.47
N ILE C 222 -6.20 0.39 3.70
CA ILE C 222 -4.87 -0.12 4.06
C ILE C 222 -4.38 0.55 5.34
N PHE C 223 -4.47 1.88 5.39
CA PHE C 223 -3.96 2.62 6.55
C PHE C 223 -4.79 2.33 7.80
N ALA C 224 -6.10 2.20 7.64
CA ALA C 224 -6.96 1.96 8.79
C ALA C 224 -6.66 0.60 9.43
N VAL C 225 -6.35 -0.40 8.61
CA VAL C 225 -6.14 -1.75 9.12
C VAL C 225 -4.68 -2.03 9.48
N MET C 226 -3.74 -1.24 8.97
CA MET C 226 -2.33 -1.48 9.25
C MET C 226 -2.01 -1.48 10.74
N SER C 227 -2.82 -0.78 11.54
CA SER C 227 -2.56 -0.72 12.98
C SER C 227 -2.68 -2.09 13.66
N ARG C 228 -3.39 -3.03 13.03
CA ARG C 228 -3.60 -4.36 13.60
C ARG C 228 -2.88 -5.45 12.81
N VAL C 229 -1.94 -5.09 11.94
CA VAL C 229 -1.24 -6.02 11.08
C VAL C 229 0.17 -6.21 11.62
N ASN C 230 0.59 -7.48 11.76
CA ASN C 230 1.91 -7.79 12.28
C ASN C 230 2.99 -7.79 11.20
N LYS C 231 2.67 -8.30 10.02
CA LYS C 231 3.66 -8.37 8.94
C LYS C 231 2.96 -8.16 7.61
N VAL C 232 3.71 -7.64 6.65
CA VAL C 232 3.22 -7.40 5.29
C VAL C 232 4.09 -8.21 4.34
N ILE C 233 3.48 -9.17 3.64
CA ILE C 233 4.18 -10.02 2.68
C ILE C 233 3.59 -9.75 1.31
N ILE C 234 4.44 -9.28 0.38
CA ILE C 234 3.98 -8.87 -0.93
C ILE C 234 4.91 -9.45 -1.99
N GLY C 235 4.38 -9.54 -3.21
CA GLY C 235 5.18 -9.85 -4.38
C GLY C 235 5.62 -8.58 -5.09
N THR C 236 6.28 -8.77 -6.24
CA THR C 236 6.76 -7.65 -7.01
C THR C 236 6.88 -8.06 -8.48
N LYS C 237 6.96 -7.05 -9.34
CA LYS C 237 7.19 -7.26 -10.76
C LYS C 237 8.64 -7.10 -11.16
N THR C 238 9.38 -6.20 -10.50
CA THR C 238 10.76 -5.95 -10.84
C THR C 238 11.47 -5.41 -9.61
N ILE C 239 12.70 -5.85 -9.38
CA ILE C 239 13.57 -5.31 -8.35
C ILE C 239 14.66 -4.50 -9.05
N LEU C 240 14.76 -3.22 -8.69
CA LEU C 240 15.65 -2.31 -9.36
C LEU C 240 17.04 -2.37 -8.73
N ALA C 241 17.98 -1.58 -9.26
CA ALA C 241 19.39 -1.72 -8.91
C ALA C 241 19.67 -1.35 -7.46
N ASN C 242 18.95 -0.37 -6.92
CA ASN C 242 19.18 0.11 -5.56
C ASN C 242 18.32 -0.60 -4.54
N GLY C 243 17.62 -1.66 -4.93
CA GLY C 243 16.69 -2.34 -4.05
C GLY C 243 15.27 -1.85 -4.14
N ALA C 244 14.96 -0.95 -5.06
CA ALA C 244 13.62 -0.43 -5.22
C ALA C 244 12.73 -1.47 -5.90
N LEU C 245 11.42 -1.22 -5.88
CA LEU C 245 10.45 -2.13 -6.44
C LEU C 245 9.60 -1.45 -7.50
N ARG C 246 9.32 -2.17 -8.58
CA ARG C 246 8.25 -1.83 -9.51
C ARG C 246 7.11 -2.81 -9.22
N ALA C 247 6.10 -2.34 -8.51
CA ALA C 247 5.05 -3.22 -8.02
C ALA C 247 3.70 -2.75 -8.52
N VAL C 248 2.65 -3.50 -8.18
CA VAL C 248 1.31 -3.09 -8.55
C VAL C 248 0.94 -1.82 -7.80
N THR C 249 0.03 -1.04 -8.39
CA THR C 249 -0.35 0.22 -7.77
C THR C 249 -1.01 -0.01 -6.42
N GLY C 250 -0.77 0.92 -5.50
CA GLY C 250 -1.16 0.75 -4.12
C GLY C 250 -0.11 0.11 -3.24
N THR C 251 0.98 -0.39 -3.83
CA THR C 251 2.06 -0.95 -3.03
C THR C 251 2.91 0.13 -2.37
N HIS C 252 3.07 1.29 -3.02
CA HIS C 252 3.78 2.39 -2.39
C HIS C 252 3.04 2.88 -1.15
N THR C 253 1.72 3.00 -1.24
CA THR C 253 0.93 3.38 -0.07
C THR C 253 1.02 2.33 1.02
N LEU C 254 0.98 1.05 0.63
CA LEU C 254 1.10 -0.03 1.60
C LEU C 254 2.44 0.03 2.33
N ALA C 255 3.52 0.27 1.58
CA ALA C 255 4.84 0.39 2.19
C ALA C 255 4.92 1.60 3.09
N LEU C 256 4.30 2.72 2.68
CA LEU C 256 4.30 3.92 3.52
C LEU C 256 3.58 3.66 4.83
N ALA C 257 2.42 2.99 4.77
CA ALA C 257 1.69 2.68 5.99
C ALA C 257 2.48 1.73 6.89
N ALA C 258 3.10 0.71 6.29
CA ALA C 258 3.92 -0.21 7.07
C ALA C 258 5.08 0.50 7.74
N LYS C 259 5.74 1.41 7.03
CA LYS C 259 6.83 2.18 7.61
C LYS C 259 6.32 3.09 8.73
N HIS C 260 5.13 3.67 8.55
CA HIS C 260 4.54 4.50 9.59
C HIS C 260 4.30 3.70 10.86
N HIS C 261 3.78 2.47 10.72
CA HIS C 261 3.54 1.62 11.86
C HIS C 261 4.70 0.69 12.17
N SER C 262 5.81 0.81 11.45
CA SER C 262 7.02 0.02 11.68
C SER C 262 6.77 -1.48 11.59
N THR C 263 5.74 -1.88 10.85
CA THR C 263 5.51 -3.29 10.60
C THR C 263 6.45 -3.77 9.51
N PRO C 264 7.19 -4.86 9.72
CA PRO C 264 8.14 -5.32 8.69
C PRO C 264 7.43 -5.66 7.39
N LEU C 265 8.07 -5.29 6.28
CA LEU C 265 7.55 -5.53 4.95
C LEU C 265 8.45 -6.53 4.25
N ILE C 266 7.92 -7.72 3.96
CA ILE C 266 8.67 -8.81 3.34
C ILE C 266 8.28 -8.88 1.88
N VAL C 267 9.28 -8.98 1.01
CA VAL C 267 9.06 -9.11 -0.43
C VAL C 267 9.53 -10.49 -0.84
N CYS C 268 8.59 -11.33 -1.28
CA CYS C 268 8.90 -12.67 -1.77
C CYS C 268 9.03 -12.57 -3.28
N ALA C 269 10.28 -12.61 -3.77
CA ALA C 269 10.52 -12.43 -5.17
C ALA C 269 11.69 -13.30 -5.62
N PRO C 270 11.56 -14.01 -6.73
CA PRO C 270 12.67 -14.83 -7.24
C PRO C 270 13.85 -13.99 -7.71
N MET C 271 14.93 -14.65 -8.11
CA MET C 271 16.14 -13.96 -8.53
C MET C 271 16.10 -13.50 -9.99
N PHE C 272 15.14 -13.97 -10.78
CA PHE C 272 15.05 -13.54 -12.17
C PHE C 272 14.26 -12.25 -12.34
N LYS C 273 13.77 -11.67 -11.24
CA LYS C 273 13.08 -10.39 -11.28
C LYS C 273 14.02 -9.23 -10.96
N LEU C 274 15.32 -9.48 -10.89
CA LEU C 274 16.31 -8.44 -10.62
C LEU C 274 16.70 -7.78 -11.95
N SER C 275 16.47 -6.47 -12.05
CA SER C 275 16.82 -5.72 -13.25
C SER C 275 17.92 -4.73 -12.94
N PRO C 276 19.00 -4.70 -13.71
CA PRO C 276 20.11 -3.81 -13.41
C PRO C 276 19.87 -2.35 -13.75
N GLN C 277 18.63 -1.97 -14.07
CA GLN C 277 18.31 -0.59 -14.41
C GLN C 277 17.96 0.20 -13.17
N PHE C 278 18.19 1.50 -13.24
CA PHE C 278 17.89 2.43 -12.16
C PHE C 278 16.58 3.15 -12.43
N PRO C 279 15.92 3.69 -11.40
CA PRO C 279 14.58 4.24 -11.59
C PRO C 279 14.51 5.54 -12.36
N ASN C 280 15.61 5.97 -12.97
CA ASN C 280 15.61 7.26 -13.66
C ASN C 280 14.89 7.22 -15.01
N GLU C 281 14.48 6.04 -15.50
CA GLU C 281 13.58 5.97 -16.65
C GLU C 281 12.13 5.99 -16.16
N GLU C 282 11.71 7.16 -15.69
CA GLU C 282 10.38 7.30 -15.11
C GLU C 282 9.29 7.32 -16.17
N ASP C 283 9.61 7.75 -17.40
CA ASP C 283 8.59 7.90 -18.43
C ASP C 283 7.94 6.57 -18.77
N SER C 284 8.75 5.54 -19.00
CA SER C 284 8.25 4.21 -19.35
C SER C 284 8.12 3.29 -18.14
N PHE C 285 8.34 3.82 -16.93
CA PHE C 285 8.30 2.97 -15.74
C PHE C 285 6.93 2.35 -15.53
N HIS C 286 5.89 3.17 -15.53
CA HIS C 286 4.53 2.70 -15.35
C HIS C 286 3.96 2.23 -16.68
N LYS C 287 3.02 1.30 -16.60
CA LYS C 287 2.29 0.84 -17.78
C LYS C 287 0.90 1.44 -17.73
N PHE C 288 0.65 2.42 -18.59
CA PHE C 288 -0.64 3.07 -18.67
C PHE C 288 -1.54 2.31 -19.63
N VAL C 289 -2.73 1.94 -19.17
CA VAL C 289 -3.66 1.14 -19.96
C VAL C 289 -4.91 1.96 -20.22
N ALA C 290 -5.87 1.37 -20.92
CA ALA C 290 -7.08 2.10 -21.29
C ALA C 290 -7.81 2.59 -20.03
N PRO C 291 -8.29 3.84 -20.03
CA PRO C 291 -9.04 4.35 -18.88
C PRO C 291 -10.43 3.77 -18.72
N GLU C 292 -10.79 2.74 -19.51
CA GLU C 292 -12.09 2.10 -19.36
C GLU C 292 -12.26 1.47 -17.99
N GLU C 293 -11.18 0.90 -17.44
CA GLU C 293 -11.27 0.25 -16.14
C GLU C 293 -11.59 1.26 -15.03
N VAL C 294 -10.98 2.44 -15.10
CA VAL C 294 -11.20 3.44 -14.07
C VAL C 294 -12.54 4.14 -14.26
N LEU C 295 -12.76 4.69 -15.45
CA LEU C 295 -13.99 5.41 -15.77
C LEU C 295 -14.62 4.77 -17.00
N PRO C 296 -15.80 4.18 -16.88
CA PRO C 296 -16.40 3.48 -18.03
C PRO C 296 -16.78 4.42 -19.15
N PHE C 297 -16.83 3.85 -20.36
CA PHE C 297 -17.18 4.61 -21.55
C PHE C 297 -18.61 5.13 -21.53
N THR C 298 -19.45 4.60 -20.65
CA THR C 298 -20.86 4.98 -20.59
C THR C 298 -21.10 6.24 -19.78
N GLU C 299 -20.04 6.90 -19.30
CA GLU C 299 -20.22 8.14 -18.55
C GLU C 299 -20.82 9.23 -19.43
N GLY C 300 -20.38 9.34 -20.67
CA GLY C 300 -20.98 10.26 -21.61
C GLY C 300 -20.17 11.47 -21.98
N ASP C 301 -20.77 12.65 -21.89
CA ASP C 301 -20.14 13.87 -22.38
C ASP C 301 -18.97 14.31 -21.50
N ILE C 302 -19.01 14.00 -20.21
CA ILE C 302 -17.94 14.43 -19.31
C ILE C 302 -16.60 13.82 -19.70
N LEU C 303 -16.60 12.73 -20.44
CA LEU C 303 -15.35 12.13 -20.91
C LEU C 303 -14.61 13.02 -21.89
N GLU C 304 -15.29 14.02 -22.46
CA GLU C 304 -14.64 14.90 -23.43
C GLU C 304 -13.63 15.81 -22.76
N LYS C 305 -13.85 16.20 -21.51
CA LYS C 305 -13.00 17.17 -20.84
C LYS C 305 -12.17 16.58 -19.71
N VAL C 306 -12.46 15.37 -19.27
CA VAL C 306 -11.80 14.77 -18.11
C VAL C 306 -10.59 13.97 -18.59
N SER C 307 -9.46 14.14 -17.90
CA SER C 307 -8.26 13.35 -18.14
C SER C 307 -8.23 12.21 -17.13
N VAL C 308 -8.22 10.98 -17.64
CA VAL C 308 -8.22 9.78 -16.81
C VAL C 308 -6.92 9.02 -17.07
N HIS C 309 -6.22 8.68 -15.99
CA HIS C 309 -4.96 7.96 -16.07
C HIS C 309 -5.06 6.70 -15.23
N CYS C 310 -4.64 5.57 -15.81
CA CYS C 310 -4.74 4.26 -15.16
C CYS C 310 -3.38 3.58 -15.22
N PRO C 311 -2.46 3.97 -14.34
CA PRO C 311 -1.20 3.22 -14.23
C PRO C 311 -1.41 1.92 -13.46
N VAL C 312 -0.70 0.88 -13.88
CA VAL C 312 -0.80 -0.43 -13.23
C VAL C 312 0.42 -0.75 -12.39
N PHE C 313 1.48 0.04 -12.47
CA PHE C 313 2.68 -0.17 -11.67
C PHE C 313 3.11 1.13 -11.02
N ASP C 314 3.87 1.01 -9.94
CA ASP C 314 4.37 2.15 -9.20
C ASP C 314 5.71 1.80 -8.57
N TYR C 315 6.41 2.84 -8.16
CA TYR C 315 7.79 2.75 -7.68
C TYR C 315 7.81 2.80 -6.16
N VAL C 316 8.49 1.84 -5.55
CA VAL C 316 8.63 1.74 -4.10
C VAL C 316 10.10 1.94 -3.75
N PRO C 317 10.45 2.96 -2.98
CA PRO C 317 11.87 3.20 -2.68
C PRO C 317 12.41 2.10 -1.79
N PRO C 318 13.73 1.85 -1.83
CA PRO C 318 14.30 0.76 -1.03
C PRO C 318 14.19 0.96 0.47
N GLU C 319 14.04 2.20 0.95
CA GLU C 319 14.02 2.44 2.39
C GLU C 319 12.74 1.96 3.05
N LEU C 320 11.70 1.64 2.28
CA LEU C 320 10.44 1.14 2.81
C LEU C 320 10.38 -0.38 2.86
N ILE C 321 11.46 -1.06 2.47
CA ILE C 321 11.50 -2.51 2.37
C ILE C 321 12.36 -3.05 3.49
N THR C 322 11.86 -4.06 4.19
CA THR C 322 12.59 -4.64 5.32
C THR C 322 13.45 -5.83 4.90
N LEU C 323 12.90 -6.74 4.09
CA LEU C 323 13.61 -7.97 3.77
C LEU C 323 13.25 -8.40 2.35
N PHE C 324 14.16 -9.17 1.75
CA PHE C 324 13.96 -9.78 0.44
C PHE C 324 14.11 -11.29 0.61
N ILE C 325 13.06 -12.03 0.30
CA ILE C 325 13.08 -13.49 0.35
C ILE C 325 13.13 -14.01 -1.07
N SER C 326 14.17 -14.78 -1.40
CA SER C 326 14.35 -15.35 -2.72
C SER C 326 14.79 -16.79 -2.58
N ASN C 327 14.97 -17.45 -3.72
CA ASN C 327 15.37 -18.85 -3.74
C ASN C 327 16.76 -19.09 -3.17
N ILE C 328 17.55 -18.03 -2.99
CA ILE C 328 18.87 -18.14 -2.37
C ILE C 328 18.84 -17.74 -0.90
N GLY C 329 17.66 -17.44 -0.35
CA GLY C 329 17.52 -17.13 1.06
C GLY C 329 17.02 -15.73 1.30
N GLY C 330 17.34 -15.23 2.49
CA GLY C 330 16.94 -13.89 2.89
C GLY C 330 18.07 -12.90 2.73
N ASN C 331 17.70 -11.65 2.45
CA ASN C 331 18.67 -10.59 2.25
C ASN C 331 18.06 -9.26 2.65
N ALA C 332 18.92 -8.28 2.82
CA ALA C 332 18.49 -6.91 3.08
C ALA C 332 18.52 -6.10 1.79
N PRO C 333 17.72 -5.04 1.70
CA PRO C 333 17.78 -4.19 0.49
C PRO C 333 19.12 -3.54 0.27
N SER C 334 19.95 -3.42 1.32
CA SER C 334 21.27 -2.83 1.19
C SER C 334 22.27 -3.74 0.47
N TYR C 335 21.94 -5.01 0.27
CA TYR C 335 22.84 -5.96 -0.38
C TYR C 335 22.53 -6.18 -1.85
N ILE C 336 21.47 -5.57 -2.37
CA ILE C 336 21.03 -5.84 -3.74
C ILE C 336 22.13 -5.49 -4.73
N TYR C 337 22.87 -4.40 -4.46
CA TYR C 337 23.96 -4.00 -5.34
C TYR C 337 24.94 -5.13 -5.59
N ARG C 338 25.15 -5.99 -4.58
CA ARG C 338 26.05 -7.12 -4.77
C ARG C 338 25.43 -8.17 -5.68
N LEU C 339 24.15 -8.50 -5.46
CA LEU C 339 23.53 -9.61 -6.17
C LEU C 339 23.56 -9.37 -7.68
N MET C 340 23.18 -8.18 -8.12
CA MET C 340 23.23 -7.86 -9.54
C MET C 340 24.65 -7.85 -10.06
N SER C 341 25.62 -7.45 -9.23
CA SER C 341 27.01 -7.52 -9.64
C SER C 341 27.43 -8.96 -9.89
N GLU C 342 26.75 -9.93 -9.29
CA GLU C 342 27.00 -11.34 -9.54
C GLU C 342 26.15 -11.91 -10.67
N LEU C 343 25.21 -11.13 -11.21
CA LEU C 343 24.29 -11.61 -12.23
C LEU C 343 24.50 -10.97 -13.58
N TYR C 344 24.79 -9.67 -13.62
CA TYR C 344 24.91 -8.93 -14.87
C TYR C 344 26.24 -8.19 -14.91
N HIS C 345 26.73 -7.97 -16.12
CA HIS C 345 27.94 -7.22 -16.38
C HIS C 345 27.62 -5.75 -16.62
N PRO C 346 28.44 -4.82 -16.10
CA PRO C 346 28.09 -3.40 -16.22
C PRO C 346 27.92 -2.90 -17.65
N ASP C 347 28.64 -3.47 -18.61
CA ASP C 347 28.48 -3.04 -19.99
C ASP C 347 27.24 -3.60 -20.66
N ASP C 348 26.53 -4.51 -20.01
CA ASP C 348 25.31 -5.09 -20.56
C ASP C 348 24.04 -4.42 -20.04
N HIS C 349 24.18 -3.38 -19.20
CA HIS C 349 23.01 -2.70 -18.68
C HIS C 349 22.26 -1.97 -19.79
N VAL C 350 22.98 -1.26 -20.67
CA VAL C 350 22.33 -0.52 -21.73
C VAL C 350 21.81 -1.45 -22.82
N LEU C 351 22.43 -2.62 -22.98
CA LEU C 351 22.05 -3.61 -23.99
C LEU C 351 22.12 -3.03 -25.40
N SER D 9 -5.84 21.19 70.05
CA SER D 9 -4.55 20.74 69.52
C SER D 9 -4.72 19.45 68.73
N GLU D 10 -5.97 18.99 68.59
CA GLU D 10 -6.23 17.80 67.79
C GLU D 10 -5.85 18.01 66.33
N LEU D 11 -6.16 19.19 65.78
CA LEU D 11 -5.79 19.49 64.41
C LEU D 11 -4.27 19.52 64.25
N SER D 12 -3.56 20.10 65.23
CA SER D 12 -2.11 20.15 65.14
C SER D 12 -1.50 18.75 65.15
N GLU D 13 -2.00 17.87 66.01
CA GLU D 13 -1.47 16.51 66.04
C GLU D 13 -1.84 15.74 64.78
N ARG D 14 -3.03 16.00 64.21
CA ARG D 14 -3.38 15.38 62.94
C ARG D 14 -2.43 15.83 61.83
N ILE D 15 -2.12 17.12 61.79
CA ILE D 15 -1.19 17.64 60.79
C ILE D 15 0.19 17.02 60.97
N GLU D 16 0.65 16.92 62.23
CA GLU D 16 1.97 16.34 62.49
C GLU D 16 2.01 14.87 62.07
N SER D 17 0.94 14.12 62.37
CA SER D 17 0.90 12.72 61.97
C SER D 17 0.89 12.58 60.45
N PHE D 18 0.14 13.46 59.77
CA PHE D 18 0.13 13.42 58.31
C PHE D 18 1.51 13.71 57.73
N VAL D 19 2.20 14.71 58.28
CA VAL D 19 3.53 15.06 57.79
C VAL D 19 4.51 13.91 58.03
N GLU D 20 4.45 13.31 59.23
CA GLU D 20 5.34 12.19 59.52
C GLU D 20 5.06 11.01 58.62
N THR D 21 3.79 10.72 58.35
CA THR D 21 3.45 9.62 57.44
C THR D 21 3.96 9.90 56.04
N LEU D 22 3.82 11.16 55.58
CA LEU D 22 4.36 11.51 54.27
C LEU D 22 5.88 11.34 54.23
N LYS D 23 6.56 11.74 55.30
CA LYS D 23 8.02 11.68 55.30
C LYS D 23 8.53 10.24 55.33
N ARG D 24 7.99 9.42 56.23
CA ARG D 24 8.52 8.08 56.41
C ARG D 24 8.03 7.12 55.33
N GLY D 25 6.72 6.89 55.27
CA GLY D 25 6.17 5.94 54.31
C GLY D 25 4.68 6.09 54.13
N GLY D 26 4.21 5.93 52.90
CA GLY D 26 2.82 6.15 52.58
C GLY D 26 1.84 5.29 53.35
N GLY D 27 1.06 5.92 54.23
CA GLY D 27 -0.01 5.26 54.93
C GLY D 27 -1.16 4.95 54.01
N PRO D 28 -1.81 6.00 53.49
CA PRO D 28 -2.81 5.79 52.44
C PRO D 28 -2.17 5.36 51.13
N ARG D 29 -2.34 4.09 50.78
CA ARG D 29 -1.65 3.54 49.61
C ARG D 29 -2.17 4.15 48.32
N SER D 30 -3.49 4.26 48.19
CA SER D 30 -4.08 4.80 46.98
C SER D 30 -4.01 6.32 46.97
N SER D 31 -3.82 6.88 45.77
CA SER D 31 -3.76 8.34 45.64
C SER D 31 -5.08 9.00 45.99
N GLU D 32 -6.20 8.32 45.73
CA GLU D 32 -7.50 8.86 46.10
C GLU D 32 -7.62 9.01 47.61
N GLU D 33 -7.11 8.04 48.36
CA GLU D 33 -7.10 8.15 49.82
C GLU D 33 -6.26 9.34 50.27
N MET D 34 -5.11 9.55 49.64
CA MET D 34 -4.28 10.70 49.96
C MET D 34 -5.02 12.01 49.68
N ALA D 35 -5.69 12.09 48.54
CA ALA D 35 -6.45 13.30 48.21
C ALA D 35 -7.57 13.54 49.21
N ARG D 36 -8.29 12.48 49.59
CA ARG D 36 -9.38 12.63 50.55
C ARG D 36 -8.84 13.07 51.92
N GLU D 37 -7.72 12.48 52.35
CA GLU D 37 -7.13 12.88 53.62
C GLU D 37 -6.69 14.34 53.59
N THR D 38 -6.07 14.76 52.49
CA THR D 38 -5.65 16.15 52.37
C THR D 38 -6.84 17.09 52.39
N LEU D 39 -7.92 16.73 51.69
CA LEU D 39 -9.11 17.57 51.68
C LEU D 39 -9.75 17.66 53.07
N GLY D 40 -9.81 16.54 53.78
CA GLY D 40 -10.35 16.58 55.13
C GLY D 40 -9.51 17.40 56.07
N LEU D 41 -8.18 17.27 55.97
CA LEU D 41 -7.28 18.08 56.80
C LEU D 41 -7.44 19.56 56.50
N LEU D 42 -7.55 19.92 55.22
CA LEU D 42 -7.74 21.31 54.85
C LEU D 42 -9.08 21.84 55.35
N ARG D 43 -10.12 21.01 55.28
CA ARG D 43 -11.42 21.42 55.82
C ARG D 43 -11.34 21.67 57.32
N GLN D 44 -10.66 20.79 58.05
CA GLN D 44 -10.50 20.99 59.48
C GLN D 44 -9.68 22.24 59.78
N ILE D 45 -8.66 22.51 58.96
CA ILE D 45 -7.88 23.73 59.13
C ILE D 45 -8.76 24.96 58.93
N ILE D 46 -9.60 24.94 57.90
CA ILE D 46 -10.47 26.07 57.62
C ILE D 46 -11.45 26.30 58.76
N THR D 47 -12.03 25.21 59.26
CA THR D 47 -13.07 25.34 60.29
C THR D 47 -12.47 25.73 61.64
N ASP D 48 -11.49 24.96 62.12
CA ASP D 48 -11.01 25.14 63.49
C ASP D 48 -10.22 26.43 63.65
N HIS D 49 -9.29 26.71 62.74
CA HIS D 49 -8.50 27.93 62.84
C HIS D 49 -9.40 29.15 62.72
N ARG D 50 -9.05 30.18 63.48
CA ARG D 50 -9.81 31.42 63.51
C ARG D 50 -9.17 32.44 62.56
N TRP D 51 -9.94 32.87 61.58
CA TRP D 51 -9.48 33.86 60.60
C TRP D 51 -10.63 34.81 60.32
N SER D 52 -10.31 36.09 60.17
CA SER D 52 -11.31 37.10 59.83
C SER D 52 -11.38 37.32 58.33
N ASN D 53 -10.26 37.65 57.70
CA ASN D 53 -10.25 37.98 56.29
C ASN D 53 -9.92 36.76 55.44
N ALA D 54 -10.10 36.90 54.12
CA ALA D 54 -9.76 35.82 53.21
C ALA D 54 -8.25 35.72 52.97
N GLY D 55 -7.54 36.85 53.01
CA GLY D 55 -6.11 36.82 52.75
C GLY D 55 -5.33 36.06 53.79
N GLU D 56 -5.69 36.24 55.07
CA GLU D 56 -5.02 35.50 56.14
C GLU D 56 -5.32 34.01 56.03
N LEU D 57 -6.55 33.65 55.65
CA LEU D 57 -6.86 32.24 55.42
C LEU D 57 -6.01 31.68 54.29
N MET D 58 -5.85 32.44 53.21
CA MET D 58 -5.04 31.98 52.10
C MET D 58 -3.59 31.79 52.50
N GLU D 59 -3.04 32.74 53.28
CA GLU D 59 -1.64 32.62 53.68
C GLU D 59 -1.44 31.47 54.65
N LEU D 60 -2.42 31.22 55.53
CA LEU D 60 -2.34 30.06 56.42
C LEU D 60 -2.35 28.76 55.62
N ILE D 61 -3.30 28.65 54.68
CA ILE D 61 -3.36 27.46 53.84
C ILE D 61 -2.06 27.29 53.08
N ARG D 62 -1.48 28.40 52.60
CA ARG D 62 -0.19 28.34 51.92
C ARG D 62 0.89 27.81 52.85
N ARG D 63 0.88 28.21 54.11
CA ARG D 63 1.91 27.76 55.06
C ARG D 63 1.83 26.25 55.29
N GLU D 64 0.63 25.75 55.62
CA GLU D 64 0.51 24.30 55.82
C GLU D 64 0.76 23.53 54.53
N GLY D 65 0.33 24.08 53.38
CA GLY D 65 0.64 23.43 52.12
C GLY D 65 2.12 23.37 51.83
N ARG D 66 2.86 24.43 52.15
CA ARG D 66 4.30 24.42 51.99
C ARG D 66 4.93 23.36 52.88
N ARG D 67 4.48 23.26 54.13
CA ARG D 67 5.01 22.22 55.01
C ARG D 67 4.74 20.83 54.46
N MET D 68 3.50 20.58 54.03
CA MET D 68 3.14 19.24 53.55
C MET D 68 3.89 18.89 52.26
N THR D 69 4.07 19.86 51.37
CA THR D 69 4.80 19.60 50.14
C THR D 69 6.28 19.40 50.41
N ALA D 70 6.82 20.11 51.40
CA ALA D 70 8.23 19.91 51.77
C ALA D 70 8.42 18.55 52.45
N ALA D 71 7.36 18.01 53.04
CA ALA D 71 7.46 16.68 53.66
C ALA D 71 7.82 15.63 52.62
N GLN D 72 7.18 15.66 51.45
CA GLN D 72 7.47 14.71 50.39
C GLN D 72 7.17 15.33 49.03
N PRO D 73 8.18 15.89 48.34
CA PRO D 73 7.90 16.55 47.06
C PRO D 73 7.32 15.63 46.00
N SER D 74 7.69 14.34 46.02
CA SER D 74 7.22 13.42 44.99
C SER D 74 5.71 13.23 45.05
N GLU D 75 5.13 13.28 46.25
CA GLU D 75 3.70 13.14 46.43
C GLU D 75 3.03 14.47 46.12
N THR D 76 2.61 14.65 44.86
CA THR D 76 2.08 15.92 44.40
C THR D 76 0.59 16.09 44.64
N THR D 77 -0.12 15.04 45.05
CA THR D 77 -1.55 15.15 45.26
C THR D 77 -1.89 16.11 46.40
N VAL D 78 -1.03 16.16 47.42
CA VAL D 78 -1.25 17.09 48.54
C VAL D 78 -1.19 18.53 48.03
N GLY D 79 -0.17 18.85 47.25
CA GLY D 79 -0.07 20.19 46.68
C GLY D 79 -1.21 20.50 45.74
N ASN D 80 -1.65 19.51 44.96
CA ASN D 80 -2.78 19.71 44.07
C ASN D 80 -4.05 20.04 44.85
N MET D 81 -4.30 19.32 45.95
CA MET D 81 -5.46 19.62 46.77
C MET D 81 -5.35 21.00 47.43
N VAL D 82 -4.15 21.36 47.88
CA VAL D 82 -3.97 22.68 48.48
C VAL D 82 -4.27 23.78 47.46
N ARG D 83 -3.77 23.62 46.25
CA ARG D 83 -4.01 24.64 45.22
C ARG D 83 -5.47 24.66 44.78
N ARG D 84 -6.13 23.51 44.73
CA ARG D 84 -7.56 23.48 44.43
C ARG D 84 -8.35 24.22 45.49
N VAL D 85 -8.02 24.01 46.76
CA VAL D 85 -8.70 24.72 47.84
C VAL D 85 -8.43 26.22 47.75
N LEU D 86 -7.20 26.60 47.41
CA LEU D 86 -6.89 28.01 47.25
C LEU D 86 -7.71 28.64 46.12
N LYS D 87 -7.83 27.95 45.00
CA LYS D 87 -8.64 28.47 43.90
C LYS D 87 -10.11 28.54 44.27
N ILE D 88 -10.59 27.55 45.04
CA ILE D 88 -11.97 27.60 45.53
C ILE D 88 -12.18 28.83 46.40
N ILE D 89 -11.23 29.12 47.29
CA ILE D 89 -11.33 30.30 48.14
C ILE D 89 -11.35 31.56 47.29
N ARG D 90 -10.48 31.64 46.28
CA ARG D 90 -10.45 32.80 45.40
C ARG D 90 -11.78 32.98 44.68
N GLU D 91 -12.33 31.89 44.15
CA GLU D 91 -13.59 31.98 43.41
C GLU D 91 -14.73 32.42 44.32
N GLU D 92 -14.81 31.86 45.53
CA GLU D 92 -15.87 32.24 46.44
C GLU D 92 -15.74 33.69 46.88
N TYR D 93 -14.52 34.15 47.15
CA TYR D 93 -14.31 35.54 47.51
C TYR D 93 -14.71 36.47 46.36
N GLY D 94 -14.35 36.10 45.13
CA GLY D 94 -14.76 36.89 43.98
C GLY D 94 -16.26 36.92 43.80
N ARG D 95 -16.93 35.78 44.04
CA ARG D 95 -18.37 35.73 43.93
C ARG D 95 -19.05 36.62 44.97
N LEU D 96 -18.55 36.59 46.21
CA LEU D 96 -19.13 37.36 47.29
C LEU D 96 -18.62 38.81 47.33
N HIS D 97 -17.68 39.17 46.47
CA HIS D 97 -17.12 40.51 46.46
C HIS D 97 -17.39 41.29 45.19
N GLY D 98 -17.44 40.62 44.04
CA GLY D 98 -17.70 41.30 42.78
C GLY D 98 -17.23 40.52 41.57
N GLN D 106 -6.21 34.11 34.68
CA GLN D 106 -6.94 34.54 33.49
C GLN D 106 -6.15 35.55 32.68
N GLU D 107 -4.86 35.26 32.48
CA GLU D 107 -3.99 36.14 31.70
C GLU D 107 -4.25 35.89 30.22
N SER D 108 -4.89 36.85 29.55
CA SER D 108 -5.25 36.70 28.15
C SER D 108 -5.03 38.01 27.43
N LEU D 109 -4.92 37.93 26.10
CA LEU D 109 -4.88 39.13 25.28
C LEU D 109 -6.14 39.97 25.46
N HIS D 110 -7.29 39.29 25.62
CA HIS D 110 -8.55 40.00 25.84
C HIS D 110 -8.50 40.81 27.13
N LYS D 111 -7.93 40.24 28.20
CA LYS D 111 -7.83 40.97 29.46
C LYS D 111 -6.84 42.13 29.34
N LEU D 112 -5.73 41.93 28.64
CA LEU D 112 -4.76 43.01 28.45
C LEU D 112 -5.37 44.17 27.69
N LEU D 113 -6.14 43.88 26.63
CA LEU D 113 -6.75 44.96 25.86
C LEU D 113 -7.89 45.62 26.63
N THR D 114 -8.73 44.83 27.31
CA THR D 114 -9.87 45.38 28.02
C THR D 114 -9.44 46.13 29.26
N SER D 115 -8.55 45.55 30.04
CA SER D 115 -8.09 46.17 31.29
C SER D 115 -6.74 45.64 31.71
N ASP D 121 -6.86 42.79 45.76
CA ASP D 121 -8.24 43.19 46.00
C ASP D 121 -8.85 42.39 47.15
N PHE D 122 -7.98 41.84 47.99
CA PHE D 122 -8.41 41.04 49.14
C PHE D 122 -8.55 41.95 50.36
N SER D 123 -8.62 41.35 51.55
CA SER D 123 -8.73 42.06 52.83
C SER D 123 -10.10 42.71 53.00
N PHE D 124 -11.14 42.02 52.50
CA PHE D 124 -12.53 42.35 52.80
C PHE D 124 -13.17 41.18 53.52
N HIS D 125 -14.17 41.49 54.35
CA HIS D 125 -14.80 40.49 55.20
C HIS D 125 -16.21 40.19 54.73
N TYR D 126 -16.56 38.90 54.70
CA TYR D 126 -17.91 38.45 54.36
C TYR D 126 -18.26 37.30 55.31
N ALA D 127 -19.40 37.43 56.00
CA ALA D 127 -19.72 36.48 57.07
C ALA D 127 -20.04 35.10 56.53
N GLN D 128 -20.68 35.00 55.37
CA GLN D 128 -21.17 33.74 54.86
C GLN D 128 -20.18 33.03 53.94
N LEU D 129 -18.94 33.51 53.87
CA LEU D 129 -17.95 32.89 53.00
C LEU D 129 -17.62 31.47 53.44
N GLN D 130 -17.52 31.24 54.75
CA GLN D 130 -17.06 29.95 55.25
C GLN D 130 -17.98 28.81 54.82
N SER D 131 -19.30 29.03 54.88
CA SER D 131 -20.23 27.99 54.44
C SER D 131 -20.06 27.66 52.97
N ASN D 132 -19.84 28.69 52.14
CA ASN D 132 -19.61 28.46 50.72
C ASN D 132 -18.33 27.66 50.49
N ILE D 133 -17.27 27.99 51.23
CA ILE D 133 -16.02 27.23 51.11
C ILE D 133 -16.25 25.78 51.50
N ILE D 134 -16.98 25.56 52.59
CA ILE D 134 -17.20 24.20 53.09
C ILE D 134 -18.01 23.39 52.08
N GLU D 135 -19.07 23.99 51.51
CA GLU D 135 -19.89 23.25 50.56
C GLU D 135 -19.13 22.99 49.26
N ALA D 136 -18.28 23.93 48.84
CA ALA D 136 -17.44 23.69 47.68
C ALA D 136 -16.48 22.54 47.92
N ILE D 137 -15.87 22.48 49.11
CA ILE D 137 -14.99 21.36 49.43
C ILE D 137 -15.76 20.05 49.46
N ASN D 138 -16.99 20.07 49.99
CA ASN D 138 -17.79 18.85 50.06
C ASN D 138 -18.16 18.36 48.67
N GLU D 139 -18.56 19.25 47.76
CA GLU D 139 -18.87 18.81 46.41
C GLU D 139 -17.62 18.37 45.67
N LEU D 140 -16.47 18.97 45.96
CA LEU D 140 -15.22 18.47 45.41
C LEU D 140 -14.95 17.05 45.87
N LEU D 141 -15.21 16.76 47.15
CA LEU D 141 -15.04 15.40 47.65
C LEU D 141 -16.01 14.43 46.98
N VAL D 142 -17.26 14.87 46.79
CA VAL D 142 -18.25 14.01 46.13
C VAL D 142 -17.80 13.69 44.70
N GLU D 143 -17.30 14.69 43.98
CA GLU D 143 -16.75 14.43 42.65
C GLU D 143 -15.55 13.49 42.73
N LEU D 144 -14.70 13.66 43.75
CA LEU D 144 -13.55 12.80 43.93
C LEU D 144 -13.94 11.35 44.14
N GLU D 145 -15.09 11.10 44.76
CA GLU D 145 -15.48 9.73 45.09
C GLU D 145 -15.69 8.88 43.83
N GLY D 146 -16.31 9.46 42.79
CA GLY D 146 -16.72 8.67 41.64
C GLY D 146 -15.89 8.80 40.38
N THR D 147 -14.61 9.17 40.51
CA THR D 147 -13.76 9.33 39.34
C THR D 147 -13.50 7.99 38.65
N MET D 148 -13.10 6.98 39.44
CA MET D 148 -12.77 5.68 38.87
C MET D 148 -13.97 5.05 38.19
N GLU D 149 -15.17 5.26 38.77
CA GLU D 149 -16.37 4.75 38.14
C GLU D 149 -16.61 5.38 36.77
N ASN D 150 -16.38 6.69 36.64
CA ASN D 150 -16.54 7.35 35.35
C ASN D 150 -15.53 6.84 34.33
N ILE D 151 -14.27 6.69 34.75
CA ILE D 151 -13.25 6.19 33.83
C ILE D 151 -13.60 4.78 33.38
N ALA D 152 -14.03 3.91 34.30
CA ALA D 152 -14.44 2.57 33.93
C ALA D 152 -15.64 2.61 32.99
N ALA D 153 -16.59 3.52 33.25
CA ALA D 153 -17.77 3.61 32.40
C ALA D 153 -17.40 3.96 30.97
N GLN D 154 -16.46 4.89 30.79
CA GLN D 154 -16.03 5.23 29.44
C GLN D 154 -14.97 4.30 28.89
N ALA D 155 -14.54 3.30 29.67
CA ALA D 155 -13.54 2.35 29.18
C ALA D 155 -14.00 1.62 27.92
N LEU D 156 -15.29 1.27 27.84
CA LEU D 156 -15.75 0.40 26.77
C LEU D 156 -15.66 1.02 25.38
N GLU D 157 -15.47 2.34 25.28
CA GLU D 157 -15.37 2.99 23.98
C GLU D 157 -13.99 2.87 23.36
N HIS D 158 -13.00 2.35 24.08
CA HIS D 158 -11.64 2.30 23.60
C HIS D 158 -11.08 0.89 23.42
N ILE D 159 -11.81 -0.14 23.84
CA ILE D 159 -11.38 -1.53 23.71
C ILE D 159 -12.31 -2.22 22.71
N HIS D 160 -11.71 -2.83 21.69
CA HIS D 160 -12.46 -3.66 20.76
C HIS D 160 -12.11 -5.13 20.98
N SER D 161 -12.91 -6.00 20.38
CA SER D 161 -12.77 -7.44 20.60
C SER D 161 -11.45 -7.94 20.05
N ASN D 162 -10.86 -8.91 20.76
CA ASN D 162 -9.60 -9.54 20.35
C ASN D 162 -8.47 -8.53 20.20
N GLU D 163 -8.43 -7.55 21.09
CA GLU D 163 -7.36 -6.57 21.12
C GLU D 163 -6.23 -7.07 22.01
N VAL D 164 -5.08 -6.40 21.90
CA VAL D 164 -3.91 -6.69 22.74
C VAL D 164 -3.50 -5.39 23.43
N ILE D 165 -3.49 -5.40 24.75
CA ILE D 165 -3.15 -4.23 25.55
C ILE D 165 -1.87 -4.51 26.30
N MET D 166 -1.11 -3.46 26.61
CA MET D 166 0.09 -3.56 27.41
C MET D 166 0.03 -2.58 28.57
N THR D 167 0.44 -3.05 29.74
CA THR D 167 0.43 -2.25 30.96
C THR D 167 1.77 -2.39 31.67
N ILE D 168 2.16 -1.33 32.36
CA ILE D 168 3.39 -1.30 33.15
C ILE D 168 3.01 -1.06 34.61
N GLY D 169 3.58 -1.86 35.51
CA GLY D 169 3.35 -1.68 36.92
C GLY D 169 1.93 -2.03 37.34
N PHE D 170 1.53 -1.48 38.47
CA PHE D 170 0.21 -1.71 39.06
C PHE D 170 -0.47 -0.37 39.28
N SER D 171 -1.63 -0.18 38.66
CA SER D 171 -2.45 1.00 38.86
C SER D 171 -3.91 0.58 38.98
N ARG D 172 -4.58 1.08 40.01
CA ARG D 172 -5.97 0.67 40.25
C ARG D 172 -6.91 1.19 39.17
N THR D 173 -6.65 2.39 38.65
CA THR D 173 -7.51 2.94 37.60
C THR D 173 -7.47 2.09 36.35
N VAL D 174 -6.28 1.65 35.93
CA VAL D 174 -6.17 0.84 34.72
C VAL D 174 -6.80 -0.53 34.93
N GLU D 175 -6.66 -1.11 36.12
CA GLU D 175 -7.27 -2.41 36.36
C GLU D 175 -8.79 -2.30 36.38
N ALA D 176 -9.34 -1.22 36.93
CA ALA D 176 -10.78 -0.99 36.86
C ALA D 176 -11.23 -0.81 35.41
N PHE D 177 -10.44 -0.06 34.64
CA PHE D 177 -10.68 0.12 33.21
C PHE D 177 -10.81 -1.24 32.52
N LEU D 178 -9.81 -2.09 32.73
CA LEU D 178 -9.78 -3.38 32.02
C LEU D 178 -10.87 -4.33 32.50
N LYS D 179 -11.13 -4.35 33.82
CA LYS D 179 -12.17 -5.24 34.32
C LYS D 179 -13.56 -4.81 33.88
N GLU D 180 -13.81 -3.50 33.75
CA GLU D 180 -15.09 -3.07 33.21
C GLU D 180 -15.18 -3.38 31.72
N ALA D 181 -14.07 -3.22 30.98
CA ALA D 181 -14.10 -3.54 29.56
C ALA D 181 -14.23 -5.03 29.31
N ALA D 182 -13.83 -5.87 30.27
CA ALA D 182 -13.81 -7.31 30.07
C ALA D 182 -15.18 -7.96 30.24
N ARG D 183 -16.17 -7.23 30.74
CA ARG D 183 -17.49 -7.82 30.93
C ARG D 183 -18.19 -8.08 29.59
N LYS D 184 -17.83 -7.33 28.55
CA LYS D 184 -18.49 -7.46 27.26
C LYS D 184 -17.53 -7.74 26.11
N ARG D 185 -16.22 -7.76 26.36
CA ARG D 185 -15.24 -7.98 25.31
C ARG D 185 -14.21 -9.00 25.77
N LYS D 186 -13.57 -9.66 24.79
CA LYS D 186 -12.48 -10.58 25.03
C LYS D 186 -11.21 -9.97 24.45
N PHE D 187 -10.17 -9.84 25.27
CA PHE D 187 -8.92 -9.25 24.83
C PHE D 187 -7.78 -9.81 25.67
N HIS D 188 -6.56 -9.62 25.17
CA HIS D 188 -5.35 -10.10 25.80
C HIS D 188 -4.63 -8.93 26.44
N VAL D 189 -4.08 -9.14 27.63
CA VAL D 189 -3.36 -8.12 28.39
C VAL D 189 -1.96 -8.64 28.68
N ILE D 190 -0.96 -7.80 28.45
CA ILE D 190 0.43 -8.11 28.76
C ILE D 190 0.92 -7.10 29.80
N VAL D 191 1.31 -7.59 30.97
CA VAL D 191 1.76 -6.75 32.06
C VAL D 191 3.27 -6.93 32.22
N ALA D 192 4.00 -5.83 32.16
CA ALA D 192 5.43 -5.84 32.39
C ALA D 192 5.69 -5.49 33.85
N GLU D 193 6.38 -6.36 34.57
CA GLU D 193 6.70 -6.11 35.96
C GLU D 193 7.57 -4.86 36.07
N CYS D 194 7.33 -4.08 37.11
CA CYS D 194 8.03 -2.80 37.31
C CYS D 194 9.14 -3.02 38.33
N ALA D 195 10.27 -3.56 37.85
CA ALA D 195 11.39 -3.84 38.73
C ALA D 195 11.94 -2.53 39.30
N PRO D 196 12.48 -2.55 40.53
CA PRO D 196 12.61 -3.69 41.44
C PRO D 196 11.30 -4.08 42.14
N PHE D 197 10.44 -3.10 42.42
CA PHE D 197 9.18 -3.35 43.11
C PHE D 197 8.22 -3.99 42.10
N CYS D 198 8.35 -5.31 41.94
CA CYS D 198 7.63 -6.00 40.89
C CYS D 198 6.15 -6.09 41.23
N GLN D 199 5.44 -4.97 41.09
CA GLN D 199 4.02 -4.90 41.39
C GLN D 199 3.15 -5.28 40.21
N GLY D 200 3.73 -5.48 39.02
CA GLY D 200 2.97 -5.97 37.89
C GLY D 200 2.48 -7.38 38.07
N HIS D 201 3.16 -8.18 38.91
CA HIS D 201 2.69 -9.52 39.20
C HIS D 201 1.33 -9.49 39.89
N GLU D 202 1.16 -8.57 40.85
CA GLU D 202 -0.11 -8.46 41.55
C GLU D 202 -1.24 -8.08 40.60
N MET D 203 -0.98 -7.12 39.70
CA MET D 203 -2.01 -6.73 38.75
C MET D 203 -2.34 -7.87 37.80
N ALA D 204 -1.31 -8.61 37.35
CA ALA D 204 -1.56 -9.74 36.46
C ALA D 204 -2.39 -10.81 37.16
N VAL D 205 -2.11 -11.09 38.43
CA VAL D 205 -2.90 -12.07 39.17
C VAL D 205 -4.33 -11.58 39.34
N ASN D 206 -4.50 -10.29 39.66
CA ASN D 206 -5.85 -9.75 39.84
C ASN D 206 -6.65 -9.84 38.54
N LEU D 207 -6.03 -9.53 37.41
CA LEU D 207 -6.74 -9.60 36.14
C LEU D 207 -7.02 -11.05 35.74
N SER D 208 -6.08 -11.96 36.03
CA SER D 208 -6.30 -13.37 35.72
C SER D 208 -7.45 -13.93 36.55
N LYS D 209 -7.60 -13.48 37.79
CA LYS D 209 -8.74 -13.89 38.61
C LYS D 209 -10.07 -13.43 38.04
N ALA D 210 -10.07 -12.48 37.10
CA ALA D 210 -11.26 -12.07 36.40
C ALA D 210 -11.36 -12.68 35.01
N GLY D 211 -10.46 -13.61 34.67
CA GLY D 211 -10.51 -14.28 33.38
C GLY D 211 -10.27 -13.37 32.19
N ILE D 212 -9.24 -12.52 32.27
CA ILE D 212 -8.95 -11.57 31.21
C ILE D 212 -7.77 -12.00 30.35
N GLU D 213 -7.28 -13.23 30.52
CA GLU D 213 -6.27 -13.83 29.65
C GLU D 213 -5.01 -12.97 29.61
N THR D 214 -4.35 -12.91 30.77
CA THR D 214 -3.20 -12.04 30.96
C THR D 214 -1.89 -12.79 30.79
N THR D 215 -0.82 -12.02 30.64
CA THR D 215 0.54 -12.53 30.49
C THR D 215 1.48 -11.64 31.29
N VAL D 216 2.51 -12.23 31.88
CA VAL D 216 3.48 -11.51 32.70
C VAL D 216 4.84 -11.55 32.01
N MET D 217 5.48 -10.39 31.91
CA MET D 217 6.82 -10.33 31.34
C MET D 217 7.67 -9.34 32.14
N THR D 218 8.97 -9.38 31.90
CA THR D 218 9.88 -8.41 32.47
C THR D 218 9.93 -7.15 31.61
N ASP D 219 10.61 -6.12 32.13
CA ASP D 219 10.76 -4.88 31.38
C ASP D 219 11.53 -5.08 30.09
N ALA D 220 12.58 -5.92 30.15
CA ALA D 220 13.47 -6.10 29.00
C ALA D 220 12.73 -6.56 27.75
N ALA D 221 11.57 -7.22 27.91
CA ALA D 221 10.84 -7.75 26.77
C ALA D 221 9.92 -6.73 26.13
N ILE D 222 9.81 -5.52 26.68
CA ILE D 222 8.82 -4.55 26.20
C ILE D 222 8.99 -4.32 24.70
N PHE D 223 10.15 -3.77 24.30
CA PHE D 223 10.39 -3.52 22.88
C PHE D 223 10.36 -4.80 22.06
N ALA D 224 10.59 -5.95 22.70
CA ALA D 224 10.54 -7.20 21.97
C ALA D 224 9.13 -7.52 21.49
N VAL D 225 8.11 -7.16 22.27
CA VAL D 225 6.75 -7.57 21.98
C VAL D 225 5.83 -6.42 21.61
N MET D 226 6.29 -5.17 21.67
CA MET D 226 5.46 -4.05 21.28
C MET D 226 5.00 -4.14 19.82
N SER D 227 5.74 -4.86 18.97
CA SER D 227 5.33 -5.01 17.59
C SER D 227 4.04 -5.81 17.45
N ARG D 228 3.63 -6.54 18.49
CA ARG D 228 2.41 -7.33 18.46
C ARG D 228 1.33 -6.78 19.40
N VAL D 229 1.47 -5.55 19.87
CA VAL D 229 0.53 -4.94 20.80
C VAL D 229 -0.24 -3.86 20.08
N ASN D 230 -1.57 -3.86 20.24
CA ASN D 230 -2.41 -2.92 19.52
C ASN D 230 -2.40 -1.54 20.15
N LYS D 231 -2.45 -1.46 21.47
CA LYS D 231 -2.40 -0.18 22.16
C LYS D 231 -1.90 -0.37 23.58
N VAL D 232 -1.44 0.72 24.18
CA VAL D 232 -0.87 0.71 25.52
C VAL D 232 -1.73 1.58 26.42
N ILE D 233 -2.14 1.03 27.56
CA ILE D 233 -2.92 1.76 28.55
C ILE D 233 -2.13 1.76 29.85
N ILE D 234 -1.84 2.95 30.37
CA ILE D 234 -1.01 3.10 31.55
C ILE D 234 -1.63 4.12 32.50
N GLY D 235 -1.21 4.05 33.75
CA GLY D 235 -1.50 5.08 34.73
C GLY D 235 -0.33 6.05 34.88
N THR D 236 -0.46 6.93 35.87
CA THR D 236 0.58 7.91 36.10
C THR D 236 0.51 8.37 37.55
N LYS D 237 1.59 9.01 37.99
CA LYS D 237 1.65 9.61 39.32
C LYS D 237 1.34 11.10 39.31
N THR D 238 1.70 11.81 38.25
CA THR D 238 1.49 13.24 38.16
C THR D 238 1.50 13.65 36.69
N ILE D 239 0.59 14.56 36.34
CA ILE D 239 0.55 15.16 35.01
C ILE D 239 1.01 16.60 35.14
N LEU D 240 2.03 16.98 34.37
CA LEU D 240 2.63 18.30 34.48
C LEU D 240 1.85 19.32 33.64
N ALA D 241 2.36 20.55 33.62
CA ALA D 241 1.63 21.64 32.98
C ALA D 241 1.58 21.50 31.46
N ASN D 242 2.65 20.99 30.85
CA ASN D 242 2.73 20.88 29.40
C ASN D 242 2.19 19.56 28.87
N GLY D 243 1.60 18.74 29.74
CA GLY D 243 1.12 17.43 29.34
C GLY D 243 2.11 16.31 29.56
N ALA D 244 3.26 16.58 30.17
CA ALA D 244 4.24 15.54 30.45
C ALA D 244 3.75 14.68 31.61
N LEU D 245 4.44 13.55 31.82
CA LEU D 245 4.05 12.59 32.82
C LEU D 245 5.18 12.33 33.79
N ARG D 246 4.84 12.15 35.06
CA ARG D 246 5.71 11.54 36.06
C ARG D 246 5.12 10.17 36.37
N ALA D 247 5.73 9.12 35.85
CA ALA D 247 5.20 7.78 35.95
C ALA D 247 6.21 6.88 36.65
N VAL D 248 5.89 5.58 36.74
CA VAL D 248 6.83 4.63 37.31
C VAL D 248 8.02 4.47 36.37
N THR D 249 9.16 4.09 36.94
CA THR D 249 10.36 3.89 36.13
C THR D 249 10.14 2.79 35.10
N GLY D 250 10.58 3.06 33.87
CA GLY D 250 10.34 2.17 32.75
C GLY D 250 9.24 2.63 31.83
N THR D 251 8.48 3.65 32.22
CA THR D 251 7.41 4.16 31.37
C THR D 251 7.94 4.96 30.20
N HIS D 252 9.09 5.63 30.36
CA HIS D 252 9.66 6.38 29.24
C HIS D 252 10.09 5.44 28.12
N THR D 253 10.72 4.31 28.47
CA THR D 253 11.06 3.32 27.45
C THR D 253 9.81 2.76 26.78
N LEU D 254 8.77 2.53 27.58
CA LEU D 254 7.51 2.03 27.04
C LEU D 254 6.92 3.02 26.03
N ALA D 255 6.92 4.30 26.38
CA ALA D 255 6.39 5.32 25.47
C ALA D 255 7.26 5.45 24.22
N LEU D 256 8.57 5.33 24.38
CA LEU D 256 9.46 5.38 23.22
C LEU D 256 9.19 4.22 22.27
N ALA D 257 9.02 3.01 22.81
CA ALA D 257 8.70 1.86 21.97
C ALA D 257 7.34 2.04 21.29
N ALA D 258 6.34 2.55 22.02
CA ALA D 258 5.04 2.78 21.43
C ALA D 258 5.12 3.80 20.29
N LYS D 259 5.89 4.87 20.49
CA LYS D 259 6.08 5.86 19.44
C LYS D 259 6.80 5.24 18.24
N HIS D 260 7.78 4.38 18.49
CA HIS D 260 8.48 3.71 17.40
C HIS D 260 7.54 2.85 16.58
N HIS D 261 6.64 2.13 17.24
CA HIS D 261 5.67 1.29 16.53
C HIS D 261 4.34 2.00 16.29
N SER D 262 4.24 3.28 16.65
CA SER D 262 3.06 4.11 16.41
C SER D 262 1.80 3.56 17.08
N THR D 263 1.96 2.72 18.10
CA THR D 263 0.78 2.27 18.83
C THR D 263 0.29 3.39 19.76
N PRO D 264 -1.02 3.63 19.81
CA PRO D 264 -1.53 4.70 20.68
C PRO D 264 -1.22 4.44 22.13
N LEU D 265 -0.91 5.50 22.86
CA LEU D 265 -0.60 5.45 24.29
C LEU D 265 -1.72 6.16 25.03
N ILE D 266 -2.49 5.41 25.80
CA ILE D 266 -3.62 5.94 26.55
C ILE D 266 -3.21 6.05 28.02
N VAL D 267 -3.51 7.19 28.64
CA VAL D 267 -3.19 7.43 30.03
C VAL D 267 -4.51 7.62 30.78
N CYS D 268 -4.84 6.68 31.65
CA CYS D 268 -6.04 6.76 32.47
C CYS D 268 -5.66 7.41 33.79
N ALA D 269 -5.91 8.72 33.90
CA ALA D 269 -5.52 9.47 35.07
C ALA D 269 -6.64 10.42 35.48
N PRO D 270 -7.07 10.39 36.73
CA PRO D 270 -8.10 11.33 37.19
C PRO D 270 -7.60 12.77 37.21
N MET D 271 -8.48 13.71 37.55
CA MET D 271 -8.14 15.12 37.48
C MET D 271 -7.34 15.61 38.68
N PHE D 272 -7.27 14.85 39.77
CA PHE D 272 -6.49 15.30 40.91
C PHE D 272 -5.01 14.98 40.78
N LYS D 273 -4.62 14.19 39.79
CA LYS D 273 -3.23 13.93 39.47
C LYS D 273 -2.65 14.96 38.51
N LEU D 274 -3.29 16.12 38.40
CA LEU D 274 -2.92 17.14 37.44
C LEU D 274 -2.27 18.28 38.19
N SER D 275 -0.96 18.44 38.02
CA SER D 275 -0.18 19.39 38.81
C SER D 275 0.33 20.53 37.94
N PRO D 276 0.17 21.78 38.38
CA PRO D 276 0.54 22.92 37.53
C PRO D 276 2.03 23.19 37.44
N GLN D 277 2.88 22.29 37.94
CA GLN D 277 4.31 22.48 37.87
C GLN D 277 4.84 22.14 36.48
N PHE D 278 6.08 22.53 36.22
CA PHE D 278 6.75 22.32 34.96
C PHE D 278 7.94 21.40 35.15
N PRO D 279 8.39 20.70 34.09
CA PRO D 279 9.45 19.69 34.27
C PRO D 279 10.72 20.21 34.91
N ASN D 280 11.33 21.24 34.32
CA ASN D 280 12.61 21.75 34.80
C ASN D 280 12.35 22.65 36.01
N GLU D 281 12.36 22.04 37.19
CA GLU D 281 12.15 22.77 38.44
C GLU D 281 12.93 22.06 39.54
N GLU D 282 14.16 22.54 39.80
CA GLU D 282 15.03 22.12 40.90
C GLU D 282 15.55 20.70 40.74
N ASP D 283 15.13 19.97 39.71
CA ASP D 283 15.59 18.60 39.43
C ASP D 283 15.31 17.65 40.59
N SER D 284 14.46 18.04 41.53
CA SER D 284 13.99 17.13 42.58
C SER D 284 12.76 16.37 42.11
N PHE D 285 12.89 15.75 40.93
CA PHE D 285 11.77 15.14 40.22
C PHE D 285 11.64 13.65 40.56
N HIS D 286 12.68 12.87 40.28
CA HIS D 286 12.67 11.46 40.63
C HIS D 286 12.77 11.28 42.13
N LYS D 287 12.34 10.12 42.60
CA LYS D 287 12.48 9.73 44.00
C LYS D 287 13.47 8.58 44.07
N PHE D 288 14.52 8.74 44.87
CA PHE D 288 15.58 7.75 44.99
C PHE D 288 15.43 7.01 46.32
N VAL D 289 15.46 5.69 46.25
CA VAL D 289 15.26 4.85 47.43
C VAL D 289 16.53 4.05 47.69
N ALA D 290 16.51 3.22 48.73
CA ALA D 290 17.69 2.48 49.11
C ALA D 290 18.14 1.57 47.97
N PRO D 291 19.44 1.54 47.65
CA PRO D 291 19.92 0.65 46.58
C PRO D 291 19.81 -0.83 46.92
N GLU D 292 19.28 -1.19 48.09
CA GLU D 292 19.09 -2.59 48.43
C GLU D 292 18.15 -3.27 47.45
N GLU D 293 17.18 -2.53 46.90
CA GLU D 293 16.27 -3.11 45.93
C GLU D 293 16.99 -3.54 44.66
N VAL D 294 17.95 -2.75 44.21
CA VAL D 294 18.65 -3.06 42.96
C VAL D 294 19.80 -4.04 43.22
N LEU D 295 20.68 -3.71 44.18
CA LEU D 295 21.83 -4.54 44.50
C LEU D 295 21.76 -4.92 45.97
N PRO D 296 21.71 -6.21 46.30
CA PRO D 296 21.57 -6.60 47.71
C PRO D 296 22.82 -6.30 48.52
N PHE D 297 22.62 -6.21 49.83
CA PHE D 297 23.72 -5.94 50.77
C PHE D 297 24.69 -7.10 50.90
N THR D 298 24.33 -8.29 50.41
CA THR D 298 25.17 -9.47 50.54
C THR D 298 26.22 -9.58 49.45
N GLU D 299 26.31 -8.60 48.55
CA GLU D 299 27.32 -8.64 47.50
C GLU D 299 28.72 -8.58 48.09
N GLY D 300 28.92 -7.74 49.09
CA GLY D 300 30.19 -7.72 49.81
C GLY D 300 31.03 -6.47 49.61
N ASP D 301 32.31 -6.66 49.27
CA ASP D 301 33.24 -5.54 49.25
C ASP D 301 33.03 -4.64 48.04
N ILE D 302 32.49 -5.17 46.94
CA ILE D 302 32.31 -4.38 45.74
C ILE D 302 31.39 -3.19 45.99
N LEU D 303 30.48 -3.32 46.97
CA LEU D 303 29.58 -2.23 47.31
C LEU D 303 30.33 -0.99 47.78
N GLU D 304 31.59 -1.14 48.19
CA GLU D 304 32.38 0.03 48.56
C GLU D 304 32.70 0.90 47.36
N LYS D 305 32.89 0.28 46.18
CA LYS D 305 33.36 0.99 45.00
C LYS D 305 32.29 1.19 43.94
N VAL D 306 31.06 0.73 44.17
CA VAL D 306 30.00 0.76 43.17
C VAL D 306 28.98 1.80 43.57
N SER D 307 28.60 2.66 42.63
CA SER D 307 27.53 3.64 42.84
C SER D 307 26.24 3.07 42.25
N VAL D 308 25.30 2.76 43.13
CA VAL D 308 24.02 2.18 42.74
C VAL D 308 22.94 3.25 42.89
N HIS D 309 22.14 3.42 41.84
CA HIS D 309 21.06 4.40 41.83
C HIS D 309 19.76 3.69 41.50
N CYS D 310 18.72 3.96 42.29
CA CYS D 310 17.42 3.31 42.16
C CYS D 310 16.32 4.35 42.10
N PRO D 311 16.14 5.02 40.97
CA PRO D 311 14.98 5.89 40.81
C PRO D 311 13.70 5.09 40.73
N VAL D 312 12.62 5.67 41.25
CA VAL D 312 11.31 5.03 41.23
C VAL D 312 10.33 5.75 40.30
N PHE D 313 10.65 6.96 39.86
CA PHE D 313 9.80 7.71 38.95
C PHE D 313 10.59 8.12 37.71
N ASP D 314 9.85 8.41 36.65
CA ASP D 314 10.43 8.70 35.34
C ASP D 314 9.62 9.78 34.67
N TYR D 315 10.31 10.60 33.87
CA TYR D 315 9.71 11.71 33.15
C TYR D 315 9.40 11.29 31.72
N VAL D 316 8.16 11.52 31.29
CA VAL D 316 7.69 11.16 29.96
C VAL D 316 7.31 12.44 29.24
N PRO D 317 7.95 12.77 28.10
CA PRO D 317 7.61 14.00 27.41
C PRO D 317 6.21 13.94 26.84
N PRO D 318 5.55 15.10 26.66
CA PRO D 318 4.15 15.09 26.22
C PRO D 318 3.93 14.63 24.80
N GLU D 319 4.96 14.60 23.96
CA GLU D 319 4.77 14.21 22.57
C GLU D 319 4.66 12.71 22.37
N LEU D 320 4.92 11.91 23.41
CA LEU D 320 4.79 10.46 23.32
C LEU D 320 3.43 9.97 23.78
N ILE D 321 2.55 10.86 24.22
CA ILE D 321 1.24 10.50 24.74
C ILE D 321 0.19 10.81 23.69
N THR D 322 -0.73 9.86 23.47
CA THR D 322 -1.75 10.02 22.45
C THR D 322 -3.05 10.58 23.01
N LEU D 323 -3.50 10.10 24.17
CA LEU D 323 -4.78 10.50 24.70
C LEU D 323 -4.74 10.49 26.22
N PHE D 324 -5.59 11.32 26.82
CA PHE D 324 -5.77 11.40 28.27
C PHE D 324 -7.22 11.07 28.58
N ILE D 325 -7.44 10.00 29.35
CA ILE D 325 -8.78 9.62 29.79
C ILE D 325 -8.93 10.02 31.26
N SER D 326 -9.96 10.79 31.56
CA SER D 326 -10.21 11.25 32.91
C SER D 326 -11.71 11.22 33.17
N ASN D 327 -12.10 11.61 34.38
CA ASN D 327 -13.49 11.59 34.78
C ASN D 327 -14.34 12.57 33.99
N ILE D 328 -13.73 13.49 33.25
CA ILE D 328 -14.45 14.43 32.40
C ILE D 328 -14.39 14.04 30.94
N GLY D 329 -13.79 12.89 30.62
CA GLY D 329 -13.77 12.41 29.25
C GLY D 329 -12.39 12.24 28.67
N GLY D 330 -12.29 12.27 27.34
CA GLY D 330 -11.03 12.12 26.64
C GLY D 330 -10.53 13.44 26.11
N ASN D 331 -9.22 13.64 26.19
CA ASN D 331 -8.59 14.88 25.77
C ASN D 331 -7.24 14.57 25.13
N ALA D 332 -6.72 15.55 24.43
CA ALA D 332 -5.37 15.48 23.90
C ALA D 332 -4.40 16.18 24.83
N PRO D 333 -3.12 15.81 24.81
CA PRO D 333 -2.14 16.53 25.63
C PRO D 333 -2.07 18.02 25.30
N SER D 334 -2.28 18.38 24.03
CA SER D 334 -2.23 19.77 23.62
C SER D 334 -3.26 20.63 24.35
N TYR D 335 -4.31 20.03 24.89
CA TYR D 335 -5.34 20.77 25.62
C TYR D 335 -5.07 20.85 27.12
N ILE D 336 -4.02 20.19 27.62
CA ILE D 336 -3.82 20.08 29.06
C ILE D 336 -3.70 21.46 29.70
N TYR D 337 -3.03 22.39 29.02
CA TYR D 337 -2.88 23.74 29.55
C TYR D 337 -4.22 24.34 29.95
N ARG D 338 -5.27 24.11 29.15
CA ARG D 338 -6.58 24.67 29.47
C ARG D 338 -7.10 24.09 30.78
N LEU D 339 -6.93 22.79 30.99
CA LEU D 339 -7.34 22.17 32.24
C LEU D 339 -6.58 22.75 33.41
N MET D 340 -5.39 23.31 33.16
CA MET D 340 -4.67 24.01 34.21
C MET D 340 -5.36 25.31 34.59
N SER D 341 -5.87 26.04 33.59
CA SER D 341 -6.47 27.34 33.87
C SER D 341 -7.74 27.21 34.69
N GLU D 342 -8.52 26.16 34.44
CA GLU D 342 -9.80 25.97 35.12
C GLU D 342 -9.66 25.36 36.50
N LEU D 343 -8.45 24.98 36.91
CA LEU D 343 -8.25 24.31 38.19
C LEU D 343 -7.38 25.09 39.15
N TYR D 344 -6.35 25.79 38.67
CA TYR D 344 -5.40 26.47 39.53
C TYR D 344 -5.20 27.91 39.08
N HIS D 345 -5.14 28.81 40.05
CA HIS D 345 -4.85 30.21 39.75
C HIS D 345 -3.37 30.37 39.43
N PRO D 346 -3.02 31.26 38.49
CA PRO D 346 -1.60 31.43 38.13
C PRO D 346 -0.72 31.91 39.28
N ASP D 347 -1.29 32.51 40.32
CA ASP D 347 -0.52 32.98 41.46
C ASP D 347 -0.33 31.91 42.52
N ASP D 348 -0.86 30.71 42.32
CA ASP D 348 -0.72 29.61 43.27
C ASP D 348 0.28 28.56 42.80
N HIS D 349 0.95 28.79 41.68
CA HIS D 349 1.95 27.84 41.20
C HIS D 349 3.11 27.73 42.17
N VAL D 350 3.60 28.87 42.66
CA VAL D 350 4.74 28.86 43.57
C VAL D 350 4.36 28.31 44.94
N LEU D 351 3.13 28.56 45.38
CA LEU D 351 2.65 28.14 46.71
C LEU D 351 3.56 28.66 47.82
N MET E 1 33.71 -46.95 28.97
CA MET E 1 32.49 -46.88 29.76
C MET E 1 32.55 -45.76 30.78
N GLU E 2 31.38 -45.17 31.08
CA GLU E 2 31.33 -44.09 32.05
C GLU E 2 31.61 -44.59 33.46
N PHE E 3 31.08 -45.75 33.82
CA PHE E 3 31.19 -46.28 35.16
C PHE E 3 31.55 -47.75 35.14
N GLN E 4 32.20 -48.20 36.20
CA GLN E 4 32.48 -49.61 36.44
C GLN E 4 31.93 -49.98 37.81
N ALA E 5 30.96 -50.90 37.84
CA ALA E 5 30.29 -51.24 39.09
C ALA E 5 31.12 -52.25 39.88
N VAL E 6 31.32 -51.97 41.17
CA VAL E 6 32.05 -52.84 42.07
C VAL E 6 31.18 -53.12 43.28
N VAL E 7 31.03 -54.40 43.63
CA VAL E 7 30.23 -54.83 44.76
C VAL E 7 31.15 -55.42 45.81
N MET E 8 30.95 -55.03 47.07
CA MET E 8 31.80 -55.44 48.18
C MET E 8 31.16 -56.58 48.96
N ALA E 9 31.96 -57.62 49.22
CA ALA E 9 31.57 -58.73 50.09
C ALA E 9 32.82 -59.14 50.86
N VAL E 10 32.92 -58.68 52.11
CA VAL E 10 34.05 -59.03 52.96
C VAL E 10 33.55 -59.33 54.37
N LEU E 27 28.36 -61.79 50.76
CA LEU E 27 28.72 -61.99 52.16
C LEU E 27 27.56 -62.61 52.93
N LEU E 28 26.35 -62.13 52.64
CA LEU E 28 25.14 -62.66 53.25
C LEU E 28 24.17 -63.09 52.17
N PRO E 29 23.77 -64.36 52.12
CA PRO E 29 22.68 -64.80 51.23
C PRO E 29 21.32 -64.87 51.91
N VAL E 30 21.18 -64.39 53.14
CA VAL E 30 19.96 -64.54 53.92
C VAL E 30 18.85 -63.66 53.37
N GLY E 31 17.63 -63.88 53.84
CA GLY E 31 16.47 -63.09 53.45
C GLY E 31 15.52 -63.88 52.57
N ASN E 32 14.47 -63.17 52.12
CA ASN E 32 13.57 -63.75 51.14
C ASN E 32 14.30 -64.10 49.86
N LYS E 33 15.16 -63.21 49.40
CA LYS E 33 16.13 -63.43 48.35
C LYS E 33 17.51 -63.10 48.90
N PRO E 34 18.58 -63.60 48.28
CA PRO E 34 19.92 -63.34 48.81
C PRO E 34 20.18 -61.84 48.97
N LEU E 35 20.82 -61.48 50.08
CA LEU E 35 21.06 -60.07 50.38
C LEU E 35 21.90 -59.39 49.31
N ILE E 36 22.80 -60.15 48.67
CA ILE E 36 23.60 -59.60 47.58
C ILE E 36 22.77 -59.40 46.32
N TRP E 37 21.63 -60.07 46.19
CA TRP E 37 20.85 -59.98 44.96
C TRP E 37 20.29 -58.58 44.75
N TYR E 38 19.84 -57.93 45.83
CA TYR E 38 19.20 -56.63 45.68
C TYR E 38 20.12 -55.56 45.09
N PRO E 39 21.37 -55.39 45.56
CA PRO E 39 22.27 -54.48 44.84
C PRO E 39 22.50 -54.88 43.39
N LEU E 40 22.58 -56.19 43.13
CA LEU E 40 22.75 -56.66 41.77
C LEU E 40 21.55 -56.26 40.91
N ASN E 41 20.33 -56.42 41.44
CA ASN E 41 19.14 -56.02 40.70
C ASN E 41 19.11 -54.51 40.48
N LEU E 42 19.50 -53.74 41.49
CA LEU E 42 19.53 -52.29 41.36
C LEU E 42 20.49 -51.85 40.26
N LEU E 43 21.68 -52.47 40.22
CA LEU E 43 22.61 -52.17 39.14
C LEU E 43 22.06 -52.64 37.79
N GLU E 44 21.41 -53.79 37.76
CA GLU E 44 20.90 -54.34 36.51
C GLU E 44 19.81 -53.47 35.91
N ARG E 45 18.97 -52.84 36.75
CA ARG E 45 17.86 -52.06 36.23
C ARG E 45 18.35 -50.90 35.38
N VAL E 46 19.38 -50.19 35.83
CA VAL E 46 19.95 -49.07 35.10
C VAL E 46 21.24 -49.55 34.44
N GLY E 47 21.10 -50.08 33.22
CA GLY E 47 22.27 -50.50 32.46
C GLY E 47 23.09 -51.54 33.21
N PHE E 48 24.41 -51.31 33.22
CA PHE E 48 25.37 -52.14 33.98
C PHE E 48 25.29 -53.60 33.55
N GLU E 49 25.70 -53.82 32.29
CA GLU E 49 25.73 -55.18 31.75
C GLU E 49 26.67 -56.07 32.54
N GLU E 50 27.76 -55.52 33.05
CA GLU E 50 28.76 -56.30 33.77
C GLU E 50 29.07 -55.62 35.11
N VAL E 51 29.48 -56.44 36.08
CA VAL E 51 29.76 -55.95 37.43
C VAL E 51 30.82 -56.84 38.06
N ILE E 52 31.78 -56.20 38.72
CA ILE E 52 32.87 -56.88 39.42
C ILE E 52 32.50 -57.03 40.88
N VAL E 53 32.67 -58.24 41.42
CA VAL E 53 32.34 -58.56 42.80
C VAL E 53 33.57 -59.14 43.47
N VAL E 54 33.84 -58.70 44.69
CA VAL E 54 34.92 -59.22 45.52
C VAL E 54 34.29 -60.12 46.57
N THR E 55 34.66 -61.40 46.55
CA THR E 55 33.99 -62.43 47.34
C THR E 55 34.75 -62.68 48.63
N THR E 56 33.99 -62.98 49.69
CA THR E 56 34.58 -63.21 51.01
C THR E 56 35.48 -64.45 51.00
N ARG E 57 36.48 -64.43 51.88
CA ARG E 57 37.34 -65.58 52.09
C ARG E 57 37.59 -65.90 53.56
N ASP E 58 37.29 -64.98 54.48
CA ASP E 58 37.47 -65.27 55.90
C ASP E 58 36.49 -66.33 56.37
N VAL E 59 35.22 -66.20 55.98
CA VAL E 59 34.22 -67.20 56.34
C VAL E 59 34.32 -68.41 55.42
N GLN E 60 34.23 -68.17 54.11
CA GLN E 60 34.35 -69.24 53.13
C GLN E 60 34.64 -68.61 51.78
N LYS E 61 35.75 -69.00 51.16
CA LYS E 61 36.09 -68.51 49.83
C LYS E 61 35.38 -69.35 48.77
N ALA E 62 34.07 -69.51 48.91
CA ALA E 62 33.29 -70.30 47.97
C ALA E 62 31.94 -69.67 47.65
N LEU E 63 31.68 -68.44 48.12
CA LEU E 63 30.42 -67.79 47.82
C LEU E 63 30.27 -67.49 46.34
N CYS E 64 31.36 -67.51 45.57
CA CYS E 64 31.25 -67.37 44.12
C CYS E 64 30.46 -68.53 43.53
N ALA E 65 30.66 -69.74 44.03
CA ALA E 65 29.88 -70.89 43.58
C ALA E 65 28.40 -70.70 43.89
N GLU E 66 28.09 -70.17 45.09
CA GLU E 66 26.70 -69.90 45.44
C GLU E 66 26.09 -68.85 44.51
N PHE E 67 26.84 -67.79 44.21
CA PHE E 67 26.35 -66.76 43.31
C PHE E 67 26.22 -67.26 41.88
N LYS E 68 26.96 -68.30 41.51
CA LYS E 68 26.83 -68.89 40.18
C LYS E 68 25.48 -69.56 39.97
N MET E 69 24.70 -69.77 41.03
CA MET E 69 23.37 -70.33 40.93
C MET E 69 22.28 -69.27 40.84
N LYS E 70 22.67 -68.00 40.78
CA LYS E 70 21.70 -66.91 40.69
C LYS E 70 21.37 -66.66 39.22
N MET E 71 20.61 -65.59 38.95
CA MET E 71 20.17 -65.25 37.60
C MET E 71 20.52 -63.79 37.33
N LYS E 72 21.65 -63.56 36.68
CA LYS E 72 22.10 -62.22 36.30
C LYS E 72 22.73 -62.28 34.93
N PRO E 73 22.70 -61.18 34.17
CA PRO E 73 23.29 -61.19 32.82
C PRO E 73 24.77 -61.52 32.80
N ASP E 74 25.59 -60.75 33.52
CA ASP E 74 27.03 -60.97 33.54
C ASP E 74 27.59 -60.51 34.87
N ILE E 75 28.39 -61.38 35.49
CA ILE E 75 29.08 -61.07 36.75
C ILE E 75 30.50 -61.59 36.66
N VAL E 76 31.46 -60.81 37.14
CA VAL E 76 32.83 -61.24 37.32
C VAL E 76 33.09 -61.32 38.81
N CYS E 77 33.69 -62.43 39.26
CA CYS E 77 33.91 -62.69 40.67
C CYS E 77 35.41 -62.86 40.94
N ILE E 78 35.87 -62.29 42.05
CA ILE E 78 37.27 -62.36 42.45
C ILE E 78 37.33 -62.71 43.93
N PRO E 79 37.88 -63.86 44.31
CA PRO E 79 38.07 -64.15 45.74
C PRO E 79 39.05 -63.19 46.38
N ASP E 80 38.81 -62.91 47.66
CA ASP E 80 39.61 -61.97 48.43
C ASP E 80 40.55 -62.72 49.37
N ASP E 81 41.25 -61.97 50.22
CA ASP E 81 42.15 -62.54 51.22
C ASP E 81 41.37 -62.77 52.51
N ALA E 82 42.10 -63.08 53.60
CA ALA E 82 41.44 -63.34 54.87
C ALA E 82 40.79 -62.09 55.43
N ASP E 83 41.59 -61.06 55.72
CA ASP E 83 41.09 -59.81 56.27
C ASP E 83 41.57 -58.66 55.40
N MET E 84 40.64 -57.86 54.91
CA MET E 84 40.97 -56.72 54.06
C MET E 84 39.83 -55.72 54.08
N GLY E 85 40.18 -54.44 54.02
CA GLY E 85 39.19 -53.39 53.96
C GLY E 85 38.75 -53.10 52.54
N THR E 86 37.82 -52.13 52.42
CA THR E 86 37.34 -51.73 51.11
C THR E 86 38.47 -51.15 50.25
N ALA E 87 39.30 -50.30 50.86
CA ALA E 87 40.46 -49.77 50.13
C ALA E 87 41.42 -50.88 49.75
N ASP E 88 41.59 -51.88 50.63
CA ASP E 88 42.43 -53.03 50.30
C ASP E 88 41.84 -53.81 49.12
N SER E 89 40.51 -53.97 49.09
CA SER E 89 39.89 -54.66 47.97
C SER E 89 40.11 -53.90 46.67
N LEU E 90 39.96 -52.58 46.70
CA LEU E 90 40.23 -51.79 45.50
C LEU E 90 41.70 -51.91 45.08
N ARG E 91 42.60 -51.91 46.06
CA ARG E 91 44.01 -52.11 45.76
C ARG E 91 44.25 -53.45 45.09
N TYR E 92 43.50 -54.48 45.52
CA TYR E 92 43.61 -55.79 44.90
C TYR E 92 43.08 -55.80 43.46
N ILE E 93 41.95 -55.12 43.23
CA ILE E 93 41.30 -55.18 41.91
C ILE E 93 41.71 -54.03 40.99
N TYR E 94 42.74 -53.25 41.36
CA TYR E 94 43.20 -52.14 40.52
C TYR E 94 43.37 -52.44 39.04
N PRO E 95 44.04 -53.53 38.63
CA PRO E 95 44.27 -53.73 37.19
C PRO E 95 42.99 -53.80 36.37
N LYS E 96 41.89 -54.28 36.95
CA LYS E 96 40.65 -54.44 36.21
C LYS E 96 39.83 -53.15 36.17
N LEU E 97 40.26 -52.10 36.86
CA LEU E 97 39.57 -50.83 36.82
C LEU E 97 40.16 -49.94 35.73
N LYS E 98 39.30 -49.38 34.89
CA LYS E 98 39.73 -48.56 33.77
C LYS E 98 39.17 -47.15 33.77
N THR E 99 38.03 -46.90 34.41
CA THR E 99 37.38 -45.60 34.41
C THR E 99 36.87 -45.32 35.81
N ASP E 100 35.98 -44.31 35.91
CA ASP E 100 35.39 -43.96 37.19
C ASP E 100 34.59 -45.13 37.74
N VAL E 101 34.69 -45.35 39.05
CA VAL E 101 34.11 -46.55 39.66
C VAL E 101 32.86 -46.19 40.42
N LEU E 102 31.98 -47.18 40.59
CA LEU E 102 30.76 -47.07 41.38
C LEU E 102 30.79 -48.20 42.40
N VAL E 103 31.21 -47.88 43.62
CA VAL E 103 31.42 -48.86 44.67
C VAL E 103 30.13 -49.03 45.47
N LEU E 104 29.68 -50.27 45.63
CA LEU E 104 28.51 -50.61 46.41
C LEU E 104 28.87 -51.68 47.45
N SER E 105 27.85 -52.24 48.10
CA SER E 105 28.07 -53.31 49.07
C SER E 105 26.90 -54.28 49.01
N CYS E 106 27.10 -55.46 49.59
CA CYS E 106 26.04 -56.46 49.63
C CYS E 106 24.83 -55.95 50.40
N ASP E 107 25.07 -55.31 51.54
CA ASP E 107 23.97 -54.78 52.36
C ASP E 107 23.57 -53.43 51.79
N LEU E 108 22.63 -53.46 50.83
CA LEU E 108 22.04 -52.24 50.31
C LEU E 108 20.67 -52.59 49.73
N ILE E 109 19.61 -52.30 50.49
CA ILE E 109 18.25 -52.53 50.04
C ILE E 109 17.56 -51.18 49.88
N THR E 110 17.63 -50.61 48.69
CA THR E 110 17.10 -49.28 48.46
C THR E 110 16.30 -49.25 47.16
N ASP E 111 15.35 -48.31 47.11
CA ASP E 111 14.56 -48.06 45.91
C ASP E 111 14.89 -46.70 45.30
N VAL E 112 16.04 -46.13 45.65
CA VAL E 112 16.40 -44.80 45.19
C VAL E 112 16.62 -44.81 43.68
N ALA E 113 16.18 -43.75 43.01
CA ALA E 113 16.53 -43.54 41.62
C ALA E 113 18.02 -43.21 41.55
N LEU E 114 18.81 -44.13 41.02
CA LEU E 114 20.26 -43.96 40.99
C LEU E 114 20.69 -42.77 40.16
N HIS E 115 19.82 -42.22 39.31
CA HIS E 115 20.19 -41.10 38.47
C HIS E 115 20.50 -39.84 39.26
N GLU E 116 20.04 -39.73 40.52
CA GLU E 116 20.30 -38.54 41.30
C GLU E 116 21.78 -38.42 41.65
N VAL E 117 22.36 -39.47 42.21
CA VAL E 117 23.76 -39.42 42.64
C VAL E 117 24.68 -39.29 41.43
N VAL E 118 24.43 -40.08 40.39
CA VAL E 118 25.28 -39.99 39.20
C VAL E 118 25.07 -38.68 38.47
N ASP E 119 23.88 -38.07 38.58
CA ASP E 119 23.67 -36.76 37.99
C ASP E 119 24.44 -35.69 38.72
N LEU E 120 24.49 -35.78 40.06
CA LEU E 120 25.36 -34.89 40.83
C LEU E 120 26.82 -35.08 40.44
N PHE E 121 27.23 -36.33 40.20
CA PHE E 121 28.59 -36.61 39.75
C PHE E 121 28.86 -36.00 38.38
N ARG E 122 27.90 -36.12 37.45
CA ARG E 122 28.11 -35.68 36.08
C ARG E 122 28.12 -34.16 35.98
N ALA E 123 27.15 -33.50 36.61
CA ALA E 123 26.93 -32.07 36.36
C ALA E 123 28.11 -31.24 36.84
N TYR E 124 28.57 -31.47 38.06
CA TYR E 124 29.58 -30.63 38.68
C TYR E 124 31.00 -31.16 38.51
N ASP E 125 31.18 -32.24 37.74
CA ASP E 125 32.49 -32.86 37.57
C ASP E 125 33.11 -33.21 38.91
N ALA E 126 32.28 -33.76 39.81
CA ALA E 126 32.70 -34.03 41.16
C ALA E 126 33.75 -35.13 41.21
N SER E 127 34.59 -35.08 42.25
CA SER E 127 35.53 -36.14 42.54
C SER E 127 34.90 -37.26 43.37
N LEU E 128 33.69 -37.05 43.87
CA LEU E 128 33.01 -38.03 44.72
C LEU E 128 31.55 -37.65 44.83
N ALA E 129 30.67 -38.62 44.59
CA ALA E 129 29.25 -38.45 44.83
C ALA E 129 28.78 -39.59 45.74
N MET E 130 28.09 -39.24 46.82
CA MET E 130 27.69 -40.23 47.80
C MET E 130 26.22 -40.03 48.17
N LEU E 131 25.60 -41.10 48.65
CA LEU E 131 24.17 -41.12 48.96
C LEU E 131 23.97 -41.44 50.44
N MET E 132 23.13 -40.65 51.11
CA MET E 132 22.80 -40.87 52.50
C MET E 132 21.31 -40.65 52.70
N ARG E 133 20.76 -41.21 53.77
CA ARG E 133 19.33 -41.09 54.06
C ARG E 133 19.14 -40.60 55.49
N LYS E 134 18.00 -39.95 55.71
CA LYS E 134 17.63 -39.48 57.05
C LYS E 134 17.49 -40.67 57.99
N GLY E 135 18.06 -40.53 59.19
CA GLY E 135 18.01 -41.61 60.16
C GLY E 135 16.62 -41.84 60.71
N GLN E 136 16.42 -43.03 61.26
CA GLN E 136 15.13 -43.41 61.83
C GLN E 136 15.33 -44.32 63.04
N ARG E 155 26.55 -39.42 66.44
CA ARG E 155 27.82 -40.14 66.38
C ARG E 155 28.70 -39.58 65.28
N ASP E 156 28.15 -39.46 64.08
CA ASP E 156 28.84 -38.87 62.93
C ASP E 156 28.16 -37.57 62.53
N PHE E 157 28.96 -36.53 62.35
CA PHE E 157 28.45 -35.21 62.01
C PHE E 157 28.87 -34.86 60.59
N ILE E 158 27.90 -34.49 59.76
CA ILE E 158 28.18 -33.99 58.43
C ILE E 158 27.60 -32.59 58.31
N GLY E 159 28.20 -31.77 57.47
CA GLY E 159 27.77 -30.42 57.26
C GLY E 159 27.79 -30.03 55.80
N VAL E 160 26.62 -29.67 55.27
CA VAL E 160 26.49 -29.32 53.87
C VAL E 160 26.22 -27.82 53.75
N ASP E 161 26.35 -27.30 52.53
CA ASP E 161 26.15 -25.88 52.29
C ASP E 161 24.66 -25.58 52.16
N SER E 162 24.33 -24.37 51.71
CA SER E 162 22.93 -23.94 51.69
C SER E 162 22.10 -24.77 50.72
N THR E 163 22.64 -25.05 49.54
CA THR E 163 21.87 -25.79 48.55
C THR E 163 21.66 -27.25 48.94
N GLY E 164 22.43 -27.77 49.88
CA GLY E 164 22.24 -29.11 50.38
C GLY E 164 22.88 -30.20 49.53
N LYS E 165 23.62 -29.85 48.48
CA LYS E 165 24.25 -30.85 47.62
C LYS E 165 25.71 -31.09 47.99
N ARG E 166 26.52 -30.02 47.99
CA ARG E 166 27.92 -30.15 48.37
C ARG E 166 28.04 -30.19 49.88
N LEU E 167 28.75 -31.19 50.40
CA LEU E 167 29.00 -31.31 51.82
C LEU E 167 30.35 -30.69 52.14
N LEU E 168 30.38 -29.90 53.21
CA LEU E 168 31.56 -29.11 53.54
C LEU E 168 32.37 -29.70 54.70
N PHE E 169 31.73 -30.44 55.59
CA PHE E 169 32.40 -30.98 56.76
C PHE E 169 31.91 -32.39 57.02
N MET E 170 32.77 -33.22 57.61
CA MET E 170 32.37 -34.57 58.00
C MET E 170 33.38 -35.12 59.00
N ALA E 171 32.88 -35.63 60.12
CA ALA E 171 33.74 -36.15 61.17
C ALA E 171 32.94 -37.14 62.01
N ASN E 172 33.66 -37.84 62.89
CA ASN E 172 33.08 -38.84 63.78
C ASN E 172 33.42 -38.50 65.22
N GLU E 173 32.53 -38.90 66.13
CA GLU E 173 32.72 -38.60 67.55
C GLU E 173 34.00 -39.21 68.10
N ALA E 174 34.50 -40.29 67.49
CA ALA E 174 35.73 -40.89 67.98
C ALA E 174 36.91 -39.94 67.86
N ASP E 175 37.00 -39.21 66.74
CA ASP E 175 38.09 -38.27 66.54
C ASP E 175 37.92 -36.97 67.32
N LEU E 176 36.69 -36.56 67.59
CA LEU E 176 36.42 -35.32 68.29
C LEU E 176 36.33 -35.58 69.79
N ASP E 177 37.12 -34.84 70.57
CA ASP E 177 37.14 -35.04 72.01
C ASP E 177 35.88 -34.49 72.66
N GLU E 178 35.67 -33.17 72.59
CA GLU E 178 34.41 -32.58 73.03
C GLU E 178 33.90 -31.47 72.13
N GLU E 179 34.71 -30.93 71.22
CA GLU E 179 34.36 -29.77 70.43
C GLU E 179 34.53 -30.06 68.96
N LEU E 180 33.71 -29.40 68.14
CA LEU E 180 33.76 -29.52 66.70
C LEU E 180 34.41 -28.25 66.13
N VAL E 181 35.47 -28.42 65.37
CA VAL E 181 36.32 -27.31 64.92
C VAL E 181 36.14 -27.12 63.42
N ILE E 182 35.87 -25.88 63.01
CA ILE E 182 35.71 -25.51 61.61
C ILE E 182 36.79 -24.51 61.25
N LYS E 183 37.43 -24.72 60.10
CA LYS E 183 38.42 -23.79 59.61
C LYS E 183 37.77 -22.46 59.24
N GLY E 184 38.54 -21.37 59.39
CA GLY E 184 38.03 -20.06 59.04
C GLY E 184 37.76 -19.90 57.55
N SER E 185 38.58 -20.54 56.71
CA SER E 185 38.41 -20.42 55.27
C SER E 185 37.07 -21.00 54.82
N ILE E 186 36.65 -22.11 55.44
CA ILE E 186 35.40 -22.74 55.06
C ILE E 186 34.23 -21.80 55.27
N LEU E 187 34.20 -21.13 56.43
CA LEU E 187 33.14 -20.16 56.69
C LEU E 187 33.31 -18.88 55.90
N GLN E 188 34.54 -18.54 55.52
CA GLN E 188 34.75 -17.39 54.65
C GLN E 188 34.12 -17.63 53.28
N LYS E 189 34.42 -18.78 52.66
CA LYS E 189 33.84 -19.08 51.35
C LYS E 189 32.36 -19.42 51.47
N HIS E 190 32.00 -20.25 52.43
CA HIS E 190 30.61 -20.67 52.65
C HIS E 190 30.17 -20.19 54.03
N PRO E 191 29.46 -19.08 54.13
CA PRO E 191 29.13 -18.53 55.46
C PRO E 191 27.88 -19.13 56.08
N ARG E 192 27.42 -20.25 55.56
CA ARG E 192 26.20 -20.87 56.07
C ARG E 192 26.33 -22.38 55.91
N ILE E 193 26.62 -23.07 56.99
CA ILE E 193 26.79 -24.52 57.01
C ILE E 193 25.67 -25.14 57.83
N ARG E 194 24.98 -26.12 57.26
CA ARG E 194 23.86 -26.77 57.91
C ARG E 194 24.24 -28.21 58.23
N PHE E 195 24.04 -28.61 59.48
CA PHE E 195 24.63 -29.83 60.03
C PHE E 195 23.58 -30.90 60.26
N HIS E 196 23.93 -32.14 59.89
CA HIS E 196 23.15 -33.33 60.21
C HIS E 196 23.98 -34.25 61.08
N THR E 197 23.32 -34.98 61.97
CA THR E 197 23.98 -35.91 62.88
C THR E 197 23.48 -37.34 62.75
N GLY E 198 22.18 -37.54 62.57
CA GLY E 198 21.58 -38.85 62.54
C GLY E 198 21.51 -39.51 61.17
N LEU E 199 22.13 -38.93 60.15
CA LEU E 199 22.01 -39.49 58.80
C LEU E 199 22.71 -40.84 58.70
N VAL E 200 22.19 -41.68 57.81
CA VAL E 200 22.68 -43.04 57.62
C VAL E 200 23.39 -43.11 56.27
N ASP E 201 24.66 -43.51 56.30
CA ASP E 201 25.41 -43.70 55.08
C ASP E 201 24.96 -44.99 54.38
N ALA E 202 24.67 -44.90 53.09
CA ALA E 202 24.23 -46.04 52.31
C ALA E 202 25.38 -46.79 51.64
N HIS E 203 26.60 -46.28 51.76
CA HIS E 203 27.80 -46.92 51.20
C HIS E 203 27.67 -47.15 49.69
N LEU E 204 27.20 -46.13 48.98
CA LEU E 204 27.17 -46.12 47.52
C LEU E 204 27.97 -44.92 47.05
N TYR E 205 29.11 -45.15 46.42
CA TYR E 205 30.01 -44.06 46.07
C TYR E 205 30.32 -44.07 44.58
N CYS E 206 30.16 -42.91 43.94
CA CYS E 206 30.72 -42.67 42.61
C CYS E 206 32.06 -41.98 42.82
N LEU E 207 33.13 -42.67 42.43
CA LEU E 207 34.50 -42.23 42.69
C LEU E 207 35.23 -42.01 41.38
N LYS E 208 35.98 -40.91 41.31
CA LYS E 208 36.79 -40.60 40.15
C LYS E 208 38.03 -41.49 40.13
N LYS E 209 38.61 -41.66 38.93
CA LYS E 209 39.71 -42.59 38.76
C LYS E 209 40.95 -42.16 39.54
N TYR E 210 41.26 -40.86 39.54
CA TYR E 210 42.46 -40.44 40.24
C TYR E 210 42.35 -40.59 41.75
N ILE E 211 41.12 -40.68 42.28
CA ILE E 211 40.97 -41.07 43.68
C ILE E 211 41.51 -42.48 43.89
N VAL E 212 41.19 -43.38 42.97
CA VAL E 212 41.74 -44.73 43.03
C VAL E 212 43.26 -44.71 42.90
N ASP E 213 43.78 -43.89 41.99
CA ASP E 213 45.23 -43.79 41.81
C ASP E 213 45.92 -43.29 43.08
N PHE E 214 45.35 -42.26 43.71
CA PHE E 214 45.90 -41.76 44.97
C PHE E 214 45.85 -42.83 46.05
N LEU E 215 44.76 -43.60 46.09
CA LEU E 215 44.71 -44.75 46.99
C LEU E 215 45.83 -45.72 46.70
N MET E 216 46.18 -45.88 45.42
CA MET E 216 47.20 -46.86 45.06
C MET E 216 48.58 -46.38 45.49
N GLU E 217 48.84 -45.09 45.36
CA GLU E 217 50.12 -44.52 45.77
C GLU E 217 50.30 -44.48 47.28
N ASN E 218 49.24 -44.67 48.06
CA ASN E 218 49.32 -44.56 49.52
C ASN E 218 48.57 -45.73 50.14
N GLY E 219 49.31 -46.65 50.75
CA GLY E 219 48.72 -47.82 51.40
C GLY E 219 48.23 -47.59 52.81
N SER E 220 48.33 -46.37 53.33
CA SER E 220 47.90 -46.11 54.69
C SER E 220 46.39 -46.30 54.85
N ILE E 221 45.61 -45.84 53.87
CA ILE E 221 44.16 -45.93 53.97
C ILE E 221 43.71 -47.37 53.80
N THR E 222 42.89 -47.85 54.73
CA THR E 222 42.40 -49.21 54.74
C THR E 222 40.89 -49.31 54.50
N SER E 223 40.11 -48.39 55.05
CA SER E 223 38.66 -48.39 54.89
C SER E 223 38.22 -47.11 54.18
N ILE E 224 37.30 -47.26 53.24
CA ILE E 224 36.81 -46.11 52.48
C ILE E 224 36.05 -45.15 53.40
N ARG E 225 35.11 -45.68 54.18
CA ARG E 225 34.30 -44.84 55.05
C ARG E 225 35.14 -44.20 56.14
N SER E 226 36.06 -44.97 56.74
CA SER E 226 36.72 -44.52 57.96
C SER E 226 37.70 -43.38 57.69
N GLU E 227 38.58 -43.54 56.69
CA GLU E 227 39.65 -42.57 56.52
C GLU E 227 39.92 -42.17 55.08
N LEU E 228 39.07 -42.55 54.12
CA LEU E 228 39.25 -42.08 52.74
C LEU E 228 38.35 -40.88 52.44
N ILE E 229 37.05 -41.03 52.67
CA ILE E 229 36.12 -39.93 52.40
C ILE E 229 36.42 -38.70 53.24
N PRO E 230 36.65 -38.80 54.56
CA PRO E 230 37.00 -37.59 55.32
C PRO E 230 38.24 -36.90 54.81
N TYR E 231 39.25 -37.66 54.36
CA TYR E 231 40.46 -37.05 53.80
C TYR E 231 40.11 -36.20 52.59
N LEU E 232 39.28 -36.73 51.69
CA LEU E 232 38.88 -35.97 50.51
C LEU E 232 38.07 -34.75 50.91
N VAL E 233 37.22 -34.87 51.93
CA VAL E 233 36.42 -33.74 52.38
C VAL E 233 37.31 -32.62 52.89
N ARG E 234 38.32 -32.95 53.70
CA ARG E 234 39.20 -31.92 54.23
C ARG E 234 40.17 -31.42 53.17
N LYS E 235 40.36 -32.18 52.09
CA LYS E 235 41.31 -31.77 51.07
C LYS E 235 40.73 -30.71 50.13
N GLN E 236 39.44 -30.40 50.27
CA GLN E 236 38.82 -29.39 49.42
C GLN E 236 39.44 -28.02 49.65
N PHE E 237 39.68 -27.67 50.91
CA PHE E 237 39.97 -26.28 51.24
C PHE E 237 41.46 -26.04 51.45
N SER E 238 42.24 -27.11 51.57
CA SER E 238 43.67 -26.99 51.76
C SER E 238 44.34 -26.38 50.54
N LYS E 259 40.73 -28.23 39.37
CA LYS E 259 42.00 -28.32 40.07
C LYS E 259 41.80 -28.44 41.57
N SER E 260 40.53 -28.58 41.98
CA SER E 260 40.17 -28.68 43.39
C SER E 260 39.21 -29.84 43.58
N LEU E 261 39.24 -30.41 44.78
CA LEU E 261 38.37 -31.53 45.11
C LEU E 261 36.93 -31.06 45.28
N ASP E 262 35.99 -31.83 44.74
CA ASP E 262 34.57 -31.56 44.88
C ASP E 262 33.89 -32.80 45.42
N ILE E 263 33.15 -32.64 46.52
CA ILE E 263 32.46 -33.74 47.18
C ILE E 263 30.98 -33.40 47.22
N TYR E 264 30.14 -34.32 46.76
CA TYR E 264 28.70 -34.06 46.71
C TYR E 264 27.93 -35.22 47.34
N SER E 265 26.80 -34.88 47.95
CA SER E 265 25.97 -35.85 48.65
C SER E 265 24.52 -35.66 48.26
N PHE E 266 23.78 -36.76 48.28
CA PHE E 266 22.35 -36.77 47.99
C PHE E 266 21.60 -37.35 49.19
N ILE E 267 20.60 -36.62 49.67
CA ILE E 267 19.85 -36.97 50.86
C ILE E 267 18.52 -37.59 50.42
N LYS E 268 18.23 -38.78 50.94
CA LYS E 268 17.06 -39.56 50.61
C LYS E 268 16.10 -39.58 51.79
N GLU E 269 14.86 -40.01 51.54
CA GLU E 269 13.87 -40.10 52.60
C GLU E 269 13.01 -41.35 52.45
N ALA E 270 13.55 -42.40 51.86
CA ALA E 270 12.71 -43.59 51.76
C ALA E 270 13.28 -44.83 52.42
N ASN E 271 14.53 -45.23 52.09
CA ASN E 271 15.02 -46.53 52.51
C ASN E 271 16.51 -46.45 52.83
N THR E 272 16.94 -47.33 53.73
CA THR E 272 18.34 -47.54 54.07
C THR E 272 18.72 -48.99 53.81
N LEU E 273 19.94 -49.36 54.20
CA LEU E 273 20.45 -50.71 53.98
C LEU E 273 20.25 -51.58 55.21
N ASN E 274 20.35 -52.89 55.00
CA ASN E 274 20.24 -53.86 56.09
C ASN E 274 21.59 -53.98 56.78
N LEU E 275 21.75 -53.25 57.88
CA LEU E 275 23.01 -53.23 58.60
C LEU E 275 23.31 -54.59 59.22
N ALA E 276 24.51 -54.71 59.79
CA ALA E 276 24.90 -55.95 60.43
C ALA E 276 24.02 -56.33 61.61
N PRO E 277 23.33 -55.41 62.29
CA PRO E 277 22.48 -55.80 63.42
C PRO E 277 21.32 -56.67 62.97
N TYR E 278 20.91 -57.57 63.87
CA TYR E 278 19.79 -58.45 63.56
C TYR E 278 18.48 -57.67 63.46
N ASP E 279 18.35 -56.59 64.25
CA ASP E 279 17.17 -55.75 64.14
C ASP E 279 17.07 -55.10 62.76
N ALA E 280 18.21 -54.67 62.21
CA ALA E 280 18.23 -54.14 60.86
C ALA E 280 17.80 -55.20 59.85
N CYS E 281 18.25 -56.44 60.04
CA CYS E 281 17.84 -57.53 59.16
C CYS E 281 16.34 -57.76 59.24
N TRP E 282 15.77 -57.74 60.45
CA TRP E 282 14.33 -57.92 60.60
C TRP E 282 13.55 -56.78 59.94
N ASN E 283 14.02 -55.54 60.12
CA ASN E 283 13.36 -54.41 59.49
C ASN E 283 13.43 -54.50 57.96
N ALA E 284 14.59 -54.91 57.44
CA ALA E 284 14.73 -55.08 55.99
C ALA E 284 13.81 -56.18 55.48
N CYS E 285 13.69 -57.29 56.21
CA CYS E 285 12.78 -58.35 55.81
C CYS E 285 11.34 -57.88 55.83
N ARG E 286 10.97 -57.07 56.83
CA ARG E 286 9.61 -56.53 56.88
C ARG E 286 9.35 -55.60 55.71
N GLY E 287 10.32 -54.75 55.37
CA GLY E 287 10.10 -53.77 54.30
C GLY E 287 10.16 -54.38 52.92
N ASP E 288 10.94 -55.43 52.73
CA ASP E 288 11.12 -56.01 51.40
C ASP E 288 9.86 -56.66 50.87
N ARG E 289 8.92 -57.03 51.75
CA ARG E 289 7.67 -57.62 51.29
C ARG E 289 6.91 -56.64 50.40
N TRP E 290 6.80 -55.38 50.84
CA TRP E 290 6.23 -54.35 50.00
C TRP E 290 7.21 -53.87 48.93
N GLU E 291 8.51 -53.88 49.24
CA GLU E 291 9.50 -53.39 48.28
C GLU E 291 9.63 -54.29 47.07
N ASP E 292 9.54 -55.61 47.28
CA ASP E 292 9.75 -56.57 46.20
C ASP E 292 8.56 -56.69 45.26
N LEU E 293 7.44 -56.03 45.56
CA LEU E 293 6.28 -56.09 44.67
C LEU E 293 6.62 -55.54 43.29
N SER E 294 6.99 -54.27 43.21
CA SER E 294 7.39 -53.68 41.94
C SER E 294 8.73 -54.24 41.47
N ARG E 295 9.67 -54.41 42.39
CA ARG E 295 11.00 -54.93 42.04
C ARG E 295 11.01 -56.46 42.10
N MET F 1 -52.50 9.95 9.37
CA MET F 1 -52.43 8.56 8.95
C MET F 1 -51.72 8.45 7.60
N GLU F 2 -50.92 7.40 7.44
CA GLU F 2 -50.14 7.25 6.21
C GLU F 2 -51.02 6.92 5.01
N PHE F 3 -51.95 5.97 5.18
CA PHE F 3 -52.76 5.49 4.08
C PHE F 3 -54.22 5.41 4.50
N GLN F 4 -55.10 5.58 3.51
CA GLN F 4 -56.52 5.33 3.66
C GLN F 4 -56.94 4.27 2.64
N ALA F 5 -57.63 3.24 3.11
CA ALA F 5 -57.99 2.11 2.26
C ALA F 5 -59.36 2.32 1.63
N VAL F 6 -59.42 2.20 0.31
CA VAL F 6 -60.67 2.31 -0.44
C VAL F 6 -60.84 1.03 -1.25
N VAL F 7 -62.01 0.40 -1.14
CA VAL F 7 -62.30 -0.85 -1.81
C VAL F 7 -63.42 -0.61 -2.82
N MET F 8 -63.23 -1.07 -4.05
CA MET F 8 -64.19 -0.91 -5.11
C MET F 8 -65.04 -2.16 -5.28
N ALA F 9 -66.35 -1.96 -5.39
CA ALA F 9 -67.28 -3.06 -5.61
C ALA F 9 -68.36 -2.76 -6.66
N VAL F 10 -68.36 -1.56 -7.24
CA VAL F 10 -69.37 -1.20 -8.23
C VAL F 10 -69.11 -1.92 -9.55
N ILE F 23 -76.78 -13.67 -7.75
CA ILE F 23 -75.92 -13.02 -6.77
C ILE F 23 -75.02 -11.99 -7.45
N PRO F 24 -74.75 -10.88 -6.77
CA PRO F 24 -73.91 -9.82 -7.37
C PRO F 24 -72.45 -10.21 -7.47
N LYS F 25 -71.65 -9.36 -8.12
CA LYS F 25 -70.23 -9.65 -8.28
C LYS F 25 -69.49 -9.77 -6.95
N PRO F 26 -69.62 -8.85 -5.99
CA PRO F 26 -68.87 -9.01 -4.74
C PRO F 26 -69.19 -10.29 -3.98
N LEU F 27 -70.43 -10.77 -4.06
CA LEU F 27 -70.83 -12.01 -3.39
C LEU F 27 -70.63 -13.16 -4.37
N LEU F 28 -69.55 -13.90 -4.19
CA LEU F 28 -69.28 -15.07 -5.02
C LEU F 28 -68.47 -16.08 -4.21
N PRO F 29 -69.08 -17.19 -3.80
CA PRO F 29 -68.35 -18.18 -3.00
C PRO F 29 -67.05 -18.63 -3.63
N VAL F 30 -65.93 -18.31 -2.99
CA VAL F 30 -64.61 -18.79 -3.37
C VAL F 30 -64.04 -19.46 -2.13
N GLY F 31 -64.09 -20.78 -2.09
CA GLY F 31 -63.73 -21.50 -0.88
C GLY F 31 -64.66 -21.23 0.27
N ASN F 32 -65.97 -21.15 -0.01
CA ASN F 32 -67.05 -20.90 0.94
C ASN F 32 -67.06 -19.47 1.48
N LYS F 33 -66.12 -18.62 1.05
CA LYS F 33 -66.12 -17.23 1.45
C LYS F 33 -66.39 -16.33 0.25
N PRO F 34 -67.02 -15.18 0.46
CA PRO F 34 -67.34 -14.29 -0.66
C PRO F 34 -66.08 -13.68 -1.27
N LEU F 35 -66.26 -13.15 -2.47
CA LEU F 35 -65.13 -12.56 -3.20
C LEU F 35 -64.56 -11.36 -2.47
N ILE F 36 -65.42 -10.51 -1.91
CA ILE F 36 -64.97 -9.30 -1.23
C ILE F 36 -64.23 -9.57 0.07
N TRP F 37 -64.32 -10.79 0.59
CA TRP F 37 -63.66 -11.10 1.85
C TRP F 37 -62.14 -11.04 1.71
N TYR F 38 -61.60 -11.54 0.60
CA TYR F 38 -60.15 -11.64 0.46
C TYR F 38 -59.45 -10.29 0.47
N PRO F 39 -59.86 -9.27 -0.30
CA PRO F 39 -59.19 -7.97 -0.18
C PRO F 39 -59.30 -7.38 1.22
N LEU F 40 -60.45 -7.53 1.88
CA LEU F 40 -60.60 -7.03 3.23
C LEU F 40 -59.69 -7.77 4.20
N ASN F 41 -59.59 -9.09 4.06
CA ASN F 41 -58.69 -9.85 4.93
C ASN F 41 -57.24 -9.42 4.70
N LEU F 42 -56.86 -9.20 3.43
CA LEU F 42 -55.51 -8.73 3.14
C LEU F 42 -55.25 -7.37 3.77
N LEU F 43 -56.23 -6.47 3.70
CA LEU F 43 -56.07 -5.14 4.29
C LEU F 43 -55.89 -5.24 5.81
N GLU F 44 -56.76 -5.99 6.48
CA GLU F 44 -56.70 -6.07 7.93
C GLU F 44 -55.63 -7.02 8.45
N ARG F 45 -54.94 -7.79 7.61
CA ARG F 45 -53.75 -8.50 8.09
C ARG F 45 -52.55 -7.58 8.24
N VAL F 46 -52.50 -6.48 7.50
CA VAL F 46 -51.44 -5.49 7.67
C VAL F 46 -52.04 -4.16 8.11
N GLY F 47 -52.14 -3.96 9.42
CA GLY F 47 -52.72 -2.74 9.96
C GLY F 47 -54.12 -2.51 9.46
N PHE F 48 -54.40 -1.27 9.05
CA PHE F 48 -55.66 -0.88 8.43
C PHE F 48 -56.85 -1.19 9.35
N GLU F 49 -56.87 -0.47 10.47
CA GLU F 49 -57.94 -0.63 11.45
C GLU F 49 -59.30 -0.30 10.83
N GLU F 50 -59.34 0.62 9.87
CA GLU F 50 -60.59 1.02 9.22
C GLU F 50 -60.40 1.01 7.72
N VAL F 51 -61.50 0.81 7.00
CA VAL F 51 -61.48 0.75 5.54
C VAL F 51 -62.79 1.31 5.00
N ILE F 52 -62.69 2.09 3.93
CA ILE F 52 -63.85 2.63 3.23
C ILE F 52 -64.19 1.72 2.07
N VAL F 53 -65.45 1.30 1.99
CA VAL F 53 -65.93 0.39 0.97
C VAL F 53 -67.04 1.08 0.20
N VAL F 54 -66.95 1.06 -1.13
CA VAL F 54 -67.96 1.62 -2.01
C VAL F 54 -68.87 0.49 -2.48
N THR F 55 -70.17 0.67 -2.27
CA THR F 55 -71.15 -0.39 -2.48
C THR F 55 -71.88 -0.17 -3.80
N THR F 56 -71.97 -1.24 -4.59
CA THR F 56 -72.71 -1.18 -5.85
C THR F 56 -74.21 -1.03 -5.58
N ARG F 57 -74.89 -0.35 -6.51
CA ARG F 57 -76.32 -0.11 -6.35
C ARG F 57 -77.12 -0.27 -7.64
N ASP F 58 -76.51 -0.76 -8.72
CA ASP F 58 -77.25 -0.96 -9.96
C ASP F 58 -78.35 -1.99 -9.77
N VAL F 59 -78.02 -3.13 -9.16
CA VAL F 59 -79.02 -4.15 -8.87
C VAL F 59 -79.97 -3.64 -7.78
N GLN F 60 -79.41 -3.10 -6.70
CA GLN F 60 -80.20 -2.58 -5.59
C GLN F 60 -79.27 -1.79 -4.68
N LYS F 61 -79.73 -0.63 -4.20
CA LYS F 61 -78.94 0.17 -3.29
C LYS F 61 -79.12 -0.31 -1.86
N ALA F 62 -78.94 -1.62 -1.65
CA ALA F 62 -79.07 -2.20 -0.31
C ALA F 62 -78.03 -3.28 -0.04
N LEU F 63 -76.98 -3.39 -0.87
CA LEU F 63 -76.00 -4.44 -0.68
C LEU F 63 -75.21 -4.27 0.61
N CYS F 64 -75.12 -3.05 1.13
CA CYS F 64 -74.43 -2.83 2.40
C CYS F 64 -75.11 -3.59 3.54
N ALA F 65 -76.42 -3.86 3.40
CA ALA F 65 -77.15 -4.57 4.45
C ALA F 65 -76.56 -5.95 4.71
N GLU F 66 -76.28 -6.71 3.66
CA GLU F 66 -75.62 -8.00 3.83
C GLU F 66 -74.11 -7.90 3.79
N PHE F 67 -73.55 -6.75 3.39
CA PHE F 67 -72.13 -6.51 3.61
C PHE F 67 -71.82 -6.44 5.11
N LYS F 68 -72.72 -5.83 5.88
CA LYS F 68 -72.52 -5.62 7.32
C LYS F 68 -72.48 -6.92 8.11
N MET F 69 -72.65 -8.07 7.49
CA MET F 69 -72.56 -9.36 8.17
C MET F 69 -71.14 -9.89 8.26
N LYS F 70 -70.16 -9.17 7.70
CA LYS F 70 -68.78 -9.61 7.72
C LYS F 70 -68.18 -9.44 9.11
N MET F 71 -67.18 -10.28 9.41
CA MET F 71 -66.56 -10.32 10.72
C MET F 71 -65.33 -9.41 10.83
N LYS F 72 -65.07 -8.59 9.82
CA LYS F 72 -63.93 -7.68 9.88
C LYS F 72 -64.17 -6.61 10.95
N PRO F 73 -63.09 -6.03 11.50
CA PRO F 73 -63.26 -5.10 12.63
C PRO F 73 -64.08 -3.86 12.30
N ASP F 74 -63.68 -3.09 11.28
CA ASP F 74 -64.36 -1.85 10.93
C ASP F 74 -64.65 -1.83 9.45
N ILE F 75 -65.90 -1.52 9.10
CA ILE F 75 -66.33 -1.44 7.70
C ILE F 75 -67.17 -0.19 7.55
N VAL F 76 -66.90 0.57 6.48
CA VAL F 76 -67.65 1.80 6.18
C VAL F 76 -68.18 1.64 4.76
N CYS F 77 -69.40 1.16 4.62
CA CYS F 77 -70.05 1.03 3.32
C CYS F 77 -70.93 2.23 3.03
N ILE F 78 -71.01 2.59 1.76
CA ILE F 78 -71.91 3.65 1.31
C ILE F 78 -72.61 3.23 0.02
N PRO F 79 -73.94 3.20 0.00
CA PRO F 79 -74.66 2.98 -1.24
C PRO F 79 -74.21 3.91 -2.36
N ASP F 80 -74.58 3.55 -3.58
CA ASP F 80 -74.22 4.34 -4.75
C ASP F 80 -75.46 4.63 -5.59
N ASP F 81 -75.26 5.20 -6.78
CA ASP F 81 -76.34 5.43 -7.72
C ASP F 81 -76.42 4.24 -8.69
N ALA F 82 -77.19 4.41 -9.77
CA ALA F 82 -77.38 3.32 -10.72
C ALA F 82 -76.10 3.01 -11.48
N ASP F 83 -75.44 4.04 -12.02
CA ASP F 83 -74.24 3.87 -12.82
C ASP F 83 -73.18 4.84 -12.34
N MET F 84 -71.95 4.34 -12.21
CA MET F 84 -70.82 5.16 -11.76
C MET F 84 -69.52 4.38 -11.96
N GLY F 85 -68.46 5.11 -12.29
CA GLY F 85 -67.17 4.53 -12.57
C GLY F 85 -66.23 4.64 -11.38
N THR F 86 -65.01 4.11 -11.56
CA THR F 86 -64.04 4.07 -10.46
C THR F 86 -63.60 5.48 -10.07
N ALA F 87 -63.17 6.28 -11.05
CA ALA F 87 -62.80 7.65 -10.74
C ALA F 87 -64.01 8.47 -10.32
N ASP F 88 -65.17 8.19 -10.91
CA ASP F 88 -66.40 8.85 -10.46
C ASP F 88 -66.72 8.48 -9.02
N SER F 89 -66.52 7.21 -8.64
CA SER F 89 -66.69 6.81 -7.25
C SER F 89 -65.71 7.53 -6.35
N LEU F 90 -64.46 7.66 -6.77
CA LEU F 90 -63.47 8.36 -5.96
C LEU F 90 -63.86 9.82 -5.75
N ARG F 91 -64.33 10.49 -6.81
CA ARG F 91 -64.75 11.88 -6.64
C ARG F 91 -66.08 12.00 -5.91
N TYR F 92 -66.83 10.91 -5.82
CA TYR F 92 -67.98 10.89 -4.93
C TYR F 92 -67.56 10.80 -3.47
N ILE F 93 -66.54 9.98 -3.18
CA ILE F 93 -66.13 9.71 -1.80
C ILE F 93 -65.05 10.65 -1.29
N TYR F 94 -64.59 11.61 -2.11
CA TYR F 94 -63.61 12.61 -1.67
C TYR F 94 -63.79 13.19 -0.28
N PRO F 95 -64.99 13.63 0.15
CA PRO F 95 -65.08 14.36 1.42
C PRO F 95 -64.52 13.63 2.63
N LYS F 96 -64.39 12.30 2.58
CA LYS F 96 -63.81 11.54 3.67
C LYS F 96 -62.36 11.11 3.37
N LEU F 97 -61.72 11.70 2.37
CA LEU F 97 -60.34 11.39 2.03
C LEU F 97 -59.45 12.53 2.55
N LYS F 98 -58.43 12.17 3.33
CA LYS F 98 -57.56 13.16 3.96
C LYS F 98 -56.08 12.97 3.67
N THR F 99 -55.65 11.79 3.24
CA THR F 99 -54.23 11.51 3.03
C THR F 99 -54.08 10.66 1.77
N ASP F 100 -52.90 10.08 1.59
CA ASP F 100 -52.65 9.20 0.46
C ASP F 100 -53.59 8.00 0.50
N VAL F 101 -54.07 7.61 -0.68
CA VAL F 101 -55.11 6.59 -0.78
C VAL F 101 -54.53 5.30 -1.31
N LEU F 102 -55.14 4.19 -0.89
CA LEU F 102 -54.80 2.84 -1.36
C LEU F 102 -56.07 2.25 -1.98
N VAL F 103 -56.21 2.41 -3.29
CA VAL F 103 -57.38 1.94 -4.01
C VAL F 103 -57.21 0.48 -4.37
N LEU F 104 -58.22 -0.33 -4.03
CA LEU F 104 -58.28 -1.75 -4.31
C LEU F 104 -59.54 -2.07 -5.11
N SER F 105 -59.68 -3.34 -5.47
CA SER F 105 -60.85 -3.85 -6.16
C SER F 105 -61.34 -5.11 -5.46
N CYS F 106 -62.65 -5.32 -5.51
CA CYS F 106 -63.24 -6.49 -4.84
C CYS F 106 -62.75 -7.80 -5.46
N ASP F 107 -62.53 -7.81 -6.78
CA ASP F 107 -62.12 -9.03 -7.48
C ASP F 107 -60.60 -9.08 -7.59
N LEU F 108 -59.96 -9.33 -6.44
CA LEU F 108 -58.51 -9.48 -6.38
C LEU F 108 -58.17 -10.44 -5.25
N ILE F 109 -57.68 -11.62 -5.60
CA ILE F 109 -57.23 -12.61 -4.64
C ILE F 109 -55.74 -12.80 -4.85
N THR F 110 -54.95 -12.49 -3.82
CA THR F 110 -53.50 -12.57 -3.95
C THR F 110 -52.89 -12.76 -2.56
N ASP F 111 -51.63 -13.21 -2.55
CA ASP F 111 -50.89 -13.45 -1.33
C ASP F 111 -49.60 -12.65 -1.28
N VAL F 112 -49.50 -11.57 -2.05
CA VAL F 112 -48.27 -10.78 -2.10
C VAL F 112 -48.12 -9.99 -0.81
N ALA F 113 -46.87 -9.86 -0.34
CA ALA F 113 -46.57 -8.97 0.78
C ALA F 113 -46.79 -7.54 0.33
N LEU F 114 -47.75 -6.85 0.96
CA LEU F 114 -48.13 -5.52 0.51
C LEU F 114 -46.98 -4.53 0.60
N HIS F 115 -46.05 -4.75 1.54
CA HIS F 115 -44.95 -3.81 1.70
C HIS F 115 -44.15 -3.67 0.42
N GLU F 116 -43.97 -4.78 -0.32
CA GLU F 116 -43.22 -4.76 -1.56
C GLU F 116 -43.74 -3.70 -2.52
N VAL F 117 -45.01 -3.30 -2.38
CA VAL F 117 -45.56 -2.21 -3.17
C VAL F 117 -45.28 -0.90 -2.48
N VAL F 118 -45.72 -0.78 -1.22
CA VAL F 118 -45.70 0.52 -0.55
C VAL F 118 -44.28 0.99 -0.28
N ASP F 119 -43.32 0.07 -0.22
CA ASP F 119 -41.92 0.48 -0.11
C ASP F 119 -41.52 1.34 -1.30
N LEU F 120 -41.91 0.92 -2.51
CA LEU F 120 -41.69 1.76 -3.68
C LEU F 120 -42.41 3.09 -3.54
N PHE F 121 -43.54 3.10 -2.83
CA PHE F 121 -44.24 4.35 -2.57
C PHE F 121 -43.51 5.17 -1.50
N ARG F 122 -42.79 4.53 -0.59
CA ARG F 122 -42.15 5.24 0.51
C ARG F 122 -40.75 5.71 0.14
N ALA F 123 -39.88 4.79 -0.29
CA ALA F 123 -38.47 5.13 -0.49
C ALA F 123 -38.30 6.20 -1.56
N TYR F 124 -39.00 6.08 -2.68
CA TYR F 124 -38.81 6.97 -3.81
C TYR F 124 -39.76 8.15 -3.82
N ASP F 125 -40.63 8.27 -2.81
CA ASP F 125 -41.61 9.36 -2.74
C ASP F 125 -42.44 9.41 -4.03
N ALA F 126 -42.86 8.24 -4.48
CA ALA F 126 -43.53 8.12 -5.76
C ALA F 126 -44.90 8.80 -5.75
N SER F 127 -45.30 9.29 -6.92
CA SER F 127 -46.64 9.83 -7.10
C SER F 127 -47.67 8.76 -7.41
N LEU F 128 -47.23 7.52 -7.68
CA LEU F 128 -48.14 6.43 -8.03
C LEU F 128 -47.37 5.13 -7.90
N ALA F 129 -47.97 4.16 -7.20
CA ALA F 129 -47.40 2.82 -7.09
C ALA F 129 -48.47 1.82 -7.49
N MET F 130 -48.10 0.82 -8.29
CA MET F 130 -49.07 -0.15 -8.76
C MET F 130 -48.45 -1.54 -8.73
N LEU F 131 -49.32 -2.55 -8.86
CA LEU F 131 -48.95 -3.95 -8.79
C LEU F 131 -49.38 -4.66 -10.06
N MET F 132 -48.51 -5.54 -10.57
CA MET F 132 -48.82 -6.33 -11.75
C MET F 132 -48.31 -7.75 -11.55
N ARG F 133 -48.98 -8.69 -12.22
CA ARG F 133 -48.64 -10.11 -12.15
C ARG F 133 -48.01 -10.54 -13.47
N LYS F 134 -46.96 -11.35 -13.37
CA LYS F 134 -46.14 -11.70 -14.53
C LYS F 134 -46.81 -12.81 -15.34
N GLY F 135 -47.39 -12.44 -16.48
CA GLY F 135 -47.80 -13.43 -17.47
C GLY F 135 -48.81 -14.43 -16.94
N GLN F 136 -48.60 -15.69 -17.32
CA GLN F 136 -49.48 -16.80 -16.95
C GLN F 136 -50.93 -16.52 -17.36
N GLN F 154 -56.67 -5.47 -26.72
CA GLN F 154 -56.65 -6.61 -25.80
C GLN F 154 -55.42 -6.57 -24.90
N ARG F 155 -54.24 -6.69 -25.51
CA ARG F 155 -53.00 -6.72 -24.77
C ARG F 155 -52.68 -5.33 -24.20
N ASP F 156 -51.77 -5.31 -23.23
CA ASP F 156 -51.29 -4.07 -22.63
C ASP F 156 -49.78 -4.06 -22.72
N PHE F 157 -49.22 -2.98 -23.28
CA PHE F 157 -47.79 -2.85 -23.46
C PHE F 157 -47.23 -1.95 -22.37
N ILE F 158 -46.37 -2.51 -21.52
CA ILE F 158 -45.81 -1.81 -20.37
C ILE F 158 -44.29 -1.80 -20.53
N GLY F 159 -43.72 -0.61 -20.64
CA GLY F 159 -42.28 -0.48 -20.73
C GLY F 159 -41.67 0.09 -19.46
N VAL F 160 -40.77 -0.67 -18.84
CA VAL F 160 -40.13 -0.27 -17.60
C VAL F 160 -38.64 -0.04 -17.87
N ASP F 161 -37.97 0.53 -16.88
CA ASP F 161 -36.55 0.84 -17.03
C ASP F 161 -35.70 -0.41 -16.77
N SER F 162 -34.38 -0.20 -16.69
CA SER F 162 -33.46 -1.31 -16.48
C SER F 162 -33.69 -1.97 -15.13
N THR F 163 -33.90 -1.18 -14.08
CA THR F 163 -34.10 -1.72 -12.74
C THR F 163 -35.39 -2.50 -12.60
N GLY F 164 -36.33 -2.35 -13.53
CA GLY F 164 -37.58 -3.07 -13.46
C GLY F 164 -38.56 -2.55 -12.43
N LYS F 165 -38.34 -1.36 -11.88
CA LYS F 165 -39.21 -0.77 -10.88
C LYS F 165 -40.01 0.40 -11.41
N ARG F 166 -39.35 1.40 -12.00
CA ARG F 166 -40.06 2.52 -12.59
C ARG F 166 -40.51 2.17 -13.99
N LEU F 167 -41.77 2.46 -14.31
CA LEU F 167 -42.33 2.20 -15.63
C LEU F 167 -42.33 3.49 -16.43
N LEU F 168 -41.90 3.41 -17.68
CA LEU F 168 -41.78 4.58 -18.54
C LEU F 168 -42.82 4.66 -19.64
N PHE F 169 -43.50 3.56 -19.95
CA PHE F 169 -44.43 3.54 -21.07
C PHE F 169 -45.62 2.66 -20.72
N MET F 170 -46.81 3.11 -21.12
CA MET F 170 -48.04 2.38 -20.85
C MET F 170 -48.98 2.60 -22.04
N ALA F 171 -49.40 1.52 -22.68
CA ALA F 171 -50.24 1.68 -23.87
C ALA F 171 -51.13 0.45 -24.07
N ASN F 172 -52.16 0.65 -24.88
CA ASN F 172 -53.07 -0.41 -25.30
C ASN F 172 -53.25 -0.31 -26.81
N GLU F 173 -53.45 -1.46 -27.45
CA GLU F 173 -53.64 -1.46 -28.90
C GLU F 173 -54.97 -0.86 -29.33
N ALA F 174 -55.89 -0.63 -28.40
CA ALA F 174 -57.17 -0.02 -28.75
C ALA F 174 -56.98 1.37 -29.31
N ASP F 175 -56.19 2.21 -28.62
CA ASP F 175 -55.88 3.54 -29.10
C ASP F 175 -54.51 3.61 -29.79
N LEU F 176 -53.83 2.48 -29.93
CA LEU F 176 -52.59 2.41 -30.72
C LEU F 176 -52.99 2.15 -32.17
N ASP F 177 -52.79 3.14 -33.04
CA ASP F 177 -53.33 3.07 -34.39
C ASP F 177 -52.64 1.98 -35.20
N GLU F 178 -51.36 2.14 -35.45
CA GLU F 178 -50.65 1.16 -36.27
C GLU F 178 -49.36 0.65 -35.64
N GLU F 179 -48.63 1.51 -34.93
CA GLU F 179 -47.31 1.15 -34.44
C GLU F 179 -47.06 1.80 -33.09
N LEU F 180 -46.24 1.14 -32.28
CA LEU F 180 -45.88 1.65 -30.96
C LEU F 180 -44.88 2.78 -31.11
N VAL F 181 -45.19 3.93 -30.51
CA VAL F 181 -44.43 5.16 -30.71
C VAL F 181 -43.87 5.62 -29.37
N ILE F 182 -42.56 5.90 -29.36
CA ILE F 182 -41.86 6.35 -28.15
C ILE F 182 -41.17 7.66 -28.45
N LYS F 183 -41.28 8.61 -27.53
CA LYS F 183 -40.63 9.90 -27.69
C LYS F 183 -39.12 9.77 -27.60
N GLY F 184 -38.42 10.66 -28.30
CA GLY F 184 -36.97 10.61 -28.31
C GLY F 184 -36.35 10.95 -26.96
N SER F 185 -36.92 11.92 -26.26
CA SER F 185 -36.34 12.34 -24.98
C SER F 185 -36.45 11.24 -23.93
N ILE F 186 -37.49 10.43 -23.98
CA ILE F 186 -37.64 9.33 -23.02
C ILE F 186 -36.47 8.37 -23.15
N LEU F 187 -36.12 8.01 -24.39
CA LEU F 187 -34.97 7.14 -24.60
C LEU F 187 -33.66 7.88 -24.35
N GLN F 188 -33.66 9.20 -24.50
CA GLN F 188 -32.46 9.98 -24.16
C GLN F 188 -32.15 9.88 -22.68
N LYS F 189 -33.16 10.05 -21.83
CA LYS F 189 -32.95 9.94 -20.39
C LYS F 189 -32.74 8.48 -19.98
N HIS F 190 -33.56 7.57 -20.49
CA HIS F 190 -33.45 6.15 -20.18
C HIS F 190 -33.19 5.38 -21.48
N PRO F 191 -31.95 5.01 -21.77
CA PRO F 191 -31.64 4.38 -23.06
C PRO F 191 -31.95 2.91 -23.14
N ARG F 192 -32.52 2.30 -22.10
CA ARG F 192 -32.86 0.88 -22.12
C ARG F 192 -34.27 0.71 -21.54
N ILE F 193 -35.19 0.25 -22.38
CA ILE F 193 -36.57 0.02 -21.98
C ILE F 193 -36.91 -1.44 -22.20
N ARG F 194 -37.42 -2.10 -21.17
CA ARG F 194 -37.84 -3.49 -21.23
C ARG F 194 -39.36 -3.55 -21.32
N PHE F 195 -39.87 -4.26 -22.31
CA PHE F 195 -41.29 -4.27 -22.63
C PHE F 195 -41.93 -5.59 -22.21
N HIS F 196 -43.12 -5.48 -21.63
CA HIS F 196 -43.94 -6.61 -21.25
C HIS F 196 -45.32 -6.47 -21.87
N THR F 197 -45.92 -7.62 -22.20
CA THR F 197 -47.21 -7.64 -22.88
C THR F 197 -48.22 -8.51 -22.13
N GLY F 198 -47.74 -9.55 -21.46
CA GLY F 198 -48.59 -10.48 -20.76
C GLY F 198 -48.90 -10.11 -19.33
N LEU F 199 -48.50 -8.92 -18.88
CA LEU F 199 -48.71 -8.53 -17.50
C LEU F 199 -50.19 -8.37 -17.19
N VAL F 200 -50.58 -8.75 -15.97
CA VAL F 200 -51.96 -8.66 -15.51
C VAL F 200 -52.04 -7.55 -14.48
N ASP F 201 -52.95 -6.60 -14.70
CA ASP F 201 -53.13 -5.48 -13.77
C ASP F 201 -53.99 -5.93 -12.60
N ALA F 202 -53.44 -5.83 -11.39
CA ALA F 202 -54.14 -6.24 -10.18
C ALA F 202 -55.02 -5.15 -9.59
N HIS F 203 -55.00 -3.94 -10.17
CA HIS F 203 -55.82 -2.81 -9.70
C HIS F 203 -55.58 -2.50 -8.23
N LEU F 204 -54.31 -2.56 -7.82
CA LEU F 204 -53.89 -2.18 -6.48
C LEU F 204 -53.01 -0.94 -6.61
N TYR F 205 -53.54 0.21 -6.20
CA TYR F 205 -52.90 1.49 -6.48
C TYR F 205 -52.67 2.28 -5.21
N CYS F 206 -51.45 2.81 -5.06
CA CYS F 206 -51.12 3.78 -4.02
C CYS F 206 -50.98 5.13 -4.69
N LEU F 207 -51.80 6.09 -4.26
CA LEU F 207 -51.90 7.39 -4.91
C LEU F 207 -51.71 8.51 -3.90
N LYS F 208 -51.02 9.57 -4.35
CA LYS F 208 -50.87 10.79 -3.58
C LYS F 208 -52.18 11.57 -3.56
N LYS F 209 -52.30 12.47 -2.58
CA LYS F 209 -53.50 13.28 -2.45
C LYS F 209 -53.67 14.23 -3.62
N TYR F 210 -52.58 14.83 -4.09
CA TYR F 210 -52.71 15.80 -5.18
C TYR F 210 -53.13 15.15 -6.49
N ILE F 211 -52.89 13.84 -6.65
CA ILE F 211 -53.47 13.15 -7.80
C ILE F 211 -54.99 13.19 -7.73
N VAL F 212 -55.55 12.94 -6.54
CA VAL F 212 -56.99 13.05 -6.36
C VAL F 212 -57.46 14.48 -6.59
N ASP F 213 -56.68 15.46 -6.12
CA ASP F 213 -57.07 16.86 -6.33
C ASP F 213 -57.10 17.21 -7.81
N PHE F 214 -56.10 16.76 -8.57
CA PHE F 214 -56.12 16.97 -10.02
C PHE F 214 -57.31 16.29 -10.65
N LEU F 215 -57.62 15.06 -10.21
CA LEU F 215 -58.84 14.39 -10.66
C LEU F 215 -60.07 15.24 -10.36
N MET F 216 -60.03 16.01 -9.29
CA MET F 216 -61.18 16.83 -8.93
C MET F 216 -61.31 18.04 -9.84
N GLU F 217 -60.16 18.65 -10.18
CA GLU F 217 -60.17 19.79 -11.08
C GLU F 217 -60.54 19.42 -12.51
N ASN F 218 -60.56 18.14 -12.85
CA ASN F 218 -60.85 17.69 -14.22
C ASN F 218 -61.77 16.49 -14.16
N GLY F 219 -63.04 16.68 -14.49
CA GLY F 219 -64.02 15.62 -14.49
C GLY F 219 -64.04 14.76 -15.73
N SER F 220 -63.15 15.01 -16.69
CA SER F 220 -63.13 14.22 -17.91
C SER F 220 -62.79 12.75 -17.65
N ILE F 221 -61.85 12.51 -16.73
CA ILE F 221 -61.42 11.14 -16.44
C ILE F 221 -62.56 10.38 -15.79
N THR F 222 -62.82 9.17 -16.29
CA THR F 222 -63.90 8.33 -15.79
C THR F 222 -63.42 7.08 -15.08
N SER F 223 -62.40 6.41 -15.59
CA SER F 223 -61.85 5.21 -14.99
C SER F 223 -60.37 5.43 -14.67
N ILE F 224 -59.95 4.90 -13.53
CA ILE F 224 -58.56 5.06 -13.10
C ILE F 224 -57.63 4.31 -14.05
N ARG F 225 -57.80 2.99 -14.14
CA ARG F 225 -56.87 2.17 -14.91
C ARG F 225 -56.88 2.51 -16.39
N SER F 226 -58.02 2.94 -16.92
CA SER F 226 -58.15 3.15 -18.36
C SER F 226 -57.68 4.53 -18.80
N GLU F 227 -57.85 5.56 -17.98
CA GLU F 227 -57.47 6.91 -18.40
C GLU F 227 -56.49 7.60 -17.46
N LEU F 228 -56.64 7.44 -16.15
CA LEU F 228 -55.85 8.24 -15.22
C LEU F 228 -54.39 7.83 -15.23
N ILE F 229 -54.12 6.54 -15.05
CA ILE F 229 -52.74 6.07 -14.97
C ILE F 229 -51.96 6.33 -16.26
N PRO F 230 -52.49 5.99 -17.45
CA PRO F 230 -51.76 6.35 -18.68
C PRO F 230 -51.48 7.84 -18.80
N TYR F 231 -52.41 8.69 -18.36
CA TYR F 231 -52.17 10.12 -18.36
C TYR F 231 -50.99 10.48 -17.47
N LEU F 232 -50.92 9.89 -16.28
CA LEU F 232 -49.82 10.18 -15.37
C LEU F 232 -48.49 9.71 -15.96
N VAL F 233 -48.49 8.54 -16.60
CA VAL F 233 -47.27 8.04 -17.23
C VAL F 233 -46.82 8.98 -18.34
N ARG F 234 -47.76 9.44 -19.16
CA ARG F 234 -47.42 10.37 -20.23
C ARG F 234 -46.93 11.71 -19.68
N LYS F 235 -47.42 12.12 -18.51
CA LYS F 235 -47.04 13.40 -17.94
C LYS F 235 -45.73 13.34 -17.16
N GLN F 236 -45.10 12.17 -17.08
CA GLN F 236 -43.80 12.07 -16.42
C GLN F 236 -42.75 12.93 -17.12
N PHE F 237 -42.77 12.92 -18.45
CA PHE F 237 -41.78 13.62 -19.26
C PHE F 237 -42.47 14.78 -19.97
N SER F 238 -42.51 15.93 -19.30
CA SER F 238 -43.15 17.11 -19.85
C SER F 238 -42.33 17.69 -21.00
N LYS F 259 -41.30 18.77 -7.97
CA LYS F 259 -41.69 19.42 -9.21
C LYS F 259 -42.08 18.40 -10.28
N SER F 260 -41.51 17.20 -10.17
CA SER F 260 -41.79 16.11 -11.09
C SER F 260 -42.48 14.97 -10.36
N LEU F 261 -43.21 14.17 -11.14
CA LEU F 261 -43.94 13.02 -10.61
C LEU F 261 -43.29 11.72 -11.08
N ASP F 262 -43.34 10.71 -10.22
CA ASP F 262 -42.74 9.42 -10.49
C ASP F 262 -43.77 8.32 -10.29
N ILE F 263 -43.65 7.26 -11.09
CA ILE F 263 -44.58 6.15 -11.08
C ILE F 263 -43.77 4.85 -11.04
N TYR F 264 -44.15 3.95 -10.12
CA TYR F 264 -43.44 2.69 -9.95
C TYR F 264 -44.44 1.53 -9.95
N SER F 265 -43.97 0.39 -10.43
CA SER F 265 -44.77 -0.83 -10.49
C SER F 265 -43.97 -1.99 -9.94
N PHE F 266 -44.64 -2.87 -9.21
CA PHE F 266 -44.04 -4.09 -8.71
C PHE F 266 -44.60 -5.26 -9.51
N ILE F 267 -43.72 -5.99 -10.19
CA ILE F 267 -44.10 -7.10 -11.04
C ILE F 267 -43.80 -8.38 -10.27
N LYS F 268 -44.84 -9.05 -9.80
CA LYS F 268 -44.70 -10.30 -9.07
C LYS F 268 -44.71 -11.47 -10.05
N GLU F 269 -43.84 -12.44 -9.82
CA GLU F 269 -43.60 -13.51 -10.77
C GLU F 269 -44.14 -14.87 -10.34
N ALA F 270 -44.11 -15.20 -9.03
CA ALA F 270 -44.59 -16.50 -8.55
C ALA F 270 -45.56 -16.26 -7.41
N ASN F 271 -46.83 -16.03 -7.75
CA ASN F 271 -47.89 -15.85 -6.77
C ASN F 271 -49.26 -15.90 -7.45
N THR F 272 -50.31 -15.56 -6.71
CA THR F 272 -51.67 -15.67 -7.20
C THR F 272 -52.25 -14.32 -7.59
N LEU F 273 -53.23 -14.36 -8.48
CA LEU F 273 -53.99 -13.18 -8.89
C LEU F 273 -55.38 -13.64 -9.33
N ASN F 274 -56.30 -12.69 -9.42
CA ASN F 274 -57.69 -13.03 -9.71
C ASN F 274 -58.34 -11.92 -10.52
N LEU F 275 -59.47 -12.26 -11.13
CA LEU F 275 -60.21 -11.33 -11.97
C LEU F 275 -61.67 -11.75 -12.03
N ALA F 276 -62.45 -10.96 -12.76
CA ALA F 276 -63.90 -11.11 -12.89
C ALA F 276 -64.28 -12.32 -13.76
N PRO F 277 -63.43 -12.72 -14.70
CA PRO F 277 -63.85 -13.72 -15.70
C PRO F 277 -64.26 -15.04 -15.07
N TYR F 278 -65.21 -15.71 -15.73
CA TYR F 278 -65.72 -16.98 -15.22
C TYR F 278 -64.63 -18.04 -15.17
N ASP F 279 -63.81 -18.12 -16.23
CA ASP F 279 -62.65 -19.01 -16.18
C ASP F 279 -61.69 -18.60 -15.07
N ALA F 280 -61.47 -17.29 -14.92
CA ALA F 280 -60.68 -16.80 -13.80
C ALA F 280 -61.34 -17.12 -12.47
N CYS F 281 -62.68 -17.09 -12.43
CA CYS F 281 -63.40 -17.48 -11.21
C CYS F 281 -63.14 -18.94 -10.86
N TRP F 282 -63.17 -19.82 -11.86
CA TRP F 282 -62.89 -21.23 -11.62
C TRP F 282 -61.45 -21.42 -11.17
N ASN F 283 -60.51 -20.71 -11.80
CA ASN F 283 -59.11 -20.81 -11.38
C ASN F 283 -58.92 -20.33 -9.95
N ALA F 284 -59.58 -19.24 -9.58
CA ALA F 284 -59.51 -18.73 -8.21
C ALA F 284 -60.11 -19.72 -7.23
N CYS F 285 -61.23 -20.36 -7.61
CA CYS F 285 -61.82 -21.37 -6.73
C CYS F 285 -60.87 -22.55 -6.55
N ARG F 286 -60.18 -22.96 -7.62
CA ARG F 286 -59.21 -24.04 -7.52
C ARG F 286 -58.04 -23.65 -6.62
N GLY F 287 -57.54 -22.42 -6.75
CA GLY F 287 -56.37 -22.00 -6.00
C GLY F 287 -56.62 -21.60 -4.57
N ASP F 288 -57.86 -21.21 -4.24
CA ASP F 288 -58.15 -20.72 -2.90
C ASP F 288 -57.99 -21.81 -1.85
N ARG F 289 -58.27 -23.08 -2.21
CA ARG F 289 -58.12 -24.16 -1.25
C ARG F 289 -56.68 -24.27 -0.75
N TRP F 290 -55.72 -24.16 -1.66
CA TRP F 290 -54.32 -24.10 -1.25
C TRP F 290 -54.00 -22.78 -0.57
N GLU F 291 -54.60 -21.68 -1.04
CA GLU F 291 -54.30 -20.37 -0.48
C GLU F 291 -54.89 -20.21 0.92
N ASP F 292 -56.14 -20.62 1.12
CA ASP F 292 -56.82 -20.40 2.39
C ASP F 292 -56.26 -21.25 3.51
N LEU F 293 -55.39 -22.23 3.21
CA LEU F 293 -54.83 -23.07 4.27
C LEU F 293 -53.99 -22.25 5.23
N SER F 294 -53.17 -21.34 4.70
CA SER F 294 -52.31 -20.50 5.53
C SER F 294 -52.97 -19.21 5.99
N ARG F 295 -54.19 -18.93 5.53
CA ARG F 295 -54.89 -17.71 5.91
C ARG F 295 -56.25 -18.04 6.53
N GLN G 166 15.72 -45.60 22.59
CA GLN G 166 16.40 -44.35 22.27
C GLN G 166 16.06 -43.27 23.29
N VAL G 167 16.65 -42.10 23.12
CA VAL G 167 16.41 -40.98 24.06
C VAL G 167 14.98 -40.47 23.88
N PRO G 168 14.22 -40.29 24.94
CA PRO G 168 12.85 -39.80 24.82
C PRO G 168 12.83 -38.30 24.57
N THR G 169 11.62 -37.75 24.55
CA THR G 169 11.42 -36.32 24.33
C THR G 169 11.11 -35.62 25.64
N ARG G 170 11.76 -34.48 25.86
CA ARG G 170 11.53 -33.72 27.07
C ARG G 170 10.11 -33.15 27.09
N LYS G 171 9.49 -33.19 28.26
CA LYS G 171 8.10 -32.77 28.42
C LYS G 171 8.02 -31.26 28.60
N ASP G 172 7.10 -30.63 27.88
CA ASP G 172 6.85 -29.21 28.05
C ASP G 172 6.27 -28.94 29.44
N TYR G 173 6.62 -27.79 29.99
CA TYR G 173 6.24 -27.41 31.34
C TYR G 173 5.33 -26.20 31.29
N GLY G 174 4.22 -26.26 32.01
CA GLY G 174 3.30 -25.15 32.09
C GLY G 174 2.55 -24.93 30.78
N SER G 175 1.94 -23.74 30.70
CA SER G 175 1.20 -23.32 29.53
C SER G 175 1.93 -22.17 28.85
N LYS G 176 2.02 -22.23 27.53
CA LYS G 176 2.77 -21.25 26.76
C LYS G 176 1.85 -20.13 26.28
N VAL G 177 2.48 -19.00 25.91
CA VAL G 177 1.75 -17.91 25.28
C VAL G 177 1.31 -18.35 23.89
N SER G 178 0.09 -17.97 23.51
CA SER G 178 -0.45 -18.38 22.22
C SER G 178 0.44 -17.95 21.06
N LEU G 179 1.13 -16.82 21.19
CA LEU G 179 2.02 -16.35 20.15
C LEU G 179 3.37 -17.07 20.15
N PHE G 180 3.70 -17.77 21.23
CA PHE G 180 4.94 -18.54 21.32
C PHE G 180 4.69 -20.04 21.41
N SER G 181 3.52 -20.50 20.98
CA SER G 181 3.15 -21.90 21.11
C SER G 181 3.97 -22.82 20.21
N HIS G 182 4.72 -22.28 19.26
CA HIS G 182 5.53 -23.10 18.36
C HIS G 182 6.95 -23.31 18.88
N LEU G 183 7.26 -22.81 20.07
CA LEU G 183 8.59 -22.97 20.66
C LEU G 183 8.52 -23.89 21.87
N PRO G 184 9.56 -24.68 22.12
CA PRO G 184 9.56 -25.54 23.31
C PRO G 184 9.87 -24.75 24.57
N GLN G 185 9.18 -25.12 25.65
CA GLN G 185 9.37 -24.48 26.96
C GLN G 185 9.50 -25.58 28.00
N TYR G 186 10.66 -25.65 28.65
CA TYR G 186 10.99 -26.71 29.59
C TYR G 186 11.08 -26.16 31.00
N SER G 187 11.47 -27.03 31.92
CA SER G 187 11.71 -26.67 33.31
C SER G 187 13.06 -27.21 33.74
N ARG G 188 13.75 -26.46 34.60
CA ARG G 188 15.08 -26.86 35.04
C ARG G 188 15.02 -28.09 35.93
N GLN G 189 13.96 -28.24 36.73
CA GLN G 189 13.85 -29.39 37.62
C GLN G 189 13.75 -30.69 36.83
N ASN G 190 13.01 -30.68 35.73
CA ASN G 190 12.86 -31.88 34.91
C ASN G 190 14.13 -32.11 34.11
N SER G 191 14.78 -33.24 34.34
CA SER G 191 16.00 -33.61 33.64
C SER G 191 15.73 -34.77 32.70
N LEU G 192 16.39 -34.76 31.55
CA LEU G 192 16.21 -35.79 30.54
C LEU G 192 16.98 -37.07 30.85
N THR G 193 17.87 -37.05 31.84
CA THR G 193 18.71 -38.20 32.15
C THR G 193 18.08 -39.19 33.10
N GLN G 194 16.85 -38.93 33.56
CA GLN G 194 16.18 -39.88 34.45
C GLN G 194 15.64 -41.10 33.71
N PHE G 195 15.63 -41.07 32.37
CA PHE G 195 15.14 -42.19 31.57
C PHE G 195 16.25 -42.80 30.71
N MET G 196 17.51 -42.55 31.06
CA MET G 196 18.65 -43.05 30.31
C MET G 196 19.53 -43.89 31.22
N SER G 197 20.16 -44.92 30.64
CA SER G 197 20.99 -45.83 31.41
C SER G 197 22.16 -45.08 32.03
N ILE G 198 22.51 -45.46 33.27
CA ILE G 198 23.61 -44.79 33.97
C ILE G 198 24.94 -44.95 33.24
N PRO G 199 25.36 -46.17 32.85
CA PRO G 199 26.51 -46.22 31.91
C PRO G 199 26.00 -45.99 30.49
N SER G 200 25.88 -44.70 30.14
CA SER G 200 25.18 -44.30 28.94
C SER G 200 25.78 -44.96 27.70
N SER G 201 24.92 -45.50 26.85
CA SER G 201 25.32 -46.18 25.63
C SER G 201 24.83 -45.46 24.38
N VAL G 202 23.55 -45.10 24.34
CA VAL G 202 23.01 -44.38 23.19
C VAL G 202 23.70 -43.03 23.03
N ILE G 203 23.88 -42.31 24.13
CA ILE G 203 24.52 -41.00 24.14
C ILE G 203 25.88 -41.13 24.82
N HIS G 204 26.88 -40.49 24.23
CA HIS G 204 28.21 -40.53 24.81
C HIS G 204 28.20 -39.86 26.18
N PRO G 205 28.95 -40.39 27.16
CA PRO G 205 28.93 -39.78 28.51
C PRO G 205 29.34 -38.32 28.53
N ALA G 206 30.30 -37.93 27.69
CA ALA G 206 30.68 -36.52 27.62
C ALA G 206 29.52 -35.66 27.16
N MET G 207 28.78 -36.12 26.14
CA MET G 207 27.61 -35.40 25.69
C MET G 207 26.53 -35.36 26.76
N VAL G 208 26.40 -36.43 27.54
CA VAL G 208 25.42 -36.46 28.63
C VAL G 208 25.76 -35.40 29.67
N ARG G 209 27.03 -35.33 30.07
CA ARG G 209 27.45 -34.31 31.03
C ARG G 209 27.24 -32.90 30.46
N LEU G 210 27.59 -32.71 29.19
CA LEU G 210 27.44 -31.40 28.57
C LEU G 210 25.98 -30.97 28.53
N GLY G 211 25.09 -31.88 28.16
CA GLY G 211 23.67 -31.57 28.15
C GLY G 211 23.12 -31.31 29.54
N LEU G 212 23.60 -32.07 30.53
CA LEU G 212 23.18 -31.85 31.90
C LEU G 212 23.57 -30.46 32.37
N GLN G 213 24.78 -30.01 32.05
CA GLN G 213 25.20 -28.69 32.51
C GLN G 213 24.71 -27.56 31.62
N TYR G 214 24.24 -27.86 30.40
CA TYR G 214 23.49 -26.87 29.64
C TYR G 214 22.09 -26.67 30.22
N SER G 215 21.40 -27.78 30.52
CA SER G 215 20.02 -27.68 31.01
C SER G 215 19.97 -27.05 32.40
N GLN G 216 20.95 -27.32 33.25
CA GLN G 216 20.99 -26.76 34.59
C GLN G 216 21.55 -25.35 34.63
N GLY G 217 22.09 -24.85 33.52
CA GLY G 217 22.59 -23.49 33.46
C GLY G 217 23.98 -23.30 34.01
N LEU G 218 24.80 -24.36 34.07
CA LEU G 218 26.16 -24.21 34.54
C LEU G 218 27.09 -23.59 33.50
N VAL G 219 26.68 -23.58 32.24
CA VAL G 219 27.40 -22.91 31.16
C VAL G 219 26.43 -21.96 30.48
N SER G 220 26.73 -20.67 30.50
CA SER G 220 25.77 -19.65 30.06
C SER G 220 26.23 -18.88 28.84
N GLY G 221 27.44 -18.34 28.85
CA GLY G 221 27.88 -17.48 27.76
C GLY G 221 27.98 -18.23 26.45
N SER G 222 27.78 -17.50 25.35
CA SER G 222 27.85 -18.10 24.03
C SER G 222 29.24 -18.65 23.74
N ASN G 223 30.27 -17.86 24.06
CA ASN G 223 31.64 -18.34 23.90
C ASN G 223 31.90 -19.55 24.79
N ALA G 224 31.45 -19.50 26.05
CA ALA G 224 31.64 -20.62 26.95
C ALA G 224 30.90 -21.86 26.45
N ARG G 225 29.68 -21.68 25.93
CA ARG G 225 28.93 -22.81 25.39
C ARG G 225 29.65 -23.43 24.20
N CYS G 226 30.17 -22.58 23.30
CA CYS G 226 30.90 -23.11 22.15
C CYS G 226 32.15 -23.86 22.57
N ILE G 227 32.90 -23.31 23.52
CA ILE G 227 34.13 -23.97 23.97
C ILE G 227 33.81 -25.30 24.63
N ALA G 228 32.77 -25.34 25.48
CA ALA G 228 32.39 -26.58 26.13
C ALA G 228 31.94 -27.62 25.12
N LEU G 229 31.14 -27.20 24.13
CA LEU G 229 30.72 -28.12 23.09
C LEU G 229 31.90 -28.68 22.32
N LEU G 230 32.87 -27.82 21.98
CA LEU G 230 34.02 -28.28 21.20
C LEU G 230 34.91 -29.20 22.03
N ARG G 231 35.04 -28.95 23.33
CA ARG G 231 35.82 -29.85 24.18
C ARG G 231 35.16 -31.21 24.29
N ALA G 232 33.85 -31.25 24.58
CA ALA G 232 33.15 -32.52 24.66
C ALA G 232 33.18 -33.24 23.32
N LEU G 233 33.16 -32.48 22.23
CA LEU G 233 33.18 -33.07 20.89
C LEU G 233 34.55 -33.64 20.55
N GLN G 234 35.61 -32.98 21.02
CA GLN G 234 36.95 -33.55 20.90
C GLN G 234 37.06 -34.84 21.68
N GLN G 235 36.47 -34.89 22.89
CA GLN G 235 36.45 -36.14 23.64
C GLN G 235 35.71 -37.23 22.90
N VAL G 236 34.57 -36.89 22.30
CA VAL G 236 33.79 -37.87 21.54
C VAL G 236 34.59 -38.39 20.35
N ILE G 237 35.29 -37.49 19.65
CA ILE G 237 36.11 -37.91 18.51
C ILE G 237 37.25 -38.81 18.98
N GLN G 238 37.85 -38.49 20.12
CA GLN G 238 38.92 -39.32 20.65
C GLN G 238 38.44 -40.72 20.98
N ASP G 239 37.26 -40.82 21.61
CA ASP G 239 36.71 -42.13 21.95
C ASP G 239 36.12 -42.87 20.76
N TYR G 240 35.91 -42.18 19.64
CA TYR G 240 35.24 -42.80 18.50
C TYR G 240 36.13 -43.82 17.82
N THR G 241 35.55 -44.98 17.49
CA THR G 241 36.20 -46.01 16.71
C THR G 241 35.33 -46.35 15.52
N THR G 242 35.92 -46.37 14.33
CA THR G 242 35.13 -46.62 13.13
C THR G 242 34.61 -48.06 13.13
N PRO G 243 33.33 -48.26 12.78
CA PRO G 243 32.81 -49.62 12.70
C PRO G 243 33.38 -50.34 11.50
N PRO G 244 33.48 -51.67 11.56
CA PRO G 244 33.94 -52.41 10.38
C PRO G 244 32.98 -52.25 9.22
N ASN G 245 33.54 -52.22 8.01
CA ASN G 245 32.77 -52.13 6.77
C ASN G 245 31.97 -50.83 6.74
N GLU G 246 32.68 -49.71 6.89
CA GLU G 246 32.07 -48.39 6.91
C GLU G 246 33.17 -47.34 6.68
N GLU G 247 32.73 -46.13 6.37
CA GLU G 247 33.64 -45.00 6.15
C GLU G 247 33.45 -43.96 7.24
N LEU G 248 34.57 -43.45 7.77
CA LEU G 248 34.51 -42.50 8.87
C LEU G 248 33.83 -41.20 8.46
N SER G 249 34.07 -40.74 7.23
CA SER G 249 33.62 -39.42 6.80
C SER G 249 32.10 -39.27 6.83
N ARG G 250 31.36 -40.37 6.84
CA ARG G 250 29.91 -40.36 6.93
C ARG G 250 29.39 -40.94 8.24
N ASP G 251 30.03 -41.99 8.74
CA ASP G 251 29.61 -42.61 9.99
C ASP G 251 29.77 -41.64 11.15
N LEU G 252 30.84 -40.84 11.15
CA LEU G 252 31.05 -39.88 12.23
C LEU G 252 29.93 -38.86 12.28
N VAL G 253 29.52 -38.33 11.13
CA VAL G 253 28.42 -37.37 11.10
C VAL G 253 27.11 -38.02 11.52
N ASN G 254 26.85 -39.24 11.02
CA ASN G 254 25.61 -39.93 11.37
C ASN G 254 25.55 -40.22 12.87
N LYS G 255 26.69 -40.53 13.48
CA LYS G 255 26.74 -40.74 14.93
C LYS G 255 26.62 -39.44 15.71
N LEU G 256 27.15 -38.34 15.16
CA LEU G 256 27.11 -37.07 15.87
C LEU G 256 25.70 -36.46 15.86
N LYS G 257 24.90 -36.73 14.83
CA LYS G 257 23.58 -36.11 14.75
C LYS G 257 22.70 -36.38 15.96
N PRO G 258 22.54 -37.62 16.44
CA PRO G 258 21.72 -37.82 17.65
C PRO G 258 22.25 -37.09 18.88
N TYR G 259 23.57 -36.94 18.99
CA TYR G 259 24.13 -36.16 20.10
C TYR G 259 23.68 -34.71 20.03
N MET G 260 23.70 -34.13 18.82
CA MET G 260 23.22 -32.76 18.66
C MET G 260 21.73 -32.65 18.96
N SER G 261 20.94 -33.66 18.55
CA SER G 261 19.52 -33.65 18.89
C SER G 261 19.30 -33.68 20.39
N PHE G 262 20.06 -34.52 21.10
CA PHE G 262 19.95 -34.59 22.56
C PHE G 262 20.36 -33.26 23.20
N LEU G 263 21.43 -32.65 22.69
CA LEU G 263 21.86 -31.36 23.22
C LEU G 263 20.80 -30.29 23.00
N THR G 264 20.16 -30.29 21.83
CA THR G 264 19.08 -29.35 21.57
C THR G 264 17.92 -29.59 22.53
N GLN G 265 17.62 -30.87 22.81
CA GLN G 265 16.57 -31.17 23.78
C GLN G 265 16.92 -30.63 25.16
N CYS G 266 18.18 -30.75 25.57
CA CYS G 266 18.58 -30.23 26.87
C CYS G 266 18.43 -28.71 26.92
N ARG G 267 18.83 -28.02 25.87
CA ARG G 267 18.65 -26.58 25.74
C ARG G 267 18.87 -26.18 24.28
N PRO G 268 18.05 -25.30 23.72
CA PRO G 268 18.20 -24.93 22.31
C PRO G 268 19.59 -24.38 22.02
N LEU G 269 20.14 -24.77 20.88
CA LEU G 269 21.50 -24.41 20.52
C LEU G 269 21.59 -22.92 20.21
N SER G 270 22.79 -22.38 20.35
CA SER G 270 23.07 -20.98 20.05
C SER G 270 23.71 -20.85 18.68
N ALA G 271 23.86 -19.60 18.24
CA ALA G 271 24.44 -19.34 16.92
C ALA G 271 25.89 -19.81 16.86
N SER G 272 26.66 -19.58 17.91
CA SER G 272 28.05 -20.03 17.93
C SER G 272 28.12 -21.55 17.85
N MET G 273 27.27 -22.25 18.59
CA MET G 273 27.26 -23.70 18.54
C MET G 273 26.83 -24.21 17.17
N HIS G 274 25.86 -23.56 16.54
CA HIS G 274 25.45 -23.94 15.20
C HIS G 274 26.61 -23.78 14.21
N ASN G 275 27.32 -22.65 14.28
CA ASN G 275 28.44 -22.43 13.39
C ASN G 275 29.55 -23.43 13.63
N ALA G 276 29.83 -23.76 14.90
CA ALA G 276 30.86 -24.75 15.20
C ALA G 276 30.46 -26.12 14.67
N ILE G 277 29.19 -26.49 14.81
CA ILE G 277 28.72 -27.77 14.30
C ILE G 277 28.85 -27.82 12.78
N LYS G 278 28.49 -26.74 12.10
CA LYS G 278 28.66 -26.70 10.65
C LYS G 278 30.12 -26.82 10.25
N PHE G 279 31.00 -26.11 10.97
CA PHE G 279 32.43 -26.17 10.68
C PHE G 279 32.97 -27.59 10.84
N LEU G 280 32.58 -28.26 11.94
CA LEU G 280 33.08 -29.63 12.13
C LEU G 280 32.48 -30.59 11.11
N ASN G 281 31.23 -30.39 10.71
CA ASN G 281 30.65 -31.24 9.67
C ASN G 281 31.41 -31.08 8.38
N LYS G 282 31.75 -29.84 8.02
CA LYS G 282 32.55 -29.62 6.80
C LYS G 282 33.93 -30.24 6.94
N GLU G 283 34.54 -30.15 8.12
CA GLU G 283 35.87 -30.72 8.32
C GLU G 283 35.85 -32.23 8.20
N ILE G 284 34.86 -32.88 8.82
CA ILE G 284 34.75 -34.34 8.74
C ILE G 284 34.45 -34.78 7.31
N THR G 285 33.57 -34.06 6.61
CA THR G 285 33.23 -34.43 5.24
C THR G 285 34.47 -34.38 4.34
N SER G 286 35.38 -33.46 4.62
CA SER G 286 36.59 -33.31 3.82
C SER G 286 37.67 -34.31 4.16
N VAL G 287 37.47 -35.14 5.19
CA VAL G 287 38.47 -36.14 5.56
C VAL G 287 38.56 -37.20 4.48
N GLY G 288 39.77 -37.48 4.03
CA GLY G 288 39.95 -38.44 2.96
C GLY G 288 39.59 -39.85 3.40
N SER G 289 39.14 -40.65 2.43
CA SER G 289 38.74 -42.03 2.68
C SER G 289 39.92 -42.99 2.69
N SER G 290 41.09 -42.57 2.22
CA SER G 290 42.25 -43.43 2.10
C SER G 290 43.28 -43.20 3.20
N LYS G 291 42.97 -42.40 4.20
CA LYS G 291 43.91 -42.07 5.26
C LYS G 291 43.60 -42.86 6.52
N ARG G 292 44.60 -42.96 7.38
CA ARG G 292 44.48 -43.77 8.59
C ARG G 292 43.53 -43.12 9.59
N GLU G 293 42.92 -43.97 10.42
CA GLU G 293 41.98 -43.48 11.42
C GLU G 293 42.65 -42.58 12.45
N GLU G 294 43.84 -42.97 12.91
CA GLU G 294 44.55 -42.17 13.91
C GLU G 294 44.92 -40.81 13.34
N GLU G 295 45.40 -40.76 12.10
CA GLU G 295 45.74 -39.49 11.47
C GLU G 295 44.51 -38.61 11.33
N ALA G 296 43.38 -39.19 10.94
CA ALA G 296 42.15 -38.41 10.81
C ALA G 296 41.70 -37.85 12.15
N LYS G 297 41.77 -38.67 13.20
CA LYS G 297 41.39 -38.20 14.53
C LYS G 297 42.30 -37.07 15.01
N SER G 298 43.61 -37.23 14.81
CA SER G 298 44.54 -36.18 15.21
C SER G 298 44.30 -34.89 14.43
N GLU G 299 44.04 -35.02 13.13
CA GLU G 299 43.77 -33.83 12.31
C GLU G 299 42.48 -33.14 12.75
N LEU G 300 41.45 -33.91 13.10
CA LEU G 300 40.21 -33.31 13.59
C LEU G 300 40.44 -32.58 14.91
N ARG G 301 41.20 -33.17 15.82
CA ARG G 301 41.50 -32.51 17.08
C ARG G 301 42.29 -31.23 16.85
N ALA G 302 43.29 -31.27 15.96
CA ALA G 302 44.07 -30.07 15.66
C ALA G 302 43.22 -29.00 15.01
N ALA G 303 42.30 -29.40 14.13
CA ALA G 303 41.40 -28.43 13.50
C ALA G 303 40.50 -27.77 14.52
N ILE G 304 39.98 -28.55 15.47
CA ILE G 304 39.14 -27.97 16.52
C ILE G 304 39.95 -26.99 17.35
N ASP G 305 41.18 -27.35 17.70
CA ASP G 305 42.03 -26.45 18.47
C ASP G 305 42.31 -25.15 17.71
N ARG G 306 42.64 -25.26 16.42
CA ARG G 306 42.91 -24.08 15.62
C ARG G 306 41.66 -23.20 15.50
N TYR G 307 40.50 -23.83 15.31
CA TYR G 307 39.25 -23.08 15.26
C TYR G 307 39.04 -22.30 16.55
N VAL G 308 39.19 -22.96 17.70
CA VAL G 308 39.00 -22.29 18.97
C VAL G 308 39.95 -21.10 19.07
N GLN G 309 41.24 -21.34 18.82
CA GLN G 309 42.23 -20.27 18.94
C GLN G 309 41.88 -19.10 18.05
N GLU G 310 41.89 -19.32 16.73
CA GLU G 310 41.76 -18.22 15.77
C GLU G 310 40.37 -17.61 15.73
N LYS G 311 39.35 -18.25 16.32
CA LYS G 311 38.01 -17.69 16.29
C LYS G 311 37.59 -17.04 17.60
N ILE G 312 38.26 -17.35 18.71
CA ILE G 312 37.95 -16.71 19.99
C ILE G 312 39.12 -15.84 20.47
N VAL G 313 40.30 -16.41 20.65
CA VAL G 313 41.36 -15.70 21.37
C VAL G 313 41.90 -14.55 20.53
N LEU G 314 42.38 -14.86 19.33
CA LEU G 314 42.94 -13.83 18.46
C LEU G 314 41.87 -12.83 18.05
N ALA G 315 40.64 -13.31 17.85
CA ALA G 315 39.54 -12.41 17.51
C ALA G 315 39.29 -11.41 18.63
N ALA G 316 39.27 -11.88 19.88
CA ALA G 316 39.07 -10.97 21.01
C ALA G 316 40.22 -9.98 21.13
N GLN G 317 41.45 -10.44 20.92
CA GLN G 317 42.58 -9.53 21.00
C GLN G 317 42.49 -8.44 19.93
N ALA G 318 42.15 -8.82 18.70
CA ALA G 318 42.02 -7.85 17.62
C ALA G 318 40.88 -6.87 17.89
N ILE G 319 39.76 -7.38 18.41
CA ILE G 319 38.62 -6.51 18.69
C ILE G 319 38.96 -5.53 19.81
N SER G 320 39.72 -5.98 20.82
CA SER G 320 40.14 -5.07 21.88
C SER G 320 41.07 -3.98 21.31
N ARG G 321 42.00 -4.37 20.45
CA ARG G 321 42.89 -3.38 19.84
C ARG G 321 42.10 -2.37 19.02
N PHE G 322 41.11 -2.83 18.25
CA PHE G 322 40.30 -1.92 17.46
C PHE G 322 39.47 -1.00 18.33
N ALA G 323 38.88 -1.53 19.40
CA ALA G 323 38.02 -0.73 20.27
C ALA G 323 38.81 0.24 21.14
N TYR G 324 40.12 0.02 21.29
CA TYR G 324 40.92 0.98 22.05
C TYR G 324 40.89 2.37 21.43
N GLN G 325 40.71 2.45 20.11
CA GLN G 325 40.71 3.77 19.45
C GLN G 325 39.49 4.59 19.83
N LYS G 326 38.30 3.98 19.86
CA LYS G 326 37.09 4.73 20.19
C LYS G 326 37.09 5.21 21.63
N ILE G 327 37.57 4.38 22.56
CA ILE G 327 37.55 4.75 23.97
C ILE G 327 38.54 5.87 24.21
N SER G 328 38.05 6.99 24.74
CA SER G 328 38.86 8.17 24.99
C SER G 328 38.87 8.47 26.49
N ASN G 329 39.60 9.51 26.86
CA ASN G 329 39.75 9.87 28.27
C ASN G 329 38.54 10.65 28.75
N GLY G 330 38.05 10.29 29.92
CA GLY G 330 36.98 11.04 30.56
C GLY G 330 35.60 10.86 29.97
N ASP G 331 35.36 9.77 29.25
CA ASP G 331 34.04 9.51 28.69
C ASP G 331 33.33 8.42 29.49
N VAL G 332 32.04 8.26 29.20
CA VAL G 332 31.18 7.31 29.92
C VAL G 332 30.69 6.26 28.95
N ILE G 333 30.85 5.00 29.32
CA ILE G 333 30.48 3.86 28.49
C ILE G 333 29.41 3.05 29.22
N LEU G 334 28.33 2.74 28.53
CA LEU G 334 27.23 1.96 29.10
C LEU G 334 27.26 0.57 28.50
N VAL G 335 27.31 -0.45 29.36
CA VAL G 335 27.33 -1.84 28.94
C VAL G 335 26.10 -2.54 29.52
N TYR G 336 25.70 -3.64 28.87
CA TYR G 336 24.51 -4.37 29.25
C TYR G 336 24.84 -5.85 29.41
N GLY G 337 24.30 -6.45 30.47
CA GLY G 337 24.44 -7.87 30.70
C GLY G 337 25.89 -8.28 30.95
N CYS G 338 26.15 -9.55 30.67
CA CYS G 338 27.49 -10.11 30.82
C CYS G 338 27.95 -10.66 29.48
N SER G 339 29.14 -10.25 29.06
CA SER G 339 29.79 -10.80 27.88
C SER G 339 31.29 -10.69 28.07
N SER G 340 32.01 -11.77 27.73
CA SER G 340 33.44 -11.78 27.95
C SER G 340 34.15 -10.75 27.07
N LEU G 341 33.65 -10.53 25.85
CA LEU G 341 34.31 -9.61 24.94
C LEU G 341 34.28 -8.18 25.48
N VAL G 342 33.13 -7.73 25.97
CA VAL G 342 33.02 -6.36 26.49
C VAL G 342 33.91 -6.18 27.71
N SER G 343 33.91 -7.16 28.62
CA SER G 343 34.74 -7.06 29.81
C SER G 343 36.22 -7.02 29.45
N ARG G 344 36.64 -7.87 28.51
CA ARG G 344 38.03 -7.86 28.08
C ARG G 344 38.40 -6.53 27.43
N ILE G 345 37.50 -5.99 26.60
CA ILE G 345 37.77 -4.70 25.94
C ILE G 345 37.97 -3.62 26.99
N LEU G 346 37.06 -3.54 27.96
CA LEU G 346 37.15 -2.50 28.98
C LEU G 346 38.39 -2.67 29.83
N GLN G 347 38.70 -3.90 30.23
CA GLN G 347 39.88 -4.14 31.07
C GLN G 347 41.16 -3.77 30.33
N GLU G 348 41.28 -4.18 29.07
CA GLU G 348 42.47 -3.85 28.30
C GLU G 348 42.59 -2.36 28.06
N ALA G 349 41.47 -1.69 27.79
CA ALA G 349 41.51 -0.24 27.60
C ALA G 349 41.95 0.47 28.86
N TRP G 350 41.47 0.01 30.02
CA TRP G 350 41.91 0.59 31.28
C TRP G 350 43.39 0.33 31.52
N THR G 351 43.86 -0.87 31.15
CA THR G 351 45.27 -1.20 31.37
C THR G 351 46.20 -0.31 30.56
N GLU G 352 45.84 -0.03 29.30
CA GLU G 352 46.71 0.75 28.42
C GLU G 352 46.79 2.22 28.82
N GLY G 353 45.95 2.68 29.74
CA GLY G 353 46.03 4.04 30.24
C GLY G 353 44.80 4.90 30.03
N ARG G 354 43.72 4.38 29.45
CA ARG G 354 42.50 5.16 29.32
C ARG G 354 41.81 5.31 30.67
N ARG G 355 41.29 6.50 30.92
CA ARG G 355 40.56 6.79 32.15
C ARG G 355 39.11 7.09 31.79
N PHE G 356 38.19 6.32 32.35
CA PHE G 356 36.78 6.43 31.99
C PHE G 356 35.95 5.78 33.07
N ARG G 357 34.63 6.01 32.99
CA ARG G 357 33.66 5.34 33.83
C ARG G 357 32.87 4.34 32.99
N VAL G 358 32.33 3.32 33.67
CA VAL G 358 31.46 2.33 33.04
C VAL G 358 30.17 2.27 33.82
N VAL G 359 29.04 2.28 33.11
CA VAL G 359 27.73 2.13 33.71
C VAL G 359 27.19 0.76 33.31
N VAL G 360 26.88 -0.07 34.29
CA VAL G 360 26.43 -1.43 34.07
C VAL G 360 24.92 -1.48 34.20
N VAL G 361 24.25 -1.99 33.16
CA VAL G 361 22.81 -2.13 33.12
C VAL G 361 22.47 -3.61 33.24
N ASP G 362 21.55 -3.94 34.13
CA ASP G 362 21.17 -5.32 34.40
C ASP G 362 19.67 -5.49 34.21
N SER G 363 19.25 -6.76 34.19
CA SER G 363 17.83 -7.07 34.00
C SER G 363 17.53 -8.42 34.65
N ARG G 364 16.30 -8.55 35.12
CA ARG G 364 15.82 -9.78 35.71
C ARG G 364 15.50 -10.80 34.61
N PRO G 365 15.47 -12.10 34.95
CA PRO G 365 15.78 -12.70 36.25
C PRO G 365 17.23 -13.17 36.40
N TRP G 366 17.97 -13.22 35.30
CA TRP G 366 19.33 -13.74 35.35
C TRP G 366 20.24 -12.86 36.20
N LEU G 367 20.10 -11.54 36.07
CA LEU G 367 20.93 -10.58 36.80
C LEU G 367 22.41 -10.86 36.60
N GLU G 368 22.79 -11.08 35.34
CA GLU G 368 24.15 -11.42 35.00
C GLU G 368 25.07 -10.22 34.85
N GLY G 369 24.54 -9.00 34.98
CA GLY G 369 25.41 -7.84 35.00
C GLY G 369 26.28 -7.75 36.23
N ARG G 370 25.97 -8.52 37.27
CA ARG G 370 26.82 -8.55 38.44
C ARG G 370 28.17 -9.19 38.14
N HIS G 371 28.23 -10.10 37.17
CA HIS G 371 29.51 -10.67 36.77
C HIS G 371 30.45 -9.61 36.23
N THR G 372 29.99 -8.82 35.26
CA THR G 372 30.84 -7.77 34.71
C THR G 372 31.06 -6.65 35.72
N LEU G 373 30.11 -6.42 36.62
CA LEU G 373 30.34 -5.45 37.69
C LEU G 373 31.50 -5.88 38.58
N ARG G 374 31.52 -7.15 38.98
CA ARG G 374 32.62 -7.66 39.80
C ARG G 374 33.93 -7.63 39.03
N SER G 375 33.90 -7.98 37.75
CA SER G 375 35.12 -7.96 36.94
C SER G 375 35.69 -6.54 36.85
N LEU G 376 34.83 -5.55 36.61
CA LEU G 376 35.28 -4.17 36.51
C LEU G 376 35.80 -3.66 37.84
N VAL G 377 35.13 -4.03 38.94
CA VAL G 377 35.60 -3.60 40.26
C VAL G 377 36.96 -4.19 40.57
N HIS G 378 37.16 -5.48 40.26
CA HIS G 378 38.45 -6.10 40.50
C HIS G 378 39.53 -5.54 39.59
N ALA G 379 39.15 -5.10 38.38
CA ALA G 379 40.12 -4.48 37.47
C ALA G 379 40.44 -3.04 37.85
N GLY G 380 39.71 -2.44 38.78
CA GLY G 380 39.97 -1.08 39.21
C GLY G 380 39.20 -0.01 38.47
N VAL G 381 38.35 -0.38 37.52
CA VAL G 381 37.60 0.61 36.74
C VAL G 381 36.45 1.15 37.61
N PRO G 382 36.26 2.46 37.65
CA PRO G 382 35.06 3.00 38.34
C PRO G 382 33.80 2.56 37.61
N ALA G 383 32.84 2.05 38.37
CA ALA G 383 31.65 1.44 37.81
C ALA G 383 30.39 1.93 38.52
N SER G 384 29.28 1.91 37.79
CA SER G 384 27.96 2.19 38.33
C SER G 384 27.02 1.08 37.92
N TYR G 385 26.00 0.84 38.75
CA TYR G 385 25.10 -0.28 38.55
C TYR G 385 23.66 0.19 38.69
N LEU G 386 22.81 -0.28 37.78
CA LEU G 386 21.39 0.02 37.83
C LEU G 386 20.64 -0.99 36.98
N LEU G 387 19.33 -1.06 37.20
CA LEU G 387 18.48 -1.93 36.39
C LEU G 387 18.11 -1.26 35.08
N ILE G 388 17.56 -2.04 34.16
CA ILE G 388 17.28 -1.56 32.81
C ILE G 388 16.15 -0.53 32.75
N PRO G 389 15.08 -0.60 33.56
CA PRO G 389 14.04 0.43 33.43
C PRO G 389 14.54 1.84 33.71
N ALA G 390 15.58 1.98 34.52
CA ALA G 390 16.16 3.28 34.84
C ALA G 390 17.21 3.73 33.83
N ALA G 391 17.37 3.00 32.73
CA ALA G 391 18.40 3.34 31.74
C ALA G 391 18.20 4.75 31.20
N SER G 392 16.94 5.13 30.93
CA SER G 392 16.66 6.46 30.41
C SER G 392 17.10 7.57 31.37
N TYR G 393 17.32 7.23 32.64
CA TYR G 393 17.82 8.22 33.58
C TYR G 393 19.31 8.50 33.41
N VAL G 394 20.10 7.48 33.02
CA VAL G 394 21.55 7.65 32.99
C VAL G 394 22.11 8.00 31.61
N LEU G 395 21.34 7.80 30.55
CA LEU G 395 21.85 8.10 29.22
C LEU G 395 22.18 9.57 28.96
N PRO G 396 21.58 10.55 29.65
CA PRO G 396 22.05 11.94 29.46
C PRO G 396 23.55 12.13 29.65
N GLU G 397 24.16 11.46 30.61
CA GLU G 397 25.60 11.59 30.85
C GLU G 397 26.40 10.47 30.22
N VAL G 398 25.77 9.57 29.48
CA VAL G 398 26.46 8.47 28.82
C VAL G 398 26.96 8.95 27.46
N SER G 399 28.22 8.63 27.15
CA SER G 399 28.83 9.04 25.90
C SER G 399 28.81 7.95 24.83
N LYS G 400 28.95 6.68 25.21
CA LYS G 400 28.89 5.58 24.26
C LYS G 400 28.09 4.44 24.86
N VAL G 401 27.46 3.64 24.01
CA VAL G 401 26.77 2.43 24.45
C VAL G 401 27.45 1.25 23.77
N LEU G 402 28.20 0.47 24.54
CA LEU G 402 28.93 -0.67 24.03
C LEU G 402 28.17 -1.94 24.39
N LEU G 403 27.87 -2.76 23.38
CA LEU G 403 27.04 -3.94 23.57
C LEU G 403 27.74 -5.15 22.98
N GLY G 404 27.40 -6.32 23.53
CA GLY G 404 27.83 -7.59 22.98
C GLY G 404 26.68 -8.28 22.27
N ALA G 405 27.02 -9.08 21.28
CA ALA G 405 26.03 -9.72 20.43
C ALA G 405 26.18 -11.24 20.48
N HIS G 406 25.06 -11.93 20.61
CA HIS G 406 25.06 -13.38 20.50
C HIS G 406 25.09 -13.85 19.06
N ALA G 407 24.73 -12.99 18.11
CA ALA G 407 24.70 -13.35 16.69
C ALA G 407 24.47 -12.10 15.87
N LEU G 408 25.03 -12.09 14.67
CA LEU G 408 24.74 -11.10 13.65
C LEU G 408 24.04 -11.79 12.49
N LEU G 409 22.90 -11.25 12.07
CA LEU G 409 22.12 -11.86 11.01
C LEU G 409 22.47 -11.24 9.66
N ALA G 410 22.13 -11.97 8.59
CA ALA G 410 22.53 -11.57 7.26
C ALA G 410 21.90 -10.26 6.81
N ASN G 411 20.82 -9.82 7.47
CA ASN G 411 20.20 -8.55 7.16
C ASN G 411 20.75 -7.41 8.01
N GLY G 412 21.73 -7.68 8.87
CA GLY G 412 22.29 -6.69 9.75
C GLY G 412 21.70 -6.68 11.15
N SER G 413 20.55 -7.32 11.35
CA SER G 413 19.92 -7.33 12.66
C SER G 413 20.81 -8.03 13.67
N VAL G 414 20.77 -7.56 14.91
CA VAL G 414 21.63 -8.06 15.99
C VAL G 414 20.77 -8.86 16.95
N MET G 415 21.07 -10.14 17.11
CA MET G 415 20.36 -10.98 18.06
C MET G 415 21.14 -11.01 19.37
N SER G 416 20.47 -10.70 20.47
CA SER G 416 21.19 -10.54 21.72
C SER G 416 20.23 -10.77 22.89
N ARG G 417 20.65 -10.34 24.09
CA ARG G 417 19.82 -10.47 25.28
C ARG G 417 18.55 -9.62 25.14
N VAL G 418 17.58 -9.90 26.00
CA VAL G 418 16.22 -9.41 25.81
C VAL G 418 16.15 -7.89 25.88
N GLY G 419 16.95 -7.28 26.76
CA GLY G 419 16.88 -5.83 26.91
C GLY G 419 17.69 -5.04 25.92
N THR G 420 18.61 -5.69 25.22
CA THR G 420 19.60 -4.97 24.42
C THR G 420 18.95 -3.99 23.45
N ALA G 421 17.98 -4.48 22.66
CA ALA G 421 17.33 -3.62 21.68
C ALA G 421 16.79 -2.36 22.33
N GLN G 422 16.13 -2.49 23.49
CA GLN G 422 15.58 -1.33 24.17
C GLN G 422 16.66 -0.26 24.33
N LEU G 423 17.82 -0.66 24.85
CA LEU G 423 18.89 0.31 25.08
C LEU G 423 19.19 1.08 23.80
N ALA G 424 19.38 0.35 22.69
CA ALA G 424 19.66 1.02 21.43
C ALA G 424 18.59 2.06 21.13
N LEU G 425 17.32 1.67 21.22
CA LEU G 425 16.24 2.60 21.00
C LEU G 425 16.37 3.82 21.90
N VAL G 426 16.54 3.58 23.21
CA VAL G 426 16.63 4.70 24.13
C VAL G 426 17.88 5.51 23.83
N ALA G 427 18.97 4.83 23.43
CA ALA G 427 20.16 5.56 23.04
C ALA G 427 19.87 6.49 21.87
N ARG G 428 19.10 6.00 20.88
CA ARG G 428 18.74 6.86 19.76
C ARG G 428 17.93 8.05 20.22
N ALA G 429 17.17 7.91 21.31
CA ALA G 429 16.41 9.04 21.82
C ALA G 429 17.29 10.08 22.49
N HIS G 430 18.49 9.70 22.92
CA HIS G 430 19.39 10.62 23.62
C HIS G 430 20.61 10.98 22.79
N ASN G 431 20.65 10.58 21.52
CA ASN G 431 21.75 10.90 20.61
C ASN G 431 23.08 10.38 21.16
N VAL G 432 23.12 9.07 21.43
CA VAL G 432 24.29 8.40 21.98
C VAL G 432 24.72 7.33 20.99
N PRO G 433 25.99 7.32 20.56
CA PRO G 433 26.43 6.30 19.61
C PRO G 433 26.37 4.89 20.20
N VAL G 434 26.11 3.92 19.33
CA VAL G 434 25.94 2.53 19.70
C VAL G 434 26.99 1.69 18.97
N LEU G 435 27.80 0.97 19.74
CA LEU G 435 28.80 0.06 19.22
C LEU G 435 28.41 -1.36 19.62
N VAL G 436 28.55 -2.31 18.69
CA VAL G 436 28.32 -3.72 18.96
C VAL G 436 29.59 -4.47 18.62
N CYS G 437 30.11 -5.22 19.59
CA CYS G 437 31.32 -6.01 19.39
C CYS G 437 30.96 -7.48 19.28
N CYS G 438 31.39 -8.13 18.21
CA CYS G 438 31.08 -9.52 17.97
C CYS G 438 32.17 -10.15 17.11
N GLU G 439 32.38 -11.44 17.29
CA GLU G 439 33.33 -12.18 16.49
C GLU G 439 32.67 -12.69 15.21
N THR G 440 33.45 -12.77 14.14
CA THR G 440 32.91 -13.09 12.83
C THR G 440 32.38 -14.52 12.74
N TYR G 441 32.75 -15.41 13.66
CA TYR G 441 32.22 -16.77 13.57
C TYR G 441 30.79 -16.85 14.05
N LYS G 442 30.30 -15.81 14.73
CA LYS G 442 28.92 -15.73 15.17
C LYS G 442 28.00 -15.14 14.11
N PHE G 443 28.55 -14.80 12.94
CA PHE G 443 27.73 -14.27 11.85
C PHE G 443 26.87 -15.38 11.27
N CYS G 444 25.57 -15.12 11.16
CA CYS G 444 24.61 -16.10 10.69
C CYS G 444 24.06 -15.69 9.33
N GLU G 445 23.91 -16.65 8.43
CA GLU G 445 23.34 -16.39 7.12
C GLU G 445 21.82 -16.34 7.13
N ARG G 446 21.18 -16.71 8.24
CA ARG G 446 19.74 -16.61 8.36
C ARG G 446 19.34 -15.18 8.72
N VAL G 447 18.06 -14.88 8.53
CA VAL G 447 17.52 -13.55 8.81
C VAL G 447 16.21 -13.71 9.56
N GLN G 448 15.93 -12.78 10.47
CA GLN G 448 14.64 -12.69 11.13
C GLN G 448 14.39 -11.24 11.52
N THR G 449 13.12 -10.85 11.49
CA THR G 449 12.73 -9.47 11.71
C THR G 449 12.06 -9.24 13.05
N ASP G 450 11.95 -10.26 13.89
CA ASP G 450 11.31 -10.12 15.19
C ASP G 450 11.76 -11.25 16.10
N ALA G 451 11.48 -11.09 17.39
CA ALA G 451 11.84 -12.08 18.40
C ALA G 451 10.78 -13.16 18.57
N PHE G 452 9.84 -13.27 17.63
CA PHE G 452 8.75 -14.22 17.72
C PHE G 452 8.96 -15.48 16.89
N VAL G 453 9.47 -15.33 15.66
CA VAL G 453 9.59 -16.47 14.76
C VAL G 453 10.61 -17.48 15.29
N SER G 454 11.68 -16.99 15.93
CA SER G 454 12.73 -17.86 16.44
C SER G 454 13.25 -17.27 17.75
N ASN G 455 13.09 -18.02 18.83
CA ASN G 455 13.51 -17.57 20.15
C ASN G 455 13.62 -18.80 21.05
N GLU G 456 13.80 -18.57 22.35
CA GLU G 456 13.86 -19.63 23.32
C GLU G 456 13.13 -19.19 24.59
N LEU G 457 12.21 -20.03 25.06
CA LEU G 457 11.46 -19.75 26.27
C LEU G 457 12.14 -20.42 27.45
N ASP G 458 12.60 -19.62 28.41
CA ASP G 458 13.27 -20.15 29.58
C ASP G 458 12.23 -20.64 30.59
N ASP G 459 12.68 -21.05 31.77
CA ASP G 459 11.77 -21.55 32.78
C ASP G 459 10.89 -20.42 33.29
N PRO G 460 9.57 -20.51 33.15
CA PRO G 460 8.71 -19.44 33.68
C PRO G 460 8.82 -19.26 35.19
N ASP G 461 9.09 -20.34 35.92
CA ASP G 461 9.18 -20.24 37.37
C ASP G 461 10.32 -19.35 37.83
N ASP G 462 11.27 -19.04 36.94
CA ASP G 462 12.34 -18.11 37.29
C ASP G 462 11.84 -16.68 37.42
N LEU G 463 10.64 -16.38 36.92
CA LEU G 463 10.09 -15.04 37.05
C LEU G 463 9.55 -14.75 38.45
N GLN G 464 9.42 -15.76 39.30
CA GLN G 464 8.92 -15.55 40.65
C GLN G 464 9.94 -14.79 41.48
N CYS G 465 9.48 -13.76 42.18
CA CYS G 465 10.33 -12.97 43.06
C CYS G 465 9.61 -12.74 44.38
N LYS G 466 10.39 -12.65 45.45
CA LYS G 466 9.86 -12.43 46.79
C LYS G 466 9.93 -10.94 47.09
N ARG G 467 8.77 -10.29 47.19
CA ARG G 467 8.66 -8.88 47.53
C ARG G 467 8.00 -8.81 48.91
N GLY G 468 8.82 -8.79 49.95
CA GLY G 468 8.31 -8.83 51.31
C GLY G 468 8.23 -10.26 51.81
N GLU G 469 7.08 -10.64 52.34
CA GLU G 469 6.85 -11.99 52.84
C GLU G 469 5.98 -12.82 51.92
N HIS G 470 5.56 -12.28 50.77
CA HIS G 470 4.63 -12.96 49.88
C HIS G 470 5.21 -13.00 48.47
N VAL G 471 4.98 -14.12 47.79
CA VAL G 471 5.34 -14.30 46.39
C VAL G 471 4.05 -14.26 45.58
N ALA G 472 3.90 -13.23 44.75
CA ALA G 472 2.66 -13.04 44.00
C ALA G 472 2.43 -14.18 43.01
N LEU G 473 3.49 -14.62 42.33
CA LEU G 473 3.39 -15.64 41.30
C LEU G 473 3.75 -17.03 41.80
N ALA G 474 3.46 -17.31 43.08
CA ALA G 474 3.84 -18.60 43.67
C ALA G 474 3.15 -19.77 42.97
N ASN G 475 1.84 -19.85 43.09
CA ASN G 475 1.06 -20.89 42.41
C ASN G 475 0.37 -20.32 41.17
N TRP G 476 1.18 -19.89 40.20
CA TRP G 476 0.62 -19.29 38.99
C TRP G 476 -0.03 -20.31 38.08
N GLN G 477 0.19 -21.61 38.30
CA GLN G 477 -0.44 -22.62 37.46
C GLN G 477 -1.93 -22.71 37.71
N ASN G 478 -2.39 -22.34 38.91
CA ASN G 478 -3.81 -22.49 39.25
C ASN G 478 -4.68 -21.54 38.44
N HIS G 479 -4.19 -20.34 38.14
CA HIS G 479 -4.94 -19.39 37.34
C HIS G 479 -4.87 -19.83 35.88
N ALA G 480 -6.02 -20.25 35.33
CA ALA G 480 -6.05 -20.82 33.99
C ALA G 480 -5.69 -19.80 32.93
N SER G 481 -6.10 -18.54 33.10
CA SER G 481 -5.89 -17.50 32.11
C SER G 481 -4.56 -16.79 32.27
N LEU G 482 -3.73 -17.18 33.22
CA LEU G 482 -2.46 -16.52 33.50
C LEU G 482 -1.34 -17.26 32.80
N ARG G 483 -0.50 -16.51 32.08
CA ARG G 483 0.65 -17.07 31.39
C ARG G 483 1.91 -16.28 31.75
N LEU G 484 3.03 -16.97 31.76
CA LEU G 484 4.34 -16.37 32.00
C LEU G 484 5.26 -16.73 30.85
N LEU G 485 5.95 -15.75 30.28
CA LEU G 485 6.95 -16.01 29.27
C LEU G 485 8.30 -15.50 29.77
N ASN G 486 9.34 -16.28 29.53
CA ASN G 486 10.71 -15.91 29.87
C ASN G 486 11.51 -15.93 28.57
N LEU G 487 11.47 -14.83 27.83
CA LEU G 487 12.27 -14.71 26.63
C LEU G 487 13.74 -14.59 27.00
N VAL G 488 14.60 -15.04 26.10
CA VAL G 488 16.04 -14.96 26.31
C VAL G 488 16.77 -14.21 25.21
N TYR G 489 16.09 -13.84 24.11
CA TYR G 489 16.74 -13.14 23.01
C TYR G 489 15.82 -12.06 22.48
N ASP G 490 16.43 -11.04 21.86
CA ASP G 490 15.71 -10.07 21.06
C ASP G 490 16.50 -9.81 19.78
N VAL G 491 15.85 -9.14 18.85
CA VAL G 491 16.43 -8.77 17.56
C VAL G 491 16.40 -7.25 17.45
N THR G 492 17.55 -6.65 17.21
CA THR G 492 17.79 -5.22 17.05
C THR G 492 17.88 -4.87 15.59
N PRO G 493 17.06 -3.94 15.10
CA PRO G 493 17.11 -3.58 13.68
C PRO G 493 18.44 -2.91 13.35
N PRO G 494 18.90 -3.04 12.11
CA PRO G 494 20.21 -2.46 11.75
C PRO G 494 20.27 -0.95 11.81
N GLU G 495 19.14 -0.26 11.86
CA GLU G 495 19.14 1.20 11.88
C GLU G 495 19.36 1.77 13.27
N LEU G 496 19.41 0.95 14.31
CA LEU G 496 19.69 1.40 15.66
C LEU G 496 21.12 1.14 16.09
N VAL G 497 21.96 0.63 15.19
CA VAL G 497 23.34 0.27 15.48
C VAL G 497 24.26 1.09 14.60
N ASP G 498 25.29 1.68 15.20
CA ASP G 498 26.27 2.48 14.47
C ASP G 498 27.51 1.70 14.09
N LEU G 499 28.17 1.05 15.05
CA LEU G 499 29.39 0.30 14.78
C LEU G 499 29.20 -1.20 14.99
N VAL G 500 29.90 -1.97 14.18
CA VAL G 500 30.20 -3.37 14.47
C VAL G 500 31.71 -3.51 14.48
N ILE G 501 32.24 -3.98 15.60
CA ILE G 501 33.68 -4.14 15.78
C ILE G 501 34.00 -5.63 15.72
N THR G 502 34.71 -6.04 14.67
CA THR G 502 35.11 -7.42 14.48
C THR G 502 36.62 -7.47 14.30
N GLU G 503 37.16 -8.69 14.28
CA GLU G 503 38.59 -8.85 14.03
C GLU G 503 38.97 -8.36 12.64
N LEU G 504 38.01 -8.27 11.72
CA LEU G 504 38.27 -7.66 10.43
C LEU G 504 38.46 -6.15 10.56
N GLY G 505 37.73 -5.52 11.46
CA GLY G 505 37.90 -4.10 11.68
C GLY G 505 36.58 -3.47 12.14
N MET G 506 36.48 -2.18 11.86
CA MET G 506 35.33 -1.37 12.24
C MET G 506 34.43 -1.24 11.02
N ILE G 507 33.27 -1.86 11.05
CA ILE G 507 32.41 -1.96 9.87
C ILE G 507 31.05 -1.39 10.23
N PRO G 508 30.31 -0.92 9.22
CA PRO G 508 28.91 -0.56 9.45
C PRO G 508 28.06 -1.80 9.66
N CYS G 509 26.87 -1.58 10.22
CA CYS G 509 25.97 -2.67 10.55
C CYS G 509 25.46 -3.40 9.30
N SER G 510 25.59 -2.81 8.12
CA SER G 510 25.08 -3.39 6.88
C SER G 510 26.13 -4.21 6.13
N SER G 511 27.33 -4.36 6.68
CA SER G 511 28.39 -5.13 6.03
C SER G 511 28.47 -6.56 6.54
N VAL G 512 27.50 -7.01 7.33
CA VAL G 512 27.51 -8.38 7.84
C VAL G 512 27.52 -9.41 6.72
N PRO G 513 26.64 -9.32 5.70
CA PRO G 513 26.73 -10.30 4.60
C PRO G 513 28.07 -10.30 3.89
N VAL G 514 28.68 -9.12 3.73
CA VAL G 514 29.95 -9.03 3.00
C VAL G 514 31.00 -9.92 3.67
N VAL G 515 31.14 -9.81 4.98
CA VAL G 515 32.03 -10.70 5.71
C VAL G 515 31.64 -12.15 5.48
N LEU G 516 30.34 -12.44 5.56
CA LEU G 516 29.86 -13.79 5.32
C LEU G 516 30.24 -14.26 3.93
N ARG G 517 30.39 -13.33 2.97
CA ARG G 517 30.80 -13.72 1.64
C ARG G 517 32.30 -14.02 1.57
N VAL G 518 33.11 -13.28 2.32
CA VAL G 518 34.56 -13.44 2.21
C VAL G 518 35.11 -14.52 3.13
N LYS G 519 34.33 -14.98 4.10
CA LYS G 519 34.76 -16.07 4.97
C LYS G 519 34.34 -17.44 4.46
N SER G 520 33.52 -17.50 3.41
CA SER G 520 33.08 -18.76 2.84
C SER G 520 33.90 -19.21 1.64
N SER G 521 34.68 -18.32 1.05
CA SER G 521 35.48 -18.66 -0.11
C SER G 521 36.96 -18.62 0.21
N GLN H 166 -43.62 -3.77 19.37
CA GLN H 166 -42.26 -3.26 19.35
C GLN H 166 -41.64 -3.44 17.97
N VAL H 167 -40.66 -2.61 17.65
CA VAL H 167 -39.94 -2.70 16.39
C VAL H 167 -38.98 -3.88 16.47
N PRO H 168 -39.05 -4.83 15.53
CA PRO H 168 -38.16 -6.00 15.60
C PRO H 168 -36.72 -5.61 15.33
N THR H 169 -35.81 -6.41 15.88
CA THR H 169 -34.38 -6.18 15.72
C THR H 169 -33.92 -6.67 14.35
N ARG H 170 -33.24 -5.80 13.63
CA ARG H 170 -32.69 -6.20 12.33
C ARG H 170 -31.60 -7.24 12.52
N LYS H 171 -31.58 -8.23 11.63
CA LYS H 171 -30.65 -9.35 11.75
C LYS H 171 -29.36 -9.06 10.99
N ASP H 172 -28.25 -9.49 11.56
CA ASP H 172 -26.96 -9.36 10.90
C ASP H 172 -26.88 -10.30 9.71
N TYR H 173 -26.17 -9.86 8.67
CA TYR H 173 -26.04 -10.60 7.43
C TYR H 173 -24.58 -11.03 7.25
N GLY H 174 -24.37 -12.33 7.01
CA GLY H 174 -23.04 -12.83 6.78
C GLY H 174 -22.23 -12.97 8.05
N SER H 175 -20.98 -13.37 7.88
CA SER H 175 -20.04 -13.54 8.98
C SER H 175 -19.08 -12.35 9.01
N LYS H 176 -18.89 -11.80 10.20
CA LYS H 176 -18.07 -10.60 10.36
C LYS H 176 -16.63 -10.95 10.68
N VAL H 177 -15.74 -9.98 10.49
CA VAL H 177 -14.35 -10.12 10.89
C VAL H 177 -14.28 -10.18 12.42
N SER H 178 -13.31 -10.93 12.92
CA SER H 178 -13.19 -11.13 14.36
C SER H 178 -12.96 -9.81 15.09
N LEU H 179 -12.14 -8.94 14.52
CA LEU H 179 -11.86 -7.65 15.14
C LEU H 179 -13.04 -6.69 15.09
N PHE H 180 -14.05 -6.97 14.26
CA PHE H 180 -15.22 -6.11 14.12
C PHE H 180 -16.50 -6.79 14.59
N SER H 181 -16.37 -7.76 15.51
CA SER H 181 -17.55 -8.52 15.95
C SER H 181 -18.52 -7.67 16.76
N HIS H 182 -18.08 -6.52 17.27
CA HIS H 182 -18.94 -5.66 18.09
C HIS H 182 -19.76 -4.68 17.27
N LEU H 183 -19.61 -4.67 15.95
CA LEU H 183 -20.35 -3.75 15.10
C LEU H 183 -21.40 -4.50 14.29
N PRO H 184 -22.59 -3.92 14.12
CA PRO H 184 -23.61 -4.56 13.29
C PRO H 184 -23.22 -4.53 11.82
N GLN H 185 -23.73 -5.52 11.08
CA GLN H 185 -23.47 -5.63 9.64
C GLN H 185 -24.75 -6.14 8.99
N TYR H 186 -25.42 -5.27 8.25
CA TYR H 186 -26.71 -5.57 7.64
C TYR H 186 -26.56 -5.77 6.13
N SER H 187 -27.64 -6.20 5.51
CA SER H 187 -27.71 -6.36 4.06
C SER H 187 -28.69 -5.34 3.49
N ARG H 188 -28.32 -4.77 2.34
CA ARG H 188 -29.13 -3.72 1.74
C ARG H 188 -30.51 -4.23 1.32
N GLN H 189 -30.62 -5.51 0.97
CA GLN H 189 -31.89 -6.06 0.50
C GLN H 189 -32.87 -6.27 1.64
N ASN H 190 -32.39 -6.65 2.82
CA ASN H 190 -33.27 -6.93 3.95
C ASN H 190 -33.63 -5.62 4.65
N SER H 191 -34.92 -5.36 4.78
CA SER H 191 -35.42 -4.16 5.43
C SER H 191 -36.31 -4.54 6.61
N LEU H 192 -36.48 -3.59 7.54
CA LEU H 192 -37.31 -3.84 8.71
C LEU H 192 -38.79 -3.82 8.37
N THR H 193 -39.18 -3.07 7.35
CA THR H 193 -40.60 -2.86 7.05
C THR H 193 -41.31 -4.14 6.63
N GLN H 194 -40.58 -5.24 6.43
CA GLN H 194 -41.24 -6.52 6.21
C GLN H 194 -42.07 -6.95 7.40
N PHE H 195 -41.69 -6.51 8.61
CA PHE H 195 -42.37 -6.88 9.84
C PHE H 195 -43.00 -5.66 10.50
N MET H 196 -43.59 -4.78 9.70
CA MET H 196 -44.21 -3.57 10.22
C MET H 196 -45.54 -3.35 9.52
N SER H 197 -46.48 -2.73 10.24
CA SER H 197 -47.79 -2.45 9.68
C SER H 197 -47.68 -1.46 8.54
N ILE H 198 -48.45 -1.69 7.47
CA ILE H 198 -48.39 -0.81 6.30
C ILE H 198 -48.79 0.62 6.64
N PRO H 199 -49.92 0.88 7.32
CA PRO H 199 -50.12 2.21 7.90
C PRO H 199 -49.35 2.34 9.19
N SER H 200 -48.29 3.15 9.16
CA SER H 200 -47.36 3.21 10.28
C SER H 200 -48.06 3.69 11.54
N SER H 201 -47.97 2.88 12.59
CA SER H 201 -48.59 3.19 13.89
C SER H 201 -47.57 3.33 15.00
N VAL H 202 -46.65 2.38 15.12
CA VAL H 202 -45.63 2.45 16.18
C VAL H 202 -44.76 3.68 15.98
N ILE H 203 -44.33 3.94 14.75
CA ILE H 203 -43.49 5.07 14.44
C ILE H 203 -44.17 5.93 13.38
N HIS H 204 -43.73 7.19 13.31
CA HIS H 204 -44.33 8.14 12.38
C HIS H 204 -44.02 7.72 10.94
N PRO H 205 -44.97 7.90 10.01
CA PRO H 205 -44.69 7.53 8.61
C PRO H 205 -43.50 8.26 8.01
N ALA H 206 -43.29 9.52 8.39
CA ALA H 206 -42.12 10.24 7.92
C ALA H 206 -40.84 9.55 8.37
N MET H 207 -40.82 9.06 9.60
CA MET H 207 -39.62 8.40 10.12
C MET H 207 -39.35 7.09 9.40
N VAL H 208 -40.40 6.31 9.11
CA VAL H 208 -40.18 5.04 8.41
C VAL H 208 -39.75 5.30 6.97
N ARG H 209 -40.29 6.34 6.34
CA ARG H 209 -39.82 6.71 5.00
C ARG H 209 -38.36 7.11 5.03
N LEU H 210 -37.97 7.92 6.02
CA LEU H 210 -36.59 8.35 6.14
C LEU H 210 -35.67 7.16 6.40
N GLY H 211 -36.11 6.22 7.23
CA GLY H 211 -35.31 5.03 7.48
C GLY H 211 -35.14 4.17 6.24
N LEU H 212 -36.21 3.99 5.46
CA LEU H 212 -36.09 3.25 4.22
C LEU H 212 -35.13 3.92 3.25
N GLN H 213 -35.20 5.23 3.12
CA GLN H 213 -34.30 5.90 2.18
C GLN H 213 -32.88 6.04 2.74
N TYR H 214 -32.69 5.87 4.05
CA TYR H 214 -31.34 5.73 4.59
C TYR H 214 -30.77 4.35 4.28
N SER H 215 -31.54 3.29 4.57
CA SER H 215 -31.00 1.93 4.44
C SER H 215 -30.70 1.59 2.98
N GLN H 216 -31.55 2.03 2.06
CA GLN H 216 -31.32 1.77 0.65
C GLN H 216 -30.21 2.62 0.04
N GLY H 217 -29.77 3.65 0.74
CA GLY H 217 -28.70 4.49 0.25
C GLY H 217 -29.14 5.67 -0.59
N LEU H 218 -30.41 6.05 -0.53
CA LEU H 218 -30.89 7.18 -1.32
C LEU H 218 -30.41 8.52 -0.77
N VAL H 219 -30.01 8.56 0.50
CA VAL H 219 -29.41 9.75 1.10
C VAL H 219 -28.06 9.35 1.66
N SER H 220 -26.99 9.98 1.19
CA SER H 220 -25.64 9.54 1.50
C SER H 220 -24.83 10.61 2.24
N GLY H 221 -24.84 11.85 1.76
CA GLY H 221 -23.99 12.87 2.35
C GLY H 221 -24.37 13.19 3.78
N SER H 222 -23.36 13.57 4.56
CA SER H 222 -23.60 13.88 5.98
C SER H 222 -24.51 15.08 6.13
N ASN H 223 -24.25 16.15 5.36
CA ASN H 223 -25.13 17.31 5.40
C ASN H 223 -26.53 16.95 4.87
N ALA H 224 -26.59 16.17 3.80
CA ALA H 224 -27.88 15.73 3.28
C ALA H 224 -28.63 14.88 4.30
N ARG H 225 -27.93 13.97 4.97
CA ARG H 225 -28.56 13.15 5.99
C ARG H 225 -29.10 14.01 7.13
N CYS H 226 -28.31 14.97 7.59
CA CYS H 226 -28.76 15.85 8.68
C CYS H 226 -29.97 16.67 8.26
N ILE H 227 -29.95 17.21 7.05
CA ILE H 227 -31.07 18.03 6.57
C ILE H 227 -32.33 17.17 6.45
N ALA H 228 -32.20 15.96 5.91
CA ALA H 228 -33.36 15.08 5.78
C ALA H 228 -33.91 14.70 7.15
N LEU H 229 -33.03 14.41 8.11
CA LEU H 229 -33.48 14.07 9.45
C LEU H 229 -34.20 15.25 10.09
N LEU H 230 -33.68 16.46 9.91
CA LEU H 230 -34.32 17.63 10.52
C LEU H 230 -35.67 17.93 9.87
N ARG H 231 -35.77 17.74 8.55
CA ARG H 231 -37.06 17.92 7.89
C ARG H 231 -38.08 16.88 8.37
N ALA H 232 -37.64 15.62 8.52
CA ALA H 232 -38.54 14.60 9.03
C ALA H 232 -38.96 14.91 10.47
N LEU H 233 -38.04 15.44 11.27
CA LEU H 233 -38.38 15.80 12.65
C LEU H 233 -39.34 16.97 12.69
N GLN H 234 -39.20 17.93 11.77
CA GLN H 234 -40.18 19.00 11.66
C GLN H 234 -41.55 18.45 11.30
N GLN H 235 -41.59 17.50 10.37
CA GLN H 235 -42.86 16.88 10.00
C GLN H 235 -43.48 16.16 11.19
N VAL H 236 -42.66 15.46 11.98
CA VAL H 236 -43.16 14.78 13.17
C VAL H 236 -43.70 15.78 14.18
N ILE H 237 -42.99 16.89 14.39
CA ILE H 237 -43.40 17.89 15.36
C ILE H 237 -44.70 18.55 14.93
N GLN H 238 -44.89 18.74 13.62
CA GLN H 238 -46.12 19.37 13.14
C GLN H 238 -47.35 18.56 13.50
N ASP H 239 -47.26 17.24 13.39
CA ASP H 239 -48.39 16.35 13.66
C ASP H 239 -48.47 15.91 15.11
N TYR H 240 -47.52 16.31 15.95
CA TYR H 240 -47.52 15.88 17.33
C TYR H 240 -48.67 16.50 18.12
N THR H 241 -49.32 15.69 18.95
CA THR H 241 -50.40 16.14 19.82
C THR H 241 -50.12 15.63 21.22
N THR H 242 -50.02 16.54 22.18
CA THR H 242 -49.71 16.15 23.55
C THR H 242 -50.88 15.39 24.16
N PRO H 243 -50.62 14.33 24.93
CA PRO H 243 -51.70 13.60 25.58
C PRO H 243 -52.20 14.35 26.80
N PRO H 244 -53.42 14.09 27.24
CA PRO H 244 -53.94 14.79 28.43
C PRO H 244 -53.14 14.41 29.67
N ASN H 245 -53.06 15.37 30.61
CA ASN H 245 -52.30 15.22 31.84
C ASN H 245 -50.84 14.88 31.57
N GLU H 246 -50.28 15.51 30.54
CA GLU H 246 -48.89 15.31 30.16
C GLU H 246 -48.30 16.64 29.72
N GLU H 247 -46.98 16.73 29.80
CA GLU H 247 -46.24 17.93 29.44
C GLU H 247 -45.37 17.66 28.22
N LEU H 248 -45.33 18.64 27.31
CA LEU H 248 -44.65 18.44 26.04
C LEU H 248 -43.15 18.22 26.22
N SER H 249 -42.56 18.89 27.22
CA SER H 249 -41.10 19.01 27.29
C SER H 249 -40.42 17.65 27.33
N ARG H 250 -40.93 16.72 28.14
CA ARG H 250 -40.34 15.39 28.21
C ARG H 250 -41.14 14.33 27.48
N ASP H 251 -42.45 14.52 27.29
CA ASP H 251 -43.22 13.57 26.49
C ASP H 251 -42.73 13.52 25.06
N LEU H 252 -42.40 14.68 24.49
CA LEU H 252 -41.92 14.70 23.11
C LEU H 252 -40.58 13.98 22.98
N VAL H 253 -39.69 14.16 23.95
CA VAL H 253 -38.41 13.45 23.93
C VAL H 253 -38.62 11.95 24.06
N ASN H 254 -39.50 11.54 24.98
CA ASN H 254 -39.79 10.11 25.14
C ASN H 254 -40.39 9.51 23.88
N LYS H 255 -41.22 10.29 23.19
CA LYS H 255 -41.78 9.82 21.92
C LYS H 255 -40.72 9.75 20.84
N LEU H 256 -39.77 10.69 20.84
CA LEU H 256 -38.75 10.72 19.80
C LEU H 256 -37.71 9.62 19.96
N LYS H 257 -37.49 9.16 21.19
CA LYS H 257 -36.45 8.14 21.43
C LYS H 257 -36.64 6.88 20.59
N PRO H 258 -37.82 6.25 20.53
CA PRO H 258 -37.98 5.08 19.64
C PRO H 258 -37.74 5.39 18.18
N TYR H 259 -38.06 6.60 17.73
CA TYR H 259 -37.77 6.98 16.35
C TYR H 259 -36.26 6.97 16.10
N MET H 260 -35.49 7.49 17.04
CA MET H 260 -34.04 7.46 16.92
C MET H 260 -33.52 6.03 16.92
N SER H 261 -34.09 5.18 17.77
CA SER H 261 -33.68 3.78 17.79
C SER H 261 -33.95 3.10 16.45
N PHE H 262 -35.13 3.34 15.87
CA PHE H 262 -35.45 2.76 14.57
C PHE H 262 -34.52 3.27 13.49
N LEU H 263 -34.22 4.58 13.51
CA LEU H 263 -33.31 5.14 12.51
C LEU H 263 -31.92 4.54 12.64
N THR H 264 -31.44 4.35 13.87
CA THR H 264 -30.16 3.69 14.09
C THR H 264 -30.20 2.26 13.57
N GLN H 265 -31.33 1.58 13.74
CA GLN H 265 -31.47 0.23 13.20
C GLN H 265 -31.37 0.23 11.68
N CYS H 266 -32.00 1.20 11.02
CA CYS H 266 -31.95 1.26 9.56
C CYS H 266 -30.53 1.51 9.07
N ARG H 267 -29.80 2.41 9.71
CA ARG H 267 -28.41 2.69 9.41
C ARG H 267 -27.80 3.47 10.56
N PRO H 268 -26.58 3.16 10.99
CA PRO H 268 -25.98 3.88 12.13
C PRO H 268 -25.92 5.38 11.87
N LEU H 269 -26.21 6.14 12.91
CA LEU H 269 -26.26 7.60 12.79
C LEU H 269 -24.86 8.16 12.62
N SER H 270 -24.78 9.30 11.91
CA SER H 270 -23.53 10.01 11.72
C SER H 270 -23.39 11.11 12.77
N ALA H 271 -22.22 11.76 12.75
CA ALA H 271 -21.94 12.79 13.74
C ALA H 271 -22.88 13.99 13.59
N SER H 272 -23.17 14.39 12.35
CA SER H 272 -24.07 15.50 12.13
C SER H 272 -25.46 15.20 12.67
N MET H 273 -25.96 13.99 12.43
CA MET H 273 -27.26 13.60 12.95
C MET H 273 -27.24 13.56 14.48
N HIS H 274 -26.15 13.07 15.07
CA HIS H 274 -26.04 13.04 16.53
C HIS H 274 -26.11 14.45 17.11
N ASN H 275 -25.37 15.37 16.51
CA ASN H 275 -25.38 16.75 16.99
C ASN H 275 -26.75 17.40 16.81
N ALA H 276 -27.41 17.13 15.68
CA ALA H 276 -28.75 17.66 15.46
C ALA H 276 -29.74 17.12 16.48
N ILE H 277 -29.65 15.82 16.78
CA ILE H 277 -30.53 15.22 17.78
C ILE H 277 -30.29 15.84 19.14
N LYS H 278 -29.02 16.02 19.51
CA LYS H 278 -28.71 16.64 20.80
C LYS H 278 -29.25 18.06 20.88
N PHE H 279 -29.07 18.84 19.81
CA PHE H 279 -29.57 20.21 19.79
C PHE H 279 -31.09 20.25 19.90
N LEU H 280 -31.78 19.35 19.18
CA LEU H 280 -33.23 19.35 19.23
C LEU H 280 -33.74 18.91 20.59
N ASN H 281 -33.07 17.95 21.22
CA ASN H 281 -33.47 17.52 22.56
C ASN H 281 -33.28 18.66 23.55
N LYS H 282 -32.17 19.40 23.45
CA LYS H 282 -31.95 20.54 24.33
C LYS H 282 -33.01 21.61 24.10
N GLU H 283 -33.37 21.86 22.83
CA GLU H 283 -34.40 22.84 22.53
C GLU H 283 -35.76 22.42 23.09
N ILE H 284 -36.12 21.15 22.94
CA ILE H 284 -37.40 20.67 23.44
C ILE H 284 -37.45 20.74 24.95
N THR H 285 -36.36 20.35 25.62
CA THR H 285 -36.31 20.43 27.08
C THR H 285 -36.46 21.87 27.56
N SER H 286 -35.95 22.83 26.79
CA SER H 286 -36.00 24.24 27.16
C SER H 286 -37.39 24.84 26.98
N VAL H 287 -38.33 24.12 26.38
CA VAL H 287 -39.68 24.65 26.18
C VAL H 287 -40.38 24.78 27.52
N GLY H 288 -40.87 25.97 27.81
CA GLY H 288 -41.52 26.20 29.09
C GLY H 288 -42.86 25.49 29.19
N SER H 289 -43.25 25.19 30.44
CA SER H 289 -44.53 24.52 30.67
C SER H 289 -45.70 25.44 30.34
N SER H 290 -45.55 26.75 30.61
CA SER H 290 -46.62 27.69 30.35
C SER H 290 -46.86 27.93 28.85
N LYS H 291 -45.94 27.48 27.99
CA LYS H 291 -46.12 27.66 26.56
C LYS H 291 -47.33 26.89 26.07
N ARG H 292 -48.08 27.49 25.16
CA ARG H 292 -49.23 26.84 24.55
C ARG H 292 -48.79 26.04 23.33
N GLU H 293 -49.55 24.98 23.03
CA GLU H 293 -49.06 23.92 22.16
C GLU H 293 -48.63 24.44 20.78
N GLU H 294 -49.49 25.20 20.12
CA GLU H 294 -49.18 25.64 18.76
C GLU H 294 -47.98 26.59 18.76
N GLU H 295 -47.89 27.46 19.76
CA GLU H 295 -46.73 28.35 19.85
C GLU H 295 -45.44 27.56 20.06
N ALA H 296 -45.48 26.55 20.92
CA ALA H 296 -44.30 25.72 21.13
C ALA H 296 -43.90 25.00 19.85
N LYS H 297 -44.88 24.45 19.13
CA LYS H 297 -44.57 23.75 17.89
C LYS H 297 -43.98 24.70 16.84
N SER H 298 -44.56 25.90 16.71
CA SER H 298 -44.03 26.88 15.77
C SER H 298 -42.62 27.31 16.16
N GLU H 299 -42.38 27.51 17.45
CA GLU H 299 -41.04 27.87 17.91
C GLU H 299 -40.03 26.78 17.61
N LEU H 300 -40.42 25.51 17.82
CA LEU H 300 -39.51 24.41 17.52
C LEU H 300 -39.21 24.34 16.02
N ARG H 301 -40.24 24.51 15.18
CA ARG H 301 -40.01 24.49 13.74
C ARG H 301 -39.10 25.63 13.29
N ALA H 302 -39.32 26.83 13.84
CA ALA H 302 -38.47 27.96 13.50
C ALA H 302 -37.04 27.75 13.99
N ALA H 303 -36.89 27.16 15.17
CA ALA H 303 -35.55 26.85 15.68
C ALA H 303 -34.84 25.85 14.78
N ILE H 304 -35.55 24.83 14.31
CA ILE H 304 -34.94 23.86 13.40
C ILE H 304 -34.51 24.54 12.11
N ASP H 305 -35.38 25.39 11.55
CA ASP H 305 -35.03 26.08 10.31
C ASP H 305 -33.83 27.00 10.50
N ARG H 306 -33.80 27.75 11.60
CA ARG H 306 -32.67 28.64 11.88
C ARG H 306 -31.39 27.86 12.09
N TYR H 307 -31.47 26.73 12.78
CA TYR H 307 -30.31 25.87 12.96
C TYR H 307 -29.77 25.40 11.61
N VAL H 308 -30.67 24.91 10.74
CA VAL H 308 -30.24 24.47 9.41
C VAL H 308 -29.54 25.61 8.69
N GLN H 309 -30.18 26.78 8.66
CA GLN H 309 -29.62 27.94 7.97
C GLN H 309 -28.22 28.27 8.49
N GLU H 310 -28.13 28.66 9.75
CA GLU H 310 -26.88 29.20 10.29
C GLU H 310 -25.82 28.12 10.53
N LYS H 311 -26.15 26.84 10.42
CA LYS H 311 -25.16 25.80 10.61
C LYS H 311 -24.73 25.09 9.33
N ILE H 312 -25.49 25.23 8.24
CA ILE H 312 -25.08 24.70 6.95
C ILE H 312 -24.82 25.81 5.93
N VAL H 313 -25.82 26.65 5.65
CA VAL H 313 -25.72 27.56 4.52
C VAL H 313 -24.70 28.66 4.81
N LEU H 314 -24.90 29.40 5.90
CA LEU H 314 -23.98 30.48 6.24
C LEU H 314 -22.59 29.95 6.56
N ALA H 315 -22.53 28.78 7.21
CA ALA H 315 -21.23 28.17 7.50
C ALA H 315 -20.48 27.84 6.21
N ALA H 316 -21.19 27.28 5.22
CA ALA H 316 -20.55 26.97 3.95
C ALA H 316 -20.10 28.23 3.23
N GLN H 317 -20.91 29.28 3.28
CA GLN H 317 -20.51 30.54 2.65
C GLN H 317 -19.24 31.10 3.31
N ALA H 318 -19.19 31.08 4.64
CA ALA H 318 -18.02 31.58 5.35
C ALA H 318 -16.79 30.74 5.04
N ILE H 319 -16.94 29.42 5.02
CA ILE H 319 -15.80 28.54 4.73
C ILE H 319 -15.31 28.75 3.31
N SER H 320 -16.24 28.93 2.36
CA SER H 320 -15.84 29.19 0.98
C SER H 320 -15.10 30.51 0.85
N ARG H 321 -15.55 31.54 1.57
CA ARG H 321 -14.83 32.82 1.57
C ARG H 321 -13.44 32.67 2.17
N PHE H 322 -13.32 31.92 3.26
CA PHE H 322 -12.02 31.74 3.91
C PHE H 322 -11.06 30.96 3.02
N ALA H 323 -11.55 29.91 2.34
CA ALA H 323 -10.70 29.10 1.50
C ALA H 323 -10.29 29.79 0.21
N TYR H 324 -10.92 30.92 -0.12
CA TYR H 324 -10.55 31.64 -1.33
C TYR H 324 -9.14 32.18 -1.26
N GLN H 325 -8.68 32.56 -0.06
CA GLN H 325 -7.34 33.12 0.08
C GLN H 325 -6.26 32.07 -0.06
N LYS H 326 -6.55 30.82 0.32
CA LYS H 326 -5.58 29.74 0.19
C LYS H 326 -5.42 29.24 -1.23
N ILE H 327 -6.36 29.52 -2.12
CA ILE H 327 -6.32 29.06 -3.51
C ILE H 327 -5.73 30.17 -4.36
N SER H 328 -4.62 29.86 -5.03
CA SER H 328 -3.93 30.81 -5.90
C SER H 328 -4.12 30.39 -7.36
N ASN H 329 -3.46 31.11 -8.25
CA ASN H 329 -3.55 30.86 -9.67
C ASN H 329 -2.54 29.79 -10.09
N GLY H 330 -3.00 28.85 -10.91
CA GLY H 330 -2.10 27.85 -11.47
C GLY H 330 -1.65 26.77 -10.52
N ASP H 331 -2.39 26.53 -9.44
CA ASP H 331 -2.05 25.47 -8.51
C ASP H 331 -2.95 24.27 -8.71
N VAL H 332 -2.53 23.14 -8.17
CA VAL H 332 -3.23 21.86 -8.32
C VAL H 332 -3.80 21.46 -6.97
N ILE H 333 -5.09 21.14 -6.96
CA ILE H 333 -5.81 20.79 -5.74
C ILE H 333 -6.33 19.37 -5.89
N LEU H 334 -6.04 18.52 -4.90
CA LEU H 334 -6.47 17.14 -4.89
C LEU H 334 -7.61 16.97 -3.90
N VAL H 335 -8.73 16.43 -4.38
CA VAL H 335 -9.91 16.19 -3.57
C VAL H 335 -10.24 14.71 -3.60
N TYR H 336 -10.96 14.26 -2.57
CA TYR H 336 -11.29 12.85 -2.41
C TYR H 336 -12.77 12.69 -2.14
N GLY H 337 -13.37 11.68 -2.79
CA GLY H 337 -14.75 11.36 -2.54
C GLY H 337 -15.69 12.47 -2.99
N CYS H 338 -16.87 12.50 -2.36
CA CYS H 338 -17.88 13.50 -2.64
C CYS H 338 -18.23 14.23 -1.35
N SER H 339 -18.14 15.55 -1.38
CA SER H 339 -18.60 16.38 -0.28
C SER H 339 -19.07 17.71 -0.84
N SER H 340 -20.23 18.16 -0.37
CA SER H 340 -20.82 19.40 -0.91
C SER H 340 -19.96 20.61 -0.59
N LEU H 341 -19.30 20.61 0.58
CA LEU H 341 -18.50 21.77 0.97
C LEU H 341 -17.32 21.98 0.02
N VAL H 342 -16.61 20.90 -0.32
CA VAL H 342 -15.46 21.00 -1.21
C VAL H 342 -15.91 21.48 -2.59
N SER H 343 -17.00 20.90 -3.10
CA SER H 343 -17.49 21.29 -4.42
C SER H 343 -17.90 22.76 -4.43
N ARG H 344 -18.60 23.21 -3.39
CA ARG H 344 -19.00 24.61 -3.31
C ARG H 344 -17.77 25.52 -3.25
N ILE H 345 -16.77 25.14 -2.46
CA ILE H 345 -15.56 25.96 -2.35
C ILE H 345 -14.89 26.08 -3.72
N LEU H 346 -14.73 24.96 -4.41
CA LEU H 346 -14.05 24.97 -5.70
C LEU H 346 -14.84 25.78 -6.74
N GLN H 347 -16.17 25.60 -6.78
CA GLN H 347 -16.97 26.32 -7.75
C GLN H 347 -16.94 27.82 -7.48
N GLU H 348 -17.04 28.22 -6.21
CA GLU H 348 -17.01 29.65 -5.89
C GLU H 348 -15.64 30.24 -6.18
N ALA H 349 -14.56 29.50 -5.90
CA ALA H 349 -13.23 29.99 -6.21
C ALA H 349 -13.04 30.17 -7.71
N TRP H 350 -13.56 29.22 -8.51
CA TRP H 350 -13.49 29.39 -9.95
C TRP H 350 -14.32 30.57 -10.42
N THR H 351 -15.48 30.78 -9.82
CA THR H 351 -16.35 31.89 -10.21
C THR H 351 -15.69 33.24 -9.90
N GLU H 352 -15.04 33.35 -8.74
CA GLU H 352 -14.45 34.63 -8.36
C GLU H 352 -13.33 35.06 -9.31
N GLY H 353 -12.67 34.11 -9.95
CA GLY H 353 -11.66 34.46 -10.93
C GLY H 353 -10.38 33.65 -10.83
N ARG H 354 -10.28 32.79 -9.82
CA ARG H 354 -9.11 31.94 -9.68
C ARG H 354 -9.10 30.89 -10.79
N ARG H 355 -7.90 30.57 -11.28
CA ARG H 355 -7.71 29.58 -12.33
C ARG H 355 -6.79 28.49 -11.81
N PHE H 356 -7.24 27.25 -11.87
CA PHE H 356 -6.51 26.13 -11.27
C PHE H 356 -7.03 24.84 -11.87
N ARG H 357 -6.41 23.73 -11.47
CA ARG H 357 -6.85 22.39 -11.80
C ARG H 357 -7.32 21.68 -10.54
N VAL H 358 -8.14 20.65 -10.74
CA VAL H 358 -8.59 19.79 -9.66
C VAL H 358 -8.33 18.34 -10.04
N VAL H 359 -7.88 17.56 -9.08
CA VAL H 359 -7.65 16.12 -9.27
C VAL H 359 -8.60 15.39 -8.35
N VAL H 360 -9.44 14.55 -8.92
CA VAL H 360 -10.47 13.82 -8.18
C VAL H 360 -9.98 12.39 -7.94
N VAL H 361 -9.96 11.98 -6.68
CA VAL H 361 -9.54 10.64 -6.29
C VAL H 361 -10.77 9.88 -5.81
N ASP H 362 -10.95 8.66 -6.31
CA ASP H 362 -12.12 7.85 -6.03
C ASP H 362 -11.70 6.50 -5.49
N SER H 363 -12.68 5.77 -4.94
CA SER H 363 -12.42 4.46 -4.37
C SER H 363 -13.68 3.61 -4.46
N ARG H 364 -13.49 2.30 -4.59
CA ARG H 364 -14.57 1.35 -4.60
C ARG H 364 -15.13 1.14 -3.19
N PRO H 365 -16.38 0.67 -3.07
CA PRO H 365 -17.35 0.37 -4.13
C PRO H 365 -18.32 1.51 -4.41
N TRP H 366 -18.33 2.52 -3.55
CA TRP H 366 -19.30 3.61 -3.70
C TRP H 366 -19.05 4.40 -4.99
N LEU H 367 -17.79 4.67 -5.29
CA LEU H 367 -17.40 5.42 -6.48
C LEU H 367 -18.15 6.76 -6.54
N GLU H 368 -18.15 7.47 -5.41
CA GLU H 368 -18.88 8.72 -5.30
C GLU H 368 -18.07 9.93 -5.76
N GLY H 369 -16.82 9.74 -6.17
CA GLY H 369 -16.06 10.82 -6.75
C GLY H 369 -16.57 11.26 -8.10
N ARG H 370 -17.37 10.42 -8.76
CA ARG H 370 -17.97 10.82 -10.02
C ARG H 370 -18.95 11.96 -9.84
N HIS H 371 -19.59 12.05 -8.67
CA HIS H 371 -20.49 13.16 -8.40
C HIS H 371 -19.76 14.50 -8.47
N THR H 372 -18.65 14.61 -7.73
CA THR H 372 -17.90 15.86 -7.76
C THR H 372 -17.19 16.05 -9.09
N LEU H 373 -16.83 14.97 -9.78
CA LEU H 373 -16.26 15.11 -11.12
C LEU H 373 -17.27 15.75 -12.08
N ARG H 374 -18.51 15.26 -12.06
CA ARG H 374 -19.55 15.85 -12.90
C ARG H 374 -19.85 17.28 -12.50
N SER H 375 -19.88 17.56 -11.20
CA SER H 375 -20.11 18.93 -10.74
C SER H 375 -19.02 19.87 -11.26
N LEU H 376 -17.76 19.47 -11.14
CA LEU H 376 -16.66 20.30 -11.62
C LEU H 376 -16.71 20.47 -13.13
N VAL H 377 -17.05 19.42 -13.87
CA VAL H 377 -17.12 19.54 -15.33
C VAL H 377 -18.23 20.50 -15.71
N HIS H 378 -19.39 20.41 -15.06
CA HIS H 378 -20.48 21.32 -15.36
C HIS H 378 -20.14 22.75 -14.96
N ALA H 379 -19.34 22.93 -13.91
CA ALA H 379 -18.91 24.26 -13.51
C ALA H 379 -17.86 24.85 -14.43
N GLY H 380 -17.19 24.01 -15.23
CA GLY H 380 -16.17 24.46 -16.14
C GLY H 380 -14.75 24.34 -15.65
N VAL H 381 -14.54 23.84 -14.44
CA VAL H 381 -13.19 23.70 -13.89
C VAL H 381 -12.51 22.50 -14.55
N PRO H 382 -11.28 22.62 -15.01
CA PRO H 382 -10.55 21.44 -15.51
C PRO H 382 -10.38 20.42 -14.39
N ALA H 383 -10.54 19.15 -14.74
CA ALA H 383 -10.54 18.09 -13.75
C ALA H 383 -9.81 16.87 -14.28
N SER H 384 -9.24 16.10 -13.36
CA SER H 384 -8.62 14.82 -13.64
C SER H 384 -9.22 13.78 -12.71
N TYR H 385 -9.26 12.54 -13.18
CA TYR H 385 -9.91 11.46 -12.44
C TYR H 385 -8.98 10.25 -12.37
N LEU H 386 -8.89 9.66 -11.18
CA LEU H 386 -8.12 8.44 -10.98
C LEU H 386 -8.59 7.78 -9.69
N LEU H 387 -8.21 6.52 -9.53
CA LEU H 387 -8.55 5.76 -8.32
C LEU H 387 -7.52 6.01 -7.23
N ILE H 388 -7.87 5.61 -6.01
CA ILE H 388 -7.00 5.87 -4.86
C ILE H 388 -5.63 5.22 -4.96
N PRO H 389 -5.48 3.97 -5.44
CA PRO H 389 -4.13 3.37 -5.43
C PRO H 389 -3.11 4.15 -6.24
N ALA H 390 -3.55 4.85 -7.28
CA ALA H 390 -2.66 5.64 -8.12
C ALA H 390 -2.42 7.04 -7.58
N ALA H 391 -2.91 7.34 -6.39
CA ALA H 391 -2.75 8.69 -5.84
C ALA H 391 -1.28 9.04 -5.66
N SER H 392 -0.47 8.10 -5.17
CA SER H 392 0.96 8.34 -5.03
C SER H 392 1.63 8.67 -6.35
N TYR H 393 0.95 8.48 -7.48
CA TYR H 393 1.49 8.85 -8.77
C TYR H 393 1.25 10.32 -9.09
N VAL H 394 0.16 10.91 -8.62
CA VAL H 394 -0.19 12.27 -8.99
C VAL H 394 0.23 13.30 -7.96
N LEU H 395 0.53 12.90 -6.73
CA LEU H 395 0.92 13.87 -5.71
C LEU H 395 2.21 14.64 -6.02
N PRO H 396 3.17 14.13 -6.82
CA PRO H 396 4.29 15.00 -7.23
C PRO H 396 3.86 16.29 -7.89
N GLU H 397 2.80 16.28 -8.69
CA GLU H 397 2.33 17.47 -9.37
C GLU H 397 1.23 18.21 -8.60
N VAL H 398 0.85 17.72 -7.44
CA VAL H 398 -0.24 18.31 -6.65
C VAL H 398 0.34 19.35 -5.70
N SER H 399 -0.35 20.48 -5.57
CA SER H 399 0.07 21.56 -4.70
C SER H 399 -0.61 21.54 -3.33
N LYS H 400 -1.92 21.31 -3.29
CA LYS H 400 -2.66 21.24 -2.03
C LYS H 400 -3.58 20.03 -2.03
N VAL H 401 -3.87 19.51 -0.85
CA VAL H 401 -4.82 18.42 -0.68
C VAL H 401 -5.98 18.94 0.16
N LEU H 402 -7.13 19.13 -0.47
CA LEU H 402 -8.31 19.66 0.19
C LEU H 402 -9.28 18.52 0.44
N LEU H 403 -9.62 18.30 1.71
CA LEU H 403 -10.46 17.18 2.11
C LEU H 403 -11.69 17.69 2.86
N GLY H 404 -12.74 16.87 2.84
CA GLY H 404 -13.93 17.11 3.62
C GLY H 404 -13.97 16.13 4.78
N ALA H 405 -14.58 16.55 5.89
CA ALA H 405 -14.60 15.76 7.11
C ALA H 405 -16.02 15.46 7.53
N HIS H 406 -16.27 14.20 7.87
CA HIS H 406 -17.55 13.82 8.47
C HIS H 406 -17.66 14.25 9.92
N ALA H 407 -16.54 14.39 10.62
CA ALA H 407 -16.52 14.78 12.02
C ALA H 407 -15.11 15.16 12.43
N LEU H 408 -15.03 16.10 13.36
CA LEU H 408 -13.78 16.44 14.04
C LEU H 408 -13.90 16.02 15.50
N LEU H 409 -12.91 15.26 15.97
CA LEU H 409 -12.95 14.74 17.32
C LEU H 409 -12.21 15.66 18.28
N ALA H 410 -12.48 15.48 19.57
CA ALA H 410 -11.94 16.39 20.58
C ALA H 410 -10.42 16.35 20.67
N ASN H 411 -9.79 15.29 20.17
CA ASN H 411 -8.34 15.20 20.15
C ASN H 411 -7.74 15.72 18.84
N GLY H 412 -8.56 16.24 17.94
CA GLY H 412 -8.10 16.71 16.66
C GLY H 412 -8.17 15.69 15.54
N SER H 413 -8.44 14.43 15.85
CA SER H 413 -8.54 13.41 14.82
C SER H 413 -9.71 13.70 13.89
N VAL H 414 -9.54 13.34 12.62
CA VAL H 414 -10.53 13.63 11.60
C VAL H 414 -11.16 12.31 11.16
N MET H 415 -12.45 12.14 11.44
CA MET H 415 -13.17 10.95 10.98
C MET H 415 -13.79 11.26 9.62
N SER H 416 -13.53 10.40 8.64
CA SER H 416 -13.99 10.68 7.29
C SER H 416 -14.10 9.37 6.52
N ARG H 417 -14.24 9.48 5.20
CA ARG H 417 -14.29 8.31 4.33
C ARG H 417 -13.00 7.50 4.45
N VAL H 418 -13.07 6.25 3.99
CA VAL H 418 -12.07 5.25 4.34
C VAL H 418 -10.67 5.67 3.87
N GLY H 419 -10.58 6.31 2.71
CA GLY H 419 -9.29 6.64 2.17
C GLY H 419 -8.72 7.99 2.58
N THR H 420 -9.34 8.69 3.52
CA THR H 420 -8.90 10.05 3.84
C THR H 420 -7.55 10.04 4.55
N ALA H 421 -7.39 9.22 5.59
CA ALA H 421 -6.13 9.18 6.32
C ALA H 421 -5.00 8.64 5.47
N GLN H 422 -5.30 7.66 4.62
CA GLN H 422 -4.30 7.16 3.68
C GLN H 422 -3.81 8.26 2.75
N LEU H 423 -4.74 9.06 2.21
CA LEU H 423 -4.36 10.17 1.35
C LEU H 423 -3.54 11.19 2.11
N ALA H 424 -3.92 11.48 3.36
CA ALA H 424 -3.15 12.42 4.17
C ALA H 424 -1.73 11.93 4.39
N LEU H 425 -1.57 10.64 4.69
CA LEU H 425 -0.24 10.08 4.90
C LEU H 425 0.61 10.15 3.63
N VAL H 426 0.02 9.79 2.49
CA VAL H 426 0.79 9.81 1.24
C VAL H 426 1.13 11.24 0.85
N ALA H 427 0.22 12.19 1.11
CA ALA H 427 0.52 13.59 0.86
C ALA H 427 1.64 14.10 1.75
N ARG H 428 1.65 13.68 3.01
CA ARG H 428 2.74 14.05 3.91
C ARG H 428 4.07 13.49 3.40
N ALA H 429 4.05 12.26 2.87
CA ALA H 429 5.27 11.68 2.31
C ALA H 429 5.77 12.47 1.10
N HIS H 430 4.91 13.22 0.43
CA HIS H 430 5.29 14.00 -0.75
C HIS H 430 5.39 15.49 -0.45
N ASN H 431 5.28 15.89 0.81
CA ASN H 431 5.44 17.29 1.23
C ASN H 431 4.39 18.18 0.56
N VAL H 432 3.13 17.84 0.78
CA VAL H 432 1.99 18.56 0.23
C VAL H 432 1.12 19.03 1.38
N PRO H 433 0.78 20.31 1.47
CA PRO H 433 -0.09 20.77 2.57
C PRO H 433 -1.47 20.16 2.50
N VAL H 434 -2.07 19.97 3.68
CA VAL H 434 -3.37 19.32 3.83
C VAL H 434 -4.32 20.29 4.53
N LEU H 435 -5.43 20.59 3.85
CA LEU H 435 -6.50 21.40 4.39
C LEU H 435 -7.74 20.53 4.54
N VAL H 436 -8.43 20.67 5.67
CA VAL H 436 -9.67 19.96 5.92
C VAL H 436 -10.76 20.99 6.18
N CYS H 437 -11.85 20.91 5.41
CA CYS H 437 -12.96 21.84 5.56
C CYS H 437 -14.10 21.15 6.29
N CYS H 438 -14.58 21.78 7.36
CA CYS H 438 -15.63 21.20 8.18
C CYS H 438 -16.37 22.32 8.89
N GLU H 439 -17.67 22.12 9.09
CA GLU H 439 -18.49 23.05 9.84
C GLU H 439 -18.40 22.75 11.33
N THR H 440 -18.51 23.80 12.14
CA THR H 440 -18.36 23.65 13.59
C THR H 440 -19.45 22.82 14.24
N TYR H 441 -20.56 22.56 13.54
CA TYR H 441 -21.61 21.73 14.10
C TYR H 441 -21.30 20.24 13.97
N LYS H 442 -20.23 19.88 13.25
CA LYS H 442 -19.79 18.50 13.15
C LYS H 442 -18.72 18.14 14.16
N PHE H 443 -18.35 19.08 15.04
CA PHE H 443 -17.33 18.82 16.05
C PHE H 443 -17.93 17.95 17.16
N CYS H 444 -17.22 16.89 17.53
CA CYS H 444 -17.70 15.93 18.50
C CYS H 444 -16.81 15.93 19.74
N GLU H 445 -17.44 15.75 20.90
CA GLU H 445 -16.70 15.69 22.16
C GLU H 445 -15.99 14.35 22.33
N ARG H 446 -16.43 13.31 21.63
CA ARG H 446 -15.83 11.99 21.78
C ARG H 446 -14.46 11.94 21.10
N VAL H 447 -13.68 10.95 21.47
CA VAL H 447 -12.35 10.71 20.91
C VAL H 447 -12.21 9.23 20.58
N GLN H 448 -11.40 8.94 19.57
CA GLN H 448 -11.05 7.56 19.25
C GLN H 448 -9.71 7.57 18.51
N THR H 449 -8.87 6.58 18.81
CA THR H 449 -7.52 6.52 18.30
C THR H 449 -7.37 5.62 17.07
N ASP H 450 -8.44 4.98 16.62
CA ASP H 450 -8.38 4.07 15.49
C ASP H 450 -9.78 3.89 14.92
N ALA H 451 -9.85 3.20 13.79
CA ALA H 451 -11.11 2.93 13.11
C ALA H 451 -11.78 1.64 13.57
N PHE H 452 -11.23 0.97 14.59
CA PHE H 452 -11.75 -0.30 15.03
C PHE H 452 -12.79 -0.16 16.14
N VAL H 453 -12.56 0.74 17.09
CA VAL H 453 -13.43 0.85 18.25
C VAL H 453 -14.83 1.31 17.85
N SER H 454 -14.92 2.20 16.87
CA SER H 454 -16.21 2.72 16.40
C SER H 454 -16.14 2.93 14.91
N ASN H 455 -17.03 2.26 14.18
CA ASN H 455 -17.08 2.34 12.73
C ASN H 455 -18.43 1.80 12.27
N GLU H 456 -18.61 1.68 10.96
CA GLU H 456 -19.81 1.12 10.38
C GLU H 456 -19.42 0.11 9.31
N LEU H 457 -20.10 -1.03 9.31
CA LEU H 457 -19.87 -2.08 8.32
C LEU H 457 -20.98 -2.01 7.28
N ASP H 458 -20.60 -1.82 6.02
CA ASP H 458 -21.57 -1.74 4.93
C ASP H 458 -21.89 -3.16 4.45
N ASP H 459 -22.68 -3.26 3.39
CA ASP H 459 -23.04 -4.56 2.85
C ASP H 459 -21.81 -5.21 2.21
N PRO H 460 -21.38 -6.38 2.68
CA PRO H 460 -20.22 -7.02 2.07
C PRO H 460 -20.41 -7.36 0.60
N ASP H 461 -21.63 -7.67 0.18
CA ASP H 461 -21.88 -8.06 -1.20
C ASP H 461 -21.60 -6.92 -2.17
N ASP H 462 -21.48 -5.69 -1.69
CA ASP H 462 -21.08 -4.58 -2.54
C ASP H 462 -19.65 -4.71 -3.04
N LEU H 463 -18.83 -5.53 -2.39
CA LEU H 463 -17.45 -5.70 -2.81
C LEU H 463 -17.32 -6.56 -4.06
N GLN H 464 -18.35 -7.32 -4.40
CA GLN H 464 -18.28 -8.18 -5.59
C GLN H 464 -18.23 -7.33 -6.85
N CYS H 465 -17.30 -7.66 -7.74
CA CYS H 465 -17.16 -6.97 -9.01
C CYS H 465 -16.96 -7.99 -10.12
N LYS H 466 -17.43 -7.66 -11.31
CA LYS H 466 -17.33 -8.54 -12.47
C LYS H 466 -16.10 -8.12 -13.27
N ARG H 467 -15.04 -8.93 -13.17
CA ARG H 467 -13.81 -8.71 -13.93
C ARG H 467 -13.70 -9.83 -14.96
N GLY H 468 -13.88 -9.48 -16.22
CA GLY H 468 -13.91 -10.47 -17.29
C GLY H 468 -15.33 -10.98 -17.55
N GLU H 469 -15.58 -12.25 -17.19
CA GLU H 469 -16.90 -12.84 -17.32
C GLU H 469 -17.32 -13.59 -16.05
N HIS H 470 -16.54 -13.50 -14.98
CA HIS H 470 -16.86 -14.19 -13.74
C HIS H 470 -16.75 -13.22 -12.57
N VAL H 471 -17.50 -13.51 -11.52
CA VAL H 471 -17.44 -12.78 -10.26
C VAL H 471 -16.74 -13.68 -9.25
N ALA H 472 -15.50 -13.31 -8.89
CA ALA H 472 -14.70 -14.16 -8.02
C ALA H 472 -15.31 -14.30 -6.63
N LEU H 473 -16.06 -13.30 -6.18
CA LEU H 473 -16.65 -13.31 -4.84
C LEU H 473 -18.16 -13.54 -4.89
N ALA H 474 -18.64 -14.29 -5.88
CA ALA H 474 -20.07 -14.51 -6.05
C ALA H 474 -20.67 -15.24 -4.86
N ASN H 475 -20.27 -16.49 -4.66
CA ASN H 475 -20.75 -17.29 -3.52
C ASN H 475 -19.70 -17.30 -2.40
N TRP H 476 -19.36 -16.10 -1.91
CA TRP H 476 -18.31 -15.99 -0.92
C TRP H 476 -18.68 -16.60 0.42
N GLN H 477 -19.97 -16.77 0.70
CA GLN H 477 -20.39 -17.36 1.97
C GLN H 477 -20.26 -18.88 1.98
N ASN H 478 -20.07 -19.50 0.82
CA ASN H 478 -19.85 -20.95 0.80
C ASN H 478 -18.52 -21.31 1.43
N HIS H 479 -17.48 -20.50 1.20
CA HIS H 479 -16.19 -20.72 1.83
C HIS H 479 -16.30 -20.36 3.31
N ALA H 480 -16.06 -21.34 4.19
CA ALA H 480 -16.29 -21.14 5.61
C ALA H 480 -15.32 -20.14 6.21
N SER H 481 -14.08 -20.09 5.72
CA SER H 481 -13.04 -19.27 6.31
C SER H 481 -12.84 -17.93 5.60
N LEU H 482 -13.75 -17.55 4.72
CA LEU H 482 -13.63 -16.31 3.96
C LEU H 482 -14.58 -15.26 4.52
N ARG H 483 -14.05 -14.06 4.77
CA ARG H 483 -14.84 -12.94 5.25
C ARG H 483 -14.61 -11.74 4.35
N LEU H 484 -15.62 -10.89 4.24
CA LEU H 484 -15.55 -9.67 3.46
C LEU H 484 -15.67 -8.46 4.39
N LEU H 485 -14.88 -7.43 4.10
CA LEU H 485 -14.79 -6.26 4.98
C LEU H 485 -14.81 -5.00 4.12
N ASN H 486 -15.83 -4.17 4.29
CA ASN H 486 -15.86 -2.83 3.72
C ASN H 486 -16.20 -1.81 4.80
N LEU H 487 -15.17 -1.12 5.29
CA LEU H 487 -15.37 -0.07 6.27
C LEU H 487 -16.04 1.13 5.60
N VAL H 488 -16.54 2.05 6.44
CA VAL H 488 -17.22 3.23 5.92
C VAL H 488 -16.43 4.48 6.33
N TYR H 489 -15.76 4.42 7.47
CA TYR H 489 -15.04 5.57 8.00
C TYR H 489 -13.65 5.16 8.46
N ASP H 490 -12.78 6.16 8.57
CA ASP H 490 -11.47 5.97 9.20
C ASP H 490 -11.08 7.27 9.89
N VAL H 491 -10.00 7.19 10.67
CA VAL H 491 -9.56 8.27 11.54
C VAL H 491 -8.18 8.74 11.11
N THR H 492 -8.05 10.04 10.88
CA THR H 492 -6.78 10.67 10.54
C THR H 492 -6.19 11.30 11.78
N PRO H 493 -4.95 10.96 12.16
CA PRO H 493 -4.36 11.57 13.34
C PRO H 493 -4.14 13.05 13.15
N PRO H 494 -4.16 13.84 14.22
CA PRO H 494 -4.05 15.30 14.07
C PRO H 494 -2.72 15.76 13.48
N GLU H 495 -1.67 14.94 13.55
CA GLU H 495 -0.37 15.36 13.05
C GLU H 495 -0.26 15.29 11.53
N LEU H 496 -1.25 14.73 10.85
CA LEU H 496 -1.25 14.67 9.40
C LEU H 496 -2.09 15.76 8.74
N VAL H 497 -2.65 16.68 9.53
CA VAL H 497 -3.54 17.72 9.03
C VAL H 497 -2.93 19.07 9.34
N ASP H 498 -2.90 19.96 8.35
CA ASP H 498 -2.36 21.30 8.53
C ASP H 498 -3.44 22.30 8.91
N LEU H 499 -4.45 22.47 8.05
CA LEU H 499 -5.53 23.42 8.33
C LEU H 499 -6.85 22.72 8.64
N VAL H 500 -7.64 23.36 9.50
CA VAL H 500 -9.06 23.12 9.59
C VAL H 500 -9.75 24.44 9.30
N ILE H 501 -10.54 24.48 8.23
CA ILE H 501 -11.24 25.69 7.80
C ILE H 501 -12.67 25.60 8.28
N THR H 502 -13.06 26.50 9.16
CA THR H 502 -14.40 26.58 9.70
C THR H 502 -14.95 27.98 9.48
N GLU H 503 -16.23 28.16 9.81
CA GLU H 503 -16.81 29.50 9.74
C GLU H 503 -16.17 30.45 10.74
N LEU H 504 -15.47 29.92 11.75
CA LEU H 504 -14.70 30.75 12.67
C LEU H 504 -13.37 31.21 12.06
N GLY H 505 -12.90 30.55 11.02
CA GLY H 505 -11.67 30.93 10.37
C GLY H 505 -10.80 29.72 10.10
N MET H 506 -9.53 29.98 9.82
CA MET H 506 -8.55 28.92 9.60
C MET H 506 -7.84 28.64 10.92
N ILE H 507 -7.98 27.42 11.42
CA ILE H 507 -7.47 27.08 12.74
C ILE H 507 -6.54 25.88 12.62
N PRO H 508 -5.63 25.71 13.57
CA PRO H 508 -4.83 24.48 13.62
C PRO H 508 -5.71 23.30 13.99
N CYS H 509 -5.22 22.10 13.63
CA CYS H 509 -5.96 20.88 13.87
C CYS H 509 -6.14 20.58 15.36
N SER H 510 -5.35 21.21 16.23
CA SER H 510 -5.42 20.98 17.67
C SER H 510 -6.35 21.94 18.40
N SER H 511 -7.05 22.81 17.69
CA SER H 511 -7.94 23.79 18.29
C SER H 511 -9.40 23.33 18.28
N VAL H 512 -9.66 22.07 17.95
CA VAL H 512 -11.04 21.57 17.94
C VAL H 512 -11.71 21.69 19.30
N PRO H 513 -11.09 21.26 20.41
CA PRO H 513 -11.77 21.43 21.71
C PRO H 513 -12.06 22.88 22.06
N VAL H 514 -11.16 23.80 21.68
CA VAL H 514 -11.36 25.21 21.98
C VAL H 514 -12.69 25.70 21.40
N VAL H 515 -12.95 25.38 20.14
CA VAL H 515 -14.23 25.70 19.54
C VAL H 515 -15.36 25.05 20.32
N LEU H 516 -15.19 23.76 20.68
CA LEU H 516 -16.19 23.07 21.47
C LEU H 516 -16.41 23.78 22.81
N ARG H 517 -15.40 24.47 23.31
CA ARG H 517 -15.55 25.21 24.56
C ARG H 517 -16.33 26.51 24.34
N VAL H 518 -16.13 27.17 23.19
CA VAL H 518 -16.77 28.46 22.96
C VAL H 518 -18.13 28.34 22.30
N LYS H 519 -18.55 27.13 21.94
CA LYS H 519 -19.86 26.90 21.35
C LYS H 519 -20.86 26.34 22.36
N SER H 520 -20.51 26.32 23.64
CA SER H 520 -21.41 25.81 24.67
C SER H 520 -21.23 26.58 25.98
N PRO I 40 -0.30 -5.17 73.08
CA PRO I 40 -1.15 -4.15 73.71
C PRO I 40 -0.44 -3.12 74.61
N PRO I 41 0.51 -3.51 75.47
CA PRO I 41 1.22 -2.52 76.26
C PRO I 41 2.07 -1.63 75.36
N PRO I 42 2.29 -0.38 75.74
CA PRO I 42 3.13 0.51 74.94
C PRO I 42 4.56 -0.03 74.83
N LEU I 43 5.15 0.16 73.65
CA LEU I 43 6.51 -0.30 73.41
C LEU I 43 7.50 0.67 74.02
N GLN I 44 8.38 0.16 74.88
CA GLN I 44 9.40 0.96 75.54
C GLN I 44 10.76 0.64 74.94
N ALA I 45 11.76 1.45 75.32
CA ALA I 45 13.11 1.26 74.81
C ALA I 45 14.09 1.88 75.80
N VAL I 46 15.16 1.15 76.10
CA VAL I 46 16.23 1.65 76.94
C VAL I 46 17.38 2.06 76.04
N LEU I 47 17.79 3.32 76.14
CA LEU I 47 18.81 3.91 75.27
C LEU I 47 20.02 4.25 76.11
N VAL I 48 21.11 3.49 75.92
CA VAL I 48 22.35 3.70 76.66
C VAL I 48 23.16 4.74 75.91
N ALA I 49 23.18 5.96 76.43
CA ALA I 49 23.88 7.08 75.81
C ALA I 49 25.33 7.18 76.26
N ASP I 50 25.92 6.09 76.74
CA ASP I 50 27.31 6.08 77.17
C ASP I 50 27.95 4.78 76.72
N SER I 51 28.92 4.88 75.82
CA SER I 51 29.75 3.74 75.43
C SER I 51 30.87 3.61 76.45
N PHE I 52 30.75 2.61 77.33
CA PHE I 52 31.65 2.50 78.47
C PHE I 52 33.07 2.14 78.09
N ASP I 53 33.30 1.68 76.86
CA ASP I 53 34.66 1.49 76.38
C ASP I 53 35.22 2.81 75.87
N ARG I 54 36.52 2.80 75.57
CA ARG I 54 37.22 4.00 75.08
C ARG I 54 37.90 3.63 73.77
N ARG I 55 37.18 3.75 72.66
CA ARG I 55 37.71 3.49 71.34
C ARG I 55 37.85 4.75 70.49
N PHE I 56 37.35 5.88 70.97
CA PHE I 56 37.41 7.14 70.22
C PHE I 56 38.37 8.15 70.82
N PHE I 57 39.18 7.75 71.81
CA PHE I 57 40.14 8.67 72.36
C PHE I 57 41.19 9.04 71.30
N PRO I 58 41.67 10.28 71.28
CA PRO I 58 41.36 11.37 72.22
C PRO I 58 40.17 12.23 71.81
N ILE I 59 39.43 11.82 70.78
CA ILE I 59 38.27 12.60 70.33
C ILE I 59 37.22 12.67 71.43
N SER I 60 37.04 11.59 72.17
CA SER I 60 36.07 11.55 73.26
C SER I 60 36.47 12.43 74.45
N LYS I 61 37.72 12.89 74.50
CA LYS I 61 38.16 13.72 75.62
C LYS I 61 37.46 15.07 75.67
N ASP I 62 36.90 15.52 74.54
CA ASP I 62 36.25 16.81 74.46
C ASP I 62 34.76 16.71 74.18
N GLN I 63 34.35 15.85 73.26
CA GLN I 63 32.95 15.66 72.92
C GLN I 63 32.58 14.20 73.06
N PRO I 64 31.41 13.89 73.61
CA PRO I 64 31.00 12.49 73.71
C PRO I 64 30.82 11.87 72.34
N ARG I 65 31.07 10.56 72.27
CA ARG I 65 30.93 9.86 71.00
C ARG I 65 29.49 9.88 70.50
N VAL I 66 28.53 9.91 71.42
CA VAL I 66 27.12 9.90 71.04
C VAL I 66 26.75 11.19 70.32
N LEU I 67 27.47 12.28 70.58
CA LEU I 67 27.19 13.57 69.96
C LEU I 67 28.07 13.85 68.75
N LEU I 68 28.83 12.86 68.28
CA LEU I 68 29.67 13.08 67.12
C LEU I 68 28.81 13.24 65.87
N PRO I 69 29.15 14.20 64.99
CA PRO I 69 28.37 14.38 63.76
C PRO I 69 28.79 13.38 62.69
N LEU I 70 27.85 12.51 62.29
CA LEU I 70 28.12 11.54 61.25
C LEU I 70 28.03 12.18 59.87
N ALA I 71 26.86 12.73 59.54
CA ALA I 71 26.62 13.44 58.29
C ALA I 71 26.04 14.81 58.58
N ASN I 72 26.70 15.53 59.51
CA ASN I 72 26.29 16.80 60.11
C ASN I 72 25.15 16.57 61.10
N VAL I 73 24.85 15.32 61.44
CA VAL I 73 23.81 14.98 62.40
C VAL I 73 24.42 14.07 63.45
N ALA I 74 24.08 14.31 64.72
CA ALA I 74 24.61 13.49 65.80
C ALA I 74 24.03 12.08 65.75
N LEU I 75 24.82 11.12 66.26
CA LEU I 75 24.37 9.73 66.26
C LEU I 75 23.16 9.52 67.15
N ILE I 76 23.06 10.29 68.25
CA ILE I 76 21.89 10.19 69.11
C ILE I 76 20.63 10.54 68.34
N ASP I 77 20.72 11.48 67.41
CA ASP I 77 19.56 11.83 66.59
C ASP I 77 19.16 10.66 65.69
N TYR I 78 20.15 9.98 65.10
CA TYR I 78 19.84 8.81 64.28
C TYR I 78 19.17 7.73 65.10
N THR I 79 19.70 7.44 66.29
CA THR I 79 19.11 6.40 67.13
C THR I 79 17.70 6.77 67.57
N LEU I 80 17.48 8.04 67.95
CA LEU I 80 16.16 8.48 68.36
C LEU I 80 15.17 8.41 67.21
N GLU I 81 15.61 8.77 65.99
CA GLU I 81 14.74 8.65 64.83
C GLU I 81 14.40 7.19 64.55
N PHE I 82 15.38 6.29 64.68
CA PHE I 82 15.11 4.87 64.51
C PHE I 82 14.08 4.38 65.51
N LEU I 83 14.24 4.77 66.78
CA LEU I 83 13.29 4.34 67.81
C LEU I 83 11.90 4.89 67.54
N THR I 84 11.81 6.18 67.15
CA THR I 84 10.51 6.78 66.90
C THR I 84 9.81 6.15 65.71
N ALA I 85 10.56 5.86 64.64
CA ALA I 85 9.95 5.34 63.43
C ALA I 85 9.41 3.93 63.60
N THR I 86 10.00 3.14 64.50
CA THR I 86 9.62 1.75 64.67
C THR I 86 8.44 1.57 65.62
N GLY I 87 7.91 2.64 66.20
CA GLY I 87 6.75 2.55 67.06
C GLY I 87 7.01 2.68 68.55
N VAL I 88 8.23 3.00 68.96
CA VAL I 88 8.51 3.21 70.38
C VAL I 88 7.79 4.46 70.86
N GLN I 89 7.17 4.37 72.04
CA GLN I 89 6.43 5.48 72.61
C GLN I 89 7.11 6.09 73.83
N GLU I 90 7.93 5.32 74.56
CA GLU I 90 8.66 5.84 75.71
C GLU I 90 10.10 5.38 75.62
N THR I 91 11.03 6.32 75.79
CA THR I 91 12.46 6.03 75.68
C THR I 91 13.17 6.56 76.92
N PHE I 92 13.98 5.72 77.54
CA PHE I 92 14.81 6.12 78.67
C PHE I 92 16.26 6.25 78.21
N VAL I 93 16.84 7.41 78.44
CA VAL I 93 18.21 7.71 78.02
C VAL I 93 19.10 7.69 79.26
N PHE I 94 20.03 6.75 79.29
CA PHE I 94 20.99 6.62 80.39
C PHE I 94 22.35 7.14 79.93
N CYS I 95 22.79 8.24 80.53
CA CYS I 95 24.05 8.86 80.17
C CYS I 95 24.86 9.15 81.43
N CYS I 96 26.14 8.78 81.40
CA CYS I 96 27.03 8.99 82.53
C CYS I 96 28.18 9.93 82.21
N TRP I 97 28.91 9.67 81.12
CA TRP I 97 30.08 10.45 80.77
C TRP I 97 29.66 11.68 79.98
N LYS I 98 30.04 12.87 80.48
CA LYS I 98 29.69 14.15 79.85
C LYS I 98 28.19 14.26 79.64
N ALA I 99 27.44 13.94 80.69
CA ALA I 99 25.98 13.98 80.62
C ALA I 99 25.44 15.38 80.39
N ALA I 100 26.18 16.42 80.77
CA ALA I 100 25.69 17.78 80.60
C ALA I 100 25.50 18.14 79.13
N GLN I 101 26.51 17.84 78.31
CA GLN I 101 26.41 18.14 76.89
C GLN I 101 25.28 17.35 76.23
N ILE I 102 25.15 16.07 76.60
CA ILE I 102 24.10 15.24 76.02
C ILE I 102 22.72 15.79 76.40
N LYS I 103 22.54 16.17 77.66
CA LYS I 103 21.27 16.73 78.09
C LYS I 103 20.97 18.05 77.38
N GLU I 104 21.98 18.92 77.25
CA GLU I 104 21.78 20.20 76.58
C GLU I 104 21.41 20.00 75.12
N HIS I 105 22.05 19.06 74.44
CA HIS I 105 21.71 18.77 73.06
C HIS I 105 20.32 18.17 72.94
N LEU I 106 19.95 17.29 73.87
CA LEU I 106 18.67 16.60 73.77
C LEU I 106 17.50 17.56 74.03
N LEU I 107 17.64 18.46 74.99
CA LEU I 107 16.51 19.31 75.36
C LEU I 107 16.09 20.23 74.22
N LYS I 108 17.04 20.68 73.40
CA LYS I 108 16.74 21.54 72.26
C LYS I 108 16.60 20.76 70.96
N SER I 109 16.19 19.50 71.04
CA SER I 109 16.04 18.64 69.87
C SER I 109 14.58 18.44 69.55
N LYS I 110 14.34 17.76 68.42
CA LYS I 110 12.97 17.52 67.96
C LYS I 110 12.20 16.63 68.91
N TRP I 111 12.85 15.59 69.45
CA TRP I 111 12.14 14.58 70.22
C TRP I 111 11.75 15.04 71.62
N CYS I 112 12.36 16.11 72.11
CA CYS I 112 11.97 16.66 73.42
C CYS I 112 10.83 17.66 73.32
N ARG I 113 10.32 17.93 72.13
CA ARG I 113 9.17 18.80 71.99
C ARG I 113 7.92 18.09 72.53
N PRO I 114 6.95 18.86 73.06
CA PRO I 114 5.74 18.23 73.58
C PRO I 114 4.90 17.52 72.53
N THR I 115 5.09 17.84 71.26
CA THR I 115 4.31 17.20 70.19
C THR I 115 4.87 15.85 69.77
N SER I 116 6.05 15.48 70.24
CA SER I 116 6.65 14.21 69.84
C SER I 116 5.92 13.04 70.48
N LEU I 117 5.73 11.97 69.70
CA LEU I 117 5.10 10.76 70.20
C LEU I 117 6.04 9.91 71.03
N ASN I 118 7.34 10.18 70.99
CA ASN I 118 8.33 9.47 71.78
C ASN I 118 8.70 10.34 72.98
N VAL I 119 8.32 9.90 74.17
CA VAL I 119 8.57 10.65 75.39
C VAL I 119 9.97 10.29 75.88
N VAL I 120 10.93 11.14 75.55
CA VAL I 120 12.31 10.91 75.94
C VAL I 120 12.50 11.32 77.40
N ARG I 121 13.05 10.41 78.21
CA ARG I 121 13.31 10.67 79.62
C ARG I 121 14.79 10.46 79.87
N ILE I 122 15.50 11.53 80.17
CA ILE I 122 16.95 11.48 80.38
C ILE I 122 17.21 11.14 81.85
N ILE I 123 17.93 10.05 82.08
CA ILE I 123 18.33 9.63 83.42
C ILE I 123 19.85 9.60 83.46
N THR I 124 20.44 10.29 84.42
CA THR I 124 21.89 10.42 84.51
C THR I 124 22.37 9.98 85.89
N SER I 125 23.60 9.49 85.94
CA SER I 125 24.24 9.05 87.17
C SER I 125 25.73 8.89 86.91
N GLU I 126 26.53 9.21 87.91
CA GLU I 126 27.98 9.18 87.79
C GLU I 126 28.60 7.87 88.25
N LEU I 127 27.79 6.93 88.74
CA LEU I 127 28.30 5.63 89.18
C LEU I 127 28.16 4.55 88.12
N TYR I 128 27.68 4.89 86.93
CA TYR I 128 27.55 3.91 85.86
C TYR I 128 28.92 3.56 85.29
N ARG I 129 29.17 2.26 85.13
CA ARG I 129 30.42 1.79 84.56
C ARG I 129 30.24 0.74 83.48
N SER I 130 29.06 0.15 83.33
CA SER I 130 28.83 -0.89 82.33
C SER I 130 27.34 -0.97 82.05
N LEU I 131 27.01 -1.64 80.93
CA LEU I 131 25.61 -1.86 80.59
C LEU I 131 24.90 -2.69 81.65
N GLY I 132 25.63 -3.58 82.32
CA GLY I 132 25.04 -4.32 83.42
C GLY I 132 24.55 -3.42 84.53
N ASP I 133 25.32 -2.36 84.84
CA ASP I 133 24.87 -1.39 85.83
C ASP I 133 23.60 -0.69 85.37
N VAL I 134 23.52 -0.36 84.07
CA VAL I 134 22.34 0.30 83.54
C VAL I 134 21.11 -0.58 83.69
N LEU I 135 21.23 -1.86 83.34
CA LEU I 135 20.08 -2.74 83.47
C LEU I 135 19.75 -3.04 84.93
N ARG I 136 20.75 -3.08 85.80
CA ARG I 136 20.48 -3.25 87.23
C ARG I 136 19.69 -2.06 87.77
N ASP I 137 20.07 -0.85 87.36
CA ASP I 137 19.30 0.33 87.76
C ASP I 137 17.90 0.31 87.16
N VAL I 138 17.77 -0.19 85.93
CA VAL I 138 16.45 -0.32 85.31
C VAL I 138 15.56 -1.23 86.13
N ASP I 139 16.10 -2.37 86.55
CA ASP I 139 15.32 -3.28 87.38
C ASP I 139 15.01 -2.67 88.74
N ALA I 140 15.97 -1.94 89.32
CA ALA I 140 15.73 -1.32 90.61
C ALA I 140 14.61 -0.30 90.55
N LYS I 141 14.59 0.52 89.49
CA LYS I 141 13.54 1.52 89.34
C LYS I 141 12.26 0.97 88.73
N ALA I 142 12.27 -0.27 88.25
CA ALA I 142 11.10 -0.91 87.66
C ALA I 142 10.54 -0.07 86.51
N LEU I 143 11.42 0.52 85.72
CA LEU I 143 10.99 1.40 84.64
C LEU I 143 10.27 0.61 83.55
N VAL I 144 10.79 -0.56 83.18
CA VAL I 144 10.25 -1.31 82.05
C VAL I 144 9.05 -2.13 82.50
N ARG I 145 7.96 -2.05 81.73
CA ARG I 145 6.79 -2.86 82.02
C ARG I 145 6.93 -4.26 81.44
N SER I 146 7.11 -4.35 80.11
CA SER I 146 7.28 -5.62 79.44
C SER I 146 7.74 -5.38 78.01
N ASP I 147 8.67 -6.20 77.55
CA ASP I 147 9.10 -6.24 76.15
C ASP I 147 9.63 -4.88 75.68
N PHE I 148 10.74 -4.47 76.28
CA PHE I 148 11.40 -3.22 75.90
C PHE I 148 12.48 -3.48 74.85
N LEU I 149 13.09 -2.39 74.39
CA LEU I 149 14.15 -2.43 73.38
C LEU I 149 15.48 -2.04 74.02
N LEU I 150 16.50 -2.85 73.81
CA LEU I 150 17.85 -2.54 74.23
C LEU I 150 18.68 -2.19 73.01
N VAL I 151 19.25 -0.99 73.01
CA VAL I 151 20.04 -0.49 71.90
C VAL I 151 20.96 0.59 72.43
N TYR I 152 22.13 0.71 71.81
CA TYR I 152 23.09 1.73 72.22
C TYR I 152 22.72 3.08 71.60
N GLY I 153 23.46 4.10 72.00
CA GLY I 153 23.23 5.46 71.54
C GLY I 153 23.89 5.83 70.24
N ASP I 154 24.56 4.89 69.58
CA ASP I 154 25.29 5.16 68.35
C ASP I 154 24.94 4.10 67.30
N VAL I 155 23.64 3.82 67.15
CA VAL I 155 23.16 2.80 66.23
C VAL I 155 22.40 3.49 65.11
N ILE I 156 22.80 3.20 63.88
CA ILE I 156 22.18 3.75 62.68
C ILE I 156 21.38 2.63 62.03
N SER I 157 20.07 2.79 61.95
CA SER I 157 19.23 1.73 61.43
C SER I 157 17.91 2.32 60.92
N ASN I 158 17.25 1.54 60.06
CA ASN I 158 15.90 1.82 59.59
C ASN I 158 15.02 0.58 59.71
N ILE I 159 15.35 -0.29 60.66
CA ILE I 159 14.69 -1.58 60.79
C ILE I 159 13.34 -1.41 61.47
N ASN I 160 12.32 -2.06 60.92
CA ASN I 160 11.01 -2.14 61.55
C ASN I 160 10.90 -3.47 62.29
N ILE I 161 10.66 -3.41 63.59
CA ILE I 161 10.70 -4.59 64.44
C ILE I 161 9.30 -5.17 64.69
N THR I 162 8.33 -4.81 63.86
CA THR I 162 6.97 -5.30 64.07
C THR I 162 6.91 -6.81 63.98
N ARG I 163 7.48 -7.39 62.93
CA ARG I 163 7.47 -8.84 62.78
C ARG I 163 8.29 -9.52 63.87
N ALA I 164 9.46 -8.97 64.19
CA ALA I 164 10.29 -9.55 65.24
C ALA I 164 9.59 -9.48 66.60
N LEU I 165 8.95 -8.36 66.91
CA LEU I 165 8.22 -8.24 68.17
C LEU I 165 7.05 -9.21 68.22
N GLU I 166 6.33 -9.36 67.11
CA GLU I 166 5.22 -10.30 67.08
C GLU I 166 5.70 -11.73 67.29
N GLU I 167 6.82 -12.10 66.65
CA GLU I 167 7.37 -13.43 66.85
C GLU I 167 7.81 -13.64 68.29
N HIS I 168 8.44 -12.62 68.89
CA HIS I 168 8.87 -12.72 70.28
C HIS I 168 7.69 -12.92 71.21
N ARG I 169 6.62 -12.15 71.01
CA ARG I 169 5.45 -12.28 71.86
C ARG I 169 4.77 -13.63 71.67
N LEU I 170 4.70 -14.11 70.42
CA LEU I 170 4.11 -15.42 70.16
C LEU I 170 4.91 -16.52 70.83
N ARG I 171 6.23 -16.44 70.77
CA ARG I 171 7.08 -17.43 71.44
C ARG I 171 6.88 -17.39 72.95
N ARG I 172 6.83 -16.19 73.53
CA ARG I 172 6.65 -16.08 74.97
C ARG I 172 5.26 -16.56 75.40
N LYS I 173 4.27 -16.43 74.53
CA LYS I 173 2.92 -16.89 74.86
C LYS I 173 2.80 -18.41 74.75
N LEU I 174 3.29 -18.98 73.65
CA LEU I 174 3.16 -20.42 73.45
C LEU I 174 4.06 -21.21 74.41
N GLU I 175 5.30 -20.77 74.59
CA GLU I 175 6.25 -21.50 75.41
C GLU I 175 6.14 -21.17 76.89
N LYS I 176 5.24 -20.25 77.27
CA LYS I 176 4.98 -19.91 78.68
C LYS I 176 6.27 -19.38 79.34
N ASN I 177 6.70 -18.22 78.84
CA ASN I 177 7.72 -17.41 79.51
C ASN I 177 9.09 -18.10 79.53
N VAL I 178 9.47 -18.69 78.41
CA VAL I 178 10.79 -19.32 78.27
C VAL I 178 11.74 -18.42 77.47
N SER I 179 11.29 -17.91 76.33
CA SER I 179 12.11 -17.00 75.54
C SER I 179 12.32 -15.70 76.30
N VAL I 180 13.56 -15.21 76.30
CA VAL I 180 13.96 -14.07 77.12
C VAL I 180 14.40 -12.89 76.27
N MET I 181 15.31 -13.13 75.34
CA MET I 181 15.83 -12.07 74.47
C MET I 181 15.79 -12.52 73.02
N THR I 182 15.57 -11.56 72.13
CA THR I 182 15.60 -11.79 70.69
C THR I 182 16.54 -10.76 70.07
N MET I 183 17.71 -11.20 69.64
CA MET I 183 18.66 -10.31 69.00
C MET I 183 18.30 -10.11 67.53
N ILE I 184 18.65 -8.93 67.00
CA ILE I 184 18.38 -8.60 65.61
C ILE I 184 19.70 -8.62 64.86
N PHE I 185 19.77 -9.43 63.81
CA PHE I 185 20.94 -9.54 62.97
C PHE I 185 20.57 -9.20 61.53
N LYS I 186 21.55 -8.71 60.78
CA LYS I 186 21.37 -8.33 59.38
C LYS I 186 22.19 -9.26 58.50
N GLU I 187 21.54 -9.87 57.52
CA GLU I 187 22.24 -10.73 56.57
C GLU I 187 23.27 -9.92 55.81
N SER I 188 24.50 -10.42 55.78
CA SER I 188 25.61 -9.69 55.18
C SER I 188 26.65 -10.67 54.68
N SER I 189 27.70 -10.13 54.06
CA SER I 189 28.82 -10.91 53.58
C SER I 189 30.06 -10.61 54.42
N PRO I 190 30.89 -11.62 54.70
CA PRO I 190 32.04 -11.40 55.57
C PRO I 190 33.04 -10.39 55.04
N SER I 191 33.04 -10.12 53.74
CA SER I 191 34.00 -9.21 53.14
C SER I 191 33.51 -7.77 53.08
N HIS I 192 32.32 -7.47 53.61
CA HIS I 192 31.81 -6.12 53.55
C HIS I 192 32.62 -5.20 54.47
N PRO I 193 32.80 -3.94 54.08
CA PRO I 193 33.50 -2.99 54.95
C PRO I 193 32.83 -2.81 56.31
N THR I 194 31.51 -2.94 56.38
CA THR I 194 30.81 -2.74 57.65
C THR I 194 31.16 -3.84 58.65
N ARG I 195 31.51 -5.03 58.19
CA ARG I 195 31.85 -6.13 59.08
C ARG I 195 33.30 -5.95 59.54
N CYS I 196 33.47 -5.24 60.64
CA CYS I 196 34.79 -5.06 61.21
C CYS I 196 35.27 -6.33 61.89
N HIS I 197 36.60 -6.50 61.96
CA HIS I 197 37.16 -7.68 62.59
C HIS I 197 36.84 -7.72 64.08
N GLU I 198 36.83 -6.56 64.73
CA GLU I 198 36.63 -6.51 66.17
C GLU I 198 35.26 -7.02 66.58
N ASP I 199 34.23 -6.65 65.84
CA ASP I 199 32.86 -6.99 66.21
C ASP I 199 32.31 -8.16 65.38
N ASN I 200 33.17 -8.89 64.68
CA ASN I 200 32.71 -10.06 63.95
C ASN I 200 32.25 -11.15 64.93
N VAL I 201 31.28 -11.93 64.50
CA VAL I 201 30.66 -12.94 65.37
C VAL I 201 30.19 -14.11 64.51
N VAL I 202 30.21 -15.30 65.11
CA VAL I 202 29.69 -16.52 64.49
C VAL I 202 28.74 -17.17 65.47
N VAL I 203 27.62 -17.69 64.94
CA VAL I 203 26.59 -18.29 65.79
C VAL I 203 26.28 -19.69 65.29
N ALA I 204 25.71 -20.49 66.18
CA ALA I 204 25.17 -21.80 65.84
C ALA I 204 23.76 -21.85 66.40
N VAL I 205 22.77 -21.98 65.52
CA VAL I 205 21.36 -21.81 65.87
C VAL I 205 20.57 -23.00 65.35
N ASP I 206 19.28 -22.99 65.67
CA ASP I 206 18.34 -24.00 65.19
C ASP I 206 17.48 -23.34 64.10
N SER I 207 17.63 -23.80 62.87
CA SER I 207 16.88 -23.22 61.75
C SER I 207 15.38 -23.45 61.87
N THR I 208 14.95 -24.42 62.69
CA THR I 208 13.53 -24.68 62.82
C THR I 208 12.82 -23.57 63.61
N THR I 209 13.43 -23.13 64.72
CA THR I 209 12.78 -22.17 65.61
C THR I 209 13.58 -20.89 65.79
N ASN I 210 14.68 -20.71 65.04
CA ASN I 210 15.53 -19.53 65.13
C ASN I 210 16.04 -19.31 66.55
N ARG I 211 16.39 -20.40 67.22
CA ARG I 211 16.88 -20.36 68.59
C ARG I 211 18.40 -20.38 68.60
N VAL I 212 19.00 -19.44 69.31
CA VAL I 212 20.46 -19.35 69.40
C VAL I 212 20.96 -20.41 70.38
N LEU I 213 21.91 -21.23 69.93
CA LEU I 213 22.51 -22.26 70.76
C LEU I 213 23.98 -22.01 71.08
N HIS I 214 24.68 -21.25 70.25
CA HIS I 214 26.06 -20.89 70.51
C HIS I 214 26.35 -19.55 69.84
N PHE I 215 27.23 -18.77 70.46
CA PHE I 215 27.48 -17.39 70.04
C PHE I 215 28.89 -17.02 70.46
N GLN I 216 29.73 -16.59 69.51
CA GLN I 216 31.10 -16.25 69.90
C GLN I 216 31.72 -15.30 68.90
N LYS I 217 32.52 -14.37 69.40
CA LYS I 217 33.27 -13.45 68.56
C LYS I 217 34.40 -14.20 67.84
N THR I 218 34.90 -13.59 66.76
CA THR I 218 35.95 -14.17 65.95
C THR I 218 37.11 -13.20 65.79
N GLN I 219 37.50 -12.53 66.86
CA GLN I 219 38.61 -11.59 66.81
C GLN I 219 39.91 -12.34 67.02
N GLY I 220 40.80 -12.27 66.04
CA GLY I 220 42.09 -12.95 66.13
C GLY I 220 41.99 -14.45 66.24
N LEU I 221 41.12 -15.06 65.44
CA LEU I 221 40.92 -16.51 65.46
C LEU I 221 40.96 -17.05 64.04
N ARG I 222 41.57 -18.23 63.90
CA ARG I 222 41.62 -18.93 62.61
C ARG I 222 40.69 -20.13 62.55
N ARG I 223 40.38 -20.74 63.68
CA ARG I 223 39.47 -21.87 63.75
C ARG I 223 38.42 -21.61 64.83
N PHE I 224 37.20 -22.07 64.57
CA PHE I 224 36.08 -21.86 65.48
C PHE I 224 35.62 -23.20 66.02
N ALA I 225 35.48 -23.30 67.33
CA ALA I 225 35.13 -24.53 68.01
C ALA I 225 33.70 -24.45 68.53
N PHE I 226 32.93 -25.51 68.31
CA PHE I 226 31.54 -25.60 68.75
C PHE I 226 31.38 -26.81 69.66
N PRO I 227 30.90 -26.64 70.89
CA PRO I 227 30.72 -27.80 71.77
C PRO I 227 29.74 -28.82 71.20
N LEU I 228 30.04 -30.09 71.43
CA LEU I 228 29.20 -31.18 70.93
C LEU I 228 27.88 -31.28 71.68
N SER I 229 27.72 -30.56 72.79
CA SER I 229 26.48 -30.67 73.57
C SER I 229 25.27 -30.17 72.79
N LEU I 230 25.46 -29.11 71.99
CA LEU I 230 24.34 -28.54 71.27
C LEU I 230 23.81 -29.48 70.19
N PHE I 231 24.68 -30.31 69.61
CA PHE I 231 24.23 -31.28 68.61
C PHE I 231 23.34 -32.35 69.24
N GLN I 232 23.78 -32.90 70.37
CA GLN I 232 23.03 -33.99 71.00
C GLN I 232 21.78 -33.49 71.70
N GLY I 233 21.81 -32.27 72.24
CA GLY I 233 20.63 -31.71 72.88
C GLY I 233 19.48 -31.53 71.92
N SER I 234 19.79 -31.12 70.69
CA SER I 234 18.77 -30.95 69.65
C SER I 234 19.33 -31.55 68.36
N SER I 235 18.81 -32.72 68.00
CA SER I 235 19.25 -33.45 66.81
C SER I 235 18.34 -33.24 65.62
N ASP I 236 17.47 -32.23 65.69
CA ASP I 236 16.53 -31.92 64.61
C ASP I 236 17.11 -31.00 63.56
N GLY I 237 18.40 -30.67 63.67
CA GLY I 237 19.03 -29.80 62.69
C GLY I 237 19.57 -28.51 63.25
N VAL I 238 20.90 -28.37 63.25
CA VAL I 238 21.59 -27.19 63.73
C VAL I 238 22.38 -26.59 62.58
N GLU I 239 22.35 -25.26 62.48
CA GLU I 239 22.99 -24.54 61.38
C GLU I 239 23.98 -23.54 61.95
N VAL I 240 25.19 -23.51 61.39
CA VAL I 240 26.23 -22.58 61.79
C VAL I 240 26.24 -21.42 60.81
N ARG I 241 26.06 -20.20 61.33
CA ARG I 241 25.95 -19.01 60.50
C ARG I 241 27.10 -18.05 60.80
N TYR I 242 27.76 -17.61 59.73
CA TYR I 242 28.82 -16.61 59.79
C TYR I 242 28.50 -15.40 58.92
N ASP I 243 27.35 -15.39 58.25
CA ASP I 243 26.96 -14.30 57.34
C ASP I 243 26.07 -13.29 58.03
N LEU I 244 26.26 -13.07 59.32
CA LEU I 244 25.39 -12.21 60.13
C LEU I 244 26.16 -11.00 60.62
N LEU I 245 25.56 -9.83 60.48
CA LEU I 245 26.11 -8.60 61.01
C LEU I 245 25.31 -8.19 62.25
N ASP I 246 26.01 -7.88 63.33
CA ASP I 246 25.37 -7.57 64.60
C ASP I 246 24.90 -6.12 64.58
N CYS I 247 23.58 -5.93 64.54
CA CYS I 247 22.99 -4.60 64.60
C CYS I 247 22.97 -4.04 66.01
N HIS I 248 23.26 -4.85 67.02
CA HIS I 248 23.25 -4.44 68.43
C HIS I 248 21.88 -3.92 68.84
N ILE I 249 20.83 -4.56 68.34
CA ILE I 249 19.45 -4.28 68.72
C ILE I 249 18.87 -5.54 69.33
N SER I 250 18.22 -5.41 70.49
CA SER I 250 17.66 -6.56 71.17
C SER I 250 16.23 -6.26 71.62
N ILE I 251 15.33 -7.20 71.38
CA ILE I 251 14.01 -7.19 71.99
C ILE I 251 14.13 -8.00 73.28
N CYS I 252 14.13 -7.29 74.41
CA CYS I 252 14.39 -7.90 75.70
C CYS I 252 13.10 -8.06 76.50
N SER I 253 13.24 -8.53 77.72
CA SER I 253 12.16 -8.76 78.66
C SER I 253 12.62 -8.31 80.04
N PRO I 254 11.69 -8.01 80.94
CA PRO I 254 12.10 -7.72 82.33
C PRO I 254 12.92 -8.83 82.95
N GLN I 255 12.76 -10.06 82.47
CA GLN I 255 13.60 -11.15 82.94
C GLN I 255 15.08 -10.90 82.64
N VAL I 256 15.37 -10.12 81.58
CA VAL I 256 16.76 -9.76 81.32
C VAL I 256 17.31 -8.93 82.48
N ALA I 257 16.54 -7.95 82.95
CA ALA I 257 16.96 -7.15 84.09
C ALA I 257 17.04 -7.99 85.35
N GLN I 258 16.10 -8.93 85.53
CA GLN I 258 16.15 -9.81 86.69
C GLN I 258 17.42 -10.66 86.69
N LEU I 259 17.79 -11.21 85.54
CA LEU I 259 19.01 -11.99 85.46
C LEU I 259 20.25 -11.13 85.65
N PHE I 260 20.23 -9.90 85.14
CA PHE I 260 21.37 -9.01 85.34
C PHE I 260 21.55 -8.65 86.80
N THR I 261 20.46 -8.41 87.53
CA THR I 261 20.58 -8.10 88.94
C THR I 261 20.80 -9.35 89.80
N ASP I 262 20.54 -10.54 89.25
CA ASP I 262 20.88 -11.77 89.96
C ASP I 262 22.33 -12.20 89.74
N ASN I 263 22.96 -11.75 88.66
CA ASN I 263 24.36 -12.05 88.35
C ASN I 263 25.12 -10.73 88.36
N PHE I 264 25.72 -10.39 89.49
CA PHE I 264 26.40 -9.11 89.64
C PHE I 264 27.66 -9.01 88.78
N ASP I 265 28.16 -10.13 88.27
CA ASP I 265 29.38 -10.14 87.46
C ASP I 265 29.13 -9.79 86.00
N TYR I 266 27.88 -9.68 85.57
CA TYR I 266 27.59 -9.34 84.18
C TYR I 266 27.92 -7.87 83.93
N GLN I 267 28.61 -7.60 82.82
CA GLN I 267 29.03 -6.24 82.51
C GLN I 267 28.57 -5.81 81.12
N THR I 268 28.46 -6.78 80.20
CA THR I 268 28.06 -6.49 78.83
C THR I 268 26.98 -7.48 78.39
N ARG I 269 26.42 -7.22 77.21
CA ARG I 269 25.43 -8.12 76.64
C ARG I 269 26.05 -9.45 76.24
N ASP I 270 27.30 -9.42 75.76
CA ASP I 270 27.97 -10.66 75.38
C ASP I 270 28.18 -11.57 76.59
N ASP I 271 28.54 -10.97 77.74
CA ASP I 271 28.67 -11.75 78.96
C ASP I 271 27.35 -12.43 79.34
N PHE I 272 26.24 -11.69 79.23
CA PHE I 272 24.94 -12.26 79.53
C PHE I 272 24.62 -13.41 78.59
N VAL I 273 24.87 -13.22 77.29
CA VAL I 273 24.54 -14.25 76.31
C VAL I 273 25.37 -15.51 76.56
N ARG I 274 26.68 -15.34 76.78
CA ARG I 274 27.54 -16.49 77.00
C ARG I 274 27.18 -17.21 78.30
N GLY I 275 26.93 -16.46 79.37
CA GLY I 275 26.57 -17.09 80.63
C GLY I 275 25.25 -17.83 80.56
N LEU I 276 24.28 -17.28 79.80
CA LEU I 276 23.02 -17.98 79.63
C LEU I 276 23.20 -19.24 78.78
N LEU I 277 23.97 -19.15 77.70
CA LEU I 277 24.13 -20.30 76.82
C LEU I 277 24.88 -21.44 77.49
N VAL I 278 25.91 -21.12 78.28
CA VAL I 278 26.67 -22.18 78.94
C VAL I 278 25.84 -22.82 80.05
N ASN I 279 25.06 -22.03 80.78
CA ASN I 279 24.27 -22.53 81.90
C ASN I 279 22.86 -22.86 81.45
N GLU I 280 22.76 -23.80 80.52
CA GLU I 280 21.47 -24.21 79.98
C GLU I 280 20.78 -25.29 80.84
N GLU I 281 21.54 -26.03 81.62
CA GLU I 281 20.97 -27.17 82.36
C GLU I 281 19.89 -26.73 83.33
N ILE I 282 20.11 -25.62 84.04
CA ILE I 282 19.13 -25.07 84.96
C ILE I 282 18.72 -23.70 84.46
N LEU I 283 17.45 -23.35 84.66
CA LEU I 283 16.86 -22.10 84.20
C LEU I 283 17.22 -21.83 82.74
N GLY I 284 16.70 -22.70 81.87
CA GLY I 284 16.99 -22.66 80.44
C GLY I 284 16.96 -21.28 79.83
N ASN I 285 15.78 -20.64 79.83
CA ASN I 285 15.61 -19.26 79.42
C ASN I 285 16.18 -19.03 78.01
N GLN I 286 15.61 -19.74 77.04
CA GLN I 286 16.09 -19.68 75.67
C GLN I 286 16.08 -18.26 75.14
N ILE I 287 17.02 -17.98 74.25
CA ILE I 287 17.10 -16.70 73.55
C ILE I 287 17.11 -16.98 72.06
N HIS I 288 16.34 -16.20 71.31
CA HIS I 288 16.16 -16.43 69.88
C HIS I 288 16.73 -15.25 69.09
N MET I 289 16.55 -15.29 67.77
CA MET I 289 17.11 -14.28 66.90
C MET I 289 16.14 -13.99 65.77
N HIS I 290 16.36 -12.85 65.11
CA HIS I 290 15.61 -12.46 63.93
C HIS I 290 16.59 -11.94 62.89
N VAL I 291 16.37 -12.29 61.63
CA VAL I 291 17.27 -11.92 60.54
C VAL I 291 16.52 -11.01 59.58
N THR I 292 17.10 -9.84 59.31
CA THR I 292 16.57 -8.92 58.31
C THR I 292 17.50 -8.87 57.11
N ALA I 293 16.92 -8.69 55.93
CA ALA I 293 17.68 -8.67 54.69
C ALA I 293 17.47 -7.40 53.88
N LYS I 294 16.27 -6.82 53.90
CA LYS I 294 15.96 -5.64 53.12
C LYS I 294 16.06 -4.35 53.92
N GLU I 295 16.55 -4.42 55.16
CA GLU I 295 16.65 -3.25 56.02
C GLU I 295 18.07 -3.12 56.53
N TYR I 296 18.45 -1.90 56.88
CA TYR I 296 19.81 -1.58 57.29
C TYR I 296 19.89 -1.46 58.81
N GLY I 297 21.04 -1.85 59.35
CA GLY I 297 21.31 -1.70 60.77
C GLY I 297 22.78 -1.87 61.08
N ALA I 298 23.35 -0.94 61.82
CA ALA I 298 24.76 -1.01 62.16
C ALA I 298 25.01 -0.17 63.41
N ARG I 299 26.16 -0.42 64.05
CA ARG I 299 26.58 0.34 65.21
C ARG I 299 27.99 0.85 64.98
N VAL I 300 28.20 2.15 65.16
CA VAL I 300 29.53 2.73 65.04
C VAL I 300 30.27 2.56 66.37
N SER I 301 31.48 1.99 66.28
CA SER I 301 32.28 1.77 67.47
C SER I 301 33.73 2.20 67.31
N ASN I 302 34.17 2.55 66.10
CA ASN I 302 35.52 3.05 65.87
C ASN I 302 35.51 3.85 64.58
N LEU I 303 36.69 4.36 64.20
CA LEU I 303 36.78 5.22 63.02
C LEU I 303 36.48 4.45 61.74
N HIS I 304 36.86 3.18 61.66
CA HIS I 304 36.52 2.38 60.49
C HIS I 304 35.01 2.25 60.34
N MET I 305 34.32 1.93 61.44
CA MET I 305 32.86 1.86 61.40
C MET I 305 32.26 3.23 61.10
N TYR I 306 32.85 4.29 61.64
CA TYR I 306 32.35 5.64 61.36
C TYR I 306 32.40 5.94 59.87
N SER I 307 33.54 5.67 59.24
CA SER I 307 33.68 5.92 57.80
C SER I 307 32.72 5.05 56.99
N ALA I 308 32.61 3.77 57.35
CA ALA I 308 31.72 2.88 56.60
C ALA I 308 30.28 3.32 56.69
N VAL I 309 29.82 3.66 57.91
CA VAL I 309 28.42 4.04 58.09
C VAL I 309 28.15 5.40 57.45
N CYS I 310 29.12 6.33 57.52
CA CYS I 310 28.93 7.61 56.85
C CYS I 310 28.80 7.43 55.34
N ALA I 311 29.65 6.58 54.75
CA ALA I 311 29.57 6.31 53.33
C ALA I 311 28.22 5.67 52.98
N ASP I 312 27.76 4.74 53.81
CA ASP I 312 26.47 4.10 53.56
C ASP I 312 25.33 5.11 53.64
N VAL I 313 25.37 6.00 54.63
CA VAL I 313 24.31 6.98 54.81
C VAL I 313 24.28 7.97 53.66
N ILE I 314 25.44 8.42 53.19
CA ILE I 314 25.49 9.35 52.07
C ILE I 314 24.87 8.72 50.83
N ARG I 315 25.15 7.43 50.59
CA ARG I 315 24.66 6.72 49.42
C ARG I 315 23.26 6.16 49.61
N ARG I 316 22.48 6.68 50.55
CA ARG I 316 21.07 6.33 50.73
C ARG I 316 20.86 4.86 51.09
N TRP I 317 21.80 4.22 51.76
CA TRP I 317 21.55 2.86 52.20
C TRP I 317 20.64 2.80 53.42
N VAL I 318 20.36 3.93 54.06
CA VAL I 318 19.62 3.96 55.31
C VAL I 318 18.32 4.73 55.04
N TYR I 319 17.82 4.62 53.81
CA TYR I 319 16.61 5.35 53.43
C TYR I 319 15.45 4.90 54.32
N PRO I 320 14.57 5.82 54.75
CA PRO I 320 14.47 7.24 54.42
C PRO I 320 15.43 8.18 55.15
N LEU I 321 16.28 7.65 56.02
CA LEU I 321 17.20 8.50 56.76
C LEU I 321 18.31 8.98 55.83
N THR I 322 18.08 10.12 55.19
CA THR I 322 18.92 10.66 54.13
C THR I 322 19.26 12.10 54.46
N PRO I 323 20.48 12.55 54.10
CA PRO I 323 20.86 13.95 54.40
C PRO I 323 19.87 15.00 53.89
N GLU I 324 19.28 14.79 52.71
CA GLU I 324 18.31 15.75 52.21
C GLU I 324 16.92 15.53 52.75
N ALA I 325 16.68 14.43 53.48
CA ALA I 325 15.37 14.20 54.08
C ALA I 325 15.12 15.11 55.27
N ASN I 326 16.18 15.59 55.92
CA ASN I 326 16.08 16.50 57.07
C ASN I 326 15.21 15.89 58.16
N PHE I 327 15.50 14.62 58.49
CA PHE I 327 14.70 13.91 59.48
C PHE I 327 14.77 14.57 60.86
N THR I 328 15.83 15.32 61.14
CA THR I 328 15.89 16.19 62.30
C THR I 328 15.58 17.61 61.82
N ASP I 329 14.39 18.10 62.17
CA ASP I 329 13.88 19.33 61.56
C ASP I 329 14.60 20.56 62.08
N SER I 330 15.86 20.71 61.71
CA SER I 330 16.66 21.89 62.02
C SER I 330 16.95 22.66 60.75
N THR I 331 16.94 23.99 60.85
CA THR I 331 17.08 24.83 59.67
C THR I 331 18.47 24.71 59.04
N THR I 332 19.49 24.39 59.84
CA THR I 332 20.86 24.38 59.34
C THR I 332 21.18 23.15 58.51
N GLN I 333 20.35 22.11 58.56
CA GLN I 333 20.62 20.86 57.86
C GLN I 333 19.82 20.72 56.56
N SER I 334 19.17 21.79 56.11
CA SER I 334 18.45 21.73 54.85
C SER I 334 19.43 21.51 53.70
N CYS I 335 19.11 20.56 52.82
CA CYS I 335 19.98 20.20 51.72
C CYS I 335 19.15 19.92 50.47
N THR I 336 19.81 20.04 49.32
CA THR I 336 19.23 19.69 48.03
C THR I 336 20.06 18.60 47.41
N HIS I 337 19.38 17.57 46.89
CA HIS I 337 20.03 16.40 46.31
C HIS I 337 20.16 16.57 44.81
N SER I 338 21.34 16.22 44.28
CA SER I 338 21.61 16.30 42.85
C SER I 338 22.09 14.96 42.32
N ARG I 339 22.50 14.92 41.06
CA ARG I 339 22.99 13.69 40.45
C ARG I 339 24.28 13.23 41.13
N HIS I 340 24.47 11.91 41.18
CA HIS I 340 25.65 11.29 41.80
C HIS I 340 25.75 11.59 43.28
N ASN I 341 24.59 11.73 43.94
CA ASN I 341 24.52 11.96 45.39
C ASN I 341 25.34 13.17 45.82
N ILE I 342 25.01 14.32 45.22
CA ILE I 342 25.63 15.59 45.57
C ILE I 342 24.61 16.40 46.36
N TYR I 343 24.83 16.48 47.68
CA TYR I 343 23.95 17.24 48.56
C TYR I 343 24.57 18.60 48.83
N ARG I 344 23.83 19.65 48.50
CA ARG I 344 24.31 21.02 48.68
C ARG I 344 23.40 21.77 49.63
N GLY I 345 24.00 22.47 50.58
CA GLY I 345 23.24 23.28 51.52
C GLY I 345 23.02 24.69 51.00
N PRO I 346 22.28 25.49 51.76
CA PRO I 346 22.04 26.88 51.35
C PRO I 346 23.32 27.72 51.40
N GLU I 347 23.37 28.71 50.52
CA GLU I 347 24.47 29.67 50.38
C GLU I 347 25.84 28.99 50.50
N VAL I 348 26.09 28.08 49.57
CA VAL I 348 27.39 27.42 49.49
C VAL I 348 28.35 28.20 48.62
N SER I 349 27.91 28.63 47.44
CA SER I 349 28.70 29.46 46.53
C SER I 349 30.00 28.74 46.14
N LEU I 350 29.83 27.64 45.42
CA LEU I 350 30.97 26.90 44.91
C LEU I 350 31.78 27.76 43.96
N GLY I 351 33.10 27.61 44.01
CA GLY I 351 34.00 28.42 43.23
C GLY I 351 34.02 28.02 41.76
N HIS I 352 34.75 28.81 40.98
CA HIS I 352 34.84 28.58 39.54
C HIS I 352 35.90 27.53 39.23
N GLY I 353 35.51 26.54 38.43
CA GLY I 353 36.42 25.48 38.03
C GLY I 353 36.50 24.31 38.98
N SER I 354 35.96 24.43 40.19
CA SER I 354 35.97 23.32 41.13
C SER I 354 34.99 22.24 40.70
N ILE I 355 35.30 21.01 41.07
CA ILE I 355 34.52 19.84 40.65
C ILE I 355 34.11 19.04 41.87
N LEU I 356 32.82 18.78 41.99
CA LEU I 356 32.27 17.85 42.97
C LEU I 356 31.89 16.58 42.23
N GLU I 357 32.65 15.50 42.45
CA GLU I 357 32.49 14.31 41.62
C GLU I 357 31.27 13.49 42.03
N GLU I 358 31.27 12.98 43.26
CA GLU I 358 30.17 12.12 43.71
C GLU I 358 30.24 11.99 45.23
N ASN I 359 29.08 11.67 45.81
CA ASN I 359 28.96 11.36 47.24
C ASN I 359 29.55 12.47 48.10
N VAL I 360 29.19 13.71 47.79
CA VAL I 360 29.71 14.88 48.47
C VAL I 360 28.55 15.60 49.15
N LEU I 361 28.70 15.85 50.45
CA LEU I 361 27.73 16.61 51.23
C LEU I 361 28.37 17.90 51.70
N LEU I 362 27.73 19.02 51.41
CA LEU I 362 28.23 20.34 51.77
C LEU I 362 27.28 21.00 52.77
N GLY I 363 27.83 21.46 53.88
CA GLY I 363 27.03 22.13 54.89
C GLY I 363 26.68 23.56 54.50
N SER I 364 25.76 24.13 55.27
CA SER I 364 25.32 25.49 55.00
C SER I 364 26.42 26.49 55.34
N GLY I 365 26.68 27.43 54.42
CA GLY I 365 27.70 28.44 54.63
C GLY I 365 29.10 28.02 54.26
N THR I 366 29.31 26.77 53.87
CA THR I 366 30.64 26.33 53.46
C THR I 366 31.06 27.03 52.17
N VAL I 367 32.29 27.54 52.14
CA VAL I 367 32.82 28.28 51.00
C VAL I 367 33.95 27.46 50.39
N ILE I 368 33.87 27.24 49.08
CA ILE I 368 34.83 26.43 48.34
C ILE I 368 35.57 27.34 47.37
N GLY I 369 36.88 27.13 47.26
CA GLY I 369 37.71 27.92 46.37
C GLY I 369 37.55 27.51 44.92
N SER I 370 38.58 27.82 44.14
CA SER I 370 38.58 27.57 42.70
C SER I 370 39.49 26.39 42.36
N ASN I 371 39.12 25.67 41.31
CA ASN I 371 39.89 24.52 40.82
C ASN I 371 40.09 23.47 41.91
N CYS I 372 39.08 23.27 42.74
CA CYS I 372 39.13 22.27 43.79
C CYS I 372 38.72 20.91 43.24
N PHE I 373 38.78 19.89 44.10
CA PHE I 373 38.37 18.54 43.72
C PHE I 373 37.95 17.82 44.99
N ILE I 374 36.63 17.70 45.19
CA ILE I 374 36.06 17.06 46.36
C ILE I 374 35.37 15.77 45.92
N THR I 375 35.61 14.68 46.64
CA THR I 375 35.09 13.38 46.27
C THR I 375 34.87 12.54 47.51
N ASN I 376 33.66 11.99 47.65
CA ASN I 376 33.32 11.07 48.74
C ASN I 376 33.60 11.70 50.11
N SER I 377 33.38 13.00 50.22
CA SER I 377 33.70 13.74 51.43
C SER I 377 32.46 14.40 52.00
N VAL I 378 32.49 14.64 53.31
CA VAL I 378 31.43 15.34 54.02
C VAL I 378 32.03 16.61 54.62
N ILE I 379 31.43 17.75 54.32
CA ILE I 379 31.91 19.05 54.78
C ILE I 379 30.86 19.67 55.67
N GLY I 380 31.26 20.05 56.88
CA GLY I 380 30.35 20.64 57.83
C GLY I 380 30.01 22.08 57.49
N PRO I 381 29.07 22.65 58.24
CA PRO I 381 28.68 24.04 58.00
C PRO I 381 29.76 25.02 58.44
N GLY I 382 29.91 26.09 57.67
CA GLY I 382 30.84 27.15 58.01
C GLY I 382 32.27 26.92 57.61
N CYS I 383 32.58 25.82 56.93
CA CYS I 383 33.94 25.53 56.55
C CYS I 383 34.41 26.45 55.43
N HIS I 384 35.72 26.68 55.38
CA HIS I 384 36.33 27.50 54.35
C HIS I 384 37.45 26.71 53.68
N ILE I 385 37.40 26.61 52.35
CA ILE I 385 38.37 25.86 51.57
C ILE I 385 39.03 26.80 50.58
N GLY I 386 40.35 26.69 50.44
CA GLY I 386 41.10 27.51 49.53
C GLY I 386 41.06 26.99 48.10
N ASP I 387 41.98 27.48 47.30
CA ASP I 387 42.05 27.11 45.89
C ASP I 387 42.94 25.90 45.69
N ASN I 388 42.62 25.12 44.65
CA ASN I 388 43.41 23.96 44.24
C ASN I 388 43.52 22.91 45.35
N VAL I 389 42.56 22.86 46.26
CA VAL I 389 42.58 21.87 47.33
C VAL I 389 41.96 20.57 46.83
N VAL I 390 42.54 19.45 47.25
CA VAL I 390 42.06 18.12 46.89
C VAL I 390 41.64 17.42 48.17
N LEU I 391 40.39 16.97 48.22
CA LEU I 391 39.86 16.20 49.33
C LEU I 391 39.32 14.88 48.81
N ASP I 392 39.69 13.79 49.46
CA ASP I 392 39.24 12.45 49.04
C ASP I 392 38.89 11.64 50.28
N GLN I 393 37.62 11.27 50.40
CA GLN I 393 37.13 10.43 51.49
C GLN I 393 37.38 11.06 52.86
N THR I 394 37.50 12.38 52.90
CA THR I 394 37.74 13.09 54.15
C THR I 394 36.42 13.46 54.82
N TYR I 395 36.52 13.90 56.07
CA TYR I 395 35.38 14.36 56.83
C TYR I 395 35.77 15.64 57.56
N LEU I 396 35.15 16.75 57.18
CA LEU I 396 35.47 18.07 57.72
C LEU I 396 34.28 18.52 58.57
N TRP I 397 34.49 18.60 59.89
CA TRP I 397 33.45 19.06 60.78
C TRP I 397 33.37 20.59 60.72
N GLN I 398 32.41 21.16 61.46
CA GLN I 398 32.10 22.58 61.32
C GLN I 398 33.27 23.45 61.73
N GLY I 399 33.47 24.55 61.01
CA GLY I 399 34.49 25.52 61.31
C GLY I 399 35.87 25.20 60.79
N VAL I 400 36.06 24.08 60.10
CA VAL I 400 37.38 23.71 59.60
C VAL I 400 37.79 24.65 58.48
N ARG I 401 39.00 25.20 58.59
CA ARG I 401 39.57 26.06 57.57
C ARG I 401 40.77 25.36 56.93
N VAL I 402 40.76 25.28 55.61
CA VAL I 402 41.82 24.61 54.86
C VAL I 402 42.41 25.62 53.88
N ALA I 403 43.74 25.76 53.91
CA ALA I 403 44.42 26.68 53.02
C ALA I 403 44.62 26.06 51.64
N ALA I 404 45.03 26.90 50.69
CA ALA I 404 45.17 26.48 49.31
C ALA I 404 46.29 25.46 49.15
N GLY I 405 46.09 24.54 48.20
CA GLY I 405 47.10 23.56 47.86
C GLY I 405 47.14 22.32 48.71
N ALA I 406 46.24 22.18 49.69
CA ALA I 406 46.26 21.02 50.56
C ALA I 406 45.81 19.77 49.81
N GLN I 407 46.38 18.63 50.21
CA GLN I 407 46.01 17.32 49.66
C GLN I 407 45.62 16.44 50.85
N ILE I 408 44.33 16.19 51.02
CA ILE I 408 43.81 15.49 52.18
C ILE I 408 43.09 14.24 51.71
N HIS I 409 43.46 13.09 52.27
CA HIS I 409 42.89 11.80 51.86
C HIS I 409 42.56 10.97 53.08
N GLN I 410 41.33 10.44 53.12
CA GLN I 410 40.91 9.42 54.08
C GLN I 410 41.20 9.82 55.53
N SER I 411 41.12 11.11 55.82
CA SER I 411 41.39 11.60 57.17
C SER I 411 40.12 12.15 57.80
N LEU I 412 40.26 12.60 59.04
CA LEU I 412 39.16 13.22 59.77
C LEU I 412 39.67 14.51 60.40
N LEU I 413 38.89 15.58 60.27
CA LEU I 413 39.23 16.88 60.82
C LEU I 413 38.10 17.34 61.73
N CYS I 414 38.33 17.29 63.04
CA CYS I 414 37.31 17.70 63.99
C CYS I 414 37.05 19.19 63.89
N ASP I 415 36.05 19.66 64.63
CA ASP I 415 35.54 21.02 64.47
C ASP I 415 36.61 22.05 64.79
N ASN I 416 36.59 23.14 64.02
CA ASN I 416 37.45 24.31 64.21
C ASN I 416 38.92 24.00 63.98
N ALA I 417 39.24 22.88 63.33
CA ALA I 417 40.62 22.58 63.00
C ALA I 417 41.10 23.51 61.88
N GLU I 418 42.41 23.53 61.67
CA GLU I 418 43.00 24.41 60.67
C GLU I 418 44.19 23.72 60.02
N VAL I 419 44.34 23.94 58.72
CA VAL I 419 45.46 23.43 57.94
C VAL I 419 46.03 24.57 57.12
N LYS I 420 47.35 24.75 57.17
CA LYS I 420 48.01 25.84 56.47
C LYS I 420 48.35 25.41 55.04
N GLU I 421 49.04 26.27 54.30
CA GLU I 421 49.30 26.04 52.89
C GLU I 421 50.28 24.89 52.69
N ARG I 422 50.19 24.26 51.52
CA ARG I 422 51.09 23.19 51.08
C ARG I 422 51.36 22.15 52.18
N VAL I 423 50.27 21.63 52.73
CA VAL I 423 50.31 20.56 53.73
C VAL I 423 49.57 19.36 53.16
N THR I 424 50.19 18.19 53.25
CA THR I 424 49.61 16.95 52.74
C THR I 424 49.36 15.99 53.89
N LEU I 425 48.12 15.49 53.99
CA LEU I 425 47.72 14.55 55.03
C LEU I 425 47.55 13.18 54.41
N LYS I 426 48.28 12.20 54.95
CA LYS I 426 48.18 10.83 54.49
C LYS I 426 46.92 10.18 55.04
N PRO I 427 46.47 9.07 54.44
CA PRO I 427 45.25 8.41 54.91
C PRO I 427 45.35 8.01 56.37
N ARG I 428 44.20 8.06 57.05
CA ARG I 428 44.01 7.73 58.46
C ARG I 428 44.52 8.81 59.41
N SER I 429 44.78 10.01 58.91
CA SER I 429 45.16 11.12 59.78
C SER I 429 43.94 11.63 60.54
N VAL I 430 44.20 12.24 61.71
CA VAL I 430 43.14 12.77 62.56
C VAL I 430 43.61 14.08 63.16
N LEU I 431 42.82 15.14 63.00
CA LEU I 431 43.01 16.41 63.68
C LEU I 431 41.82 16.65 64.59
N THR I 432 42.09 16.97 65.85
CA THR I 432 41.05 17.00 66.87
C THR I 432 41.01 18.35 67.58
N SER I 433 39.85 19.00 67.53
CA SER I 433 39.52 20.12 68.43
C SER I 433 40.54 21.26 68.32
N GLN I 434 40.49 21.92 67.15
CA GLN I 434 41.18 23.19 66.88
C GLN I 434 42.68 23.05 66.70
N VAL I 435 43.17 21.90 66.25
CA VAL I 435 44.60 21.78 65.95
C VAL I 435 44.93 22.54 64.69
N VAL I 436 45.99 23.33 64.72
CA VAL I 436 46.49 24.06 63.57
C VAL I 436 47.81 23.41 63.16
N VAL I 437 47.94 23.09 61.88
CA VAL I 437 49.14 22.44 61.34
C VAL I 437 49.82 23.43 60.42
N GLY I 438 51.07 23.76 60.72
CA GLY I 438 51.80 24.76 59.97
C GLY I 438 52.25 24.27 58.62
N PRO I 439 52.77 25.18 57.79
CA PRO I 439 53.18 24.81 56.43
C PRO I 439 54.42 23.94 56.43
N ASN I 440 54.69 23.37 55.26
CA ASN I 440 55.90 22.58 55.00
C ASN I 440 55.99 21.37 55.94
N ILE I 441 55.00 20.49 55.82
CA ILE I 441 54.99 19.25 56.57
C ILE I 441 54.05 18.27 55.88
N THR I 442 54.47 17.01 55.82
CA THR I 442 53.63 15.92 55.35
C THR I 442 53.48 14.90 56.48
N LEU I 443 52.25 14.68 56.91
CA LEU I 443 52.08 13.81 58.07
C LEU I 443 52.09 12.35 57.63
N PRO I 444 52.56 11.45 58.49
CA PRO I 444 52.51 10.01 58.18
C PRO I 444 51.08 9.49 58.11
N GLU I 445 50.92 8.19 57.81
CA GLU I 445 49.59 7.62 57.67
C GLU I 445 48.81 7.71 58.98
N GLY I 446 49.27 7.01 60.00
CA GLY I 446 48.60 7.07 61.29
C GLY I 446 49.10 8.24 62.11
N SER I 447 48.39 9.36 62.05
CA SER I 447 48.80 10.60 62.73
C SER I 447 47.58 11.21 63.40
N VAL I 448 47.33 10.82 64.64
CA VAL I 448 46.29 11.42 65.46
C VAL I 448 46.94 12.45 66.38
N ILE I 449 46.52 13.70 66.25
CA ILE I 449 47.11 14.80 67.01
C ILE I 449 45.98 15.64 67.61
N SER I 450 46.24 16.18 68.79
CA SER I 450 45.24 16.94 69.52
C SER I 450 45.96 17.90 70.47
N LEU I 451 45.17 18.65 71.24
CA LEU I 451 45.73 19.57 72.22
C LEU I 451 46.08 18.91 73.54
N HIS I 452 45.65 17.66 73.75
CA HIS I 452 46.01 16.92 74.95
C HIS I 452 47.32 16.17 74.71
N PRO I 453 48.35 16.40 75.51
CA PRO I 453 49.66 15.79 75.25
C PRO I 453 49.62 14.27 75.27
N PRO I 454 49.13 13.61 76.35
CA PRO I 454 49.35 12.15 76.46
C PRO I 454 48.61 11.34 75.41
N ASP I 455 47.31 11.53 75.27
CA ASP I 455 46.52 10.70 74.36
C ASP I 455 46.92 10.94 72.91
N ALA I 456 47.10 12.20 72.52
CA ALA I 456 47.52 12.49 71.15
C ALA I 456 48.92 11.95 70.91
N GLU I 457 49.11 11.33 69.74
CA GLU I 457 50.42 10.76 69.42
C GLU I 457 51.47 11.85 69.30
N GLU I 458 51.15 12.97 68.66
CA GLU I 458 52.05 14.12 68.56
C GLU I 458 51.22 15.38 68.79
N ASP I 459 51.10 15.79 70.05
CA ASP I 459 50.34 16.99 70.37
C ASP I 459 51.08 18.23 69.88
N GLU I 460 50.34 19.15 69.29
CA GLU I 460 50.91 20.38 68.77
C GLU I 460 49.78 21.32 68.38
N ASP I 461 50.14 22.58 68.13
CA ASP I 461 49.17 23.57 67.66
C ASP I 461 49.74 24.47 66.57
N ASP I 462 50.94 24.18 66.06
CA ASP I 462 51.53 25.00 65.01
C ASP I 462 52.25 24.18 63.94
N GLY I 463 52.19 22.86 64.00
CA GLY I 463 52.86 22.03 63.02
C GLY I 463 53.17 20.66 63.59
N GLU I 464 54.17 20.01 62.99
CA GLU I 464 54.65 18.72 63.46
C GLU I 464 56.09 18.76 63.95
N PHE I 465 56.82 19.84 63.66
CA PHE I 465 58.21 19.98 64.11
C PHE I 465 58.20 20.52 65.54
N SER I 466 57.97 19.60 66.48
CA SER I 466 57.92 19.91 67.91
C SER I 466 56.89 21.01 68.22
N PRO J 40 -13.09 -26.06 -38.08
CA PRO J 40 -13.48 -24.89 -38.89
C PRO J 40 -12.31 -24.30 -39.67
N PRO J 41 -12.58 -23.74 -40.84
CA PRO J 41 -11.52 -23.14 -41.65
C PRO J 41 -10.99 -21.88 -40.99
N PRO J 42 -9.83 -21.38 -41.41
CA PRO J 42 -9.30 -20.15 -40.82
C PRO J 42 -10.24 -18.97 -41.04
N LEU J 43 -10.26 -18.08 -40.05
CA LEU J 43 -11.14 -16.93 -40.11
C LEU J 43 -10.73 -15.99 -41.24
N GLN J 44 -11.73 -15.52 -41.99
CA GLN J 44 -11.51 -14.63 -43.12
C GLN J 44 -12.18 -13.29 -42.84
N ALA J 45 -11.85 -12.30 -43.67
CA ALA J 45 -12.39 -10.96 -43.49
C ALA J 45 -12.41 -10.24 -44.83
N VAL J 46 -13.50 -9.52 -45.10
CA VAL J 46 -13.63 -8.68 -46.27
C VAL J 46 -13.55 -7.23 -45.81
N LEU J 47 -12.52 -6.53 -46.27
CA LEU J 47 -12.24 -5.17 -45.84
C LEU J 47 -12.50 -4.23 -47.02
N VAL J 48 -13.65 -3.56 -46.98
CA VAL J 48 -14.00 -2.61 -48.04
C VAL J 48 -13.17 -1.35 -47.85
N ALA J 49 -12.20 -1.14 -48.74
CA ALA J 49 -11.28 -0.02 -48.64
C ALA J 49 -11.73 1.20 -49.43
N ASP J 50 -13.04 1.39 -49.58
CA ASP J 50 -13.57 2.54 -50.28
C ASP J 50 -14.98 2.81 -49.78
N SER J 51 -15.16 3.95 -49.12
CA SER J 51 -16.48 4.38 -48.69
C SER J 51 -17.22 4.96 -49.89
N PHE J 52 -18.33 4.31 -50.28
CA PHE J 52 -19.06 4.72 -51.47
C PHE J 52 -20.00 5.87 -51.14
N ASP J 53 -19.45 6.91 -50.53
CA ASP J 53 -20.16 8.13 -50.21
C ASP J 53 -19.13 9.21 -49.94
N ARG J 54 -19.40 10.41 -50.42
CA ARG J 54 -18.42 11.49 -50.43
C ARG J 54 -18.75 12.45 -49.29
N ARG J 55 -18.25 12.13 -48.10
CA ARG J 55 -18.38 12.98 -46.92
C ARG J 55 -17.09 13.74 -46.62
N PHE J 56 -16.14 13.77 -47.56
CA PHE J 56 -14.83 14.36 -47.30
C PHE J 56 -14.34 15.26 -48.44
N PHE J 57 -15.24 15.80 -49.25
CA PHE J 57 -14.84 16.88 -50.15
C PHE J 57 -14.50 18.14 -49.35
N PRO J 58 -13.46 18.88 -49.75
CA PRO J 58 -12.60 18.55 -50.88
C PRO J 58 -11.34 17.78 -50.47
N ILE J 59 -11.32 17.28 -49.23
CA ILE J 59 -10.15 16.57 -48.72
C ILE J 59 -9.93 15.28 -49.52
N SER J 60 -11.01 14.55 -49.81
CA SER J 60 -10.92 13.28 -50.49
C SER J 60 -10.69 13.40 -52.00
N LYS J 61 -10.51 14.62 -52.50
CA LYS J 61 -10.32 14.81 -53.94
C LYS J 61 -8.90 14.52 -54.40
N ASP J 62 -7.93 14.40 -53.47
CA ASP J 62 -6.56 14.09 -53.82
C ASP J 62 -5.98 13.00 -52.93
N GLN J 63 -6.76 12.43 -52.02
CA GLN J 63 -6.32 11.38 -51.12
C GLN J 63 -7.52 10.62 -50.61
N PRO J 64 -7.52 9.29 -50.70
CA PRO J 64 -8.67 8.52 -50.22
C PRO J 64 -8.85 8.67 -48.72
N ARG J 65 -10.11 8.60 -48.28
CA ARG J 65 -10.41 8.69 -46.86
C ARG J 65 -9.73 7.58 -46.08
N VAL J 66 -9.50 6.43 -46.72
CA VAL J 66 -8.86 5.30 -46.06
C VAL J 66 -7.41 5.60 -45.70
N LEU J 67 -6.76 6.50 -46.44
CA LEU J 67 -5.35 6.83 -46.20
C LEU J 67 -5.16 8.11 -45.41
N LEU J 68 -6.23 8.68 -44.85
CA LEU J 68 -6.10 9.89 -44.06
C LEU J 68 -5.40 9.59 -42.74
N PRO J 69 -4.38 10.35 -42.36
CA PRO J 69 -3.68 10.08 -41.09
C PRO J 69 -4.51 10.55 -39.91
N LEU J 70 -4.83 9.62 -39.00
CA LEU J 70 -5.55 9.97 -37.78
C LEU J 70 -4.60 10.51 -36.72
N ALA J 71 -3.63 9.70 -36.30
CA ALA J 71 -2.63 10.07 -35.30
C ALA J 71 -1.24 9.82 -35.87
N ASN J 72 -1.01 10.32 -37.09
CA ASN J 72 0.16 10.09 -37.91
C ASN J 72 0.19 8.67 -38.49
N VAL J 73 -0.91 7.93 -38.36
CA VAL J 73 -1.05 6.59 -38.91
C VAL J 73 -2.35 6.51 -39.68
N ALA J 74 -2.31 5.92 -40.87
CA ALA J 74 -3.47 5.84 -41.72
C ALA J 74 -4.54 4.93 -41.11
N LEU J 75 -5.79 5.18 -41.49
CA LEU J 75 -6.90 4.38 -40.98
C LEU J 75 -6.82 2.93 -41.44
N ILE J 76 -6.31 2.70 -42.65
CA ILE J 76 -6.17 1.33 -43.14
C ILE J 76 -5.23 0.54 -42.24
N ASP J 77 -4.18 1.18 -41.73
CA ASP J 77 -3.29 0.50 -40.81
C ASP J 77 -4.00 0.12 -39.52
N TYR J 78 -4.84 1.02 -39.00
CA TYR J 78 -5.58 0.72 -37.78
C TYR J 78 -6.52 -0.46 -37.97
N THR J 79 -7.29 -0.45 -39.07
CA THR J 79 -8.24 -1.54 -39.27
C THR J 79 -7.53 -2.86 -39.59
N LEU J 80 -6.39 -2.80 -40.30
CA LEU J 80 -5.62 -4.02 -40.53
C LEU J 80 -5.06 -4.57 -39.23
N GLU J 81 -4.59 -3.70 -38.34
CA GLU J 81 -4.11 -4.15 -37.04
C GLU J 81 -5.23 -4.77 -36.22
N PHE J 82 -6.42 -4.15 -36.27
CA PHE J 82 -7.57 -4.72 -35.56
C PHE J 82 -7.90 -6.11 -36.10
N LEU J 83 -7.91 -6.26 -37.43
CA LEU J 83 -8.20 -7.57 -38.01
C LEU J 83 -7.14 -8.61 -37.63
N THR J 84 -5.86 -8.21 -37.69
CA THR J 84 -4.79 -9.15 -37.39
C THR J 84 -4.81 -9.58 -35.92
N ALA J 85 -5.07 -8.64 -35.01
CA ALA J 85 -5.02 -8.94 -33.59
C ALA J 85 -6.14 -9.85 -33.13
N THR J 86 -7.25 -9.91 -33.86
CA THR J 86 -8.40 -10.71 -33.45
C THR J 86 -8.39 -12.11 -34.05
N GLY J 87 -7.35 -12.49 -34.78
CA GLY J 87 -7.23 -13.83 -35.30
C GLY J 87 -7.53 -14.02 -36.77
N VAL J 88 -7.79 -12.94 -37.51
CA VAL J 88 -8.04 -13.07 -38.93
C VAL J 88 -6.77 -13.49 -39.65
N GLN J 89 -6.87 -14.53 -40.48
CA GLN J 89 -5.72 -15.06 -41.20
C GLN J 89 -5.76 -14.78 -42.70
N GLU J 90 -6.85 -14.24 -43.22
CA GLU J 90 -6.94 -13.92 -44.64
C GLU J 90 -7.86 -12.71 -44.81
N THR J 91 -7.36 -11.69 -45.50
CA THR J 91 -8.09 -10.43 -45.65
C THR J 91 -8.18 -10.06 -47.12
N PHE J 92 -9.34 -9.55 -47.52
CA PHE J 92 -9.60 -9.10 -48.87
C PHE J 92 -9.90 -7.61 -48.83
N VAL J 93 -9.12 -6.81 -49.55
CA VAL J 93 -9.34 -5.37 -49.61
C VAL J 93 -9.92 -5.03 -50.98
N PHE J 94 -11.08 -4.40 -50.98
CA PHE J 94 -11.78 -3.99 -52.20
C PHE J 94 -11.71 -2.47 -52.28
N CYS J 95 -10.83 -1.96 -53.12
CA CYS J 95 -10.63 -0.52 -53.28
C CYS J 95 -10.90 -0.13 -54.72
N CYS J 96 -11.73 0.89 -54.90
CA CYS J 96 -12.09 1.40 -56.22
C CYS J 96 -11.59 2.82 -56.46
N TRP J 97 -11.92 3.76 -55.58
CA TRP J 97 -11.54 5.14 -55.76
C TRP J 97 -10.08 5.33 -55.37
N LYS J 98 -9.26 5.77 -56.33
CA LYS J 98 -7.83 5.96 -56.12
C LYS J 98 -7.19 4.68 -55.58
N ALA J 99 -7.51 3.57 -56.22
CA ALA J 99 -7.01 2.26 -55.77
C ALA J 99 -5.51 2.16 -55.91
N ALA J 100 -4.91 2.94 -56.81
CA ALA J 100 -3.46 2.88 -57.00
C ALA J 100 -2.71 3.32 -55.74
N GLN J 101 -3.15 4.42 -55.14
CA GLN J 101 -2.50 4.90 -53.92
C GLN J 101 -2.65 3.91 -52.78
N ILE J 102 -3.84 3.33 -52.64
CA ILE J 102 -4.07 2.34 -51.58
C ILE J 102 -3.19 1.12 -51.80
N LYS J 103 -3.09 0.66 -53.05
CA LYS J 103 -2.24 -0.48 -53.36
C LYS J 103 -0.78 -0.19 -53.03
N GLU J 104 -0.30 0.99 -53.44
CA GLU J 104 1.10 1.34 -53.18
C GLU J 104 1.37 1.44 -51.69
N HIS J 105 0.45 2.05 -50.93
CA HIS J 105 0.64 2.16 -49.49
C HIS J 105 0.61 0.79 -48.82
N LEU J 106 -0.30 -0.09 -49.26
CA LEU J 106 -0.40 -1.41 -48.65
C LEU J 106 0.84 -2.25 -48.92
N LEU J 107 1.37 -2.19 -50.16
CA LEU J 107 2.50 -3.03 -50.51
C LEU J 107 3.73 -2.71 -49.67
N LYS J 108 3.87 -1.46 -49.21
CA LYS J 108 4.97 -1.07 -48.35
C LYS J 108 4.67 -1.24 -46.87
N SER J 109 3.48 -1.71 -46.53
CA SER J 109 3.07 -1.79 -45.12
C SER J 109 3.60 -3.08 -44.49
N LYS J 110 3.34 -3.22 -43.19
CA LYS J 110 3.82 -4.39 -42.45
C LYS J 110 3.07 -5.65 -42.85
N TRP J 111 1.77 -5.53 -43.14
CA TRP J 111 0.93 -6.71 -43.36
C TRP J 111 1.18 -7.38 -44.71
N CYS J 112 1.90 -6.73 -45.62
CA CYS J 112 2.26 -7.35 -46.89
C CYS J 112 3.60 -8.04 -46.85
N ARG J 113 4.25 -8.08 -45.69
CA ARG J 113 5.50 -8.80 -45.55
C ARG J 113 5.24 -10.31 -45.58
N PRO J 114 6.21 -11.11 -45.99
CA PRO J 114 6.04 -12.57 -45.96
C PRO J 114 5.86 -13.12 -44.56
N THR J 115 6.25 -12.39 -43.53
CA THR J 115 6.16 -12.86 -42.15
C THR J 115 4.82 -12.54 -41.50
N SER J 116 3.92 -11.86 -42.20
CA SER J 116 2.63 -11.50 -41.63
C SER J 116 1.70 -12.70 -41.65
N LEU J 117 1.07 -12.98 -40.51
CA LEU J 117 0.12 -14.08 -40.43
C LEU J 117 -1.22 -13.74 -41.06
N ASN J 118 -1.51 -12.46 -41.26
CA ASN J 118 -2.76 -12.01 -41.89
C ASN J 118 -2.47 -11.76 -43.36
N VAL J 119 -2.75 -12.77 -44.19
CA VAL J 119 -2.52 -12.67 -45.62
C VAL J 119 -3.57 -11.72 -46.21
N VAL J 120 -3.11 -10.72 -46.95
CA VAL J 120 -3.97 -9.69 -47.51
C VAL J 120 -4.00 -9.84 -49.02
N ARG J 121 -5.20 -9.87 -49.58
CA ARG J 121 -5.40 -9.94 -51.01
C ARG J 121 -5.99 -8.63 -51.50
N ILE J 122 -5.42 -8.08 -52.57
CA ILE J 122 -5.83 -6.79 -53.09
C ILE J 122 -6.58 -7.00 -54.39
N ILE J 123 -7.85 -6.63 -54.40
CA ILE J 123 -8.73 -6.75 -55.56
C ILE J 123 -9.26 -5.37 -55.88
N THR J 124 -9.04 -4.93 -57.12
CA THR J 124 -9.46 -3.61 -57.57
C THR J 124 -10.45 -3.74 -58.72
N SER J 125 -11.37 -2.79 -58.78
CA SER J 125 -12.35 -2.74 -59.86
C SER J 125 -13.00 -1.36 -59.93
N GLU J 126 -13.05 -0.78 -61.13
CA GLU J 126 -13.67 0.53 -61.31
C GLU J 126 -15.20 0.46 -61.34
N LEU J 127 -15.77 -0.74 -61.50
CA LEU J 127 -17.21 -0.90 -61.59
C LEU J 127 -17.90 -0.90 -60.24
N TYR J 128 -17.15 -0.92 -59.14
CA TYR J 128 -17.76 -0.94 -57.81
C TYR J 128 -18.47 0.38 -57.54
N ARG J 129 -19.69 0.29 -57.01
CA ARG J 129 -20.48 1.46 -56.66
C ARG J 129 -21.03 1.43 -55.24
N SER J 130 -21.06 0.27 -54.59
CA SER J 130 -21.59 0.15 -53.24
C SER J 130 -21.07 -1.12 -52.62
N LEU J 131 -21.29 -1.25 -51.30
CA LEU J 131 -20.89 -2.47 -50.59
C LEU J 131 -21.65 -3.68 -51.13
N GLY J 132 -22.87 -3.48 -51.63
CA GLY J 132 -23.59 -4.57 -52.26
C GLY J 132 -22.86 -5.12 -53.47
N ASP J 133 -22.25 -4.25 -54.26
CA ASP J 133 -21.44 -4.70 -55.39
C ASP J 133 -20.25 -5.54 -54.91
N VAL J 134 -19.61 -5.11 -53.82
CA VAL J 134 -18.47 -5.85 -53.29
C VAL J 134 -18.91 -7.24 -52.85
N LEU J 135 -20.02 -7.34 -52.12
CA LEU J 135 -20.49 -8.65 -51.69
C LEU J 135 -20.94 -9.52 -52.86
N ARG J 136 -21.54 -8.91 -53.88
CA ARG J 136 -21.91 -9.67 -55.07
C ARG J 136 -20.67 -10.22 -55.77
N ASP J 137 -19.61 -9.42 -55.84
CA ASP J 137 -18.37 -9.91 -56.42
C ASP J 137 -17.76 -11.04 -55.58
N VAL J 138 -17.83 -10.91 -54.25
CA VAL J 138 -17.33 -11.96 -53.37
C VAL J 138 -18.07 -13.26 -53.63
N ASP J 139 -19.40 -13.19 -53.76
CA ASP J 139 -20.17 -14.40 -54.05
C ASP J 139 -19.87 -14.92 -55.45
N ALA J 140 -19.61 -14.02 -56.40
CA ALA J 140 -19.34 -14.45 -57.77
C ALA J 140 -18.04 -15.23 -57.85
N LYS J 141 -16.97 -14.71 -57.26
CA LYS J 141 -15.68 -15.40 -57.27
C LYS J 141 -15.54 -16.40 -56.14
N ALA J 142 -16.53 -16.49 -55.25
CA ALA J 142 -16.52 -17.44 -54.14
C ALA J 142 -15.27 -17.29 -53.27
N LEU J 143 -15.02 -16.05 -52.83
CA LEU J 143 -13.87 -15.79 -51.97
C LEU J 143 -13.98 -16.54 -50.65
N VAL J 144 -15.16 -16.51 -50.03
CA VAL J 144 -15.33 -16.99 -48.68
C VAL J 144 -15.96 -18.38 -48.70
N ARG J 145 -15.80 -19.08 -47.59
CA ARG J 145 -16.38 -20.41 -47.40
C ARG J 145 -17.29 -20.50 -46.21
N SER J 146 -16.96 -19.83 -45.10
CA SER J 146 -17.82 -19.83 -43.91
C SER J 146 -17.42 -18.77 -42.90
N ASP J 147 -18.39 -17.96 -42.47
CA ASP J 147 -18.25 -17.10 -41.30
C ASP J 147 -17.08 -16.13 -41.43
N PHE J 148 -17.20 -15.22 -42.38
CA PHE J 148 -16.19 -14.19 -42.60
C PHE J 148 -16.53 -12.93 -41.82
N LEU J 149 -15.67 -11.93 -41.92
CA LEU J 149 -15.82 -10.66 -41.25
C LEU J 149 -16.06 -9.55 -42.26
N LEU J 150 -17.07 -8.73 -42.01
CA LEU J 150 -17.36 -7.55 -42.83
C LEU J 150 -17.09 -6.31 -42.00
N VAL J 151 -16.08 -5.55 -42.39
CA VAL J 151 -15.75 -4.27 -41.77
C VAL J 151 -15.37 -3.29 -42.88
N TYR J 152 -15.41 -2.00 -42.53
CA TYR J 152 -14.98 -0.96 -43.45
C TYR J 152 -13.50 -0.62 -43.22
N GLY J 153 -12.95 0.12 -44.16
CA GLY J 153 -11.54 0.46 -44.13
C GLY J 153 -11.17 1.63 -43.25
N ASP J 154 -12.10 2.12 -42.43
CA ASP J 154 -11.84 3.25 -41.55
C ASP J 154 -12.37 2.97 -40.16
N VAL J 155 -12.14 1.77 -39.65
CA VAL J 155 -12.66 1.33 -38.36
C VAL J 155 -11.51 1.26 -37.37
N ILE J 156 -11.60 2.03 -36.30
CA ILE J 156 -10.62 2.04 -35.22
C ILE J 156 -11.19 1.17 -34.12
N SER J 157 -10.49 0.10 -33.76
CA SER J 157 -11.02 -0.81 -32.76
C SER J 157 -9.90 -1.64 -32.16
N ASN J 158 -10.19 -2.23 -30.99
CA ASN J 158 -9.33 -3.19 -30.33
C ASN J 158 -10.16 -4.38 -29.86
N ILE J 159 -11.29 -4.63 -30.51
CA ILE J 159 -12.25 -5.64 -30.07
C ILE J 159 -11.73 -7.03 -30.45
N ASN J 160 -11.80 -7.96 -29.50
CA ASN J 160 -11.52 -9.36 -29.75
C ASN J 160 -12.85 -10.09 -29.90
N ILE J 161 -13.07 -10.69 -31.07
CA ILE J 161 -14.38 -11.23 -31.42
C ILE J 161 -14.47 -12.74 -31.16
N THR J 162 -13.59 -13.28 -30.32
CA THR J 162 -13.58 -14.72 -30.08
C THR J 162 -14.90 -15.19 -29.49
N ARG J 163 -15.39 -14.50 -28.45
CA ARG J 163 -16.65 -14.88 -27.83
C ARG J 163 -17.82 -14.71 -28.78
N ALA J 164 -17.86 -13.59 -29.51
CA ALA J 164 -18.93 -13.37 -30.48
C ALA J 164 -18.91 -14.43 -31.57
N LEU J 165 -17.72 -14.76 -32.06
CA LEU J 165 -17.61 -15.79 -33.10
C LEU J 165 -18.06 -17.15 -32.58
N GLU J 166 -17.68 -17.50 -31.36
CA GLU J 166 -18.11 -18.78 -30.80
C GLU J 166 -19.62 -18.82 -30.62
N GLU J 167 -20.21 -17.72 -30.13
CA GLU J 167 -21.66 -17.67 -29.98
C GLU J 167 -22.36 -17.80 -31.34
N HIS J 168 -21.84 -17.10 -32.35
CA HIS J 168 -22.42 -17.18 -33.68
C HIS J 168 -22.35 -18.60 -34.24
N ARG J 169 -21.20 -19.26 -34.08
CA ARG J 169 -21.04 -20.61 -34.59
C ARG J 169 -21.94 -21.60 -33.85
N LEU J 170 -22.03 -21.48 -32.53
CA LEU J 170 -22.91 -22.37 -31.76
C LEU J 170 -24.36 -22.17 -32.15
N ARG J 171 -24.79 -20.91 -32.31
CA ARG J 171 -26.15 -20.63 -32.72
C ARG J 171 -26.44 -21.18 -34.11
N ARG J 172 -25.49 -21.03 -35.04
CA ARG J 172 -25.65 -21.56 -36.38
C ARG J 172 -25.77 -23.08 -36.35
N LYS J 173 -24.95 -23.74 -35.55
CA LYS J 173 -24.99 -25.20 -35.46
C LYS J 173 -26.32 -25.68 -34.86
N LEU J 174 -26.80 -24.99 -33.82
CA LEU J 174 -28.02 -25.43 -33.16
C LEU J 174 -29.26 -25.15 -34.01
N GLU J 175 -29.31 -24.00 -34.68
CA GLU J 175 -30.48 -23.62 -35.43
C GLU J 175 -30.46 -24.09 -36.89
N LYS J 176 -29.36 -24.67 -37.34
CA LYS J 176 -29.22 -25.21 -38.70
C LYS J 176 -29.45 -24.11 -39.74
N ASN J 177 -28.52 -23.15 -39.74
CA ASN J 177 -28.42 -22.12 -40.77
C ASN J 177 -29.67 -21.23 -40.81
N VAL J 178 -29.97 -20.60 -39.68
CA VAL J 178 -31.01 -19.58 -39.59
C VAL J 178 -30.41 -18.20 -39.34
N SER J 179 -29.50 -18.09 -38.38
CA SER J 179 -28.84 -16.82 -38.09
C SER J 179 -27.82 -16.54 -39.18
N VAL J 180 -27.99 -15.43 -39.88
CA VAL J 180 -27.14 -15.10 -41.02
C VAL J 180 -26.11 -14.02 -40.72
N MET J 181 -26.31 -13.21 -39.69
CA MET J 181 -25.39 -12.13 -39.40
C MET J 181 -25.37 -11.87 -37.90
N THR J 182 -24.21 -11.45 -37.40
CA THR J 182 -24.04 -11.05 -36.01
C THR J 182 -23.32 -9.71 -36.00
N MET J 183 -24.06 -8.64 -35.73
CA MET J 183 -23.49 -7.29 -35.72
C MET J 183 -22.96 -6.96 -34.34
N ILE J 184 -21.83 -6.26 -34.30
CA ILE J 184 -21.16 -5.93 -33.04
C ILE J 184 -21.50 -4.50 -32.66
N PHE J 185 -21.97 -4.33 -31.43
CA PHE J 185 -22.30 -3.02 -30.89
C PHE J 185 -21.51 -2.78 -29.60
N LYS J 186 -21.34 -1.51 -29.26
CA LYS J 186 -20.61 -1.09 -28.08
C LYS J 186 -21.55 -0.33 -27.16
N GLU J 187 -21.57 -0.70 -25.88
CA GLU J 187 -22.34 0.04 -24.89
C GLU J 187 -21.82 1.47 -24.80
N SER J 188 -22.72 2.43 -24.86
CA SER J 188 -22.32 3.84 -24.89
C SER J 188 -23.44 4.67 -24.28
N SER J 189 -23.31 5.99 -24.39
CA SER J 189 -24.30 6.94 -23.91
C SER J 189 -24.65 7.90 -25.04
N PRO J 190 -25.92 8.32 -25.13
CA PRO J 190 -26.32 9.19 -26.25
C PRO J 190 -25.61 10.52 -26.28
N SER J 191 -25.03 10.97 -25.16
CA SER J 191 -24.39 12.27 -25.09
C SER J 191 -22.90 12.23 -25.38
N HIS J 192 -22.34 11.06 -25.69
CA HIS J 192 -20.92 10.98 -25.95
C HIS J 192 -20.58 11.67 -27.27
N PRO J 193 -19.38 12.26 -27.37
CA PRO J 193 -18.97 12.89 -28.64
C PRO J 193 -18.92 11.90 -29.80
N THR J 194 -18.67 10.61 -29.53
CA THR J 194 -18.62 9.64 -30.60
C THR J 194 -20.00 9.39 -31.22
N ARG J 195 -21.06 9.60 -30.45
CA ARG J 195 -22.42 9.40 -30.95
C ARG J 195 -22.81 10.60 -31.79
N CYS J 196 -22.45 10.55 -33.07
CA CYS J 196 -22.85 11.58 -34.01
C CYS J 196 -24.34 11.45 -34.35
N HIS J 197 -24.96 12.59 -34.65
CA HIS J 197 -26.38 12.59 -35.00
C HIS J 197 -26.65 11.78 -36.26
N GLU J 198 -25.69 11.75 -37.18
CA GLU J 198 -25.91 11.08 -38.47
C GLU J 198 -26.05 9.57 -38.30
N ASP J 199 -25.19 8.96 -37.49
CA ASP J 199 -25.13 7.51 -37.39
C ASP J 199 -25.80 6.95 -36.14
N ASN J 200 -26.57 7.76 -35.42
CA ASN J 200 -27.29 7.25 -34.26
C ASN J 200 -28.35 6.24 -34.70
N VAL J 201 -28.48 5.16 -33.94
CA VAL J 201 -29.34 4.05 -34.31
C VAL J 201 -30.07 3.56 -33.07
N VAL J 202 -31.36 3.25 -33.21
CA VAL J 202 -32.15 2.62 -32.17
C VAL J 202 -32.53 1.22 -32.63
N VAL J 203 -32.34 0.24 -31.74
CA VAL J 203 -32.52 -1.17 -32.08
C VAL J 203 -33.43 -1.82 -31.06
N ALA J 204 -34.45 -2.52 -31.54
CA ALA J 204 -35.31 -3.32 -30.68
C ALA J 204 -34.94 -4.78 -30.85
N VAL J 205 -34.66 -5.45 -29.72
CA VAL J 205 -34.07 -6.78 -29.72
C VAL J 205 -34.83 -7.70 -28.78
N ASP J 206 -34.56 -8.99 -28.93
CA ASP J 206 -35.02 -10.01 -27.99
C ASP J 206 -33.93 -10.19 -26.94
N SER J 207 -34.25 -9.84 -25.69
CA SER J 207 -33.23 -9.76 -24.65
C SER J 207 -32.64 -11.11 -24.26
N THR J 208 -33.38 -12.21 -24.48
CA THR J 208 -32.93 -13.50 -24.01
C THR J 208 -32.10 -14.28 -25.03
N THR J 209 -32.18 -13.92 -26.32
CA THR J 209 -31.40 -14.58 -27.35
C THR J 209 -30.53 -13.62 -28.16
N ASN J 210 -30.51 -12.33 -27.80
CA ASN J 210 -29.71 -11.32 -28.51
C ASN J 210 -30.05 -11.28 -29.99
N ARG J 211 -31.32 -11.43 -30.32
CA ARG J 211 -31.80 -11.41 -31.69
C ARG J 211 -32.34 -10.03 -32.03
N VAL J 212 -31.88 -9.48 -33.15
CA VAL J 212 -32.32 -8.15 -33.58
C VAL J 212 -33.69 -8.29 -34.24
N LEU J 213 -34.68 -7.56 -33.70
CA LEU J 213 -36.04 -7.59 -34.22
C LEU J 213 -36.39 -6.35 -35.03
N HIS J 214 -35.79 -5.21 -34.72
CA HIS J 214 -36.03 -3.98 -35.45
C HIS J 214 -34.80 -3.10 -35.33
N PHE J 215 -34.57 -2.28 -36.36
CA PHE J 215 -33.32 -1.53 -36.47
C PHE J 215 -33.60 -0.29 -37.31
N GLN J 216 -33.35 0.90 -36.77
CA GLN J 216 -33.57 2.09 -37.57
C GLN J 216 -32.65 3.21 -37.12
N LYS J 217 -32.47 4.19 -38.02
CA LYS J 217 -31.64 5.35 -37.75
C LYS J 217 -32.51 6.50 -37.24
N THR J 218 -31.90 7.33 -36.38
CA THR J 218 -32.62 8.41 -35.71
C THR J 218 -32.20 9.78 -36.21
N GLN J 219 -31.82 9.88 -37.49
CA GLN J 219 -31.39 11.15 -38.05
C GLN J 219 -32.61 12.03 -38.33
N GLY J 220 -32.72 13.13 -37.59
CA GLY J 220 -33.80 14.06 -37.80
C GLY J 220 -35.14 13.67 -37.21
N LEU J 221 -35.20 12.57 -36.45
CA LEU J 221 -36.45 12.10 -35.87
C LEU J 221 -36.51 12.49 -34.39
N ARG J 222 -37.59 13.17 -34.02
CA ARG J 222 -37.84 13.51 -32.63
C ARG J 222 -38.72 12.48 -31.93
N ARG J 223 -39.12 11.43 -32.62
CA ARG J 223 -40.02 10.43 -32.05
C ARG J 223 -39.86 9.14 -32.85
N PHE J 224 -39.68 8.03 -32.13
CA PHE J 224 -39.40 6.73 -32.75
C PHE J 224 -40.64 5.84 -32.72
N ALA J 225 -40.78 5.03 -33.74
CA ALA J 225 -41.95 4.16 -33.91
C ALA J 225 -41.51 2.72 -34.13
N PHE J 226 -42.28 1.78 -33.58
CA PHE J 226 -41.97 0.36 -33.67
C PHE J 226 -43.23 -0.41 -34.05
N PRO J 227 -43.16 -1.26 -35.07
CA PRO J 227 -44.34 -2.05 -35.46
C PRO J 227 -44.71 -3.07 -34.40
N LEU J 228 -46.00 -3.43 -34.38
CA LEU J 228 -46.51 -4.40 -33.42
C LEU J 228 -46.05 -5.81 -33.71
N SER J 229 -45.64 -6.10 -34.94
CA SER J 229 -45.24 -7.46 -35.30
C SER J 229 -44.04 -7.94 -34.50
N LEU J 230 -43.32 -7.02 -33.84
CA LEU J 230 -42.24 -7.42 -32.96
C LEU J 230 -42.76 -8.22 -31.77
N PHE J 231 -43.90 -7.81 -31.21
CA PHE J 231 -44.38 -8.36 -29.95
C PHE J 231 -45.17 -9.66 -30.10
N GLN J 232 -45.56 -10.04 -31.32
CA GLN J 232 -46.37 -11.23 -31.47
C GLN J 232 -45.53 -12.50 -31.26
N GLY J 233 -44.31 -12.52 -31.77
CA GLY J 233 -43.47 -13.69 -31.65
C GLY J 233 -42.80 -13.84 -30.30
N SER J 234 -41.90 -12.91 -29.98
CA SER J 234 -41.16 -12.95 -28.72
C SER J 234 -41.83 -12.04 -27.68
N SER J 235 -43.06 -12.41 -27.31
CA SER J 235 -43.80 -11.65 -26.32
C SER J 235 -43.20 -11.78 -24.92
N ASP J 236 -42.40 -12.83 -24.67
CA ASP J 236 -41.81 -13.01 -23.36
C ASP J 236 -40.86 -11.87 -23.01
N GLY J 237 -40.02 -11.46 -23.95
CA GLY J 237 -39.08 -10.39 -23.69
C GLY J 237 -38.70 -9.59 -24.92
N VAL J 238 -38.86 -8.27 -24.84
CA VAL J 238 -38.47 -7.35 -25.90
C VAL J 238 -37.85 -6.11 -25.25
N GLU J 239 -36.69 -5.70 -25.75
CA GLU J 239 -35.99 -4.52 -25.24
C GLU J 239 -35.81 -3.52 -26.37
N VAL J 240 -35.84 -2.24 -26.01
CA VAL J 240 -35.56 -1.15 -26.94
C VAL J 240 -34.31 -0.44 -26.45
N ARG J 241 -33.24 -0.49 -27.25
CA ARG J 241 -31.94 0.02 -26.85
C ARG J 241 -31.55 1.20 -27.74
N TYR J 242 -31.21 2.30 -27.10
CA TYR J 242 -30.68 3.49 -27.75
C TYR J 242 -29.24 3.77 -27.33
N ASP J 243 -28.67 2.95 -26.44
CA ASP J 243 -27.32 3.15 -25.92
C ASP J 243 -26.30 2.25 -26.61
N LEU J 244 -26.49 1.99 -27.89
CA LEU J 244 -25.59 1.14 -28.67
C LEU J 244 -24.90 1.98 -29.72
N LEU J 245 -23.57 1.96 -29.71
CA LEU J 245 -22.77 2.61 -30.72
C LEU J 245 -22.39 1.60 -31.79
N ASP J 246 -22.66 1.94 -33.05
CA ASP J 246 -22.45 1.01 -34.16
C ASP J 246 -20.98 1.00 -34.54
N CYS J 247 -20.29 -0.10 -34.22
CA CYS J 247 -18.89 -0.25 -34.61
C CYS J 247 -18.73 -0.64 -36.07
N HIS J 248 -19.83 -0.94 -36.76
CA HIS J 248 -19.80 -1.33 -38.18
C HIS J 248 -18.92 -2.55 -38.41
N ILE J 249 -18.98 -3.49 -37.48
CA ILE J 249 -18.31 -4.78 -37.59
C ILE J 249 -19.39 -5.86 -37.58
N SER J 250 -19.32 -6.78 -38.55
CA SER J 250 -20.29 -7.87 -38.59
C SER J 250 -19.60 -9.19 -38.87
N ILE J 251 -20.08 -10.24 -38.20
CA ILE J 251 -19.71 -11.61 -38.51
C ILE J 251 -20.78 -12.15 -39.44
N CYS J 252 -20.40 -12.45 -40.68
CA CYS J 252 -21.34 -12.83 -41.72
C CYS J 252 -21.08 -14.26 -42.18
N SER J 253 -22.04 -14.79 -42.91
CA SER J 253 -21.99 -16.11 -43.52
C SER J 253 -22.10 -15.94 -45.02
N PRO J 254 -21.63 -16.92 -45.80
CA PRO J 254 -21.82 -16.85 -47.26
C PRO J 254 -23.25 -16.65 -47.67
N GLN J 255 -24.21 -17.02 -46.82
CA GLN J 255 -25.61 -16.72 -47.09
C GLN J 255 -25.85 -15.23 -47.20
N VAL J 256 -25.04 -14.41 -46.53
CA VAL J 256 -25.17 -12.95 -46.67
C VAL J 256 -24.87 -12.53 -48.10
N ALA J 257 -23.76 -13.02 -48.66
CA ALA J 257 -23.44 -12.71 -50.05
C ALA J 257 -24.47 -13.29 -51.00
N GLN J 258 -24.98 -14.48 -50.69
CA GLN J 258 -26.03 -15.07 -51.53
C GLN J 258 -27.29 -14.21 -51.53
N LEU J 259 -27.69 -13.70 -50.37
CA LEU J 259 -28.84 -12.82 -50.30
C LEU J 259 -28.58 -11.50 -51.00
N PHE J 260 -27.35 -10.99 -50.91
CA PHE J 260 -27.01 -9.74 -51.60
C PHE J 260 -27.10 -9.91 -53.11
N THR J 261 -26.61 -11.03 -53.64
CA THR J 261 -26.71 -11.25 -55.07
C THR J 261 -28.10 -11.65 -55.51
N ASP J 262 -28.93 -12.17 -54.59
CA ASP J 262 -30.33 -12.41 -54.93
C ASP J 262 -31.09 -11.11 -55.10
N ASN J 263 -30.90 -10.17 -54.17
CA ASN J 263 -31.51 -8.84 -54.24
C ASN J 263 -30.44 -7.88 -54.76
N PHE J 264 -30.33 -7.79 -56.09
CA PHE J 264 -29.27 -7.03 -56.73
C PHE J 264 -29.38 -5.52 -56.47
N ASP J 265 -30.50 -5.04 -55.95
CA ASP J 265 -30.67 -3.62 -55.67
C ASP J 265 -30.11 -3.20 -54.32
N TYR J 266 -29.74 -4.15 -53.47
CA TYR J 266 -29.15 -3.81 -52.18
C TYR J 266 -27.82 -3.11 -52.37
N GLN J 267 -27.62 -2.03 -51.63
CA GLN J 267 -26.41 -1.23 -51.73
C GLN J 267 -25.67 -1.05 -50.42
N THR J 268 -26.37 -1.02 -49.29
CA THR J 268 -25.75 -0.81 -47.99
C THR J 268 -26.13 -1.95 -47.04
N ARG J 269 -25.38 -2.04 -45.95
CA ARG J 269 -25.70 -3.02 -44.91
C ARG J 269 -27.05 -2.71 -44.27
N ASP J 270 -27.37 -1.43 -44.11
CA ASP J 270 -28.65 -1.05 -43.54
C ASP J 270 -29.81 -1.50 -44.44
N ASP J 271 -29.63 -1.39 -45.75
CA ASP J 271 -30.65 -1.89 -46.68
C ASP J 271 -30.87 -3.38 -46.49
N PHE J 272 -29.78 -4.15 -46.36
CA PHE J 272 -29.90 -5.58 -46.13
C PHE J 272 -30.64 -5.88 -44.84
N VAL J 273 -30.27 -5.18 -43.76
CA VAL J 273 -30.89 -5.43 -42.46
C VAL J 273 -32.38 -5.13 -42.51
N ARG J 274 -32.75 -3.98 -43.09
CA ARG J 274 -34.15 -3.60 -43.15
C ARG J 274 -34.96 -4.56 -44.03
N GLY J 275 -34.46 -4.85 -45.23
CA GLY J 275 -35.17 -5.76 -46.12
C GLY J 275 -35.30 -7.16 -45.56
N LEU J 276 -34.30 -7.60 -44.79
CA LEU J 276 -34.39 -8.92 -44.19
C LEU J 276 -35.35 -8.94 -43.01
N LEU J 277 -35.36 -7.87 -42.20
CA LEU J 277 -36.24 -7.84 -41.04
C LEU J 277 -37.70 -7.65 -41.44
N VAL J 278 -37.95 -7.00 -42.58
CA VAL J 278 -39.34 -6.85 -43.01
C VAL J 278 -39.83 -8.13 -43.69
N ASN J 279 -38.94 -8.89 -44.33
CA ASN J 279 -39.31 -10.14 -44.99
C ASN J 279 -38.97 -11.32 -44.07
N GLU J 280 -39.78 -11.46 -43.01
CA GLU J 280 -39.54 -12.48 -42.00
C GLU J 280 -40.45 -13.69 -42.13
N GLU J 281 -41.67 -13.51 -42.65
CA GLU J 281 -42.59 -14.63 -42.77
C GLU J 281 -42.03 -15.73 -43.67
N ILE J 282 -41.40 -15.33 -44.78
CA ILE J 282 -40.69 -16.27 -45.64
C ILE J 282 -39.20 -15.95 -45.56
N LEU J 283 -38.39 -16.99 -45.81
CA LEU J 283 -36.94 -16.93 -45.65
C LEU J 283 -36.54 -16.21 -44.36
N GLY J 284 -36.87 -16.81 -43.22
CA GLY J 284 -36.65 -16.20 -41.91
C GLY J 284 -35.31 -15.51 -41.77
N ASN J 285 -34.22 -16.29 -41.82
CA ASN J 285 -32.87 -15.77 -41.92
C ASN J 285 -32.60 -14.66 -40.89
N GLN J 286 -32.71 -15.02 -39.62
CA GLN J 286 -32.70 -14.03 -38.56
C GLN J 286 -31.29 -13.49 -38.32
N ILE J 287 -31.23 -12.30 -37.73
CA ILE J 287 -29.98 -11.60 -37.44
C ILE J 287 -29.86 -11.45 -35.93
N HIS J 288 -28.68 -11.77 -35.39
CA HIS J 288 -28.39 -11.61 -33.98
C HIS J 288 -27.31 -10.54 -33.79
N MET J 289 -26.90 -10.34 -32.54
CA MET J 289 -26.01 -9.24 -32.21
C MET J 289 -25.14 -9.61 -31.02
N HIS J 290 -24.08 -8.82 -30.82
CA HIS J 290 -23.18 -8.96 -29.69
C HIS J 290 -22.84 -7.57 -29.16
N VAL J 291 -22.81 -7.42 -27.84
CA VAL J 291 -22.53 -6.15 -27.18
C VAL J 291 -21.23 -6.27 -26.41
N THR J 292 -20.31 -5.34 -26.63
CA THR J 292 -19.07 -5.25 -25.89
C THR J 292 -19.10 -4.02 -25.00
N ALA J 293 -18.49 -4.14 -23.82
CA ALA J 293 -18.48 -3.07 -22.83
C ALA J 293 -17.10 -2.55 -22.48
N LYS J 294 -16.09 -3.43 -22.41
CA LYS J 294 -14.75 -3.03 -22.03
C LYS J 294 -13.82 -2.87 -23.23
N GLU J 295 -14.34 -2.96 -24.45
CA GLU J 295 -13.55 -2.83 -25.66
C GLU J 295 -14.05 -1.64 -26.47
N TYR J 296 -13.20 -1.14 -27.35
CA TYR J 296 -13.47 0.07 -28.11
C TYR J 296 -13.62 -0.25 -29.60
N GLY J 297 -14.52 0.46 -30.25
CA GLY J 297 -14.71 0.32 -31.68
C GLY J 297 -15.60 1.40 -32.27
N ALA J 298 -15.13 2.05 -33.33
CA ALA J 298 -15.89 3.11 -33.99
C ALA J 298 -15.26 3.39 -35.34
N ARG J 299 -16.09 3.77 -36.31
CA ARG J 299 -15.61 4.07 -37.65
C ARG J 299 -15.63 5.57 -37.90
N VAL J 300 -14.63 6.04 -38.65
CA VAL J 300 -14.49 7.44 -38.96
C VAL J 300 -15.31 7.74 -40.21
N SER J 301 -16.41 8.48 -40.03
CA SER J 301 -17.31 8.81 -41.14
C SER J 301 -17.23 10.26 -41.59
N ASN J 302 -16.90 11.19 -40.71
CA ASN J 302 -16.82 12.59 -41.06
C ASN J 302 -15.79 13.25 -40.15
N LEU J 303 -15.70 14.58 -40.22
CA LEU J 303 -14.71 15.31 -39.43
C LEU J 303 -15.02 15.24 -37.94
N HIS J 304 -16.31 15.23 -37.58
CA HIS J 304 -16.69 15.08 -36.18
C HIS J 304 -16.19 13.75 -35.61
N MET J 305 -16.49 12.66 -36.32
CA MET J 305 -16.00 11.34 -35.90
C MET J 305 -14.48 11.29 -35.94
N TYR J 306 -13.87 11.93 -36.94
CA TYR J 306 -12.42 11.96 -37.01
C TYR J 306 -11.82 12.58 -35.76
N SER J 307 -12.32 13.76 -35.37
CA SER J 307 -11.80 14.43 -34.19
C SER J 307 -12.05 13.63 -32.93
N ALA J 308 -13.26 13.07 -32.79
CA ALA J 308 -13.58 12.30 -31.58
C ALA J 308 -12.68 11.07 -31.46
N VAL J 309 -12.49 10.34 -32.56
CA VAL J 309 -11.69 9.13 -32.51
C VAL J 309 -10.22 9.48 -32.31
N CYS J 310 -9.74 10.57 -32.90
CA CYS J 310 -8.36 10.99 -32.67
C CYS J 310 -8.14 11.34 -31.20
N ALA J 311 -9.08 12.06 -30.59
CA ALA J 311 -8.97 12.38 -29.17
C ALA J 311 -8.97 11.11 -28.34
N ASP J 312 -9.83 10.15 -28.69
CA ASP J 312 -9.87 8.89 -27.93
C ASP J 312 -8.55 8.12 -28.07
N VAL J 313 -7.99 8.08 -29.27
CA VAL J 313 -6.75 7.34 -29.51
C VAL J 313 -5.60 7.97 -28.75
N ILE J 314 -5.50 9.31 -28.77
CA ILE J 314 -4.43 9.99 -28.06
C ILE J 314 -4.52 9.72 -26.56
N ARG J 315 -5.74 9.71 -26.02
CA ARG J 315 -5.96 9.48 -24.60
C ARG J 315 -5.98 8.00 -24.22
N ARG J 316 -5.43 7.14 -25.08
CA ARG J 316 -5.21 5.72 -24.77
C ARG J 316 -6.51 4.96 -24.55
N TRP J 317 -7.60 5.39 -25.20
CA TRP J 317 -8.85 4.65 -25.08
C TRP J 317 -8.88 3.41 -25.96
N VAL J 318 -7.91 3.24 -26.84
CA VAL J 318 -7.89 2.11 -27.77
C VAL J 318 -6.64 1.27 -27.47
N TYR J 319 -6.27 1.20 -26.20
CA TYR J 319 -5.11 0.42 -25.80
C TYR J 319 -5.28 -1.03 -26.23
N PRO J 320 -4.22 -1.69 -26.73
CA PRO J 320 -2.83 -1.22 -26.83
C PRO J 320 -2.48 -0.47 -28.11
N LEU J 321 -3.49 -0.01 -28.87
CA LEU J 321 -3.24 0.74 -30.10
C LEU J 321 -2.98 2.21 -29.74
N THR J 322 -1.82 2.44 -29.15
CA THR J 322 -1.39 3.75 -28.69
C THR J 322 -0.29 4.32 -29.59
N PRO J 323 -0.11 5.64 -29.61
CA PRO J 323 0.93 6.21 -30.49
C PRO J 323 2.32 5.70 -30.19
N GLU J 324 2.66 5.45 -28.93
CA GLU J 324 3.99 4.98 -28.59
C GLU J 324 4.16 3.48 -28.80
N ALA J 325 3.07 2.74 -29.03
CA ALA J 325 3.19 1.30 -29.27
C ALA J 325 3.85 1.00 -30.61
N ASN J 326 3.69 1.89 -31.58
CA ASN J 326 4.24 1.71 -32.92
C ASN J 326 3.82 0.37 -33.52
N PHE J 327 2.50 0.13 -33.51
CA PHE J 327 1.98 -1.14 -34.01
C PHE J 327 2.21 -1.30 -35.51
N THR J 328 2.41 -0.22 -36.24
CA THR J 328 2.91 -0.26 -37.62
C THR J 328 4.39 0.09 -37.53
N ASP J 329 5.22 -0.93 -37.30
CA ASP J 329 6.64 -0.71 -37.04
C ASP J 329 7.31 0.10 -38.15
N SER J 330 7.84 1.26 -37.78
CA SER J 330 8.49 2.15 -38.73
C SER J 330 9.37 3.11 -37.94
N THR J 331 10.47 3.53 -38.58
CA THR J 331 11.41 4.42 -37.91
C THR J 331 10.81 5.80 -37.68
N THR J 332 9.92 6.24 -38.57
CA THR J 332 9.39 7.61 -38.48
C THR J 332 8.40 7.76 -37.33
N GLN J 333 7.55 6.76 -37.10
CA GLN J 333 6.44 6.87 -36.18
C GLN J 333 6.75 6.34 -34.79
N SER J 334 7.99 6.47 -34.34
CA SER J 334 8.37 6.11 -32.98
C SER J 334 8.31 7.34 -32.09
N CYS J 335 7.82 7.15 -30.86
CA CYS J 335 7.69 8.27 -29.94
C CYS J 335 7.71 7.76 -28.52
N THR J 336 7.92 8.68 -27.58
CA THR J 336 7.96 8.38 -26.16
C THR J 336 6.80 9.06 -25.45
N HIS J 337 6.21 8.34 -24.49
CA HIS J 337 5.06 8.82 -23.72
C HIS J 337 5.53 9.42 -22.41
N SER J 338 4.95 10.57 -22.04
CA SER J 338 5.31 11.27 -20.83
C SER J 338 4.03 11.59 -20.05
N ARG J 339 4.18 12.44 -19.04
CA ARG J 339 3.04 12.82 -18.20
C ARG J 339 2.01 13.60 -19.01
N HIS J 340 0.74 13.46 -18.62
CA HIS J 340 -0.38 14.15 -19.25
C HIS J 340 -0.53 13.81 -20.73
N ASN J 341 -0.17 12.57 -21.09
CA ASN J 341 -0.35 12.06 -22.45
C ASN J 341 0.37 12.93 -23.48
N ILE J 342 1.65 13.19 -23.23
CA ILE J 342 2.49 13.92 -24.15
C ILE J 342 3.38 12.93 -24.88
N TYR J 343 3.20 12.83 -26.19
CA TYR J 343 3.99 11.92 -27.02
C TYR J 343 4.98 12.74 -27.82
N ARG J 344 6.26 12.44 -27.65
CA ARG J 344 7.34 13.21 -28.28
C ARG J 344 8.15 12.28 -29.18
N GLY J 345 8.34 12.69 -30.43
CA GLY J 345 9.13 11.93 -31.35
C GLY J 345 10.60 12.28 -31.29
N PRO J 346 11.41 11.65 -32.13
CA PRO J 346 12.84 12.03 -32.21
C PRO J 346 13.00 13.41 -32.81
N GLU J 347 14.07 14.10 -32.36
CA GLU J 347 14.45 15.44 -32.80
C GLU J 347 13.24 16.36 -32.97
N VAL J 348 12.54 16.57 -31.86
CA VAL J 348 11.43 17.52 -31.85
C VAL J 348 11.91 18.94 -31.58
N SER J 349 12.92 19.11 -30.73
CA SER J 349 13.58 20.41 -30.53
C SER J 349 12.58 21.48 -30.11
N LEU J 350 11.98 21.28 -28.94
CA LEU J 350 11.05 22.25 -28.40
C LEU J 350 11.79 23.53 -28.02
N GLY J 351 11.14 24.67 -28.26
CA GLY J 351 11.73 25.95 -27.97
C GLY J 351 11.68 26.30 -26.49
N HIS J 352 12.15 27.50 -26.18
CA HIS J 352 12.21 27.98 -24.81
C HIS J 352 10.91 28.69 -24.47
N GLY J 353 10.34 28.34 -23.31
CA GLY J 353 9.11 28.94 -22.84
C GLY J 353 7.84 28.33 -23.39
N SER J 354 7.93 27.48 -24.41
CA SER J 354 6.74 26.83 -24.95
C SER J 354 6.23 25.78 -23.99
N ILE J 355 4.91 25.69 -23.86
CA ILE J 355 4.25 24.82 -22.90
C ILE J 355 3.35 23.85 -23.65
N LEU J 356 3.53 22.56 -23.41
CA LEU J 356 2.64 21.51 -23.91
C LEU J 356 1.74 21.10 -22.76
N GLU J 357 0.46 21.45 -22.85
CA GLU J 357 -0.44 21.24 -21.71
C GLU J 357 -0.77 19.77 -21.52
N GLU J 358 -1.43 19.16 -22.51
CA GLU J 358 -1.85 17.77 -22.38
C GLU J 358 -2.31 17.27 -23.74
N ASN J 359 -2.26 15.95 -23.92
CA ASN J 359 -2.79 15.28 -25.10
C ASN J 359 -2.20 15.85 -26.39
N VAL J 360 -0.86 15.89 -26.45
CA VAL J 360 -0.14 16.44 -27.59
C VAL J 360 0.74 15.35 -28.18
N LEU J 361 0.65 15.15 -29.50
CA LEU J 361 1.51 14.23 -30.22
C LEU J 361 2.32 15.03 -31.23
N LEU J 362 3.65 14.88 -31.17
CA LEU J 362 4.57 15.61 -32.03
C LEU J 362 5.31 14.62 -32.92
N GLY J 363 5.28 14.86 -34.23
CA GLY J 363 5.94 13.97 -35.16
C GLY J 363 7.44 14.18 -35.23
N SER J 364 8.10 13.28 -35.96
CA SER J 364 9.54 13.34 -36.11
C SER J 364 9.94 14.53 -36.98
N GLY J 365 11.01 15.21 -36.57
CA GLY J 365 11.54 16.33 -37.33
C GLY J 365 10.79 17.63 -37.15
N THR J 366 9.76 17.66 -36.31
CA THR J 366 9.02 18.88 -36.06
C THR J 366 9.91 19.91 -35.37
N VAL J 367 9.60 21.19 -35.58
CA VAL J 367 10.30 22.30 -34.93
C VAL J 367 9.27 23.24 -34.34
N ILE J 368 9.41 23.54 -33.05
CA ILE J 368 8.50 24.42 -32.33
C ILE J 368 9.27 25.65 -31.87
N GLY J 369 8.67 26.82 -32.04
CA GLY J 369 9.27 28.07 -31.66
C GLY J 369 9.28 28.30 -30.16
N SER J 370 9.35 29.57 -29.78
CA SER J 370 9.43 29.98 -28.38
C SER J 370 8.11 30.58 -27.93
N ASN J 371 7.81 30.41 -26.64
CA ASN J 371 6.60 30.94 -26.00
C ASN J 371 5.34 30.41 -26.68
N CYS J 372 5.39 29.19 -27.19
CA CYS J 372 4.24 28.58 -27.83
C CYS J 372 3.31 27.97 -26.78
N PHE J 373 2.09 27.63 -27.20
CA PHE J 373 1.13 26.98 -26.33
C PHE J 373 0.31 26.01 -27.17
N ILE J 374 0.66 24.73 -27.11
CA ILE J 374 -0.02 23.68 -27.86
C ILE J 374 -0.75 22.79 -26.86
N THR J 375 -2.04 22.54 -27.12
CA THR J 375 -2.81 21.67 -26.24
C THR J 375 -3.82 20.89 -27.06
N ASN J 376 -4.01 19.62 -26.68
CA ASN J 376 -5.01 18.74 -27.29
C ASN J 376 -4.87 18.67 -28.81
N SER J 377 -3.64 18.73 -29.30
CA SER J 377 -3.37 18.81 -30.73
C SER J 377 -2.47 17.67 -31.18
N VAL J 378 -2.61 17.29 -32.44
CA VAL J 378 -1.75 16.29 -33.08
C VAL J 378 -1.02 16.99 -34.21
N ILE J 379 0.31 16.92 -34.18
CA ILE J 379 1.17 17.59 -35.15
C ILE J 379 1.96 16.54 -35.90
N GLY J 380 1.85 16.55 -37.22
CA GLY J 380 2.51 15.57 -38.05
C GLY J 380 4.01 15.79 -38.13
N PRO J 381 4.73 14.83 -38.70
CA PRO J 381 6.18 14.97 -38.81
C PRO J 381 6.59 16.07 -39.79
N GLY J 382 7.73 16.67 -39.51
CA GLY J 382 8.29 17.67 -40.40
C GLY J 382 7.65 19.04 -40.35
N CYS J 383 6.77 19.30 -39.39
CA CYS J 383 6.13 20.60 -39.30
C CYS J 383 7.09 21.65 -38.75
N HIS J 384 6.85 22.90 -39.14
CA HIS J 384 7.62 24.04 -38.67
C HIS J 384 6.67 25.04 -38.06
N ILE J 385 6.93 25.43 -36.81
CA ILE J 385 6.02 26.26 -36.04
C ILE J 385 6.77 27.50 -35.57
N GLY J 386 6.16 28.66 -35.73
CA GLY J 386 6.77 29.92 -35.33
C GLY J 386 6.61 30.18 -33.84
N ASP J 387 6.94 31.42 -33.46
CA ASP J 387 6.93 31.83 -32.07
C ASP J 387 5.57 32.38 -31.67
N ASN J 388 5.27 32.25 -30.37
CA ASN J 388 4.07 32.85 -29.77
C ASN J 388 2.79 32.41 -30.46
N VAL J 389 2.75 31.13 -30.86
CA VAL J 389 1.55 30.58 -31.48
C VAL J 389 0.67 29.96 -30.40
N VAL J 390 -0.59 29.74 -30.75
CA VAL J 390 -1.54 29.04 -29.88
C VAL J 390 -2.24 27.99 -30.72
N LEU J 391 -2.19 26.74 -30.29
CA LEU J 391 -2.85 25.63 -30.95
C LEU J 391 -3.77 24.94 -29.94
N ASP J 392 -5.07 24.86 -30.28
CA ASP J 392 -6.06 24.25 -29.40
C ASP J 392 -6.93 23.32 -30.22
N GLN J 393 -6.84 22.02 -29.92
CA GLN J 393 -7.66 20.99 -30.57
C GLN J 393 -7.52 21.03 -32.09
N THR J 394 -6.30 21.28 -32.56
CA THR J 394 -6.02 21.35 -33.99
C THR J 394 -5.24 20.13 -34.45
N TYR J 395 -5.28 19.88 -35.75
CA TYR J 395 -4.57 18.77 -36.35
C TYR J 395 -3.76 19.28 -37.53
N LEU J 396 -2.46 19.01 -37.50
CA LEU J 396 -1.54 19.40 -38.56
C LEU J 396 -0.92 18.16 -39.17
N TRP J 397 -1.02 18.02 -40.48
CA TRP J 397 -0.46 16.88 -41.18
C TRP J 397 0.96 17.18 -41.62
N GLN J 398 1.51 16.34 -42.51
CA GLN J 398 2.91 16.46 -42.90
C GLN J 398 3.18 17.80 -43.58
N GLY J 399 4.31 18.41 -43.23
CA GLY J 399 4.80 19.58 -43.93
C GLY J 399 4.09 20.88 -43.60
N VAL J 400 3.25 20.92 -42.58
CA VAL J 400 2.53 22.14 -42.24
C VAL J 400 3.51 23.16 -41.69
N ARG J 401 3.46 24.38 -42.22
CA ARG J 401 4.28 25.49 -41.75
C ARG J 401 3.38 26.60 -41.23
N VAL J 402 3.63 27.05 -40.01
CA VAL J 402 2.82 28.06 -39.35
C VAL J 402 3.74 29.21 -38.94
N ALA J 403 3.33 30.43 -39.28
CA ALA J 403 4.11 31.61 -38.95
C ALA J 403 3.85 32.03 -37.50
N ALA J 404 4.66 32.96 -37.02
CA ALA J 404 4.58 33.40 -35.64
C ALA J 404 3.29 34.18 -35.39
N GLY J 405 2.76 34.04 -34.17
CA GLY J 405 1.60 34.80 -33.75
C GLY J 405 0.26 34.24 -34.18
N ALA J 406 0.24 33.05 -34.79
CA ALA J 406 -1.03 32.49 -35.24
C ALA J 406 -1.85 31.98 -34.07
N GLN J 407 -3.17 31.99 -34.26
CA GLN J 407 -4.13 31.47 -33.28
C GLN J 407 -5.01 30.45 -34.00
N ILE J 408 -4.85 29.17 -33.66
CA ILE J 408 -5.52 28.09 -34.35
C ILE J 408 -6.34 27.31 -33.33
N HIS J 409 -7.64 27.19 -33.56
CA HIS J 409 -8.55 26.51 -32.65
C HIS J 409 -9.47 25.59 -33.45
N GLN J 410 -9.50 24.32 -33.07
CA GLN J 410 -10.49 23.35 -33.58
C GLN J 410 -10.54 23.31 -35.10
N SER J 411 -9.37 23.34 -35.73
CA SER J 411 -9.29 23.33 -37.18
C SER J 411 -8.36 22.23 -37.65
N LEU J 412 -8.48 21.88 -38.93
CA LEU J 412 -7.67 20.84 -39.55
C LEU J 412 -6.82 21.46 -40.66
N LEU J 413 -5.53 21.12 -40.66
CA LEU J 413 -4.60 21.59 -41.69
C LEU J 413 -3.99 20.38 -42.38
N CYS J 414 -4.25 20.26 -43.67
CA CYS J 414 -3.81 19.09 -44.43
C CYS J 414 -2.33 19.22 -44.81
N ASP J 415 -1.89 18.35 -45.72
CA ASP J 415 -0.47 18.25 -46.03
C ASP J 415 0.08 19.56 -46.58
N ASN J 416 1.22 19.99 -46.05
CA ASN J 416 1.99 21.12 -46.54
C ASN J 416 1.20 22.41 -46.57
N ALA J 417 0.17 22.55 -45.73
CA ALA J 417 -0.54 23.81 -45.63
C ALA J 417 0.36 24.86 -44.98
N GLU J 418 0.10 26.12 -45.31
CA GLU J 418 0.92 27.22 -44.82
C GLU J 418 0.03 28.34 -44.32
N VAL J 419 0.44 28.95 -43.21
CA VAL J 419 -0.27 30.09 -42.62
C VAL J 419 0.74 31.22 -42.46
N LYS J 420 0.37 32.40 -42.94
CA LYS J 420 1.26 33.55 -42.92
C LYS J 420 1.20 34.25 -41.56
N GLU J 421 1.78 35.44 -41.49
CA GLU J 421 1.93 36.13 -40.21
C GLU J 421 0.59 36.64 -39.70
N ARG J 422 0.34 36.41 -38.40
CA ARG J 422 -0.80 36.99 -37.69
C ARG J 422 -2.12 36.64 -38.37
N VAL J 423 -2.42 35.35 -38.39
CA VAL J 423 -3.67 34.83 -38.94
C VAL J 423 -4.39 34.04 -37.86
N THR J 424 -5.70 34.23 -37.77
CA THR J 424 -6.54 33.56 -36.77
C THR J 424 -7.56 32.69 -37.50
N LEU J 425 -7.61 31.41 -37.12
CA LEU J 425 -8.53 30.44 -37.70
C LEU J 425 -9.57 30.09 -36.66
N LYS J 426 -10.82 30.44 -36.93
CA LYS J 426 -11.91 30.11 -36.03
C LYS J 426 -12.22 28.61 -36.11
N PRO J 427 -12.89 28.05 -35.10
CA PRO J 427 -13.20 26.61 -35.10
C PRO J 427 -13.87 26.10 -36.36
N ARG J 428 -13.78 24.78 -36.57
CA ARG J 428 -14.38 24.10 -37.73
C ARG J 428 -13.82 24.61 -39.04
N SER J 429 -12.55 25.00 -39.06
CA SER J 429 -11.89 25.42 -40.29
C SER J 429 -11.07 24.28 -40.86
N VAL J 430 -11.01 24.23 -42.19
CA VAL J 430 -10.28 23.18 -42.90
C VAL J 430 -9.41 23.83 -43.97
N LEU J 431 -8.12 23.51 -43.97
CA LEU J 431 -7.19 23.92 -45.01
C LEU J 431 -6.64 22.67 -45.68
N THR J 432 -6.91 22.52 -46.96
CA THR J 432 -6.53 21.31 -47.68
C THR J 432 -5.05 21.41 -48.07
N SER J 433 -4.55 20.42 -48.81
CA SER J 433 -3.14 20.36 -49.16
C SER J 433 -2.74 21.52 -50.06
N GLN J 434 -1.50 21.97 -49.90
CA GLN J 434 -0.91 23.01 -50.76
C GLN J 434 -1.68 24.32 -50.68
N VAL J 435 -2.29 24.61 -49.54
CA VAL J 435 -3.10 25.82 -49.36
C VAL J 435 -2.34 26.79 -48.47
N VAL J 436 -2.27 28.04 -48.90
CA VAL J 436 -1.65 29.12 -48.13
C VAL J 436 -2.75 30.12 -47.76
N VAL J 437 -2.57 30.77 -46.61
CA VAL J 437 -3.49 31.80 -46.16
C VAL J 437 -2.70 33.06 -45.87
N GLY J 438 -3.11 34.17 -46.48
CA GLY J 438 -2.38 35.42 -46.39
C GLY J 438 -2.46 36.06 -45.02
N PRO J 439 -1.63 37.06 -44.78
CA PRO J 439 -1.62 37.72 -43.47
C PRO J 439 -2.84 38.61 -43.27
N ASN J 440 -3.12 38.91 -42.00
CA ASN J 440 -4.16 39.85 -41.60
C ASN J 440 -5.53 39.43 -42.13
N ILE J 441 -5.99 38.27 -41.66
CA ILE J 441 -7.31 37.77 -42.01
C ILE J 441 -7.79 36.85 -40.90
N THR J 442 -9.09 36.89 -40.62
CA THR J 442 -9.72 36.03 -39.63
C THR J 442 -10.77 35.20 -40.34
N LEU J 443 -10.43 33.97 -40.68
CA LEU J 443 -11.35 33.10 -41.39
C LEU J 443 -12.56 32.78 -40.51
N PRO J 444 -13.77 32.78 -41.07
CA PRO J 444 -14.96 32.50 -40.26
C PRO J 444 -14.99 31.09 -39.68
N GLU J 445 -16.03 30.78 -38.91
CA GLU J 445 -16.14 29.54 -38.15
C GLU J 445 -16.55 28.35 -39.00
N GLY J 446 -16.52 28.47 -40.32
CA GLY J 446 -16.87 27.35 -41.19
C GLY J 446 -16.03 27.29 -42.45
N SER J 447 -14.86 27.93 -42.42
CA SER J 447 -14.06 28.10 -43.61
C SER J 447 -13.47 26.77 -44.07
N VAL J 448 -13.80 26.38 -45.30
CA VAL J 448 -13.19 25.23 -45.97
C VAL J 448 -12.67 25.72 -47.31
N ILE J 449 -11.35 25.69 -47.49
CA ILE J 449 -10.70 26.22 -48.67
C ILE J 449 -9.73 25.17 -49.22
N SER J 450 -9.65 25.08 -50.54
CA SER J 450 -8.72 24.18 -51.21
C SER J 450 -8.33 24.78 -52.55
N LEU J 451 -7.48 24.06 -53.28
CA LEU J 451 -7.06 24.50 -54.60
C LEU J 451 -8.08 24.20 -55.69
N HIS J 452 -9.14 23.46 -55.36
CA HIS J 452 -10.19 23.15 -56.32
C HIS J 452 -11.35 24.12 -56.13
N PRO J 453 -11.69 24.93 -57.12
CA PRO J 453 -12.68 26.00 -56.92
C PRO J 453 -14.06 25.48 -56.56
N PRO J 454 -14.66 24.56 -57.36
CA PRO J 454 -16.08 24.25 -57.12
C PRO J 454 -16.36 23.57 -55.79
N ASP J 455 -15.63 22.49 -55.50
CA ASP J 455 -15.91 21.71 -54.29
C ASP J 455 -15.62 22.51 -53.03
N ALA J 456 -14.53 23.26 -53.01
CA ALA J 456 -14.24 24.11 -51.87
C ALA J 456 -15.25 25.24 -51.79
N GLU J 457 -15.62 25.59 -50.55
CA GLU J 457 -16.50 26.74 -50.35
C GLU J 457 -15.83 28.04 -50.76
N GLU J 458 -14.50 28.10 -50.69
CA GLU J 458 -13.73 29.25 -51.15
C GLU J 458 -12.47 28.74 -51.83
N ASP J 459 -12.29 29.09 -53.10
CA ASP J 459 -11.06 28.74 -53.80
C ASP J 459 -9.86 29.37 -53.10
N GLU J 460 -8.80 28.59 -52.93
CA GLU J 460 -7.66 28.99 -52.13
C GLU J 460 -6.42 29.18 -53.01
N ASP J 461 -5.55 30.08 -52.58
CA ASP J 461 -4.31 30.41 -53.27
C ASP J 461 -3.39 31.07 -52.27
N ASP J 462 -2.32 31.71 -52.76
CA ASP J 462 -1.37 32.39 -51.89
C ASP J 462 -1.98 33.57 -51.15
N GLY J 463 -3.25 33.90 -51.41
CA GLY J 463 -3.92 34.99 -50.75
C GLY J 463 -5.13 34.52 -49.96
N GLU J 464 -5.68 35.44 -49.17
CA GLU J 464 -6.82 35.17 -48.30
C GLU J 464 -8.15 35.60 -48.92
N PHE J 465 -8.23 36.83 -49.43
CA PHE J 465 -9.44 37.37 -50.04
C PHE J 465 -9.20 37.52 -51.54
N SER J 466 -10.07 36.90 -52.33
CA SER J 466 -9.98 36.93 -53.78
C SER J 466 -8.63 36.45 -54.29
N ASP J 549 -67.18 8.56 -56.31
CA ASP J 549 -66.87 7.21 -56.75
C ASP J 549 -66.23 7.22 -58.14
N ILE J 550 -67.07 7.35 -59.17
CA ILE J 550 -66.60 7.38 -60.55
C ILE J 550 -65.92 8.69 -60.91
N LYS J 551 -66.00 9.70 -60.03
CA LYS J 551 -65.36 10.99 -60.31
C LYS J 551 -63.84 10.84 -60.41
N VAL J 552 -63.26 10.02 -59.54
CA VAL J 552 -61.81 9.80 -59.57
C VAL J 552 -61.41 9.13 -60.89
N PHE J 553 -62.26 8.23 -61.39
CA PHE J 553 -61.97 7.57 -62.66
C PHE J 553 -61.93 8.57 -63.80
N GLN J 554 -62.85 9.54 -63.82
CA GLN J 554 -62.84 10.56 -64.85
C GLN J 554 -61.59 11.42 -64.76
N ASN J 555 -61.20 11.80 -63.54
CA ASN J 555 -59.98 12.59 -63.37
C ASN J 555 -58.75 11.80 -63.80
N GLU J 556 -58.69 10.51 -63.44
CA GLU J 556 -57.58 9.67 -63.87
C GLU J 556 -57.57 9.50 -65.38
N VAL J 557 -58.74 9.30 -65.98
CA VAL J 557 -58.82 9.19 -67.44
C VAL J 557 -58.39 10.49 -68.10
N LEU J 558 -58.85 11.62 -67.57
CA LEU J 558 -58.43 12.91 -68.10
C LEU J 558 -56.94 13.14 -67.91
N GLY J 559 -56.42 12.77 -66.73
CA GLY J 559 -54.99 12.90 -66.49
C GLY J 559 -54.16 12.01 -67.39
N THR J 560 -54.59 10.76 -67.57
CA THR J 560 -53.88 9.85 -68.47
C THR J 560 -53.95 10.34 -69.91
N LEU J 561 -55.12 10.83 -70.33
CA LEU J 561 -55.27 11.32 -71.70
C LEU J 561 -54.39 12.56 -71.93
N GLN J 562 -54.35 13.47 -70.96
CA GLN J 562 -53.49 14.65 -71.10
C GLN J 562 -52.02 14.25 -71.13
N ARG J 563 -51.61 13.34 -70.25
CA ARG J 563 -50.23 12.87 -70.27
C ARG J 563 -49.92 12.10 -71.55
N GLY J 564 -50.86 11.28 -72.01
CA GLY J 564 -50.63 10.50 -73.22
C GLY J 564 -50.50 11.37 -74.46
N LYS J 565 -51.33 12.41 -74.56
CA LYS J 565 -51.27 13.29 -75.72
C LYS J 565 -49.93 14.03 -75.78
N GLU J 566 -49.45 14.51 -74.64
CA GLU J 566 -48.18 15.22 -74.60
C GLU J 566 -47.01 14.31 -75.00
N GLU J 567 -47.03 13.07 -74.53
CA GLU J 567 -45.95 12.13 -74.79
C GLU J 567 -46.20 11.27 -76.02
N ASN J 568 -47.32 11.47 -76.72
CA ASN J 568 -47.68 10.70 -77.91
C ASN J 568 -47.73 9.21 -77.60
N ILE J 569 -48.63 8.85 -76.68
CA ILE J 569 -48.77 7.47 -76.26
C ILE J 569 -49.44 6.66 -77.37
N SER J 570 -49.00 5.41 -77.51
CA SER J 570 -49.59 4.53 -78.51
C SER J 570 -51.04 4.20 -78.17
N CYS J 571 -51.83 3.93 -79.20
CA CYS J 571 -53.25 3.63 -79.00
C CYS J 571 -53.43 2.36 -78.18
N ASP J 572 -52.64 1.32 -78.46
CA ASP J 572 -52.75 0.08 -77.71
C ASP J 572 -52.37 0.28 -76.24
N ASN J 573 -51.29 1.02 -76.00
CA ASN J 573 -50.90 1.31 -74.62
C ASN J 573 -51.93 2.19 -73.92
N LEU J 574 -52.47 3.19 -74.63
CA LEU J 574 -53.48 4.06 -74.03
C LEU J 574 -54.76 3.29 -73.73
N VAL J 575 -55.15 2.37 -74.62
CA VAL J 575 -56.35 1.58 -74.39
C VAL J 575 -56.20 0.69 -73.18
N LEU J 576 -55.01 0.08 -73.01
CA LEU J 576 -54.77 -0.77 -71.86
C LEU J 576 -54.84 0.01 -70.55
N GLU J 577 -54.27 1.22 -70.53
CA GLU J 577 -54.32 2.04 -69.32
C GLU J 577 -55.75 2.40 -68.96
N ILE J 578 -56.57 2.78 -69.95
CA ILE J 578 -57.97 3.08 -69.69
C ILE J 578 -58.71 1.84 -69.21
N ASN J 579 -58.44 0.70 -69.87
CA ASN J 579 -59.08 -0.55 -69.46
C ASN J 579 -58.66 -0.96 -68.06
N SER J 580 -57.38 -0.78 -67.73
CA SER J 580 -56.89 -1.16 -66.41
C SER J 580 -57.58 -0.35 -65.30
N LEU J 581 -57.75 0.96 -65.53
CA LEU J 581 -58.43 1.79 -64.54
C LEU J 581 -59.89 1.38 -64.37
N LYS J 582 -60.56 1.05 -65.47
CA LYS J 582 -61.95 0.62 -65.39
C LYS J 582 -62.08 -0.68 -64.61
N TYR J 583 -61.19 -1.65 -64.87
CA TYR J 583 -61.25 -2.92 -64.17
C TYR J 583 -60.87 -2.77 -62.70
N ALA J 584 -59.96 -1.84 -62.41
CA ALA J 584 -59.55 -1.62 -61.02
C ALA J 584 -60.70 -1.11 -60.17
N TYR J 585 -61.50 -0.20 -60.71
CA TYR J 585 -62.62 0.38 -59.98
C TYR J 585 -63.92 -0.38 -60.17
N ASN J 586 -63.89 -1.50 -60.90
CA ASN J 586 -65.08 -2.31 -61.18
C ASN J 586 -66.18 -1.49 -61.85
N ILE J 587 -65.77 -0.60 -62.77
CA ILE J 587 -66.74 0.21 -63.49
C ILE J 587 -67.52 -0.64 -64.47
N SER J 588 -68.75 -0.22 -64.74
CA SER J 588 -69.63 -0.94 -65.65
C SER J 588 -69.29 -0.58 -67.10
N LEU J 589 -69.99 -1.20 -68.04
CA LEU J 589 -69.77 -0.95 -69.46
C LEU J 589 -70.48 0.32 -69.92
N LYS J 590 -71.76 0.47 -69.57
CA LYS J 590 -72.48 1.68 -69.92
C LYS J 590 -71.90 2.90 -69.22
N GLU J 591 -71.50 2.75 -67.96
CA GLU J 591 -70.88 3.86 -67.24
C GLU J 591 -69.55 4.26 -67.86
N VAL J 592 -68.77 3.28 -68.33
CA VAL J 592 -67.49 3.59 -68.96
C VAL J 592 -67.70 4.40 -70.23
N MET J 593 -68.69 4.03 -71.04
CA MET J 593 -68.97 4.78 -72.26
C MET J 593 -69.40 6.21 -71.95
N GLN J 594 -70.24 6.40 -70.93
CA GLN J 594 -70.62 7.74 -70.51
C GLN J 594 -69.43 8.50 -69.96
N VAL J 595 -68.59 7.83 -69.16
CA VAL J 595 -67.43 8.49 -68.56
C VAL J 595 -66.43 8.88 -69.64
N LEU J 596 -66.18 7.99 -70.61
CA LEU J 596 -65.21 8.27 -71.65
C LEU J 596 -65.63 9.47 -72.49
N SER J 597 -66.91 9.51 -72.88
CA SER J 597 -67.39 10.64 -73.67
C SER J 597 -67.35 11.95 -72.88
N HIS J 598 -67.76 11.90 -71.61
CA HIS J 598 -67.75 13.12 -70.79
C HIS J 598 -66.34 13.63 -70.57
N VAL J 599 -65.40 12.73 -70.28
CA VAL J 599 -64.01 13.15 -70.04
C VAL J 599 -63.41 13.72 -71.32
N VAL J 600 -63.65 13.07 -72.46
CA VAL J 600 -63.12 13.57 -73.73
C VAL J 600 -63.74 14.92 -74.09
N LEU J 601 -65.06 15.05 -73.92
CA LEU J 601 -65.72 16.30 -74.24
C LEU J 601 -65.23 17.43 -73.33
N GLU J 602 -65.08 17.15 -72.03
CA GLU J 602 -64.58 18.16 -71.11
C GLU J 602 -63.14 18.54 -71.45
N PHE J 603 -62.32 17.55 -71.82
CA PHE J 603 -60.96 17.84 -72.24
C PHE J 603 -60.90 18.79 -73.42
N PRO J 604 -61.71 18.62 -74.48
CA PRO J 604 -61.69 19.61 -75.56
C PRO J 604 -62.06 21.01 -75.11
N LEU J 605 -62.91 21.14 -74.10
CA LEU J 605 -63.25 22.46 -73.58
C LEU J 605 -62.05 23.14 -72.94
N GLN J 606 -61.10 22.36 -72.42
CA GLN J 606 -59.90 22.92 -71.81
C GLN J 606 -58.97 23.55 -72.83
N GLN J 607 -59.15 23.27 -74.13
CA GLN J 607 -58.31 23.88 -75.15
C GLN J 607 -58.47 25.39 -75.17
N MET J 608 -59.72 25.87 -75.03
CA MET J 608 -60.01 27.30 -74.97
C MET J 608 -60.23 27.70 -73.52
N ASP J 609 -59.55 28.77 -73.09
CA ASP J 609 -59.63 29.19 -71.70
C ASP J 609 -61.03 29.69 -71.36
N SER J 610 -61.45 30.78 -72.00
CA SER J 610 -62.78 31.33 -71.75
C SER J 610 -63.39 31.84 -73.05
N PRO J 611 -63.36 31.05 -74.13
CA PRO J 611 -63.94 31.52 -75.39
C PRO J 611 -65.47 31.42 -75.40
N LEU J 612 -65.99 30.34 -74.82
CA LEU J 612 -67.44 30.09 -74.78
C LEU J 612 -68.05 30.16 -76.17
N ASP J 613 -67.35 29.62 -77.15
CA ASP J 613 -67.77 29.65 -78.55
C ASP J 613 -67.82 28.24 -79.11
N SER J 614 -68.59 28.08 -80.19
CA SER J 614 -68.71 26.81 -80.87
C SER J 614 -67.55 26.54 -81.83
N SER J 615 -66.94 27.59 -82.38
CA SER J 615 -65.81 27.40 -83.28
C SER J 615 -64.63 26.77 -82.55
N ARG J 616 -64.38 27.20 -81.31
CA ARG J 616 -63.28 26.61 -80.54
C ARG J 616 -63.54 25.15 -80.23
N TYR J 617 -64.79 24.78 -79.95
CA TYR J 617 -65.12 23.39 -79.66
C TYR J 617 -64.86 22.51 -80.87
N CYS J 618 -65.21 22.98 -82.07
CA CYS J 618 -64.93 22.21 -83.27
C CYS J 618 -63.44 22.06 -83.51
N ALA J 619 -62.66 23.11 -83.23
CA ALA J 619 -61.21 23.03 -83.40
C ALA J 619 -60.60 22.02 -82.44
N LEU J 620 -61.06 22.01 -81.19
CA LEU J 620 -60.50 21.09 -80.21
C LEU J 620 -60.92 19.65 -80.48
N LEU J 621 -62.17 19.45 -80.89
CA LEU J 621 -62.67 18.09 -81.13
C LEU J 621 -62.04 17.42 -82.33
N LEU J 622 -61.35 18.17 -83.20
CA LEU J 622 -60.72 17.55 -84.37
C LEU J 622 -59.56 16.66 -83.97
N PRO J 623 -58.47 17.17 -83.38
CA PRO J 623 -57.37 16.28 -83.01
C PRO J 623 -57.74 15.21 -81.99
N LEU J 624 -58.66 15.53 -81.07
CA LEU J 624 -59.03 14.55 -80.05
C LEU J 624 -59.72 13.34 -80.65
N LEU J 625 -60.64 13.56 -81.60
CA LEU J 625 -61.38 12.46 -82.18
C LEU J 625 -60.49 11.60 -83.09
N LYS J 626 -59.65 12.24 -83.90
CA LYS J 626 -58.82 11.50 -84.84
C LYS J 626 -57.77 10.67 -84.12
N ALA J 627 -57.04 11.28 -83.18
CA ALA J 627 -55.97 10.57 -82.49
C ALA J 627 -56.51 9.43 -81.64
N TRP J 628 -57.61 9.66 -80.94
CA TRP J 628 -58.19 8.67 -80.03
C TRP J 628 -59.30 7.86 -80.69
N SER J 629 -59.37 7.84 -82.02
CA SER J 629 -60.41 7.08 -82.71
C SER J 629 -60.33 5.58 -82.40
N PRO J 630 -59.17 4.93 -82.46
CA PRO J 630 -59.13 3.49 -82.16
C PRO J 630 -59.59 3.15 -80.75
N VAL J 631 -59.29 4.01 -79.77
CA VAL J 631 -59.70 3.74 -78.40
C VAL J 631 -61.21 3.81 -78.28
N PHE J 632 -61.82 4.86 -78.84
CA PHE J 632 -63.27 5.01 -78.76
C PHE J 632 -63.98 3.91 -79.53
N ARG J 633 -63.47 3.56 -80.72
CA ARG J 633 -64.11 2.51 -81.53
C ARG J 633 -64.06 1.17 -80.82
N ASN J 634 -62.92 0.83 -80.21
CA ASN J 634 -62.81 -0.44 -79.50
C ASN J 634 -63.74 -0.48 -78.29
N TYR J 635 -63.82 0.63 -77.55
CA TYR J 635 -64.66 0.65 -76.35
C TYR J 635 -66.14 0.71 -76.70
N ILE J 636 -66.49 1.43 -77.76
CA ILE J 636 -67.88 1.62 -78.16
C ILE J 636 -68.10 0.82 -79.43
N LYS J 637 -68.64 -0.39 -79.28
CA LYS J 637 -68.94 -1.26 -80.42
C LYS J 637 -70.36 -1.76 -80.41
N ARG J 638 -70.94 -2.03 -79.24
CA ARG J 638 -72.30 -2.54 -79.16
C ARG J 638 -73.31 -1.44 -79.46
N ALA J 639 -74.49 -1.86 -79.93
CA ALA J 639 -75.57 -0.91 -80.21
C ALA J 639 -76.05 -0.24 -78.94
N ALA J 640 -76.15 -0.98 -77.83
CA ALA J 640 -76.55 -0.40 -76.57
C ALA J 640 -75.56 0.65 -76.09
N ASP J 641 -74.27 0.37 -76.25
CA ASP J 641 -73.25 1.36 -75.90
C ASP J 641 -73.35 2.59 -76.78
N HIS J 642 -73.67 2.41 -78.07
CA HIS J 642 -73.84 3.54 -78.97
C HIS J 642 -75.02 4.42 -78.52
N LEU J 643 -76.11 3.79 -78.09
CA LEU J 643 -77.24 4.56 -77.57
C LEU J 643 -76.86 5.31 -76.30
N GLU J 644 -76.09 4.66 -75.42
CA GLU J 644 -75.63 5.32 -74.21
C GLU J 644 -74.68 6.47 -74.54
N ALA J 645 -73.81 6.28 -75.54
CA ALA J 645 -72.88 7.33 -75.92
C ALA J 645 -73.62 8.56 -76.46
N LEU J 646 -74.67 8.33 -77.25
CA LEU J 646 -75.46 9.44 -77.78
C LEU J 646 -76.13 10.23 -76.66
N ALA J 647 -76.66 9.52 -75.66
CA ALA J 647 -77.29 10.20 -74.53
C ALA J 647 -76.28 11.04 -73.76
N ALA J 648 -75.06 10.52 -73.58
CA ALA J 648 -74.01 11.29 -72.91
C ALA J 648 -73.64 12.53 -73.72
N ILE J 649 -73.62 12.41 -75.05
CA ILE J 649 -73.31 13.54 -75.90
C ILE J 649 -74.39 14.61 -75.79
N GLU J 650 -75.64 14.19 -75.65
CA GLU J 650 -76.73 15.16 -75.49
C GLU J 650 -76.58 15.98 -74.22
N ASP J 651 -76.21 15.33 -73.12
CA ASP J 651 -75.97 16.06 -71.88
C ASP J 651 -74.77 16.99 -72.01
N PHE J 652 -73.70 16.54 -72.68
CA PHE J 652 -72.53 17.38 -72.87
C PHE J 652 -72.85 18.60 -73.72
N PHE J 653 -73.62 18.43 -74.80
CA PHE J 653 -73.98 19.56 -75.63
C PHE J 653 -74.87 20.55 -74.88
N LEU J 654 -75.82 20.05 -74.10
CA LEU J 654 -76.69 20.92 -73.32
C LEU J 654 -75.92 21.68 -72.25
N GLU J 655 -74.99 21.00 -71.58
CA GLU J 655 -74.19 21.63 -70.54
C GLU J 655 -73.19 22.64 -71.09
N HIS J 656 -72.95 22.64 -72.41
CA HIS J 656 -72.02 23.55 -73.07
C HIS J 656 -72.72 24.24 -74.24
N GLU J 657 -73.91 24.78 -73.98
CA GLU J 657 -74.71 25.39 -75.04
C GLU J 657 -73.97 26.53 -75.72
N ALA J 658 -73.06 27.20 -75.00
CA ALA J 658 -72.22 28.21 -75.64
C ALA J 658 -71.38 27.61 -76.75
N LEU J 659 -70.80 26.44 -76.50
CA LEU J 659 -70.09 25.67 -77.52
C LEU J 659 -70.97 24.61 -78.17
N GLY J 660 -72.25 24.52 -77.78
CA GLY J 660 -73.15 23.53 -78.32
C GLY J 660 -73.70 23.83 -79.69
N ILE J 661 -73.45 25.04 -80.22
CA ILE J 661 -73.88 25.37 -81.57
C ILE J 661 -73.15 24.51 -82.60
N SER J 662 -71.97 24.01 -82.27
CA SER J 662 -71.22 23.11 -83.14
C SER J 662 -71.57 21.65 -82.93
N MET J 663 -72.76 21.36 -82.39
CA MET J 663 -73.16 19.97 -82.17
C MET J 663 -73.30 19.21 -83.48
N ALA J 664 -73.55 19.92 -84.58
CA ALA J 664 -73.62 19.26 -85.88
C ALA J 664 -72.28 18.64 -86.26
N LYS J 665 -71.17 19.36 -86.00
CA LYS J 665 -69.85 18.79 -86.24
C LYS J 665 -69.57 17.61 -85.31
N VAL J 666 -70.02 17.72 -84.05
CA VAL J 666 -69.81 16.62 -83.10
C VAL J 666 -70.55 15.37 -83.56
N LEU J 667 -71.80 15.53 -84.03
CA LEU J 667 -72.55 14.39 -84.53
C LEU J 667 -71.89 13.80 -85.77
N MET J 668 -71.36 14.65 -86.65
CA MET J 668 -70.67 14.16 -87.84
C MET J 668 -69.38 13.45 -87.48
N ALA J 669 -68.72 13.88 -86.40
CA ALA J 669 -67.46 13.25 -85.99
C ALA J 669 -67.68 11.79 -85.61
N PHE J 670 -68.76 11.50 -84.88
CA PHE J 670 -69.05 10.13 -84.50
C PHE J 670 -69.28 9.24 -85.72
N TYR J 671 -70.03 9.76 -86.71
CA TYR J 671 -70.26 8.99 -87.93
C TYR J 671 -68.99 8.86 -88.76
N GLN J 672 -68.19 9.93 -88.82
CA GLN J 672 -66.95 9.87 -89.57
C GLN J 672 -65.96 8.88 -88.94
N LEU J 673 -65.90 8.84 -87.62
CA LEU J 673 -65.01 7.94 -86.91
C LEU J 673 -65.61 6.55 -86.70
N GLU J 674 -66.84 6.33 -87.18
CA GLU J 674 -67.53 5.05 -87.08
C GLU J 674 -67.81 4.64 -85.64
N ILE J 675 -67.68 5.57 -84.70
CA ILE J 675 -68.04 5.27 -83.31
C ILE J 675 -69.54 5.08 -83.18
N LEU J 676 -70.32 5.98 -83.78
CA LEU J 676 -71.77 5.87 -83.85
C LEU J 676 -72.19 5.65 -85.30
N ALA J 677 -72.98 4.62 -85.54
CA ALA J 677 -73.39 4.28 -86.90
C ALA J 677 -74.37 5.32 -87.43
N GLU J 678 -74.63 5.23 -88.74
CA GLU J 678 -75.59 6.13 -89.37
C GLU J 678 -76.98 5.94 -88.79
N GLU J 679 -77.38 4.69 -88.55
CA GLU J 679 -78.66 4.43 -87.91
C GLU J 679 -78.69 4.92 -86.47
N THR J 680 -77.53 4.89 -85.79
CA THR J 680 -77.46 5.39 -84.42
C THR J 680 -77.76 6.88 -84.36
N ILE J 681 -77.22 7.65 -85.32
CA ILE J 681 -77.52 9.07 -85.37
C ILE J 681 -78.99 9.31 -85.65
N LEU J 682 -79.56 8.54 -86.60
CA LEU J 682 -80.99 8.67 -86.89
C LEU J 682 -81.83 8.28 -85.69
N SER J 683 -81.46 7.20 -85.00
CA SER J 683 -82.20 6.79 -83.82
C SER J 683 -82.12 7.83 -82.71
N TRP J 684 -80.93 8.41 -82.51
CA TRP J 684 -80.78 9.45 -81.49
C TRP J 684 -81.58 10.70 -81.87
N PHE J 685 -81.56 11.08 -83.15
CA PHE J 685 -82.32 12.25 -83.57
C PHE J 685 -83.82 12.01 -83.46
N SER J 686 -84.28 10.81 -83.82
CA SER J 686 -85.71 10.51 -83.74
C SER J 686 -86.19 10.52 -82.30
N GLN J 687 -85.41 9.96 -81.38
CA GLN J 687 -85.79 9.93 -79.98
C GLN J 687 -85.70 11.33 -79.38
N ARG J 688 -86.73 11.72 -78.64
CA ARG J 688 -86.76 13.04 -78.01
C ARG J 688 -86.88 12.92 -76.50
N ASP J 692 -88.75 17.41 -76.69
CA ASP J 692 -88.35 17.96 -75.39
C ASP J 692 -87.35 19.09 -75.56
N LYS J 693 -86.73 19.50 -74.46
CA LYS J 693 -85.73 20.56 -74.51
C LYS J 693 -84.53 20.13 -75.35
N GLY J 694 -84.08 18.90 -75.19
CA GLY J 694 -82.98 18.40 -76.00
C GLY J 694 -83.36 18.30 -77.48
N GLN J 695 -84.61 17.92 -77.76
CA GLN J 695 -85.06 17.84 -79.14
C GLN J 695 -85.06 19.21 -79.81
N GLN J 696 -85.43 20.25 -79.07
CA GLN J 696 -85.42 21.60 -79.64
C GLN J 696 -84.01 22.02 -80.03
N LEU J 697 -83.02 21.69 -79.20
CA LEU J 697 -81.63 21.94 -79.57
C LEU J 697 -81.24 21.13 -80.81
N ARG J 698 -81.68 19.87 -80.87
CA ARG J 698 -81.44 19.05 -82.04
C ARG J 698 -82.31 19.43 -83.23
N LYS J 699 -83.30 20.29 -83.03
CA LYS J 699 -84.17 20.76 -84.11
C LYS J 699 -83.62 21.99 -84.82
N ASN J 700 -82.43 22.44 -84.47
CA ASN J 700 -81.85 23.62 -85.10
C ASN J 700 -81.49 23.34 -86.55
N GLN J 701 -81.31 24.42 -87.32
CA GLN J 701 -80.98 24.28 -88.72
C GLN J 701 -79.64 23.59 -88.92
N GLN J 702 -78.65 23.91 -88.08
CA GLN J 702 -77.35 23.27 -88.19
C GLN J 702 -77.44 21.77 -87.94
N LEU J 703 -78.20 21.36 -86.92
CA LEU J 703 -78.39 19.94 -86.67
C LEU J 703 -79.19 19.28 -87.79
N GLN J 704 -80.23 19.97 -88.28
CA GLN J 704 -81.03 19.42 -89.37
C GLN J 704 -80.21 19.29 -90.65
N ARG J 705 -79.38 20.30 -90.95
CA ARG J 705 -78.56 20.24 -92.16
C ARG J 705 -77.58 19.08 -92.11
N PHE J 706 -76.97 18.84 -90.95
CA PHE J 706 -76.01 17.75 -90.83
C PHE J 706 -76.69 16.41 -91.05
N ILE J 707 -77.90 16.22 -90.50
CA ILE J 707 -78.62 14.97 -90.69
C ILE J 707 -78.97 14.75 -92.16
N GLN J 708 -79.46 15.80 -92.82
CA GLN J 708 -79.81 15.69 -94.23
C GLN J 708 -78.58 15.43 -95.08
N TRP J 709 -77.47 16.13 -94.80
CA TRP J 709 -76.24 15.91 -95.56
C TRP J 709 -75.69 14.51 -95.34
N LEU J 710 -75.71 14.03 -94.10
CA LEU J 710 -75.20 12.69 -93.81
C LEU J 710 -76.06 11.63 -94.49
N LYS J 711 -77.38 11.79 -94.45
CA LYS J 711 -78.26 10.82 -95.10
C LYS J 711 -78.06 10.79 -96.61
N GLU J 712 -77.92 11.96 -97.22
CA GLU J 712 -77.72 12.02 -98.67
C GLU J 712 -76.34 11.47 -99.05
N ALA J 713 -75.31 11.82 -98.28
CA ALA J 713 -73.97 11.33 -98.58
C ALA J 713 -73.88 9.82 -98.43
N GLU J 714 -74.52 9.27 -97.39
CA GLU J 714 -74.49 7.83 -97.19
C GLU J 714 -75.22 7.10 -98.32
N GLU J 715 -76.35 7.64 -98.76
CA GLU J 715 -77.11 7.02 -99.84
C GLU J 715 -78.55 7.52 -99.84
N MET K 1 44.96 -1.76 8.59
CA MET K 1 45.48 -0.44 8.26
C MET K 1 46.79 -0.56 7.49
N ASN K 2 47.15 0.50 6.77
CA ASN K 2 48.38 0.48 5.98
C ASN K 2 49.63 0.54 6.85
N SER K 3 49.52 1.04 8.07
CA SER K 3 50.68 1.13 8.95
C SER K 3 51.06 -0.21 9.54
N GLN K 4 50.16 -1.20 9.51
CA GLN K 4 50.41 -2.50 10.10
C GLN K 4 50.94 -3.53 9.11
N TYR K 5 51.10 -3.17 7.84
CA TYR K 5 51.57 -4.12 6.85
C TYR K 5 53.05 -4.43 7.06
N MET K 6 53.40 -5.71 7.02
CA MET K 6 54.77 -6.16 7.18
C MET K 6 55.24 -6.85 5.91
N PHE K 7 56.53 -6.72 5.62
CA PHE K 7 57.16 -7.47 4.54
C PHE K 7 57.98 -8.65 5.05
N ASP K 8 58.72 -8.46 6.14
CA ASP K 8 59.45 -9.53 6.79
C ASP K 8 59.23 -9.45 8.29
N TYR K 9 59.12 -10.62 8.91
CA TYR K 9 58.88 -10.69 10.36
C TYR K 9 60.16 -11.14 11.06
N PRO K 10 60.55 -10.46 12.14
CA PRO K 10 61.73 -10.87 12.91
C PRO K 10 61.38 -11.96 13.92
N ALA K 11 61.88 -13.16 13.67
CA ALA K 11 61.78 -14.25 14.63
C ALA K 11 62.92 -14.14 15.63
N ILE K 12 62.58 -14.07 16.92
CA ILE K 12 63.54 -13.86 17.99
C ILE K 12 63.79 -15.17 18.70
N ASN K 13 65.07 -15.53 18.86
CA ASN K 13 65.46 -16.73 19.58
C ASN K 13 66.35 -16.32 20.74
N ILE K 14 65.97 -16.72 21.95
CA ILE K 14 66.69 -16.38 23.17
C ILE K 14 67.33 -17.66 23.71
N ASP K 15 68.63 -17.58 23.99
CA ASP K 15 69.39 -18.71 24.50
C ASP K 15 69.71 -18.48 25.97
N VAL K 16 69.39 -19.46 26.81
CA VAL K 16 69.68 -19.36 28.24
C VAL K 16 71.18 -19.51 28.47
N ARG K 17 71.72 -18.70 29.39
CA ARG K 17 73.13 -18.65 29.76
C ARG K 17 74.02 -18.14 28.63
N CYS K 18 73.46 -17.85 27.45
CA CYS K 18 74.21 -17.32 26.33
C CYS K 18 73.45 -16.20 25.63
N HIS K 19 72.64 -15.45 26.38
CA HIS K 19 71.87 -14.36 25.78
C HIS K 19 72.79 -13.29 25.22
N ARG K 20 73.88 -12.99 25.91
CA ARG K 20 74.80 -11.96 25.44
C ARG K 20 75.56 -12.39 24.19
N LEU K 21 75.63 -13.68 23.90
CA LEU K 21 76.40 -14.17 22.76
C LEU K 21 75.56 -14.91 21.73
N LEU K 22 74.79 -15.92 22.14
CA LEU K 22 74.24 -16.90 21.22
C LEU K 22 72.78 -16.66 20.86
N SER K 23 72.17 -15.58 21.33
CA SER K 23 70.81 -15.27 20.92
C SER K 23 70.80 -14.85 19.46
N SER K 24 69.60 -14.78 18.87
CA SER K 24 69.54 -14.47 17.45
C SER K 24 68.22 -13.80 17.10
N VAL K 25 68.23 -13.09 15.97
CA VAL K 25 67.04 -12.53 15.34
C VAL K 25 67.13 -12.81 13.85
N SER K 26 66.29 -13.71 13.38
CA SER K 26 66.21 -14.00 11.94
C SER K 26 65.03 -13.25 11.34
N TYR K 27 64.97 -13.21 10.02
CA TYR K 27 63.89 -12.54 9.31
C TYR K 27 63.25 -13.51 8.33
N VAL K 28 61.94 -13.66 8.42
CA VAL K 28 61.20 -14.61 7.60
C VAL K 28 60.20 -13.86 6.72
N ALA K 29 59.91 -14.44 5.56
CA ALA K 29 58.98 -13.82 4.61
C ALA K 29 57.58 -13.79 5.20
N TYR K 30 57.10 -12.59 5.52
CA TYR K 30 55.81 -12.38 6.17
C TYR K 30 55.13 -11.24 5.41
N ASN K 31 54.46 -11.56 4.32
CA ASN K 31 53.81 -10.57 3.46
C ASN K 31 52.32 -10.53 3.77
N LYS K 32 51.98 -9.90 4.90
CA LYS K 32 50.60 -9.79 5.33
C LYS K 32 50.50 -8.69 6.37
N PHE K 33 49.27 -8.36 6.74
CA PHE K 33 49.02 -7.32 7.73
C PHE K 33 49.27 -7.87 9.14
N HIS K 34 50.10 -7.18 9.90
CA HIS K 34 50.39 -7.58 11.26
C HIS K 34 49.29 -7.12 12.20
N THR K 35 49.32 -7.64 13.42
CA THR K 35 48.35 -7.26 14.46
C THR K 35 48.70 -5.95 15.13
N HIS K 36 49.93 -5.44 14.96
CA HIS K 36 50.36 -4.21 15.59
C HIS K 36 51.06 -3.33 14.54
N ASP K 37 51.33 -2.09 14.94
CA ASP K 37 52.01 -1.15 14.06
C ASP K 37 53.48 -1.53 13.91
N VAL K 38 54.13 -0.96 12.91
CA VAL K 38 55.49 -1.30 12.54
C VAL K 38 56.34 -0.03 12.45
N SER K 39 57.55 -0.09 13.01
CA SER K 39 58.53 0.97 12.87
C SER K 39 59.68 0.50 12.00
N THR K 40 60.18 1.39 11.15
CA THR K 40 61.25 1.05 10.21
C THR K 40 62.52 1.80 10.59
N TYR K 41 63.59 1.05 10.85
CA TYR K 41 64.89 1.64 11.17
C TYR K 41 65.96 0.82 10.47
N GLU K 42 66.71 1.47 9.57
CA GLU K 42 67.76 0.82 8.79
C GLU K 42 67.24 -0.42 8.07
N HIS K 43 66.11 -0.24 7.38
CA HIS K 43 65.41 -1.28 6.64
C HIS K 43 64.93 -2.42 7.54
N CYS K 44 65.00 -2.26 8.85
CA CYS K 44 64.56 -3.27 9.80
C CYS K 44 63.18 -2.90 10.33
N GLU K 45 62.30 -3.90 10.38
CA GLU K 45 60.92 -3.71 10.80
C GLU K 45 60.75 -4.20 12.24
N ILE K 46 60.31 -3.32 13.11
CA ILE K 46 60.09 -3.61 14.53
C ILE K 46 58.59 -3.57 14.78
N PRO K 47 57.98 -4.67 15.22
CA PRO K 47 56.54 -4.64 15.55
C PRO K 47 56.33 -3.96 16.89
N LEU K 48 55.53 -2.89 16.89
CA LEU K 48 55.27 -2.10 18.10
C LEU K 48 54.22 -2.84 18.94
N GLU K 49 54.66 -3.90 19.60
CA GLU K 49 53.76 -4.70 20.43
C GLU K 49 53.60 -4.09 21.82
N LYS K 50 54.70 -3.66 22.43
CA LYS K 50 54.64 -2.98 23.72
C LYS K 50 54.69 -1.46 23.59
N LEU K 51 55.13 -0.95 22.45
CA LEU K 51 55.14 0.48 22.18
C LEU K 51 53.99 0.84 21.25
N ARG K 52 53.82 2.14 21.01
CA ARG K 52 52.76 2.64 20.15
C ARG K 52 53.33 3.62 19.14
N LEU K 53 52.71 3.65 17.97
CA LEU K 53 53.18 4.53 16.90
C LEU K 53 53.06 5.99 17.33
N GLY K 54 54.06 6.78 16.94
CA GLY K 54 54.04 8.20 17.22
C GLY K 54 54.21 9.03 15.97
N PHE K 55 53.77 10.29 16.01
CA PHE K 55 53.78 11.15 14.84
C PHE K 55 54.49 12.46 15.17
N GLY K 56 54.97 13.11 14.14
CA GLY K 56 55.69 14.36 14.26
C GLY K 56 57.12 14.24 13.75
N ARG K 57 57.83 15.36 13.83
CA ARG K 57 59.21 15.46 13.38
C ARG K 57 60.08 16.02 14.51
N ARG K 58 59.94 15.45 15.70
CA ARG K 58 60.64 15.92 16.87
C ARG K 58 62.13 15.60 16.76
N ASN K 59 62.87 15.96 17.80
CA ASN K 59 64.27 15.57 17.98
C ASN K 59 64.39 14.75 19.26
N SER K 60 65.61 14.26 19.52
CA SER K 60 65.93 13.64 20.81
C SER K 60 64.98 12.46 21.10
N LEU K 61 65.22 11.38 20.34
CA LEU K 61 64.37 10.20 20.27
C LEU K 61 63.81 9.79 21.63
N ALA K 62 64.52 10.12 22.71
CA ALA K 62 63.98 9.91 24.05
C ALA K 62 62.63 10.61 24.26
N ASP K 63 62.34 11.64 23.48
CA ASP K 63 61.02 12.28 23.57
C ASP K 63 59.88 11.36 23.15
N PHE K 64 60.19 10.26 22.45
CA PHE K 64 59.15 9.34 22.01
C PHE K 64 58.85 8.29 23.08
N TYR K 65 59.84 7.48 23.44
CA TYR K 65 59.58 6.42 24.41
C TYR K 65 59.38 6.93 25.83
N SER K 66 59.67 8.21 26.08
CA SER K 66 59.24 8.81 27.34
C SER K 66 57.72 8.85 27.43
N LEU K 67 57.06 9.09 26.30
CA LEU K 67 55.61 9.07 26.21
C LEU K 67 55.06 7.69 25.87
N GLY K 68 55.91 6.66 25.90
CA GLY K 68 55.47 5.34 25.51
C GLY K 68 55.27 5.17 24.03
N GLU K 69 55.91 6.00 23.21
CA GLU K 69 55.74 5.99 21.76
C GLU K 69 57.04 5.61 21.07
N LEU K 70 56.95 5.41 19.76
CA LEU K 70 58.11 5.16 18.92
C LEU K 70 57.80 5.69 17.53
N PRO K 71 58.73 6.36 16.87
CA PRO K 71 58.42 6.93 15.55
C PRO K 71 58.23 5.85 14.50
N ALA K 72 57.46 6.21 13.47
CA ALA K 72 57.23 5.27 12.37
C ALA K 72 58.52 4.94 11.64
N SER K 73 59.37 5.93 11.43
CA SER K 73 60.64 5.71 10.75
C SER K 73 61.61 6.82 11.13
N TRP K 74 62.86 6.45 11.37
CA TRP K 74 63.90 7.42 11.69
C TRP K 74 65.25 6.80 11.40
N GLY K 75 66.26 7.66 11.25
CA GLY K 75 67.60 7.22 11.00
C GLY K 75 68.13 7.65 9.65
N PRO K 76 69.40 7.35 9.38
CA PRO K 76 70.00 7.75 8.09
C PRO K 76 69.29 7.19 6.88
N ALA K 77 68.75 5.97 6.96
CA ALA K 77 68.05 5.39 5.82
C ALA K 77 66.76 6.11 5.50
N CYS K 78 66.24 6.91 6.42
CA CYS K 78 65.02 7.68 6.19
C CYS K 78 65.36 9.04 5.60
N TYR K 79 64.74 9.35 4.46
CA TYR K 79 64.98 10.64 3.82
C TYR K 79 64.45 11.79 4.66
N PHE K 80 63.33 11.58 5.35
CA PHE K 80 62.66 12.63 6.11
C PHE K 80 62.64 12.25 7.57
N SER K 81 63.79 11.85 8.11
CA SER K 81 63.87 11.31 9.46
C SER K 81 63.29 12.30 10.47
N SER K 82 62.62 11.75 11.49
CA SER K 82 61.89 12.54 12.48
C SER K 82 62.62 12.57 13.82
N VAL K 83 63.96 12.62 13.79
CA VAL K 83 64.74 12.77 15.00
C VAL K 83 65.80 13.85 14.83
N LYS K 84 65.64 14.70 13.79
CA LYS K 84 66.53 15.84 13.55
C LYS K 84 67.99 15.42 13.51
N PRO K 85 68.44 14.83 12.39
CA PRO K 85 69.74 14.15 12.38
C PRO K 85 70.91 15.04 12.75
N MET K 86 71.89 14.42 13.43
CA MET K 86 73.19 15.01 13.68
C MET K 86 74.26 13.99 13.28
N MET K 87 75.54 14.36 13.46
CA MET K 87 76.62 13.66 12.78
C MET K 87 77.41 12.70 13.68
N TYR K 88 77.61 13.03 14.96
CA TYR K 88 78.45 12.24 15.86
C TYR K 88 79.88 12.14 15.32
N THR K 89 80.54 13.29 15.27
CA THR K 89 81.84 13.43 14.63
C THR K 89 82.96 12.80 15.48
N PHE K 90 82.88 11.48 15.64
CA PHE K 90 83.96 10.74 16.29
C PHE K 90 84.19 9.39 15.61
N GLN K 91 83.57 9.14 14.45
CA GLN K 91 83.58 7.80 13.86
C GLN K 91 84.87 7.46 13.13
N GLY K 92 85.80 8.41 12.99
CA GLY K 92 87.05 8.11 12.33
C GLY K 92 87.85 7.04 13.04
N MET K 93 87.89 7.11 14.38
CA MET K 93 88.59 6.09 15.15
C MET K 93 87.96 4.73 14.97
N ALA K 94 86.62 4.66 14.95
CA ALA K 94 85.95 3.39 14.73
C ALA K 94 86.25 2.83 13.35
N SER K 95 86.24 3.69 12.33
CA SER K 95 86.54 3.22 10.98
C SER K 95 87.98 2.71 10.89
N ASP K 96 88.92 3.41 11.52
CA ASP K 96 90.31 2.96 11.51
C ASP K 96 90.47 1.64 12.26
N LEU K 97 89.82 1.49 13.41
CA LEU K 97 89.99 0.32 14.25
C LEU K 97 89.19 -0.88 13.78
N SER K 98 88.24 -0.68 12.85
CA SER K 98 87.44 -1.80 12.36
C SER K 98 88.30 -2.93 11.79
N ARG K 99 89.45 -2.60 11.20
CA ARG K 99 90.31 -3.64 10.64
C ARG K 99 90.95 -4.52 11.71
N PHE K 100 91.04 -4.03 12.94
CA PHE K 100 91.62 -4.81 14.01
C PHE K 100 90.67 -5.93 14.45
N ASP K 101 91.22 -6.90 15.16
CA ASP K 101 90.47 -8.02 15.70
C ASP K 101 90.38 -7.90 17.21
N LEU K 102 89.68 -8.86 17.83
CA LEU K 102 89.53 -8.86 19.28
C LEU K 102 90.88 -9.01 19.98
N THR K 103 91.73 -9.88 19.46
CA THR K 103 93.05 -10.12 20.04
C THR K 103 94.00 -8.97 19.70
N PRO K 111 95.00 -6.42 29.39
CA PRO K 111 95.19 -5.02 29.78
C PRO K 111 93.87 -4.28 29.93
N ASN K 112 93.94 -2.94 30.00
CA ASN K 112 92.74 -2.13 30.16
C ASN K 112 91.89 -2.09 28.89
N VAL K 113 92.47 -2.47 27.76
CA VAL K 113 91.73 -2.42 26.49
C VAL K 113 90.55 -3.38 26.50
N LEU K 114 90.76 -4.60 27.01
CA LEU K 114 89.69 -5.58 27.05
C LEU K 114 88.55 -5.12 27.94
N LYS K 115 88.86 -4.56 29.11
CA LYS K 115 87.82 -4.03 29.99
C LYS K 115 87.12 -2.85 29.34
N ALA K 116 87.87 -2.00 28.65
CA ALA K 116 87.29 -0.83 28.01
C ALA K 116 86.28 -1.23 26.93
N LEU K 117 86.61 -2.23 26.13
CA LEU K 117 85.72 -2.66 25.07
C LEU K 117 84.77 -3.79 25.50
N SER K 118 84.79 -4.17 26.78
CA SER K 118 83.82 -5.14 27.28
C SER K 118 82.40 -4.63 27.15
N TRP K 119 82.20 -3.32 27.35
CA TRP K 119 80.90 -2.72 27.13
C TRP K 119 80.51 -2.84 25.65
N PRO K 120 79.21 -2.97 25.34
CA PRO K 120 78.04 -3.03 26.21
C PRO K 120 77.54 -4.42 26.55
N LEU K 121 78.07 -5.44 25.87
CA LEU K 121 77.60 -6.80 26.06
C LEU K 121 78.00 -7.39 27.40
N GLY K 122 78.88 -6.71 28.15
CA GLY K 122 79.46 -7.28 29.34
C GLY K 122 80.58 -8.25 29.08
N ILE K 123 80.83 -8.60 27.82
CA ILE K 123 81.92 -9.47 27.39
C ILE K 123 82.67 -8.70 26.32
N PRO K 124 83.99 -8.80 26.23
CA PRO K 124 84.71 -8.11 25.15
C PRO K 124 84.22 -8.54 23.78
N ASP K 125 84.10 -7.56 22.89
CA ASP K 125 83.59 -7.81 21.54
C ASP K 125 84.13 -6.72 20.62
N CYS K 126 84.12 -7.03 19.32
CA CYS K 126 84.64 -6.08 18.32
C CYS K 126 83.77 -6.00 17.07
N GLU K 127 82.61 -6.67 17.03
CA GLU K 127 81.76 -6.59 15.85
C GLU K 127 81.12 -5.23 15.68
N ILE K 128 81.05 -4.42 16.74
CA ILE K 128 80.54 -3.06 16.61
C ILE K 128 81.43 -2.23 15.70
N PHE K 129 82.75 -2.47 15.74
CA PHE K 129 83.65 -1.77 14.83
C PHE K 129 83.38 -2.17 13.39
N SER K 130 83.11 -3.45 13.15
CA SER K 130 82.73 -3.89 11.80
C SER K 130 81.43 -3.24 11.35
N ILE K 131 80.48 -3.09 12.29
CA ILE K 131 79.22 -2.41 11.96
C ILE K 131 79.48 -0.96 11.59
N CYS K 132 80.34 -0.28 12.34
CA CYS K 132 80.61 1.14 12.11
C CYS K 132 81.66 1.38 11.03
N SER K 133 82.18 0.33 10.41
CA SER K 133 83.20 0.51 9.38
C SER K 133 82.63 1.26 8.17
N ASP K 134 83.49 2.05 7.53
CA ASP K 134 83.07 2.80 6.35
C ASP K 134 82.73 1.87 5.19
N ARG K 135 83.36 0.68 5.14
CA ARG K 135 83.07 -0.30 4.11
C ARG K 135 81.96 -1.25 4.54
N PHE K 136 80.84 -0.67 4.97
CA PHE K 136 79.69 -1.43 5.46
C PHE K 136 78.43 -0.75 4.96
N VAL K 137 77.69 -1.43 4.08
CA VAL K 137 76.45 -0.91 3.54
C VAL K 137 75.29 -1.55 4.27
N ARG K 138 74.31 -0.74 4.67
CA ARG K 138 73.15 -1.22 5.41
C ARG K 138 72.04 -1.54 4.41
N GLY K 139 71.85 -2.82 4.14
CA GLY K 139 70.83 -3.29 3.22
C GLY K 139 69.95 -4.35 3.88
N LEU K 140 69.47 -5.27 3.04
CA LEU K 140 68.61 -6.34 3.53
C LEU K 140 69.41 -7.38 4.29
N GLN K 141 70.63 -7.67 3.83
CA GLN K 141 71.44 -8.72 4.45
C GLN K 141 71.97 -8.32 5.82
N THR K 142 72.02 -7.03 6.12
CA THR K 142 72.55 -6.56 7.40
C THR K 142 71.50 -6.39 8.47
N ARG K 143 70.23 -6.68 8.17
CA ARG K 143 69.17 -6.54 9.17
C ARG K 143 69.39 -7.50 10.33
N ASP K 144 69.74 -8.75 10.03
CA ASP K 144 69.87 -9.76 11.07
C ASP K 144 70.96 -9.39 12.07
N GLN K 145 72.11 -8.93 11.58
CA GLN K 145 73.23 -8.61 12.48
C GLN K 145 72.88 -7.44 13.40
N LEU K 146 72.32 -6.38 12.83
CA LEU K 146 71.99 -5.20 13.64
C LEU K 146 70.93 -5.52 14.67
N MET K 147 69.87 -6.23 14.25
CA MET K 147 68.80 -6.56 15.21
C MET K 147 69.30 -7.54 16.26
N SER K 148 70.15 -8.48 15.89
CA SER K 148 70.74 -9.37 16.88
C SER K 148 71.56 -8.59 17.90
N TYR K 149 72.39 -7.66 17.43
CA TYR K 149 73.19 -6.86 18.34
C TYR K 149 72.31 -6.06 19.30
N ILE K 150 71.25 -5.45 18.78
CA ILE K 150 70.32 -4.73 19.64
C ILE K 150 69.70 -5.69 20.65
N LEU K 151 69.41 -6.92 20.25
CA LEU K 151 68.86 -7.90 21.17
C LEU K 151 69.85 -8.27 22.27
N ARG K 152 71.13 -8.41 21.92
CA ARG K 152 72.14 -8.60 22.96
C ARG K 152 72.12 -7.46 23.95
N MET K 153 72.12 -6.22 23.44
CA MET K 153 72.36 -5.06 24.28
C MET K 153 71.26 -4.89 25.33
N GLY K 154 70.00 -5.11 24.94
CA GLY K 154 68.90 -5.03 25.87
C GLY K 154 68.57 -6.36 26.52
N ASP K 155 67.73 -6.31 27.54
CA ASP K 155 67.29 -7.48 28.28
C ASP K 155 65.76 -7.54 28.23
N SER K 156 65.23 -8.15 27.17
CA SER K 156 63.80 -8.29 26.98
C SER K 156 63.56 -9.24 25.81
N HIS K 157 62.30 -9.60 25.60
CA HIS K 157 61.89 -10.41 24.45
C HIS K 157 61.18 -9.56 23.40
N SER K 158 61.12 -8.25 23.59
CA SER K 158 60.49 -7.34 22.65
C SER K 158 61.56 -6.45 22.04
N LEU K 159 61.59 -6.40 20.70
CA LEU K 159 62.67 -5.69 20.02
C LEU K 159 62.57 -4.18 20.24
N ASP K 160 61.36 -3.63 20.28
CA ASP K 160 61.20 -2.21 20.56
C ASP K 160 61.68 -1.87 21.97
N GLU K 161 61.35 -2.74 22.94
CA GLU K 161 61.86 -2.55 24.30
C GLU K 161 63.38 -2.65 24.31
N CYS K 162 63.94 -3.52 23.47
CA CYS K 162 65.40 -3.60 23.37
C CYS K 162 66.00 -2.30 22.85
N ILE K 163 65.35 -1.69 21.85
CA ILE K 163 65.81 -0.41 21.32
C ILE K 163 65.76 0.66 22.41
N VAL K 164 64.65 0.70 23.16
CA VAL K 164 64.50 1.70 24.22
C VAL K 164 65.58 1.51 25.28
N GLN K 165 65.82 0.26 25.69
CA GLN K 165 66.86 -0.01 26.68
C GLN K 165 68.24 0.33 26.14
N ALA K 166 68.47 0.12 24.85
CA ALA K 166 69.75 0.48 24.25
C ALA K 166 69.98 1.98 24.34
N HIS K 167 68.95 2.77 24.01
CA HIS K 167 69.11 4.22 24.09
C HIS K 167 69.28 4.67 25.54
N LYS K 168 68.58 4.03 26.47
CA LYS K 168 68.77 4.36 27.88
C LYS K 168 70.19 4.05 28.35
N LYS K 169 70.74 2.93 27.89
CA LYS K 169 72.13 2.60 28.24
C LYS K 169 73.10 3.62 27.67
N ILE K 170 72.85 4.05 26.42
CA ILE K 170 73.69 5.08 25.82
C ILE K 170 73.64 6.36 26.65
N LEU K 171 72.43 6.77 27.03
CA LEU K 171 72.28 7.98 27.84
C LEU K 171 72.94 7.82 29.21
N GLN K 172 72.88 6.60 29.77
CA GLN K 172 73.48 6.37 31.08
C GLN K 172 75.00 6.50 31.02
N GLU K 173 75.63 5.95 29.98
CA GLU K 173 77.08 6.19 29.86
C GLU K 173 77.39 7.64 29.51
N ALA K 174 76.50 8.31 28.78
CA ALA K 174 76.70 9.74 28.53
C ALA K 174 76.72 10.52 29.83
N ARG K 175 75.81 10.18 30.75
CA ARG K 175 75.85 10.77 32.09
C ARG K 175 77.12 10.39 32.84
N ARG K 176 77.54 9.12 32.75
CA ARG K 176 78.70 8.66 33.49
C ARG K 176 79.98 9.34 33.01
N LEU K 177 80.04 9.71 31.72
CA LEU K 177 81.22 10.33 31.16
C LEU K 177 81.05 11.82 30.84
N GLY K 178 79.82 12.34 30.92
CA GLY K 178 79.60 13.75 30.71
C GLY K 178 79.88 14.23 29.29
N LEU K 179 79.06 13.78 28.33
CA LEU K 179 79.25 14.10 26.92
C LEU K 179 78.12 14.95 26.35
N SER K 180 77.37 15.67 27.19
CA SER K 180 76.35 16.60 26.73
C SER K 180 75.30 15.90 25.87
N ASP K 181 74.52 15.05 26.54
CA ASP K 181 73.61 14.10 25.90
C ASP K 181 72.71 14.71 24.84
N GLU K 182 72.60 16.05 24.81
CA GLU K 182 71.94 16.71 23.69
C GLU K 182 72.61 16.36 22.38
N HIS K 183 73.90 16.04 22.41
CA HIS K 183 74.63 15.58 21.23
C HIS K 183 74.44 14.10 20.95
N TYR K 184 73.64 13.40 21.75
CA TYR K 184 73.33 11.99 21.52
C TYR K 184 71.82 11.84 21.60
N ASN K 185 71.14 12.05 20.48
CA ASN K 185 69.69 12.03 20.42
C ASN K 185 69.11 10.68 20.00
N GLY K 186 69.95 9.69 19.75
CA GLY K 186 69.46 8.41 19.26
C GLY K 186 69.14 8.36 17.79
N TYR K 187 69.61 9.34 17.00
CA TYR K 187 69.36 9.35 15.57
C TYR K 187 69.96 8.11 14.90
N ASP K 188 71.19 7.76 15.27
CA ASP K 188 71.81 6.52 14.80
C ASP K 188 72.41 5.84 16.02
N LEU K 189 71.79 4.73 16.45
CA LEU K 189 72.23 4.05 17.65
C LEU K 189 73.65 3.52 17.50
N PHE K 190 73.96 2.95 16.33
CA PHE K 190 75.26 2.30 16.15
C PHE K 190 76.39 3.32 16.09
N ARG K 191 76.15 4.48 15.47
CA ARG K 191 77.16 5.52 15.47
C ARG K 191 77.46 6.00 16.90
N GLU K 192 76.42 6.18 17.70
CA GLU K 192 76.63 6.58 19.10
C GLU K 192 77.38 5.50 19.86
N ILE K 193 77.03 4.23 19.64
CA ILE K 193 77.71 3.14 20.34
C ILE K 193 79.18 3.12 19.98
N GLY K 194 79.49 3.26 18.69
CA GLY K 194 80.87 3.29 18.27
C GLY K 194 81.63 4.47 18.84
N SER K 195 80.99 5.64 18.88
CA SER K 195 81.64 6.83 19.43
C SER K 195 81.96 6.63 20.91
N LEU K 196 80.99 6.15 21.68
CA LEU K 196 81.24 5.91 23.10
C LEU K 196 82.32 4.85 23.32
N VAL K 197 82.28 3.77 22.54
CA VAL K 197 83.26 2.70 22.71
C VAL K 197 84.66 3.22 22.40
N CYS K 198 84.81 3.96 21.30
CA CYS K 198 86.12 4.49 20.93
C CYS K 198 86.61 5.49 21.97
N LEU K 199 85.74 6.38 22.45
CA LEU K 199 86.15 7.35 23.45
C LEU K 199 86.57 6.68 24.74
N ARG K 200 85.84 5.63 25.14
CA ARG K 200 86.22 4.88 26.33
C ARG K 200 87.55 4.17 26.15
N LEU K 201 87.79 3.63 24.95
CA LEU K 201 89.07 2.97 24.68
C LEU K 201 90.23 3.97 24.75
N ILE K 202 90.05 5.16 24.16
CA ILE K 202 91.12 6.16 24.17
C ILE K 202 91.22 6.90 25.48
N ASN K 203 90.26 6.72 26.39
CA ASN K 203 90.34 7.36 27.70
C ASN K 203 91.11 6.52 28.71
N ALA K 204 91.12 5.21 28.54
CA ALA K 204 91.83 4.32 29.46
C ALA K 204 92.36 3.09 28.74
N MET L 1 -8.31 40.18 10.21
CA MET L 1 -9.75 39.95 10.09
C MET L 1 -10.46 41.16 10.67
N ASN L 2 -9.67 42.06 11.28
CA ASN L 2 -10.22 43.30 11.82
C ASN L 2 -10.84 44.18 10.74
N SER L 3 -10.51 43.94 9.48
CA SER L 3 -11.06 44.74 8.39
C SER L 3 -12.56 44.54 8.21
N GLN L 4 -13.11 43.45 8.74
CA GLN L 4 -14.52 43.13 8.57
C GLN L 4 -15.40 43.66 9.68
N TYR L 5 -14.82 44.29 10.71
CA TYR L 5 -15.62 44.81 11.81
C TYR L 5 -16.41 46.03 11.37
N MET L 6 -17.65 46.12 11.83
CA MET L 6 -18.53 47.25 11.53
C MET L 6 -19.09 47.83 12.82
N PHE L 7 -19.44 49.11 12.75
CA PHE L 7 -20.17 49.78 13.83
C PHE L 7 -21.63 50.01 13.48
N ASP L 8 -21.92 50.39 12.24
CA ASP L 8 -23.27 50.62 11.77
C ASP L 8 -23.48 49.93 10.43
N TYR L 9 -24.59 49.23 10.29
CA TYR L 9 -24.92 48.54 9.05
C TYR L 9 -25.95 49.33 8.26
N PRO L 10 -25.70 49.57 6.98
CA PRO L 10 -26.68 50.26 6.12
C PRO L 10 -27.71 49.29 5.56
N ALA L 11 -28.94 49.39 6.04
CA ALA L 11 -30.05 48.67 5.46
C ALA L 11 -30.62 49.46 4.30
N ILE L 12 -30.86 48.78 3.18
CA ILE L 12 -31.26 49.40 1.93
C ILE L 12 -32.72 49.07 1.66
N ASN L 13 -33.52 50.10 1.39
CA ASN L 13 -34.93 49.93 1.05
C ASN L 13 -35.16 50.56 -0.32
N ILE L 14 -35.29 49.72 -1.34
CA ILE L 14 -35.45 50.18 -2.72
C ILE L 14 -36.94 50.23 -3.06
N ASP L 15 -37.38 51.35 -3.59
CA ASP L 15 -38.78 51.56 -3.95
C ASP L 15 -38.94 51.35 -5.45
N VAL L 16 -39.75 50.36 -5.83
CA VAL L 16 -40.02 50.12 -7.24
C VAL L 16 -40.89 51.22 -7.82
N ARG L 17 -41.75 51.83 -7.01
CA ARG L 17 -42.63 52.88 -7.50
C ARG L 17 -41.82 54.09 -7.96
N CYS L 18 -40.89 54.57 -7.13
CA CYS L 18 -40.02 55.70 -7.48
C CYS L 18 -38.62 55.38 -6.96
N HIS L 19 -37.80 54.78 -7.83
CA HIS L 19 -36.43 54.46 -7.43
C HIS L 19 -35.58 55.71 -7.26
N ARG L 20 -35.98 56.82 -7.89
CA ARG L 20 -35.20 58.04 -7.82
C ARG L 20 -35.70 58.99 -6.74
N LEU L 21 -37.01 59.22 -6.67
CA LEU L 21 -37.55 60.11 -5.65
C LEU L 21 -37.62 59.45 -4.28
N LEU L 22 -37.76 58.13 -4.23
CA LEU L 22 -37.86 57.36 -3.00
C LEU L 22 -36.69 56.38 -2.93
N SER L 23 -36.78 55.45 -1.97
CA SER L 23 -35.76 54.44 -1.68
C SER L 23 -34.63 55.08 -0.89
N SER L 24 -34.23 54.46 0.22
CA SER L 24 -33.33 55.10 1.17
C SER L 24 -32.45 54.07 1.87
N VAL L 25 -31.34 54.56 2.41
CA VAL L 25 -30.41 53.77 3.19
C VAL L 25 -30.47 54.26 4.64
N SER L 26 -30.75 53.35 5.56
CA SER L 26 -30.85 53.67 6.97
C SER L 26 -29.79 52.91 7.74
N TYR L 27 -29.05 53.61 8.59
CA TYR L 27 -27.96 53.00 9.34
C TYR L 27 -28.46 52.52 10.70
N VAL L 28 -28.18 51.26 11.01
CA VAL L 28 -28.62 50.66 12.27
C VAL L 28 -27.40 50.19 13.04
N ALA L 29 -27.56 50.10 14.37
CA ALA L 29 -26.46 49.71 15.23
C ALA L 29 -26.08 48.26 14.97
N TYR L 30 -24.85 48.05 14.49
CA TYR L 30 -24.34 46.72 14.14
C TYR L 30 -22.90 46.65 14.63
N ASN L 31 -22.73 46.27 15.90
CA ASN L 31 -21.40 46.23 16.53
C ASN L 31 -20.88 44.79 16.57
N LYS L 32 -20.60 44.27 15.38
CA LYS L 32 -20.07 42.91 15.27
C LYS L 32 -19.32 42.79 13.95
N PHE L 33 -18.51 41.74 13.87
CA PHE L 33 -17.73 41.49 12.66
C PHE L 33 -18.66 41.08 11.51
N HIS L 34 -18.48 41.71 10.36
CA HIS L 34 -19.30 41.42 9.20
C HIS L 34 -18.71 40.24 8.42
N THR L 35 -19.51 39.69 7.51
CA THR L 35 -19.07 38.59 6.67
C THR L 35 -18.16 39.04 5.53
N HIS L 36 -18.08 40.34 5.26
CA HIS L 36 -17.29 40.87 4.16
C HIS L 36 -16.45 42.05 4.65
N ASP L 37 -15.52 42.49 3.80
CA ASP L 37 -14.70 43.64 4.11
C ASP L 37 -15.52 44.92 4.05
N VAL L 38 -14.96 45.99 4.61
CA VAL L 38 -15.68 47.24 4.83
C VAL L 38 -14.87 48.40 4.27
N SER L 39 -15.53 49.28 3.54
CA SER L 39 -14.93 50.54 3.09
C SER L 39 -15.56 51.71 3.82
N THR L 40 -14.78 52.77 4.03
CA THR L 40 -15.24 53.93 4.76
C THR L 40 -15.10 55.18 3.90
N TYR L 41 -16.23 55.81 3.59
CA TYR L 41 -16.25 57.05 2.81
C TYR L 41 -17.16 58.05 3.50
N GLU L 42 -16.59 59.17 3.95
CA GLU L 42 -17.33 60.22 4.64
C GLU L 42 -18.10 59.66 5.83
N HIS L 43 -17.40 58.87 6.65
CA HIS L 43 -17.91 58.19 7.83
C HIS L 43 -18.97 57.15 7.49
N CYS L 44 -19.25 56.91 6.21
CA CYS L 44 -20.22 55.93 5.78
C CYS L 44 -19.52 54.60 5.52
N GLU L 45 -20.12 53.52 6.03
CA GLU L 45 -19.56 52.19 5.88
C GLU L 45 -20.27 51.45 4.75
N ILE L 46 -19.48 50.99 3.78
CA ILE L 46 -19.96 50.24 2.62
C ILE L 46 -19.47 48.80 2.78
N PRO L 47 -20.37 47.82 2.90
CA PRO L 47 -19.94 46.42 2.94
C PRO L 47 -19.50 45.97 1.54
N LEU L 48 -18.24 45.53 1.43
CA LEU L 48 -17.69 45.11 0.15
C LEU L 48 -18.15 43.70 -0.21
N GLU L 49 -19.46 43.57 -0.42
CA GLU L 49 -20.02 42.27 -0.77
C GLU L 49 -19.71 41.90 -2.21
N LYS L 50 -19.79 42.87 -3.13
CA LYS L 50 -19.52 42.62 -4.54
C LYS L 50 -18.12 43.03 -4.97
N LEU L 51 -17.41 43.81 -4.16
CA LEU L 51 -16.06 44.25 -4.47
C LEU L 51 -15.10 43.70 -3.42
N ARG L 52 -13.81 44.01 -3.59
CA ARG L 52 -12.76 43.50 -2.71
C ARG L 52 -11.92 44.66 -2.18
N LEU L 53 -11.45 44.49 -0.95
CA LEU L 53 -10.63 45.51 -0.31
C LEU L 53 -9.33 45.73 -1.10
N GLY L 54 -8.93 46.98 -1.24
CA GLY L 54 -7.71 47.31 -1.95
C GLY L 54 -6.70 48.05 -1.12
N PHE L 55 -5.45 48.10 -1.59
CA PHE L 55 -4.37 48.74 -0.86
C PHE L 55 -3.55 49.60 -1.81
N GLY L 56 -2.89 50.60 -1.26
CA GLY L 56 -2.09 51.54 -2.03
C GLY L 56 -2.68 52.93 -2.01
N ARG L 57 -1.85 53.89 -2.42
CA ARG L 57 -2.21 55.30 -2.43
C ARG L 57 -2.29 55.86 -3.85
N ARG L 58 -2.66 55.03 -4.81
CA ARG L 58 -2.83 55.49 -6.19
C ARG L 58 -4.05 56.39 -6.30
N ASN L 59 -3.99 57.36 -7.22
CA ASN L 59 -5.10 58.26 -7.48
C ASN L 59 -6.12 57.54 -8.38
N SER L 60 -7.09 58.29 -8.91
CA SER L 60 -7.96 57.83 -9.98
C SER L 60 -8.73 56.57 -9.57
N LEU L 61 -9.68 56.77 -8.64
CA LEU L 61 -10.55 55.71 -8.12
C LEU L 61 -11.07 54.79 -9.24
N ALA L 62 -11.12 55.32 -10.46
CA ALA L 62 -11.39 54.51 -11.63
C ALA L 62 -10.45 53.31 -11.71
N ASP L 63 -9.18 53.48 -11.32
CA ASP L 63 -8.28 52.35 -11.34
C ASP L 63 -8.43 51.43 -10.13
N PHE L 64 -9.09 51.90 -9.05
CA PHE L 64 -9.49 50.96 -8.00
C PHE L 64 -10.63 50.06 -8.48
N TYR L 65 -11.67 50.64 -9.07
CA TYR L 65 -12.80 49.79 -9.44
C TYR L 65 -12.66 49.19 -10.83
N SER L 66 -11.59 49.52 -11.56
CA SER L 66 -11.32 48.84 -12.82
C SER L 66 -10.75 47.46 -12.59
N LEU L 67 -10.21 47.21 -11.41
CA LEU L 67 -9.72 45.90 -11.02
C LEU L 67 -10.73 45.13 -10.17
N GLY L 68 -11.96 45.63 -10.07
CA GLY L 68 -12.95 45.02 -9.21
C GLY L 68 -12.75 45.30 -7.73
N GLU L 69 -11.90 46.24 -7.38
CA GLU L 69 -11.52 46.51 -6.00
C GLU L 69 -12.07 47.86 -5.56
N LEU L 70 -11.86 48.18 -4.28
CA LEU L 70 -12.29 49.44 -3.71
C LEU L 70 -11.42 49.74 -2.50
N PRO L 71 -10.99 50.98 -2.30
CA PRO L 71 -10.10 51.27 -1.18
C PRO L 71 -10.80 51.14 0.16
N ALA L 72 -9.98 50.89 1.19
CA ALA L 72 -10.51 50.77 2.55
C ALA L 72 -11.13 52.08 3.02
N SER L 73 -10.49 53.21 2.72
CA SER L 73 -11.02 54.50 3.10
C SER L 73 -10.42 55.56 2.19
N TRP L 74 -11.24 56.55 1.84
CA TRP L 74 -10.80 57.63 0.97
C TRP L 74 -11.73 58.82 1.15
N GLY L 75 -11.28 59.98 0.67
CA GLY L 75 -12.08 61.18 0.71
C GLY L 75 -11.53 62.23 1.65
N PRO L 76 -12.16 63.40 1.67
CA PRO L 76 -11.70 64.48 2.56
C PRO L 76 -11.70 64.10 4.04
N ALA L 77 -12.67 63.30 4.49
CA ALA L 77 -12.73 62.91 5.89
C ALA L 77 -11.58 61.99 6.30
N CYS L 78 -10.84 61.45 5.34
CA CYS L 78 -9.70 60.61 5.64
C CYS L 78 -8.44 61.47 5.71
N TYR L 79 -7.73 61.36 6.85
CA TYR L 79 -6.50 62.12 7.01
C TYR L 79 -5.46 61.72 5.97
N PHE L 80 -5.35 60.42 5.69
CA PHE L 80 -4.37 59.89 4.75
C PHE L 80 -5.15 59.27 3.59
N SER L 81 -5.52 60.10 2.63
CA SER L 81 -6.38 59.64 1.56
C SER L 81 -5.59 58.83 0.53
N SER L 82 -6.30 57.97 -0.19
CA SER L 82 -5.72 57.14 -1.23
C SER L 82 -6.30 57.48 -2.60
N VAL L 83 -6.52 58.78 -2.86
CA VAL L 83 -7.00 59.25 -4.15
C VAL L 83 -6.18 60.43 -4.67
N LYS L 84 -5.17 60.89 -3.92
CA LYS L 84 -4.38 62.06 -4.26
C LYS L 84 -5.30 63.26 -4.47
N PRO L 85 -5.83 63.84 -3.37
CA PRO L 85 -6.89 64.85 -3.45
C PRO L 85 -6.69 65.96 -4.47
N MET L 86 -7.80 66.43 -5.03
CA MET L 86 -7.85 67.63 -5.83
C MET L 86 -9.11 68.41 -5.48
N MET L 87 -9.10 69.71 -5.75
CA MET L 87 -10.05 70.61 -5.14
C MET L 87 -11.38 70.73 -5.88
N TYR L 88 -11.37 70.66 -7.21
CA TYR L 88 -12.55 70.95 -8.03
C TYR L 88 -13.10 72.34 -7.69
N THR L 89 -12.25 73.35 -7.88
CA THR L 89 -12.55 74.69 -7.38
C THR L 89 -13.67 75.35 -8.18
N PHE L 90 -14.90 74.86 -8.02
CA PHE L 90 -16.04 75.47 -8.70
C PHE L 90 -17.29 75.48 -7.82
N GLN L 91 -17.19 75.10 -6.55
CA GLN L 91 -18.36 74.98 -5.68
C GLN L 91 -18.90 76.32 -5.20
N GLY L 92 -18.32 77.43 -5.61
CA GLY L 92 -18.90 78.73 -5.25
C GLY L 92 -20.32 78.89 -5.76
N MET L 93 -20.54 78.45 -7.00
CA MET L 93 -21.90 78.48 -7.55
C MET L 93 -22.82 77.54 -6.78
N ALA L 94 -22.30 76.39 -6.35
CA ALA L 94 -23.11 75.48 -5.53
C ALA L 94 -23.51 76.12 -4.22
N SER L 95 -22.58 76.80 -3.55
CA SER L 95 -22.91 77.49 -2.32
C SER L 95 -23.93 78.59 -2.56
N ASP L 96 -23.77 79.33 -3.66
CA ASP L 96 -24.73 80.39 -3.98
C ASP L 96 -26.12 79.82 -4.23
N LEU L 97 -26.21 78.70 -4.96
CA LEU L 97 -27.48 78.10 -5.31
C LEU L 97 -28.08 77.25 -4.20
N SER L 98 -27.32 76.99 -3.13
CA SER L 98 -27.86 76.24 -2.01
C SER L 98 -29.08 76.92 -1.40
N ARG L 99 -29.03 78.25 -1.27
CA ARG L 99 -30.17 78.98 -0.73
C ARG L 99 -31.35 78.99 -1.72
N PHE L 100 -31.10 78.77 -3.00
CA PHE L 100 -32.17 78.62 -3.97
C PHE L 100 -32.97 77.35 -3.68
N ASP L 101 -34.25 77.40 -3.97
CA ASP L 101 -35.15 76.26 -3.82
C ASP L 101 -35.50 75.69 -5.19
N LEU L 102 -36.37 74.68 -5.19
CA LEU L 102 -36.77 74.05 -6.45
C LEU L 102 -37.51 75.04 -7.35
N THR L 103 -38.38 75.85 -6.78
CA THR L 103 -39.12 76.85 -7.54
C THR L 103 -38.24 78.04 -7.90
N PRO L 111 -37.63 76.48 -17.00
CA PRO L 111 -37.59 75.96 -18.38
C PRO L 111 -36.33 75.16 -18.66
N ASN L 112 -35.28 75.84 -19.13
CA ASN L 112 -34.02 75.16 -19.41
C ASN L 112 -33.36 74.68 -18.12
N VAL L 113 -33.49 75.46 -17.05
CA VAL L 113 -32.92 75.06 -15.76
C VAL L 113 -33.58 73.79 -15.26
N LEU L 114 -34.83 73.55 -15.64
CA LEU L 114 -35.52 72.34 -15.21
C LEU L 114 -34.82 71.09 -15.77
N LYS L 115 -34.57 71.08 -17.07
CA LYS L 115 -33.86 69.94 -17.65
C LYS L 115 -32.40 69.92 -17.21
N ALA L 116 -31.84 71.07 -16.86
CA ALA L 116 -30.48 71.10 -16.31
C ALA L 116 -30.42 70.37 -14.98
N LEU L 117 -31.37 70.63 -14.09
CA LEU L 117 -31.46 69.91 -12.81
C LEU L 117 -32.03 68.51 -12.95
N SER L 118 -32.57 68.15 -14.12
CA SER L 118 -33.08 66.80 -14.30
C SER L 118 -32.01 65.75 -14.05
N TRP L 119 -30.81 65.99 -14.57
CA TRP L 119 -29.69 65.10 -14.28
C TRP L 119 -29.33 65.16 -12.80
N PRO L 120 -28.86 64.06 -12.20
CA PRO L 120 -28.72 62.70 -12.73
C PRO L 120 -29.97 61.86 -12.60
N LEU L 121 -30.83 62.21 -11.63
CA LEU L 121 -31.96 61.36 -11.27
C LEU L 121 -33.02 61.28 -12.36
N GLY L 122 -32.94 62.12 -13.38
CA GLY L 122 -33.99 62.21 -14.37
C GLY L 122 -35.12 63.13 -13.99
N ILE L 123 -35.13 63.64 -12.76
CA ILE L 123 -36.13 64.58 -12.29
C ILE L 123 -35.39 65.75 -11.66
N PRO L 124 -35.80 66.99 -11.92
CA PRO L 124 -35.13 68.14 -11.31
C PRO L 124 -35.16 68.05 -9.79
N ASP L 125 -34.04 68.45 -9.17
CA ASP L 125 -33.92 68.41 -7.72
C ASP L 125 -32.82 69.38 -7.28
N CYS L 126 -33.00 69.92 -6.07
CA CYS L 126 -32.04 70.83 -5.49
C CYS L 126 -31.30 70.21 -4.30
N GLU L 127 -31.34 68.87 -4.18
CA GLU L 127 -30.70 68.20 -3.06
C GLU L 127 -29.19 68.36 -3.12
N ILE L 128 -28.63 68.39 -4.34
CA ILE L 128 -27.19 68.48 -4.52
C ILE L 128 -26.64 69.78 -3.92
N PHE L 129 -27.37 70.88 -4.05
CA PHE L 129 -26.90 72.14 -3.49
C PHE L 129 -26.91 72.10 -1.97
N SER L 130 -27.89 71.42 -1.37
CA SER L 130 -27.86 71.19 0.07
C SER L 130 -26.68 70.33 0.46
N ILE L 131 -26.31 69.38 -0.42
CA ILE L 131 -25.12 68.55 -0.16
C ILE L 131 -23.86 69.40 -0.14
N CYS L 132 -23.72 70.30 -1.11
CA CYS L 132 -22.52 71.10 -1.27
C CYS L 132 -22.56 72.42 -0.51
N SER L 133 -23.60 72.67 0.28
CA SER L 133 -23.69 73.92 1.02
C SER L 133 -22.59 73.98 2.08
N ASP L 134 -22.12 75.20 2.34
CA ASP L 134 -21.05 75.39 3.32
C ASP L 134 -21.51 75.03 4.73
N ARG L 135 -22.74 75.36 5.07
CA ARG L 135 -23.30 75.01 6.38
C ARG L 135 -23.82 73.58 6.41
N PHE L 136 -22.97 72.65 5.94
CA PHE L 136 -23.28 71.22 5.90
C PHE L 136 -22.04 70.46 6.36
N VAL L 137 -21.97 70.19 7.66
CA VAL L 137 -20.86 69.43 8.22
C VAL L 137 -21.10 67.94 7.95
N ARG L 138 -20.09 67.27 7.39
CA ARG L 138 -20.21 65.86 7.03
C ARG L 138 -19.94 65.01 8.27
N GLY L 139 -20.88 65.09 9.22
CA GLY L 139 -20.79 64.37 10.46
C GLY L 139 -21.46 63.01 10.41
N LEU L 140 -21.74 62.47 11.60
CA LEU L 140 -22.39 61.17 11.71
C LEU L 140 -23.88 61.22 11.39
N GLN L 141 -24.50 62.40 11.47
CA GLN L 141 -25.93 62.52 11.28
C GLN L 141 -26.33 62.60 9.82
N THR L 142 -25.38 62.70 8.90
CA THR L 142 -25.68 62.88 7.48
C THR L 142 -25.44 61.62 6.66
N ARG L 143 -25.00 60.52 7.28
CA ARG L 143 -24.67 59.32 6.53
C ARG L 143 -25.88 58.80 5.76
N ASP L 144 -27.04 58.77 6.40
CA ASP L 144 -28.24 58.22 5.77
C ASP L 144 -28.60 59.00 4.51
N GLN L 145 -28.54 60.33 4.58
CA GLN L 145 -28.95 61.17 3.46
C GLN L 145 -28.00 61.03 2.27
N LEU L 146 -26.69 61.09 2.51
CA LEU L 146 -25.71 60.95 1.43
C LEU L 146 -25.81 59.56 0.79
N MET L 147 -25.93 58.52 1.62
CA MET L 147 -26.04 57.18 1.07
C MET L 147 -27.36 56.97 0.33
N SER L 148 -28.44 57.61 0.78
CA SER L 148 -29.70 57.53 0.05
C SER L 148 -29.58 58.21 -1.31
N TYR L 149 -28.90 59.36 -1.36
CA TYR L 149 -28.67 60.02 -2.64
C TYR L 149 -27.88 59.12 -3.58
N ILE L 150 -26.82 58.50 -3.06
CA ILE L 150 -26.01 57.60 -3.89
C ILE L 150 -26.84 56.42 -4.38
N LEU L 151 -27.64 55.82 -3.49
CA LEU L 151 -28.45 54.66 -3.86
C LEU L 151 -29.48 55.03 -4.90
N ARG L 152 -30.13 56.17 -4.75
CA ARG L 152 -31.09 56.62 -5.76
C ARG L 152 -30.40 56.87 -7.09
N MET L 153 -29.16 57.36 -7.06
CA MET L 153 -28.45 57.65 -8.29
C MET L 153 -28.23 56.40 -9.13
N GLY L 154 -27.68 55.35 -8.51
CA GLY L 154 -27.40 54.13 -9.23
C GLY L 154 -28.60 53.20 -9.33
N ASP L 155 -28.40 52.11 -10.08
CA ASP L 155 -29.43 51.07 -10.28
C ASP L 155 -28.82 49.74 -9.90
N SER L 156 -28.85 49.42 -8.61
CA SER L 156 -28.30 48.18 -8.07
C SER L 156 -28.69 48.07 -6.61
N HIS L 157 -28.68 46.84 -6.11
CA HIS L 157 -28.97 46.56 -4.72
C HIS L 157 -27.73 46.57 -3.83
N SER L 158 -26.54 46.72 -4.43
CA SER L 158 -25.28 46.75 -3.71
C SER L 158 -24.74 48.17 -3.66
N LEU L 159 -24.36 48.62 -2.47
CA LEU L 159 -23.94 50.00 -2.29
C LEU L 159 -22.61 50.28 -2.98
N ASP L 160 -21.69 49.32 -2.95
CA ASP L 160 -20.42 49.51 -3.65
C ASP L 160 -20.62 49.61 -5.15
N GLU L 161 -21.50 48.78 -5.71
CA GLU L 161 -21.85 48.92 -7.12
C GLU L 161 -22.52 50.27 -7.38
N CYS L 162 -23.28 50.78 -6.41
CA CYS L 162 -23.84 52.12 -6.55
C CYS L 162 -22.75 53.17 -6.64
N ILE L 163 -21.71 53.04 -5.81
CA ILE L 163 -20.58 53.98 -5.87
C ILE L 163 -19.91 53.91 -7.23
N VAL L 164 -19.68 52.68 -7.72
CA VAL L 164 -18.99 52.52 -9.00
C VAL L 164 -19.82 53.11 -10.14
N GLN L 165 -21.12 52.83 -10.14
CA GLN L 165 -22.00 53.37 -11.18
C GLN L 165 -22.09 54.89 -11.10
N ALA L 166 -22.10 55.44 -9.88
CA ALA L 166 -22.12 56.88 -9.71
C ALA L 166 -20.87 57.51 -10.32
N HIS L 167 -19.70 56.95 -10.03
CA HIS L 167 -18.48 57.52 -10.57
C HIS L 167 -18.43 57.36 -12.09
N LYS L 168 -18.93 56.24 -12.61
CA LYS L 168 -18.97 56.07 -14.06
C LYS L 168 -19.89 57.10 -14.72
N LYS L 169 -21.04 57.39 -14.10
CA LYS L 169 -21.92 58.42 -14.63
C LYS L 169 -21.25 59.79 -14.59
N ILE L 170 -20.54 60.09 -13.51
CA ILE L 170 -19.83 61.37 -13.41
C ILE L 170 -18.79 61.48 -14.52
N LEU L 171 -18.02 60.42 -14.74
CA LEU L 171 -17.00 60.44 -15.80
C LEU L 171 -17.64 60.58 -17.17
N GLN L 172 -18.75 59.88 -17.40
CA GLN L 172 -19.43 59.97 -18.69
C GLN L 172 -19.92 61.38 -18.96
N GLU L 173 -20.52 62.03 -17.96
CA GLU L 173 -20.98 63.39 -18.16
C GLU L 173 -19.83 64.36 -18.31
N ALA L 174 -18.73 64.13 -17.58
CA ALA L 174 -17.56 64.99 -17.71
C ALA L 174 -16.98 64.92 -19.11
N ARG L 175 -16.90 63.71 -19.68
CA ARG L 175 -16.37 63.60 -21.05
C ARG L 175 -17.39 64.08 -22.08
N ARG L 176 -18.69 63.97 -21.77
CA ARG L 176 -19.70 64.52 -22.67
C ARG L 176 -19.62 66.04 -22.74
N LEU L 177 -19.38 66.69 -21.60
CA LEU L 177 -19.21 68.13 -21.58
C LEU L 177 -17.77 68.57 -21.80
N GLY L 178 -16.82 67.63 -21.85
CA GLY L 178 -15.44 67.96 -22.15
C GLY L 178 -14.74 68.73 -21.05
N LEU L 179 -14.54 68.10 -19.89
CA LEU L 179 -13.91 68.73 -18.74
C LEU L 179 -12.60 68.08 -18.34
N SER L 180 -11.90 67.44 -19.30
CA SER L 180 -10.57 66.88 -19.06
C SER L 180 -10.62 65.87 -17.90
N ASP L 181 -11.29 64.75 -18.19
CA ASP L 181 -11.69 63.78 -17.19
C ASP L 181 -10.59 63.43 -16.18
N GLU L 182 -9.32 63.65 -16.52
CA GLU L 182 -8.24 63.47 -15.56
C GLU L 182 -8.48 64.30 -14.30
N HIS L 183 -9.15 65.44 -14.43
CA HIS L 183 -9.48 66.31 -13.29
C HIS L 183 -10.63 65.78 -12.44
N TYR L 184 -11.04 64.53 -12.63
CA TYR L 184 -12.14 63.93 -11.86
C TYR L 184 -11.73 62.50 -11.50
N ASN L 185 -11.17 62.34 -10.30
CA ASN L 185 -10.69 61.04 -9.84
C ASN L 185 -11.60 60.44 -8.76
N GLY L 186 -12.76 61.04 -8.51
CA GLY L 186 -13.65 60.49 -7.50
C GLY L 186 -13.19 60.70 -6.08
N TYR L 187 -12.32 61.68 -5.83
CA TYR L 187 -11.88 61.96 -4.47
C TYR L 187 -13.05 62.36 -3.59
N ASP L 188 -13.92 63.23 -4.10
CA ASP L 188 -15.17 63.59 -3.43
C ASP L 188 -16.24 63.62 -4.51
N LEU L 189 -17.02 62.54 -4.59
CA LEU L 189 -18.01 62.42 -5.66
C LEU L 189 -18.99 63.58 -5.64
N PHE L 190 -19.37 64.04 -4.45
CA PHE L 190 -20.39 65.07 -4.36
C PHE L 190 -19.87 66.43 -4.80
N ARG L 191 -18.61 66.74 -4.51
CA ARG L 191 -18.01 67.96 -5.06
C ARG L 191 -17.97 67.92 -6.58
N GLU L 192 -17.58 66.78 -7.15
CA GLU L 192 -17.53 66.65 -8.60
C GLU L 192 -18.90 66.83 -9.22
N ILE L 193 -19.92 66.20 -8.64
CA ILE L 193 -21.26 66.27 -9.22
C ILE L 193 -21.84 67.68 -9.04
N GLY L 194 -21.56 68.33 -7.91
CA GLY L 194 -22.01 69.70 -7.74
C GLY L 194 -21.38 70.63 -8.77
N SER L 195 -20.07 70.45 -9.01
CA SER L 195 -19.41 71.24 -10.04
C SER L 195 -20.03 70.99 -11.41
N LEU L 196 -20.30 69.73 -11.73
CA LEU L 196 -20.89 69.40 -13.03
C LEU L 196 -22.28 70.02 -13.18
N VAL L 197 -23.12 69.91 -12.15
CA VAL L 197 -24.48 70.43 -12.22
C VAL L 197 -24.45 71.94 -12.38
N CYS L 198 -23.63 72.63 -11.57
CA CYS L 198 -23.55 74.08 -11.68
C CYS L 198 -22.98 74.49 -13.04
N LEU L 199 -21.99 73.76 -13.56
CA LEU L 199 -21.42 74.11 -14.85
C LEU L 199 -22.43 73.94 -15.97
N ARG L 200 -23.22 72.87 -15.95
CA ARG L 200 -24.22 72.70 -17.00
C ARG L 200 -25.38 73.68 -16.83
N LEU L 201 -25.63 74.14 -15.61
CA LEU L 201 -26.57 75.24 -15.42
C LEU L 201 -26.04 76.54 -16.06
N ILE L 202 -24.76 76.83 -15.85
CA ILE L 202 -24.18 78.04 -16.41
C ILE L 202 -24.16 77.96 -17.94
N ASN L 203 -23.81 76.79 -18.48
CA ASN L 203 -23.71 76.63 -19.92
C ASN L 203 -25.07 76.83 -20.59
N ALA L 204 -26.13 76.30 -19.98
CA ALA L 204 -27.48 76.45 -20.53
C ALA L 204 -28.45 76.84 -19.42
N LEU M 4 7.79 -56.78 -4.38
CA LEU M 4 7.79 -57.37 -5.70
C LEU M 4 8.54 -56.48 -6.69
N SER M 5 9.85 -56.73 -6.81
CA SER M 5 10.69 -55.93 -7.69
C SER M 5 11.94 -56.75 -8.04
N CYS M 6 12.64 -56.28 -9.08
CA CYS M 6 13.87 -56.94 -9.51
C CYS M 6 14.69 -55.93 -10.30
N ARG M 7 15.97 -56.25 -10.46
CA ARG M 7 16.85 -55.42 -11.26
C ARG M 7 16.44 -55.47 -12.73
N PHE M 8 16.72 -54.38 -13.44
CA PHE M 8 16.47 -54.38 -14.89
C PHE M 8 17.53 -55.16 -15.65
N TYR M 9 18.75 -55.23 -15.12
CA TYR M 9 19.85 -55.92 -15.77
C TYR M 9 20.35 -57.04 -14.87
N GLN M 10 21.28 -57.83 -15.41
CA GLN M 10 21.79 -58.99 -14.67
C GLN M 10 22.71 -58.55 -13.54
N HIS M 11 23.57 -57.55 -13.79
CA HIS M 11 24.46 -57.06 -12.76
C HIS M 11 23.69 -56.46 -11.59
N LYS M 12 24.09 -56.83 -10.38
CA LYS M 12 23.47 -56.24 -9.20
C LYS M 12 24.00 -54.83 -8.93
N PHE M 13 25.23 -54.54 -9.33
CA PHE M 13 25.85 -53.25 -9.09
C PHE M 13 26.41 -52.70 -10.40
N PRO M 14 26.23 -51.41 -10.66
CA PRO M 14 26.81 -50.81 -11.88
C PRO M 14 28.32 -50.74 -11.81
N GLU M 15 28.93 -50.71 -12.98
CA GLU M 15 30.39 -50.65 -13.13
C GLU M 15 30.79 -49.21 -13.40
N VAL M 16 32.07 -48.91 -13.17
CA VAL M 16 32.57 -47.55 -13.26
C VAL M 16 32.27 -46.95 -14.62
N GLU M 17 31.83 -45.69 -14.62
CA GLU M 17 31.48 -44.95 -15.83
C GLU M 17 30.31 -45.62 -16.55
N ASP M 18 29.19 -45.74 -15.85
CA ASP M 18 27.92 -46.17 -16.44
C ASP M 18 26.87 -45.12 -16.14
N VAL M 19 26.25 -44.58 -17.18
CA VAL M 19 25.24 -43.54 -17.01
C VAL M 19 23.94 -44.19 -16.53
N VAL M 20 23.41 -43.68 -15.42
CA VAL M 20 22.30 -44.34 -14.73
C VAL M 20 21.23 -43.33 -14.35
N MET M 21 19.97 -43.78 -14.40
CA MET M 21 18.85 -43.04 -13.84
C MET M 21 18.84 -43.17 -12.33
N VAL M 22 18.55 -42.06 -11.65
CA VAL M 22 18.41 -42.06 -10.19
C VAL M 22 17.21 -41.20 -9.80
N ASN M 23 16.72 -41.43 -8.59
CA ASN M 23 15.61 -40.66 -8.03
C ASN M 23 16.02 -40.17 -6.66
N VAL M 24 16.04 -38.85 -6.49
CA VAL M 24 16.51 -38.26 -5.23
C VAL M 24 15.47 -38.49 -4.15
N ARG M 25 15.95 -38.78 -2.94
CA ARG M 25 15.07 -39.02 -1.79
C ARG M 25 15.38 -38.17 -0.57
N SER M 26 16.59 -37.64 -0.43
CA SER M 26 16.94 -36.77 0.69
C SER M 26 18.24 -36.06 0.37
N ILE M 27 18.67 -35.22 1.30
CA ILE M 27 19.88 -34.41 1.16
C ILE M 27 20.75 -34.62 2.40
N ALA M 28 22.06 -34.71 2.18
CA ALA M 28 23.01 -34.89 3.28
C ALA M 28 24.18 -33.94 3.06
N GLU M 29 25.10 -33.91 4.04
CA GLU M 29 26.25 -33.02 3.96
C GLU M 29 27.17 -33.41 2.81
N MET M 30 27.40 -34.71 2.63
CA MET M 30 28.25 -35.17 1.52
C MET M 30 27.63 -34.81 0.17
N GLY M 31 26.31 -34.93 0.05
CA GLY M 31 25.65 -34.65 -1.19
C GLY M 31 24.18 -35.07 -1.18
N ALA M 32 23.76 -35.77 -2.23
CA ALA M 32 22.37 -36.17 -2.39
C ALA M 32 22.25 -37.68 -2.39
N TYR M 33 21.43 -38.20 -1.48
CA TYR M 33 20.96 -39.58 -1.53
C TYR M 33 20.02 -39.77 -2.71
N VAL M 34 20.17 -40.90 -3.40
CA VAL M 34 19.28 -41.32 -4.48
C VAL M 34 19.02 -42.81 -4.36
N SER M 35 18.30 -43.34 -5.34
CA SER M 35 18.01 -44.77 -5.44
C SER M 35 18.02 -45.15 -6.91
N LEU M 36 19.03 -45.91 -7.33
CA LEU M 36 19.12 -46.35 -8.71
C LEU M 36 17.91 -47.19 -9.08
N LEU M 37 17.09 -46.68 -10.01
CA LEU M 37 15.79 -47.30 -10.29
C LEU M 37 15.95 -48.69 -10.90
N GLU M 38 16.89 -48.86 -11.82
CA GLU M 38 17.06 -50.14 -12.50
C GLU M 38 18.00 -51.08 -11.76
N TYR M 39 18.44 -50.74 -10.55
CA TYR M 39 19.25 -51.60 -9.71
C TYR M 39 18.55 -51.93 -8.41
N ASN M 40 17.21 -52.04 -8.47
CA ASN M 40 16.37 -52.42 -7.34
C ASN M 40 16.52 -51.44 -6.17
N ASN M 41 16.49 -50.14 -6.50
CA ASN M 41 16.38 -49.06 -5.52
C ASN M 41 17.49 -49.11 -4.47
N ILE M 42 18.72 -49.40 -4.90
CA ILE M 42 19.86 -49.28 -4.01
C ILE M 42 20.27 -47.82 -3.90
N GLU M 43 20.68 -47.41 -2.70
CA GLU M 43 20.98 -46.01 -2.44
C GLU M 43 22.31 -45.59 -3.04
N GLY M 44 22.39 -44.34 -3.48
CA GLY M 44 23.59 -43.81 -4.08
C GLY M 44 23.99 -42.46 -3.52
N MET M 45 24.87 -41.74 -4.21
CA MET M 45 25.43 -40.48 -3.74
C MET M 45 25.82 -39.62 -4.93
N ILE M 46 25.19 -38.47 -5.09
CA ILE M 46 25.73 -37.42 -5.93
C ILE M 46 26.49 -36.44 -5.05
N LEU M 47 27.79 -36.31 -5.30
CA LEU M 47 28.66 -35.54 -4.41
C LEU M 47 28.44 -34.04 -4.56
N LEU M 48 28.68 -33.33 -3.46
CA LEU M 48 28.59 -31.87 -3.47
C LEU M 48 29.59 -31.24 -4.44
N SER M 49 30.74 -31.89 -4.63
CA SER M 49 31.81 -31.34 -5.45
C SER M 49 31.66 -31.65 -6.94
N GLU M 50 30.63 -32.40 -7.33
CA GLU M 50 30.45 -32.79 -8.73
C GLU M 50 29.12 -32.33 -9.30
N LEU M 51 28.41 -31.43 -8.60
CA LEU M 51 27.09 -31.01 -9.07
C LEU M 51 27.19 -30.22 -10.37
N SER M 52 28.14 -29.28 -10.45
CA SER M 52 28.21 -28.40 -11.61
C SER M 52 29.67 -28.07 -11.89
N ARG M 53 29.95 -27.75 -13.17
CA ARG M 53 31.27 -27.30 -13.57
C ARG M 53 31.59 -25.93 -12.99
N ARG M 54 30.57 -25.16 -12.65
CA ARG M 54 30.75 -23.80 -12.14
C ARG M 54 30.82 -23.84 -10.62
N ARG M 55 30.75 -22.67 -9.99
CA ARG M 55 30.74 -22.59 -8.54
C ARG M 55 29.29 -22.55 -8.05
N ILE M 56 28.90 -23.57 -7.28
CA ILE M 56 27.53 -23.71 -6.79
C ILE M 56 27.47 -23.24 -5.35
N ARG M 57 26.34 -22.63 -4.96
CA ARG M 57 26.19 -22.08 -3.63
C ARG M 57 25.50 -23.04 -2.67
N SER M 58 24.43 -23.71 -3.11
CA SER M 58 23.65 -24.56 -2.22
C SER M 58 23.23 -25.82 -2.94
N ILE M 59 22.86 -26.83 -2.15
CA ILE M 59 22.40 -28.11 -2.70
C ILE M 59 21.07 -27.94 -3.42
N ASN M 60 20.19 -27.08 -2.91
CA ASN M 60 18.84 -26.97 -3.47
C ASN M 60 18.82 -26.23 -4.80
N LYS M 61 19.98 -25.74 -5.26
CA LYS M 61 20.02 -25.01 -6.52
C LYS M 61 19.61 -25.90 -7.69
N LEU M 62 20.07 -27.16 -7.70
CA LEU M 62 19.91 -28.01 -8.88
C LEU M 62 19.25 -29.36 -8.60
N ILE M 63 19.23 -29.81 -7.35
CA ILE M 63 18.80 -31.18 -7.07
C ILE M 63 17.29 -31.34 -7.28
N ARG M 64 16.49 -30.56 -6.54
CA ARG M 64 15.03 -30.66 -6.60
C ARG M 64 14.58 -32.08 -6.26
N ILE M 65 14.78 -32.41 -4.98
CA ILE M 65 14.42 -33.71 -4.43
C ILE M 65 13.07 -34.16 -4.94
N GLY M 66 12.98 -35.43 -5.33
CA GLY M 66 11.78 -35.99 -5.89
C GLY M 66 11.73 -36.07 -7.40
N ARG M 67 12.85 -35.82 -8.07
CA ARG M 67 12.91 -35.76 -9.54
C ARG M 67 13.95 -36.73 -10.05
N ASN M 68 13.61 -37.43 -11.14
CA ASN M 68 14.56 -38.33 -11.77
C ASN M 68 15.70 -37.54 -12.42
N GLU M 69 16.90 -38.10 -12.34
CA GLU M 69 18.08 -37.43 -12.84
C GLU M 69 19.00 -38.43 -13.51
N CYS M 70 19.74 -37.96 -14.51
CA CYS M 70 20.64 -38.79 -15.32
C CYS M 70 22.06 -38.53 -14.88
N VAL M 71 22.66 -39.45 -14.13
CA VAL M 71 23.93 -39.23 -13.46
C VAL M 71 24.89 -40.36 -13.82
N VAL M 72 26.14 -40.02 -14.11
CA VAL M 72 27.17 -41.03 -14.31
C VAL M 72 27.79 -41.41 -12.96
N VAL M 73 28.46 -42.56 -12.94
CA VAL M 73 29.06 -43.09 -11.72
C VAL M 73 30.57 -43.16 -11.89
N ILE M 74 31.30 -42.79 -10.84
CA ILE M 74 32.77 -42.79 -10.85
C ILE M 74 33.33 -43.90 -9.96
N ARG M 75 32.91 -43.96 -8.71
CA ARG M 75 33.44 -44.91 -7.74
C ARG M 75 32.35 -45.83 -7.24
N VAL M 76 32.63 -47.12 -7.23
CA VAL M 76 31.72 -48.14 -6.71
C VAL M 76 32.46 -48.95 -5.66
N ASP M 77 31.81 -49.16 -4.52
CA ASP M 77 32.37 -49.96 -3.43
C ASP M 77 31.27 -50.89 -2.94
N LYS M 78 31.30 -52.14 -3.39
CA LYS M 78 30.20 -53.06 -3.12
C LYS M 78 30.19 -53.59 -1.70
N GLU M 79 31.36 -53.73 -1.07
CA GLU M 79 31.40 -54.26 0.30
C GLU M 79 30.74 -53.30 1.28
N LYS M 80 30.97 -51.99 1.13
CA LYS M 80 30.31 -50.98 1.94
C LYS M 80 29.01 -50.49 1.32
N GLY M 81 28.70 -50.94 0.11
CA GLY M 81 27.50 -50.46 -0.58
C GLY M 81 27.56 -48.98 -0.91
N TYR M 82 28.73 -48.47 -1.26
CA TYR M 82 28.95 -47.06 -1.54
C TYR M 82 29.12 -46.88 -3.04
N ILE M 83 28.25 -46.07 -3.64
CA ILE M 83 28.29 -45.79 -5.07
C ILE M 83 28.36 -44.28 -5.24
N ASP M 84 29.44 -43.79 -5.84
CA ASP M 84 29.68 -42.36 -5.98
C ASP M 84 29.34 -41.92 -7.40
N LEU M 85 28.48 -40.91 -7.51
CA LEU M 85 27.97 -40.43 -8.78
C LEU M 85 28.55 -39.06 -9.11
N SER M 86 28.19 -38.54 -10.28
CA SER M 86 28.69 -37.25 -10.74
C SER M 86 27.81 -36.72 -11.87
N LYS M 87 27.45 -35.44 -11.78
CA LYS M 87 26.63 -34.79 -12.80
C LYS M 87 27.42 -33.92 -13.76
N ARG M 88 28.55 -33.36 -13.32
CA ARG M 88 29.30 -32.42 -14.16
C ARG M 88 29.91 -33.08 -15.38
N ARG M 89 29.95 -34.41 -15.44
CA ARG M 89 30.64 -35.10 -16.53
C ARG M 89 29.70 -35.64 -17.60
N VAL M 90 28.40 -35.77 -17.32
CA VAL M 90 27.48 -36.28 -18.31
C VAL M 90 27.30 -35.27 -19.44
N SER M 91 26.82 -35.73 -20.57
CA SER M 91 26.58 -34.94 -21.76
C SER M 91 25.18 -35.18 -22.29
N PRO M 92 24.62 -34.24 -23.06
CA PRO M 92 23.23 -34.41 -23.53
C PRO M 92 23.00 -35.68 -24.34
N GLU M 93 23.96 -36.10 -25.16
CA GLU M 93 23.79 -37.32 -25.94
C GLU M 93 23.69 -38.54 -25.02
N GLU M 94 24.59 -38.63 -24.03
CA GLU M 94 24.51 -39.69 -23.06
C GLU M 94 23.22 -39.61 -22.27
N ALA M 95 22.76 -38.40 -21.95
CA ALA M 95 21.52 -38.24 -21.20
C ALA M 95 20.34 -38.79 -21.99
N ILE M 96 20.23 -38.44 -23.27
CA ILE M 96 19.08 -38.87 -24.05
C ILE M 96 19.14 -40.37 -24.32
N LYS M 97 20.33 -40.91 -24.60
CA LYS M 97 20.40 -42.35 -24.83
C LYS M 97 20.12 -43.12 -23.54
N CYS M 98 20.55 -42.59 -22.41
CA CYS M 98 20.23 -43.22 -21.13
C CYS M 98 18.73 -43.18 -20.86
N GLU M 99 18.07 -42.06 -21.19
CA GLU M 99 16.62 -41.99 -21.01
C GLU M 99 15.90 -43.01 -21.89
N ASP M 100 16.32 -43.13 -23.16
CA ASP M 100 15.69 -44.09 -24.05
C ASP M 100 15.92 -45.53 -23.58
N LYS M 101 17.15 -45.84 -23.18
CA LYS M 101 17.46 -47.17 -22.65
C LYS M 101 16.63 -47.45 -21.40
N PHE M 102 16.50 -46.46 -20.53
CA PHE M 102 15.73 -46.63 -19.31
C PHE M 102 14.26 -46.89 -19.60
N THR M 103 13.68 -46.15 -20.55
CA THR M 103 12.24 -46.33 -20.80
C THR M 103 11.96 -47.66 -21.47
N LYS M 104 12.84 -48.10 -22.38
CA LYS M 104 12.62 -49.43 -22.96
C LYS M 104 12.80 -50.53 -21.93
N SER M 105 13.80 -50.40 -21.05
CA SER M 105 13.96 -51.39 -19.98
C SER M 105 12.77 -51.36 -19.03
N LYS M 106 12.20 -50.18 -18.80
CA LYS M 106 11.01 -50.08 -17.95
C LYS M 106 9.81 -50.75 -18.60
N THR M 107 9.65 -50.62 -19.91
CA THR M 107 8.58 -51.33 -20.59
C THR M 107 8.75 -52.85 -20.47
N VAL M 108 9.99 -53.32 -20.66
CA VAL M 108 10.26 -54.75 -20.51
C VAL M 108 9.94 -55.22 -19.10
N TYR M 109 10.38 -54.45 -18.10
CA TYR M 109 10.11 -54.81 -16.71
C TYR M 109 8.61 -54.80 -16.43
N SER M 110 7.88 -53.84 -17.00
CA SER M 110 6.45 -53.76 -16.77
C SER M 110 5.73 -54.97 -17.35
N ILE M 111 6.09 -55.38 -18.56
CA ILE M 111 5.41 -56.53 -19.15
C ILE M 111 5.75 -57.80 -18.39
N LEU M 112 7.00 -57.96 -17.96
CA LEU M 112 7.37 -59.16 -17.20
C LEU M 112 6.72 -59.17 -15.82
N ARG M 113 6.60 -58.00 -15.18
CA ARG M 113 5.90 -57.90 -13.91
C ARG M 113 4.42 -58.24 -14.08
N HIS M 114 3.82 -57.79 -15.18
CA HIS M 114 2.43 -58.14 -15.45
C HIS M 114 2.26 -59.64 -15.64
N VAL M 115 3.21 -60.28 -16.32
CA VAL M 115 3.17 -61.74 -16.47
C VAL M 115 3.26 -62.41 -15.10
N ALA M 116 4.19 -61.95 -14.26
CA ALA M 116 4.32 -62.53 -12.92
C ALA M 116 3.05 -62.33 -12.11
N GLU M 117 2.40 -61.17 -12.24
CA GLU M 117 1.19 -60.91 -11.49
C GLU M 117 0.03 -61.78 -11.97
N VAL M 118 -0.14 -61.90 -13.29
CA VAL M 118 -1.25 -62.70 -13.81
C VAL M 118 -1.00 -64.18 -13.53
N LEU M 119 0.25 -64.56 -13.30
CA LEU M 119 0.54 -65.92 -12.84
C LEU M 119 0.58 -66.05 -11.32
N GLU M 120 0.20 -65.00 -10.59
CA GLU M 120 0.10 -64.95 -9.12
C GLU M 120 1.30 -65.65 -8.46
N TYR M 121 2.48 -65.05 -8.66
CA TYR M 121 3.66 -65.40 -7.87
C TYR M 121 3.79 -64.41 -6.73
N THR M 122 3.56 -64.88 -5.51
CA THR M 122 3.68 -64.02 -4.33
C THR M 122 5.13 -63.74 -3.99
N LYS M 123 5.99 -64.75 -4.05
CA LYS M 123 7.38 -64.59 -3.68
C LYS M 123 8.14 -63.82 -4.74
N ASP M 124 9.06 -62.96 -4.31
CA ASP M 124 9.88 -62.20 -5.24
C ASP M 124 10.93 -63.06 -5.92
N GLU M 125 11.31 -64.17 -5.28
CA GLU M 125 12.27 -65.08 -5.89
C GLU M 125 11.73 -65.69 -7.18
N GLN M 126 10.43 -66.02 -7.20
CA GLN M 126 9.82 -66.53 -8.41
C GLN M 126 9.87 -65.50 -9.53
N LEU M 127 9.59 -64.23 -9.21
CA LEU M 127 9.69 -63.18 -10.21
C LEU M 127 11.12 -63.03 -10.71
N GLU M 128 12.09 -63.13 -9.80
CA GLU M 128 13.48 -63.07 -10.21
C GLU M 128 13.83 -64.22 -11.16
N SER M 129 13.32 -65.42 -10.88
CA SER M 129 13.57 -66.55 -11.76
C SER M 129 12.95 -66.34 -13.13
N LEU M 130 11.71 -65.86 -13.17
CA LEU M 130 11.06 -65.58 -14.46
C LEU M 130 11.84 -64.54 -15.24
N PHE M 131 12.29 -63.48 -14.57
CA PHE M 131 13.03 -62.43 -15.25
C PHE M 131 14.40 -62.93 -15.71
N GLN M 132 14.96 -63.91 -14.98
CA GLN M 132 16.26 -64.45 -15.36
C GLN M 132 16.15 -65.35 -16.59
N ARG M 133 15.10 -66.18 -16.64
CA ARG M 133 14.98 -67.14 -17.74
C ARG M 133 14.83 -66.44 -19.09
N THR M 134 14.03 -65.38 -19.15
CA THR M 134 13.67 -64.78 -20.43
C THR M 134 14.60 -63.62 -20.81
N ALA M 135 14.66 -62.59 -19.98
CA ALA M 135 15.33 -61.35 -20.37
C ALA M 135 16.84 -61.54 -20.50
N TRP M 136 17.48 -62.06 -19.46
CA TRP M 136 18.93 -62.12 -19.45
C TRP M 136 19.50 -63.09 -20.48
N VAL M 137 18.75 -64.11 -20.88
CA VAL M 137 19.23 -65.02 -21.92
C VAL M 137 19.44 -64.25 -23.23
N PHE M 138 18.43 -63.50 -23.64
CA PHE M 138 18.55 -62.68 -24.84
C PHE M 138 19.55 -61.55 -24.67
N ASP M 139 19.62 -60.96 -23.46
CA ASP M 139 20.58 -59.89 -23.22
C ASP M 139 22.02 -60.39 -23.39
N ASP M 140 22.30 -61.59 -22.88
CA ASP M 140 23.64 -62.17 -23.07
C ASP M 140 23.85 -62.62 -24.50
N LYS M 141 22.79 -63.10 -25.16
CA LYS M 141 22.92 -63.54 -26.55
C LYS M 141 23.30 -62.37 -27.46
N TYR M 142 22.67 -61.22 -27.26
CA TYR M 142 22.98 -60.04 -28.06
C TYR M 142 24.14 -59.22 -27.49
N LYS M 143 24.63 -59.56 -26.30
CA LYS M 143 25.78 -58.89 -25.68
C LYS M 143 25.55 -57.39 -25.56
N ARG M 144 24.31 -57.00 -25.23
CA ARG M 144 23.96 -55.59 -25.07
C ARG M 144 22.82 -55.51 -24.07
N PRO M 145 23.11 -55.17 -22.82
CA PRO M 145 22.04 -55.08 -21.82
C PRO M 145 21.04 -53.97 -22.17
N GLY M 146 19.78 -54.23 -21.86
CA GLY M 146 18.72 -53.26 -22.13
C GLY M 146 18.22 -53.30 -23.56
N TYR M 147 19.10 -53.00 -24.51
CA TYR M 147 18.70 -52.99 -25.92
C TYR M 147 18.26 -54.37 -26.38
N GLY M 148 19.01 -55.40 -25.98
CA GLY M 148 18.76 -56.74 -26.51
C GLY M 148 17.38 -57.25 -26.16
N ALA M 149 16.97 -57.10 -24.89
CA ALA M 149 15.68 -57.61 -24.47
C ALA M 149 14.54 -56.91 -25.20
N TYR M 150 14.59 -55.58 -25.27
CA TYR M 150 13.51 -54.84 -25.92
C TYR M 150 13.43 -55.19 -27.40
N ASP M 151 14.59 -55.28 -28.07
CA ASP M 151 14.59 -55.66 -29.48
C ASP M 151 14.06 -57.08 -29.66
N ALA M 152 14.41 -57.99 -28.75
CA ALA M 152 13.95 -59.37 -28.86
C ALA M 152 12.43 -59.45 -28.74
N PHE M 153 11.85 -58.75 -27.74
CA PHE M 153 10.39 -58.77 -27.62
C PHE M 153 9.73 -58.07 -28.79
N LYS M 154 10.34 -57.01 -29.32
CA LYS M 154 9.79 -56.35 -30.50
C LYS M 154 9.74 -57.29 -31.69
N HIS M 155 10.81 -58.07 -31.90
CA HIS M 155 10.81 -59.04 -32.99
C HIS M 155 9.84 -60.18 -32.72
N ALA M 156 9.75 -60.63 -31.48
CA ALA M 156 8.90 -61.78 -31.15
C ALA M 156 7.42 -61.42 -31.11
N VAL M 157 7.09 -60.13 -31.07
CA VAL M 157 5.69 -59.73 -31.13
C VAL M 157 5.06 -60.19 -32.44
N SER M 158 5.81 -60.14 -33.53
CA SER M 158 5.30 -60.64 -34.81
C SER M 158 5.44 -62.15 -34.90
N ASP M 159 6.66 -62.67 -34.79
CA ASP M 159 6.91 -64.10 -34.89
C ASP M 159 7.22 -64.67 -33.51
N PRO M 160 6.34 -65.48 -32.92
CA PRO M 160 6.59 -66.01 -31.58
C PRO M 160 7.57 -67.18 -31.53
N SER M 161 8.31 -67.44 -32.61
CA SER M 161 9.26 -68.54 -32.61
C SER M 161 10.36 -68.34 -31.58
N ILE M 162 10.85 -67.10 -31.44
CA ILE M 162 11.90 -66.83 -30.46
C ILE M 162 11.42 -67.08 -29.05
N LEU M 163 10.18 -66.65 -28.75
CA LEU M 163 9.62 -66.87 -27.42
C LEU M 163 9.35 -68.33 -27.12
N ASP M 164 9.33 -69.19 -28.15
CA ASP M 164 9.10 -70.61 -27.91
C ASP M 164 10.29 -71.27 -27.23
N SER M 165 11.51 -70.78 -27.48
CA SER M 165 12.70 -71.36 -26.90
C SER M 165 12.76 -71.16 -25.38
N LEU M 166 11.93 -70.28 -24.83
CA LEU M 166 11.90 -70.10 -23.38
C LEU M 166 11.39 -71.35 -22.71
N ASP M 167 12.01 -71.71 -21.58
CA ASP M 167 11.72 -72.94 -20.86
C ASP M 167 11.02 -72.66 -19.54
N LEU M 168 10.11 -71.69 -19.51
CA LEU M 168 9.41 -71.37 -18.28
C LEU M 168 8.25 -72.33 -18.04
N ASN M 169 7.26 -72.32 -18.93
CA ASN M 169 6.08 -73.18 -18.82
C ASN M 169 5.25 -72.98 -20.08
N GLU M 170 4.15 -73.72 -20.18
CA GLU M 170 3.21 -73.52 -21.27
C GLU M 170 2.28 -72.34 -20.99
N ASP M 171 1.67 -72.31 -19.81
CA ASP M 171 0.83 -71.19 -19.43
C ASP M 171 1.64 -69.90 -19.34
N GLU M 172 2.87 -69.99 -18.81
CA GLU M 172 3.73 -68.82 -18.75
C GLU M 172 4.06 -68.29 -20.14
N ARG M 173 4.38 -69.20 -21.07
CA ARG M 173 4.67 -68.79 -22.43
C ARG M 173 3.45 -68.15 -23.08
N GLU M 174 2.27 -68.73 -22.88
CA GLU M 174 1.05 -68.17 -23.45
C GLU M 174 0.78 -66.77 -22.89
N VAL M 175 0.94 -66.60 -21.56
CA VAL M 175 0.70 -65.30 -20.95
C VAL M 175 1.70 -64.27 -21.45
N LEU M 176 2.98 -64.66 -21.57
CA LEU M 176 3.99 -63.73 -22.08
C LEU M 176 3.70 -63.33 -23.52
N ILE M 177 3.31 -64.29 -24.36
CA ILE M 177 2.99 -63.99 -25.74
C ILE M 177 1.79 -63.06 -25.83
N ASN M 178 0.76 -63.33 -25.03
CA ASN M 178 -0.42 -62.47 -25.04
C ASN M 178 -0.08 -61.05 -24.59
N ASN M 179 0.71 -60.92 -23.52
CA ASN M 179 1.09 -59.60 -23.05
C ASN M 179 1.93 -58.85 -24.07
N ILE M 180 2.87 -59.54 -24.71
CA ILE M 180 3.72 -58.89 -25.71
C ILE M 180 2.88 -58.44 -26.91
N ASN M 181 1.95 -59.29 -27.35
CA ASN M 181 1.13 -58.93 -28.50
C ASN M 181 0.09 -57.87 -28.18
N ARG M 182 -0.31 -57.75 -26.92
CA ARG M 182 -1.31 -56.74 -26.54
C ARG M 182 -0.69 -55.43 -26.09
N ARG M 183 0.60 -55.40 -25.79
CA ARG M 183 1.25 -54.20 -25.29
C ARG M 183 2.09 -53.49 -26.35
N LEU M 184 2.95 -54.21 -27.05
CA LEU M 184 3.91 -53.64 -27.98
C LEU M 184 3.53 -53.86 -29.44
N THR M 185 2.23 -53.80 -29.75
CA THR M 185 1.75 -53.96 -31.12
C THR M 185 0.69 -52.91 -31.47
N PRO M 186 0.96 -51.65 -31.14
CA PRO M 186 0.02 -50.57 -31.48
C PRO M 186 0.31 -49.95 -32.85
N GLN M 187 0.20 -50.77 -33.90
CA GLN M 187 0.48 -50.33 -35.26
C GLN M 187 -0.81 -49.82 -35.88
N ALA M 188 -1.01 -48.51 -35.79
CA ALA M 188 -2.20 -47.88 -36.35
C ALA M 188 -1.91 -46.40 -36.57
N VAL M 189 -1.99 -45.93 -37.80
CA VAL M 189 -1.73 -44.54 -38.14
C VAL M 189 -2.60 -44.16 -39.33
N LYS M 190 -3.09 -42.93 -39.33
CA LYS M 190 -3.93 -42.41 -40.41
C LYS M 190 -3.29 -41.14 -40.96
N ILE M 191 -3.16 -41.07 -42.28
CA ILE M 191 -2.63 -39.91 -42.97
C ILE M 191 -3.77 -39.30 -43.78
N ARG M 192 -4.07 -38.04 -43.51
CA ARG M 192 -5.19 -37.34 -44.13
C ARG M 192 -4.71 -36.08 -44.84
N ALA M 193 -5.36 -35.76 -45.95
CA ALA M 193 -5.05 -34.56 -46.71
C ALA M 193 -6.29 -34.08 -47.43
N ASP M 194 -6.26 -32.82 -47.86
CA ASP M 194 -7.37 -32.22 -48.59
C ASP M 194 -6.83 -31.53 -49.83
N ILE M 195 -7.47 -31.77 -50.97
CA ILE M 195 -7.05 -31.20 -52.25
C ILE M 195 -8.29 -30.71 -52.99
N GLU M 196 -8.20 -29.52 -53.57
CA GLU M 196 -9.27 -28.94 -54.36
C GLU M 196 -8.83 -28.96 -55.82
N VAL M 197 -9.38 -29.89 -56.59
CA VAL M 197 -9.03 -30.07 -58.00
C VAL M 197 -10.32 -30.09 -58.82
N ALA M 198 -10.36 -29.26 -59.86
CA ALA M 198 -11.51 -29.23 -60.76
C ALA M 198 -11.07 -28.63 -62.08
N CYS M 199 -11.75 -29.03 -63.15
CA CYS M 199 -11.43 -28.56 -64.50
C CYS M 199 -12.69 -28.00 -65.14
N TYR M 200 -12.62 -26.76 -65.61
CA TYR M 200 -13.73 -26.13 -66.31
C TYR M 200 -13.57 -26.27 -67.81
N GLY M 201 -13.47 -27.52 -68.26
CA GLY M 201 -13.30 -27.84 -69.66
C GLY M 201 -14.52 -28.50 -70.26
N TYR M 202 -14.32 -29.05 -71.46
CA TYR M 202 -15.40 -29.77 -72.14
C TYR M 202 -15.81 -30.99 -71.34
N GLU M 203 -14.85 -31.84 -71.00
CA GLU M 203 -15.09 -33.00 -70.13
C GLU M 203 -14.59 -32.66 -68.73
N GLY M 204 -15.36 -31.84 -68.02
CA GLY M 204 -14.97 -31.40 -66.69
C GLY M 204 -15.05 -32.49 -65.66
N ILE M 205 -16.26 -33.02 -65.44
CA ILE M 205 -16.45 -34.10 -64.47
C ILE M 205 -15.64 -35.32 -64.88
N ASP M 206 -15.56 -35.59 -66.19
CA ASP M 206 -14.79 -36.73 -66.67
C ASP M 206 -13.30 -36.57 -66.34
N ALA M 207 -12.75 -35.38 -66.56
CA ALA M 207 -11.34 -35.15 -66.25
C ALA M 207 -11.10 -35.22 -64.74
N VAL M 208 -12.04 -34.69 -63.95
CA VAL M 208 -11.89 -34.77 -62.49
C VAL M 208 -11.89 -36.22 -62.03
N LYS M 209 -12.81 -37.03 -62.57
CA LYS M 209 -12.85 -38.44 -62.20
C LYS M 209 -11.60 -39.17 -62.65
N GLU M 210 -11.09 -38.85 -63.85
CA GLU M 210 -9.87 -39.48 -64.32
C GLU M 210 -8.69 -39.13 -63.43
N ALA M 211 -8.57 -37.86 -63.03
CA ALA M 211 -7.48 -37.47 -62.14
C ALA M 211 -7.60 -38.15 -60.79
N LEU M 212 -8.82 -38.23 -60.25
CA LEU M 212 -9.02 -38.91 -58.97
C LEU M 212 -8.65 -40.39 -59.07
N ARG M 213 -9.04 -41.04 -60.16
CA ARG M 213 -8.70 -42.45 -60.35
C ARG M 213 -7.19 -42.64 -60.49
N ALA M 214 -6.53 -41.75 -61.23
CA ALA M 214 -5.08 -41.84 -61.37
C ALA M 214 -4.38 -41.65 -60.04
N GLY M 215 -4.87 -40.72 -59.21
CA GLY M 215 -4.30 -40.55 -57.88
C GLY M 215 -4.52 -41.76 -56.99
N LEU M 216 -5.74 -42.33 -57.03
CA LEU M 216 -6.03 -43.49 -56.19
C LEU M 216 -5.30 -44.73 -56.65
N ASN M 217 -4.92 -44.81 -57.93
CA ASN M 217 -4.23 -45.98 -58.44
C ASN M 217 -2.83 -46.12 -57.84
N CYS M 218 -2.27 -45.03 -57.33
CA CYS M 218 -0.94 -45.07 -56.74
C CYS M 218 -0.92 -45.69 -55.35
N SER M 219 -2.06 -46.17 -54.85
CA SER M 219 -2.10 -46.78 -53.53
C SER M 219 -1.35 -48.11 -53.52
N THR M 220 -0.49 -48.30 -52.52
CA THR M 220 0.29 -49.52 -52.41
C THR M 220 -0.50 -50.57 -51.63
N GLU M 221 0.14 -51.71 -51.38
CA GLU M 221 -0.52 -52.79 -50.65
C GLU M 221 -0.74 -52.40 -49.20
N ASN M 222 -1.88 -52.83 -48.65
CA ASN M 222 -2.27 -52.54 -47.26
C ASN M 222 -2.30 -51.03 -46.99
N MET M 223 -2.69 -50.25 -47.99
CA MET M 223 -2.76 -48.80 -47.85
C MET M 223 -3.70 -48.23 -48.92
N PRO M 224 -5.00 -48.49 -48.83
CA PRO M 224 -5.94 -47.98 -49.83
C PRO M 224 -6.31 -46.53 -49.54
N ILE M 225 -6.00 -45.64 -50.47
CA ILE M 225 -6.32 -44.21 -50.34
C ILE M 225 -7.80 -44.06 -50.65
N LYS M 226 -8.62 -43.93 -49.61
CA LYS M 226 -10.06 -43.79 -49.77
C LYS M 226 -10.39 -42.32 -50.02
N ILE M 227 -10.26 -41.91 -51.27
CA ILE M 227 -10.54 -40.52 -51.64
C ILE M 227 -12.05 -40.29 -51.64
N ASN M 228 -12.49 -39.26 -50.92
CA ASN M 228 -13.90 -38.91 -50.83
C ASN M 228 -14.05 -37.41 -51.03
N LEU M 229 -15.25 -37.02 -51.46
CA LEU M 229 -15.54 -35.62 -51.74
C LEU M 229 -16.10 -34.96 -50.48
N ILE M 230 -15.34 -34.02 -49.92
CA ILE M 230 -15.81 -33.29 -48.75
C ILE M 230 -16.76 -32.19 -49.16
N ALA M 231 -16.35 -31.34 -50.09
CA ALA M 231 -17.16 -30.27 -50.65
C ALA M 231 -17.14 -30.42 -52.16
N PRO M 232 -18.07 -29.78 -52.87
CA PRO M 232 -18.17 -29.97 -54.32
C PRO M 232 -16.85 -29.62 -55.02
N PRO M 233 -16.10 -28.67 -54.48
CA PRO M 233 -14.82 -28.33 -55.11
C PRO M 233 -13.61 -29.00 -54.45
N ARG M 234 -13.80 -29.69 -53.31
CA ARG M 234 -12.68 -30.19 -52.54
C ARG M 234 -12.90 -31.63 -52.11
N TYR M 235 -11.86 -32.45 -52.28
CA TYR M 235 -11.89 -33.86 -51.90
C TYR M 235 -10.88 -34.10 -50.78
N VAL M 236 -11.12 -35.18 -50.02
CA VAL M 236 -10.29 -35.53 -48.88
C VAL M 236 -9.76 -36.93 -49.08
N MET M 237 -8.45 -37.09 -48.88
CA MET M 237 -7.78 -38.39 -48.96
C MET M 237 -7.46 -38.86 -47.55
N THR M 238 -8.02 -40.01 -47.18
CA THR M 238 -7.80 -40.61 -45.87
C THR M 238 -7.42 -42.07 -46.05
N THR M 239 -6.37 -42.50 -45.35
CA THR M 239 -5.90 -43.88 -45.46
C THR M 239 -5.26 -44.27 -44.13
N THR M 240 -5.83 -45.29 -43.49
CA THR M 240 -5.33 -45.77 -42.19
C THR M 240 -4.23 -46.80 -42.47
N THR M 241 -3.00 -46.31 -42.60
CA THR M 241 -1.85 -47.17 -42.88
C THR M 241 -0.77 -46.89 -41.84
N LEU M 242 -0.21 -47.96 -41.29
CA LEU M 242 0.87 -47.83 -40.31
C LEU M 242 2.12 -47.28 -40.99
N GLU M 243 3.16 -47.06 -40.18
CA GLU M 243 4.42 -46.47 -40.65
C GLU M 243 4.16 -45.11 -41.29
N ARG M 244 3.74 -44.18 -40.43
CA ARG M 244 3.32 -42.85 -40.89
C ARG M 244 4.42 -42.13 -41.67
N THR M 245 5.69 -42.47 -41.42
CA THR M 245 6.76 -41.88 -42.20
C THR M 245 6.63 -42.24 -43.68
N GLU M 246 6.29 -43.49 -43.98
CA GLU M 246 6.02 -43.89 -45.36
C GLU M 246 4.66 -43.42 -45.82
N GLY M 247 3.69 -43.32 -44.91
CA GLY M 247 2.36 -42.87 -45.29
C GLY M 247 2.34 -41.45 -45.79
N LEU M 248 3.10 -40.56 -45.13
CA LEU M 248 3.18 -39.18 -45.59
C LEU M 248 3.78 -39.09 -46.98
N SER M 249 4.84 -39.86 -47.24
CA SER M 249 5.44 -39.86 -48.57
C SER M 249 4.48 -40.42 -49.61
N VAL M 250 3.72 -41.45 -49.26
CA VAL M 250 2.75 -42.02 -50.19
C VAL M 250 1.67 -41.00 -50.51
N LEU M 251 1.18 -40.30 -49.49
CA LEU M 251 0.15 -39.28 -49.71
C LEU M 251 0.69 -38.14 -50.57
N SER M 252 1.94 -37.72 -50.33
CA SER M 252 2.54 -36.67 -51.14
C SER M 252 2.68 -37.11 -52.59
N GLN M 253 3.12 -38.35 -52.82
CA GLN M 253 3.24 -38.86 -54.19
C GLN M 253 1.89 -38.93 -54.87
N ALA M 254 0.86 -39.39 -54.16
CA ALA M 254 -0.48 -39.44 -54.73
C ALA M 254 -0.99 -38.04 -55.08
N MET M 255 -0.75 -37.08 -54.20
CA MET M 255 -1.17 -35.70 -54.47
C MET M 255 -0.44 -35.14 -55.69
N ALA M 256 0.87 -35.41 -55.80
CA ALA M 256 1.62 -34.93 -56.95
C ALA M 256 1.11 -35.57 -58.25
N VAL M 257 0.81 -36.86 -58.22
CA VAL M 257 0.28 -37.54 -59.40
C VAL M 257 -1.07 -36.95 -59.79
N ILE M 258 -1.94 -36.71 -58.79
CA ILE M 258 -3.25 -36.14 -59.08
C ILE M 258 -3.12 -34.75 -59.66
N LYS M 259 -2.20 -33.94 -59.12
CA LYS M 259 -1.98 -32.60 -59.63
C LYS M 259 -1.48 -32.63 -61.07
N GLU M 260 -0.55 -33.54 -61.36
CA GLU M 260 -0.05 -33.67 -62.73
C GLU M 260 -1.16 -34.10 -63.69
N LYS M 261 -2.00 -35.04 -63.27
CA LYS M 261 -3.10 -35.49 -64.11
C LYS M 261 -4.10 -34.37 -64.36
N ILE M 262 -4.40 -33.59 -63.32
CA ILE M 262 -5.35 -32.49 -63.46
C ILE M 262 -4.80 -31.41 -64.38
N GLU M 263 -3.52 -31.06 -64.21
CA GLU M 263 -2.91 -30.04 -65.05
C GLU M 263 -2.79 -30.50 -66.50
N GLU M 264 -2.59 -31.81 -66.72
CA GLU M 264 -2.53 -32.32 -68.08
C GLU M 264 -3.88 -32.23 -68.78
N LYS M 265 -4.97 -32.32 -68.04
CA LYS M 265 -6.31 -32.27 -68.59
C LYS M 265 -6.85 -30.84 -68.70
N ARG M 266 -5.97 -29.84 -68.68
CA ARG M 266 -6.35 -28.44 -68.78
C ARG M 266 -7.35 -28.05 -67.67
N GLY M 267 -6.87 -28.16 -66.43
CA GLY M 267 -7.69 -27.84 -65.29
C GLY M 267 -6.96 -27.06 -64.22
N VAL M 268 -7.50 -27.08 -63.00
CA VAL M 268 -6.93 -26.35 -61.87
C VAL M 268 -6.87 -27.29 -60.67
N PHE M 269 -5.80 -27.17 -59.89
CA PHE M 269 -5.61 -28.00 -58.71
C PHE M 269 -4.84 -27.22 -57.67
N ASN M 270 -5.21 -27.42 -56.40
CA ASN M 270 -4.53 -26.77 -55.29
C ASN M 270 -4.58 -27.69 -54.08
N VAL M 271 -3.60 -27.54 -53.20
CA VAL M 271 -3.48 -28.35 -52.00
C VAL M 271 -3.96 -27.51 -50.82
N GLN M 272 -5.19 -27.77 -50.37
CA GLN M 272 -5.73 -27.02 -49.24
C GLN M 272 -4.96 -27.33 -47.96
N MET M 273 -4.76 -28.61 -47.66
CA MET M 273 -4.03 -29.05 -46.48
C MET M 273 -3.05 -30.14 -46.86
N GLU M 274 -1.82 -30.03 -46.38
CA GLU M 274 -0.80 -31.04 -46.62
C GLU M 274 -1.09 -32.28 -45.78
N PRO M 275 -0.48 -33.41 -46.13
CA PRO M 275 -0.72 -34.64 -45.36
C PRO M 275 -0.31 -34.47 -43.91
N LYS M 276 -1.11 -35.01 -43.01
CA LYS M 276 -0.85 -34.90 -41.58
C LYS M 276 -1.55 -36.04 -40.85
N VAL M 277 -1.10 -36.31 -39.62
CA VAL M 277 -1.70 -37.37 -38.84
C VAL M 277 -3.07 -36.94 -38.30
N VAL M 278 -3.83 -37.91 -37.84
CA VAL M 278 -5.16 -37.64 -37.29
C VAL M 278 -5.06 -37.23 -35.83
N UNK N 1 -73.19 -25.46 -67.44
CA UNK N 1 -72.37 -25.23 -66.26
C UNK N 1 -72.28 -26.49 -65.40
N UNK N 2 -73.26 -26.67 -64.53
CA UNK N 2 -73.31 -27.84 -63.66
C UNK N 2 -74.73 -28.08 -63.15
N UNK N 3 -75.70 -27.57 -63.91
CA UNK N 3 -77.12 -27.70 -63.55
C UNK N 3 -77.42 -27.15 -62.17
N UNK N 4 -78.50 -27.64 -61.56
CA UNK N 4 -78.89 -27.22 -60.23
C UNK N 4 -78.69 -28.33 -59.21
N UNK N 5 -79.22 -29.50 -59.52
CA UNK N 5 -79.09 -30.66 -58.63
C UNK N 5 -77.68 -31.24 -58.74
N UNK N 6 -77.13 -31.22 -59.95
CA UNK N 6 -75.78 -31.74 -60.19
C UNK N 6 -74.74 -30.84 -59.52
N UNK N 7 -75.00 -29.54 -59.53
CA UNK N 7 -74.11 -28.57 -58.90
C UNK N 7 -74.10 -28.77 -57.39
N UNK N 8 -75.22 -29.23 -56.85
CA UNK N 8 -75.33 -29.51 -55.43
C UNK N 8 -74.65 -30.84 -55.11
N UNK N 9 -74.80 -31.80 -56.00
CA UNK N 9 -74.17 -33.12 -55.84
C UNK N 9 -72.66 -32.99 -55.90
N UNK N 10 -72.17 -32.02 -56.67
CA UNK N 10 -70.74 -31.77 -56.77
C UNK N 10 -70.21 -31.20 -55.45
N UNK N 11 -70.93 -30.21 -54.92
CA UNK N 11 -70.55 -29.58 -53.66
C UNK N 11 -70.91 -30.48 -52.48
N UNK N 12 -72.07 -30.21 -51.88
CA UNK N 12 -72.54 -30.99 -50.74
C UNK N 12 -73.77 -31.82 -51.12
N UNK N 13 -73.58 -33.13 -51.24
CA UNK N 13 -74.68 -34.02 -51.61
C UNK N 13 -75.54 -34.33 -50.39
N UNK N 14 -75.37 -35.53 -49.85
CA UNK N 14 -76.14 -35.97 -48.68
C UNK N 14 -75.34 -36.95 -47.84
N LEU O 20 -46.36 -47.06 -67.19
CA LEU O 20 -45.04 -47.25 -67.78
C LEU O 20 -45.05 -46.85 -69.26
N THR O 21 -44.12 -45.96 -69.62
CA THR O 21 -43.99 -45.48 -70.99
C THR O 21 -42.92 -46.27 -71.74
N THR O 22 -42.90 -46.08 -73.05
CA THR O 22 -41.97 -46.78 -73.94
C THR O 22 -41.34 -45.79 -74.92
N LEU O 23 -40.87 -44.66 -74.39
CA LEU O 23 -40.24 -43.65 -75.22
C LEU O 23 -38.98 -44.19 -75.88
N ASP O 24 -38.80 -43.86 -77.16
CA ASP O 24 -37.68 -44.35 -77.95
C ASP O 24 -36.83 -43.16 -78.40
N VAL O 25 -35.85 -43.44 -79.25
CA VAL O 25 -34.92 -42.42 -79.73
C VAL O 25 -34.99 -42.32 -81.25
N THR O 26 -36.17 -42.58 -81.81
CA THR O 26 -36.39 -42.54 -83.26
C THR O 26 -37.59 -41.64 -83.53
N LYS O 27 -37.33 -40.36 -83.80
CA LYS O 27 -38.38 -39.41 -84.11
C LYS O 27 -37.76 -38.24 -84.88
N LEU O 28 -38.50 -37.73 -85.86
CA LEU O 28 -38.03 -36.64 -86.70
C LEU O 28 -38.87 -35.38 -86.56
N THR O 29 -40.20 -35.49 -86.73
CA THR O 29 -41.11 -34.35 -86.70
C THR O 29 -42.23 -34.64 -85.71
N PRO O 30 -41.97 -34.48 -84.41
CA PRO O 30 -43.02 -34.75 -83.42
C PRO O 30 -44.07 -33.65 -83.41
N LEU O 31 -45.17 -33.94 -82.73
CA LEU O 31 -46.29 -33.02 -82.60
C LEU O 31 -46.54 -32.71 -81.14
N SER O 32 -47.32 -31.65 -80.90
CA SER O 32 -47.65 -31.26 -79.53
C SER O 32 -48.47 -32.32 -78.83
N HIS O 33 -49.44 -32.91 -79.53
CA HIS O 33 -50.29 -33.95 -78.98
C HIS O 33 -49.78 -35.35 -79.28
N GLU O 34 -48.59 -35.47 -79.86
CA GLU O 34 -48.05 -36.79 -80.18
C GLU O 34 -47.81 -37.60 -78.91
N VAL O 35 -48.03 -38.91 -79.02
CA VAL O 35 -47.84 -39.81 -77.88
C VAL O 35 -46.39 -40.23 -77.69
N ILE O 36 -45.47 -39.72 -78.52
CA ILE O 36 -44.06 -40.10 -78.39
C ILE O 36 -43.50 -39.59 -77.06
N SER O 37 -43.79 -38.34 -76.72
CA SER O 37 -43.33 -37.79 -75.44
C SER O 37 -44.27 -38.18 -74.30
N ARG O 38 -45.53 -37.75 -74.38
CA ARG O 38 -46.57 -38.09 -73.41
C ARG O 38 -46.22 -37.70 -71.98
N GLN O 39 -45.31 -36.73 -71.81
CA GLN O 39 -44.95 -36.26 -70.48
C GLN O 39 -45.36 -34.80 -70.26
N ALA O 40 -44.91 -33.88 -71.10
CA ALA O 40 -45.28 -32.47 -71.00
C ALA O 40 -44.93 -31.79 -72.31
N THR O 41 -45.93 -31.20 -72.96
CA THR O 41 -45.69 -30.53 -74.24
C THR O 41 -46.31 -29.14 -74.26
N ILE O 42 -47.35 -28.93 -73.46
CA ILE O 42 -48.07 -27.66 -73.41
C ILE O 42 -48.00 -27.12 -71.99
N ASN O 43 -47.59 -25.86 -71.85
CA ASN O 43 -47.50 -25.21 -70.55
C ASN O 43 -48.71 -24.31 -70.37
N ILE O 44 -49.42 -24.49 -69.26
CA ILE O 44 -50.63 -23.73 -68.94
C ILE O 44 -50.39 -22.99 -67.64
N GLY O 45 -50.62 -21.67 -67.67
CA GLY O 45 -50.48 -20.87 -66.47
C GLY O 45 -51.66 -21.03 -65.52
N THR O 46 -51.46 -20.57 -64.29
CA THR O 46 -52.48 -20.62 -63.25
C THR O 46 -52.32 -19.38 -62.37
N ILE O 47 -53.09 -18.34 -62.67
CA ILE O 47 -53.07 -17.09 -61.91
C ILE O 47 -54.45 -16.88 -61.31
N GLY O 48 -54.50 -16.68 -60.00
CA GLY O 48 -55.76 -16.49 -59.33
C GLY O 48 -55.58 -15.80 -57.99
N HIS O 49 -56.70 -15.57 -57.32
CA HIS O 49 -56.72 -14.92 -56.02
C HIS O 49 -56.49 -15.90 -54.87
N VAL O 50 -55.90 -17.06 -55.15
CA VAL O 50 -55.66 -18.04 -54.10
C VAL O 50 -54.62 -17.53 -53.11
N ALA O 51 -53.72 -16.66 -53.56
CA ALA O 51 -52.64 -16.10 -52.73
C ALA O 51 -51.77 -17.24 -52.18
N HIS O 52 -51.12 -17.93 -53.12
CA HIS O 52 -50.30 -19.11 -52.84
C HIS O 52 -51.14 -20.24 -52.23
N GLY O 53 -52.44 -20.23 -52.49
CA GLY O 53 -53.33 -21.28 -52.05
C GLY O 53 -53.67 -22.26 -53.14
N LYS O 54 -53.17 -21.99 -54.36
CA LYS O 54 -53.42 -22.85 -55.50
C LYS O 54 -52.68 -24.17 -55.42
N SER O 55 -51.77 -24.34 -54.45
CA SER O 55 -51.03 -25.59 -54.32
C SER O 55 -51.97 -26.75 -54.03
N THR O 56 -52.98 -26.54 -53.18
CA THR O 56 -53.93 -27.61 -52.87
C THR O 56 -54.71 -28.02 -54.11
N VAL O 57 -55.16 -27.04 -54.91
CA VAL O 57 -55.89 -27.36 -56.13
C VAL O 57 -55.00 -28.10 -57.12
N VAL O 58 -53.75 -27.66 -57.25
CA VAL O 58 -52.82 -28.32 -58.17
C VAL O 58 -52.58 -29.76 -57.74
N LYS O 59 -52.37 -29.97 -56.43
CA LYS O 59 -52.17 -31.33 -55.92
C LYS O 59 -53.41 -32.20 -56.15
N ALA O 60 -54.60 -31.64 -55.93
CA ALA O 60 -55.82 -32.38 -56.18
C ALA O 60 -56.04 -32.64 -57.67
N ILE O 61 -55.40 -31.87 -58.55
CA ILE O 61 -55.57 -32.05 -59.98
C ILE O 61 -54.41 -32.85 -60.55
N SER O 62 -53.21 -32.69 -59.97
CA SER O 62 -52.01 -33.34 -60.49
C SER O 62 -51.45 -34.37 -59.51
N GLY O 63 -51.15 -33.99 -58.29
CA GLY O 63 -50.52 -34.87 -57.32
C GLY O 63 -49.69 -34.08 -56.34
N VAL O 64 -49.53 -34.63 -55.13
CA VAL O 64 -48.84 -33.92 -54.06
C VAL O 64 -47.33 -34.09 -54.20
N HIS O 65 -46.85 -35.34 -54.11
CA HIS O 65 -45.42 -35.63 -54.11
C HIS O 65 -44.90 -35.97 -55.51
N THR O 66 -45.50 -35.41 -56.55
CA THR O 66 -45.09 -35.73 -57.91
C THR O 66 -43.71 -35.17 -58.23
N VAL O 67 -43.33 -34.05 -57.61
CA VAL O 67 -42.07 -33.39 -57.94
C VAL O 67 -41.14 -33.42 -56.74
N ARG O 68 -40.27 -34.44 -56.67
CA ARG O 68 -39.21 -34.50 -55.67
C ARG O 68 -38.05 -35.29 -56.29
N PHE O 69 -37.13 -34.56 -56.92
CA PHE O 69 -35.97 -35.20 -57.55
C PHE O 69 -34.64 -34.53 -57.23
N LYS O 70 -34.62 -33.26 -56.84
CA LYS O 70 -33.37 -32.56 -56.55
C LYS O 70 -33.70 -31.37 -55.66
N ASN O 71 -33.09 -31.32 -54.48
CA ASN O 71 -33.37 -30.27 -53.50
C ASN O 71 -32.08 -29.62 -53.05
N GLU O 72 -32.18 -28.36 -52.67
CA GLU O 72 -31.06 -27.58 -52.17
C GLU O 72 -31.62 -26.42 -51.34
N LEU O 73 -30.76 -25.45 -51.02
CA LEU O 73 -31.18 -24.28 -50.29
C LEU O 73 -31.83 -23.28 -51.25
N GLU O 74 -33.12 -23.02 -51.05
CA GLU O 74 -33.84 -22.12 -51.94
C GLU O 74 -33.26 -20.71 -51.87
N ARG O 75 -33.19 -20.05 -53.02
CA ARG O 75 -32.59 -18.73 -53.12
C ARG O 75 -33.62 -17.66 -53.51
N ASN O 76 -34.34 -17.85 -54.61
CA ASN O 76 -35.35 -16.89 -55.06
C ASN O 76 -36.71 -17.60 -55.02
N ILE O 77 -37.35 -17.55 -53.85
CA ILE O 77 -38.63 -18.23 -53.67
C ILE O 77 -39.73 -17.52 -54.46
N THR O 78 -39.78 -16.20 -54.39
CA THR O 78 -40.87 -15.43 -54.98
C THR O 78 -40.53 -14.88 -56.35
N ILE O 79 -39.34 -15.15 -56.88
CA ILE O 79 -38.92 -14.64 -58.17
C ILE O 79 -38.62 -15.75 -59.17
N LYS O 80 -39.00 -16.99 -58.86
CA LYS O 80 -38.74 -18.13 -59.71
C LYS O 80 -40.06 -18.78 -60.09
N LEU O 81 -40.22 -19.08 -61.38
CA LEU O 81 -41.42 -19.74 -61.87
C LEU O 81 -41.31 -21.25 -61.66
N GLY O 82 -42.37 -21.85 -61.12
CA GLY O 82 -42.40 -23.27 -60.82
C GLY O 82 -43.43 -23.99 -61.68
N TYR O 83 -43.09 -25.20 -62.09
CA TYR O 83 -43.95 -26.03 -62.91
C TYR O 83 -44.47 -27.23 -62.12
N ALA O 84 -45.43 -27.93 -62.70
CA ALA O 84 -45.98 -29.14 -62.11
C ALA O 84 -46.54 -29.99 -63.23
N ASN O 85 -45.85 -31.08 -63.57
CA ASN O 85 -46.28 -31.94 -64.66
C ASN O 85 -47.51 -32.73 -64.27
N ALA O 86 -48.40 -32.93 -65.26
CA ALA O 86 -49.63 -33.66 -65.03
C ALA O 86 -50.11 -34.25 -66.35
N LYS O 87 -50.54 -35.51 -66.32
CA LYS O 87 -51.06 -36.20 -67.49
C LYS O 87 -52.55 -36.45 -67.29
N ILE O 88 -53.35 -36.03 -68.26
CA ILE O 88 -54.80 -36.19 -68.22
C ILE O 88 -55.13 -37.54 -68.85
N TYR O 89 -55.89 -38.37 -68.12
CA TYR O 89 -56.31 -39.66 -68.60
C TYR O 89 -57.83 -39.70 -68.77
N LYS O 90 -58.28 -40.33 -69.84
CA LYS O 90 -59.71 -40.45 -70.13
C LYS O 90 -59.97 -41.85 -70.67
N LEU O 91 -61.18 -42.06 -71.19
CA LEU O 91 -61.56 -43.35 -71.75
C LEU O 91 -61.65 -43.28 -73.27
N ASN O 123 -58.61 -49.07 -66.57
CA ASN O 123 -58.83 -49.20 -68.00
C ASN O 123 -58.93 -47.83 -68.66
N PHE O 124 -58.01 -46.92 -68.30
CA PHE O 124 -57.98 -45.57 -68.83
C PHE O 124 -56.70 -45.35 -69.62
N LYS O 125 -56.78 -44.46 -70.60
CA LYS O 125 -55.66 -44.13 -71.46
C LYS O 125 -55.36 -42.63 -71.36
N LEU O 126 -54.08 -42.29 -71.31
CA LEU O 126 -53.69 -40.89 -71.26
C LEU O 126 -53.94 -40.22 -72.60
N VAL O 127 -54.64 -39.09 -72.57
CA VAL O 127 -54.99 -38.36 -73.79
C VAL O 127 -54.07 -37.16 -74.00
N ARG O 128 -53.90 -36.32 -72.98
CA ARG O 128 -53.07 -35.14 -73.09
C ARG O 128 -52.26 -34.95 -71.83
N HIS O 129 -51.10 -34.30 -71.96
CA HIS O 129 -50.23 -33.98 -70.84
C HIS O 129 -49.93 -32.50 -70.87
N VAL O 130 -50.19 -31.81 -69.76
CA VAL O 130 -50.00 -30.37 -69.64
C VAL O 130 -49.25 -30.06 -68.36
N SER O 131 -48.33 -29.11 -68.43
CA SER O 131 -47.55 -28.68 -67.28
C SER O 131 -48.14 -27.39 -66.72
N PHE O 132 -48.57 -27.43 -65.47
CA PHE O 132 -49.18 -26.28 -64.81
C PHE O 132 -48.11 -25.41 -64.16
N VAL O 133 -48.10 -24.13 -64.51
CA VAL O 133 -47.13 -23.16 -64.00
C VAL O 133 -47.86 -22.21 -63.05
N ASP O 134 -47.35 -22.07 -61.84
CA ASP O 134 -47.95 -21.18 -60.85
C ASP O 134 -46.83 -20.63 -59.96
N CYS O 135 -46.51 -19.36 -60.13
CA CYS O 135 -45.48 -18.69 -59.35
C CYS O 135 -46.09 -17.86 -58.23
N PRO O 136 -45.33 -17.60 -57.17
CA PRO O 136 -45.83 -16.75 -56.07
C PRO O 136 -45.79 -15.29 -56.47
N GLY O 137 -46.97 -14.71 -56.71
CA GLY O 137 -47.07 -13.34 -57.18
C GLY O 137 -47.29 -13.27 -58.67
N HIS O 138 -48.47 -12.78 -59.08
CA HIS O 138 -48.81 -12.72 -60.50
C HIS O 138 -47.95 -11.72 -61.27
N ASP O 139 -47.27 -10.80 -60.58
CA ASP O 139 -46.47 -9.81 -61.27
C ASP O 139 -45.31 -10.44 -62.03
N ILE O 140 -44.63 -11.42 -61.41
CA ILE O 140 -43.51 -12.07 -62.05
C ILE O 140 -43.97 -12.84 -63.29
N LEU O 141 -45.08 -13.57 -63.18
CA LEU O 141 -45.59 -14.31 -64.32
C LEU O 141 -46.03 -13.37 -65.43
N MET O 142 -46.68 -12.27 -65.08
CA MET O 142 -47.11 -11.29 -66.09
C MET O 142 -45.90 -10.68 -66.80
N ALA O 143 -44.85 -10.35 -66.05
CA ALA O 143 -43.65 -9.79 -66.66
C ALA O 143 -42.97 -10.82 -67.57
N THR O 144 -42.93 -12.09 -67.15
CA THR O 144 -42.26 -13.11 -67.94
C THR O 144 -43.03 -13.40 -69.23
N MET O 145 -44.35 -13.57 -69.13
CA MET O 145 -45.15 -13.95 -70.28
C MET O 145 -45.15 -12.86 -71.35
N LEU O 146 -45.30 -11.61 -70.94
CA LEU O 146 -45.39 -10.49 -71.88
C LEU O 146 -44.03 -9.94 -72.25
N ASN O 147 -43.12 -10.84 -72.66
CA ASN O 147 -41.80 -10.45 -73.13
C ASN O 147 -41.42 -11.30 -74.34
N GLY O 148 -42.39 -11.57 -75.21
CA GLY O 148 -42.18 -12.45 -76.35
C GLY O 148 -43.34 -13.40 -76.55
N ALA O 149 -43.06 -14.69 -76.52
CA ALA O 149 -44.10 -15.71 -76.72
C ALA O 149 -43.58 -17.04 -76.17
N ALA O 150 -44.30 -18.12 -76.47
CA ALA O 150 -43.92 -19.48 -76.09
C ALA O 150 -43.80 -19.63 -74.59
N VAL O 151 -44.82 -19.15 -73.87
CA VAL O 151 -44.89 -19.29 -72.43
C VAL O 151 -46.33 -19.15 -71.96
N MET O 152 -46.79 -20.07 -71.11
CA MET O 152 -48.14 -20.04 -70.55
C MET O 152 -49.20 -19.95 -71.65
N ASP O 153 -49.25 -21.00 -72.47
CA ASP O 153 -50.18 -21.03 -73.59
C ASP O 153 -51.63 -20.99 -73.13
N ALA O 154 -51.91 -21.46 -71.92
CA ALA O 154 -53.25 -21.46 -71.37
C ALA O 154 -53.21 -20.90 -69.95
N ALA O 155 -54.37 -20.45 -69.47
CA ALA O 155 -54.49 -19.85 -68.16
C ALA O 155 -55.73 -20.41 -67.45
N LEU O 156 -55.69 -20.38 -66.11
CA LEU O 156 -56.81 -20.82 -65.29
C LEU O 156 -56.98 -19.81 -64.15
N LEU O 157 -58.04 -19.02 -64.21
CA LEU O 157 -58.27 -17.97 -63.24
C LEU O 157 -58.94 -18.57 -62.01
N LEU O 158 -58.17 -18.77 -60.94
CA LEU O 158 -58.69 -19.33 -59.69
C LEU O 158 -59.41 -18.23 -58.93
N ILE O 159 -60.65 -17.96 -59.35
CA ILE O 159 -61.45 -16.91 -58.73
C ILE O 159 -62.08 -17.47 -57.45
N ALA O 160 -62.60 -16.58 -56.61
CA ALA O 160 -63.22 -16.96 -55.35
C ALA O 160 -64.68 -16.51 -55.34
N GLY O 161 -65.56 -17.40 -54.89
CA GLY O 161 -66.96 -17.09 -54.77
C GLY O 161 -67.38 -16.48 -53.45
N ASN O 162 -66.41 -16.17 -52.57
CA ASN O 162 -66.73 -15.58 -51.28
C ASN O 162 -66.62 -14.05 -51.31
N GLU O 163 -65.58 -13.52 -51.94
CA GLU O 163 -65.37 -12.08 -51.98
C GLU O 163 -64.89 -11.68 -53.37
N SER O 164 -65.04 -10.40 -53.68
CA SER O 164 -64.59 -9.84 -54.96
C SER O 164 -63.55 -8.75 -54.71
N CYS O 165 -62.57 -9.06 -53.85
CA CYS O 165 -61.55 -8.12 -53.42
C CYS O 165 -60.65 -7.69 -54.57
N PRO O 166 -59.72 -6.77 -54.33
CA PRO O 166 -58.86 -6.28 -55.43
C PRO O 166 -58.00 -7.36 -56.06
N GLN O 167 -57.81 -8.50 -55.40
CA GLN O 167 -57.08 -9.60 -56.03
C GLN O 167 -57.71 -10.07 -57.32
N PRO O 168 -59.04 -10.22 -57.43
CA PRO O 168 -59.63 -10.57 -58.73
C PRO O 168 -59.37 -9.51 -59.80
N GLN O 169 -59.41 -8.23 -59.42
CA GLN O 169 -59.11 -7.17 -60.39
C GLN O 169 -57.67 -7.24 -60.86
N THR O 170 -56.73 -7.49 -59.94
CA THR O 170 -55.34 -7.63 -60.33
C THR O 170 -55.15 -8.84 -61.24
N SER O 171 -55.83 -9.95 -60.93
CA SER O 171 -55.74 -11.14 -61.77
C SER O 171 -56.28 -10.86 -63.17
N GLU O 172 -57.41 -10.15 -63.27
CA GLU O 172 -57.97 -9.83 -64.57
C GLU O 172 -57.04 -8.91 -65.35
N HIS O 173 -56.44 -7.92 -64.69
CA HIS O 173 -55.50 -7.03 -65.35
C HIS O 173 -54.27 -7.80 -65.85
N LEU O 174 -53.76 -8.72 -65.03
CA LEU O 174 -52.62 -9.52 -65.44
C LEU O 174 -52.97 -10.41 -66.63
N ALA O 175 -54.16 -11.01 -66.61
CA ALA O 175 -54.59 -11.84 -67.73
C ALA O 175 -54.72 -11.02 -69.02
N ALA O 176 -55.26 -9.80 -68.91
CA ALA O 176 -55.38 -8.94 -70.08
C ALA O 176 -54.01 -8.52 -70.60
N ILE O 177 -53.08 -8.20 -69.70
CA ILE O 177 -51.77 -7.73 -70.12
C ILE O 177 -50.95 -8.85 -70.75
N GLU O 178 -51.02 -10.05 -70.16
CA GLU O 178 -50.19 -11.16 -70.63
C GLU O 178 -50.56 -11.57 -72.04
N ILE O 179 -51.85 -11.66 -72.34
CA ILE O 179 -52.31 -12.08 -73.65
C ILE O 179 -52.16 -10.93 -74.64
N HIS O 184 -57.72 -17.50 -74.34
CA HIS O 184 -58.08 -18.88 -74.00
C HIS O 184 -57.93 -19.12 -72.49
N ILE O 185 -58.72 -18.42 -71.70
CA ILE O 185 -58.69 -18.55 -70.26
C ILE O 185 -59.81 -19.47 -69.81
N LEU O 186 -59.68 -20.02 -68.61
CA LEU O 186 -60.68 -20.92 -68.02
C LEU O 186 -60.78 -20.59 -66.53
N ILE O 187 -61.72 -19.71 -66.19
CA ILE O 187 -61.93 -19.36 -64.78
C ILE O 187 -62.57 -20.52 -64.05
N LEU O 188 -62.38 -20.55 -62.73
CA LEU O 188 -62.93 -21.59 -61.88
C LEU O 188 -63.00 -21.07 -60.45
N GLN O 189 -64.10 -21.39 -59.77
CA GLN O 189 -64.34 -20.94 -58.40
C GLN O 189 -64.13 -22.10 -57.45
N ASN O 190 -63.31 -21.88 -56.42
CA ASN O 190 -62.99 -22.90 -55.43
C ASN O 190 -63.70 -22.68 -54.10
N LYS O 191 -64.76 -21.86 -54.09
CA LYS O 191 -65.49 -21.56 -52.85
C LYS O 191 -66.45 -22.71 -52.56
N ILE O 192 -65.88 -23.81 -52.04
CA ILE O 192 -66.65 -25.00 -51.71
C ILE O 192 -67.30 -24.81 -50.34
N ASP O 193 -68.22 -25.72 -49.99
CA ASP O 193 -68.90 -25.71 -48.69
C ASP O 193 -69.70 -24.43 -48.50
N LEU O 194 -70.67 -24.23 -49.39
CA LEU O 194 -71.56 -23.08 -49.33
C LEU O 194 -72.99 -23.55 -49.58
N VAL O 195 -73.95 -22.77 -49.05
CA VAL O 195 -75.35 -23.11 -49.21
C VAL O 195 -75.76 -22.95 -50.68
N LYS O 196 -76.87 -23.61 -51.03
CA LYS O 196 -77.35 -23.55 -52.41
C LYS O 196 -77.72 -22.14 -52.82
N GLU O 197 -78.43 -21.41 -51.95
CA GLU O 197 -78.73 -20.00 -52.22
C GLU O 197 -77.46 -19.18 -52.23
N SER O 198 -76.55 -19.44 -51.29
CA SER O 198 -75.27 -18.74 -51.29
C SER O 198 -74.46 -19.05 -52.54
N GLN O 199 -74.48 -20.32 -52.98
CA GLN O 199 -73.78 -20.68 -54.21
C GLN O 199 -74.39 -19.97 -55.42
N ALA O 200 -75.72 -19.88 -55.47
CA ALA O 200 -76.37 -19.18 -56.58
C ALA O 200 -76.02 -17.70 -56.58
N LYS O 201 -76.00 -17.07 -55.40
CA LYS O 201 -75.62 -15.66 -55.31
C LYS O 201 -74.18 -15.45 -55.73
N GLU O 202 -73.28 -16.35 -55.31
CA GLU O 202 -71.88 -16.26 -55.72
C GLU O 202 -71.73 -16.42 -57.23
N GLN O 203 -72.50 -17.35 -57.81
CA GLN O 203 -72.47 -17.53 -59.26
C GLN O 203 -72.97 -16.29 -59.98
N TYR O 204 -74.03 -15.67 -59.46
CA TYR O 204 -74.54 -14.44 -60.07
C TYR O 204 -73.51 -13.32 -59.99
N GLU O 205 -72.84 -13.18 -58.84
CA GLU O 205 -71.80 -12.16 -58.72
C GLU O 205 -70.63 -12.44 -59.67
N GLN O 206 -70.24 -13.70 -59.79
CA GLN O 206 -69.16 -14.06 -60.70
C GLN O 206 -69.54 -13.77 -62.15
N ILE O 207 -70.80 -14.05 -62.52
CA ILE O 207 -71.26 -13.75 -63.87
C ILE O 207 -71.27 -12.24 -64.11
N LEU O 208 -71.69 -11.47 -63.11
CA LEU O 208 -71.67 -10.01 -63.24
C LEU O 208 -70.25 -9.50 -63.44
N ALA O 209 -69.29 -10.05 -62.68
CA ALA O 209 -67.90 -9.65 -62.86
C ALA O 209 -67.37 -10.06 -64.24
N PHE O 210 -67.72 -11.28 -64.68
CA PHE O 210 -67.25 -11.76 -65.97
C PHE O 210 -67.86 -10.96 -67.12
N VAL O 211 -69.04 -10.36 -66.91
CA VAL O 211 -69.62 -9.52 -67.94
C VAL O 211 -68.70 -8.36 -68.28
N GLN O 212 -68.12 -7.72 -67.25
CA GLN O 212 -67.14 -6.67 -67.49
C GLN O 212 -65.80 -7.25 -67.95
N GLY O 213 -65.40 -8.39 -67.37
CA GLY O 213 -64.12 -8.99 -67.70
C GLY O 213 -64.02 -9.52 -69.11
N THR O 214 -65.15 -9.74 -69.78
CA THR O 214 -65.16 -10.31 -71.12
C THR O 214 -64.64 -9.35 -72.19
N VAL O 215 -64.09 -8.20 -71.82
CA VAL O 215 -63.54 -7.29 -72.82
C VAL O 215 -62.41 -7.95 -73.59
N ALA O 216 -61.48 -8.57 -72.86
CA ALA O 216 -60.39 -9.33 -73.48
C ALA O 216 -60.70 -10.82 -73.56
N GLU O 217 -60.89 -11.47 -72.41
CA GLU O 217 -61.26 -12.89 -72.39
C GLU O 217 -61.94 -13.17 -71.06
N GLY O 218 -63.27 -13.24 -71.08
CA GLY O 218 -64.03 -13.45 -69.86
C GLY O 218 -65.24 -14.35 -70.01
N ALA O 219 -65.17 -15.33 -70.90
CA ALA O 219 -66.34 -16.18 -71.14
C ALA O 219 -66.03 -17.63 -70.79
N PRO O 220 -65.50 -17.90 -69.59
CA PRO O 220 -65.35 -19.29 -69.17
C PRO O 220 -66.51 -19.76 -68.31
N ILE O 221 -66.53 -21.05 -67.97
CA ILE O 221 -67.60 -21.59 -67.12
C ILE O 221 -67.04 -22.76 -66.33
N ILE O 222 -67.16 -22.71 -65.02
CA ILE O 222 -66.73 -23.79 -64.13
C ILE O 222 -67.43 -23.64 -62.78
N PRO O 223 -67.50 -24.69 -61.96
CA PRO O 223 -68.14 -24.62 -60.65
C PRO O 223 -67.32 -25.27 -59.55
N LEU O 228 -65.67 -32.53 -53.46
CA LEU O 228 -64.62 -31.59 -53.82
C LEU O 228 -63.90 -32.03 -55.10
N LYS O 229 -63.65 -33.34 -55.21
CA LYS O 229 -62.97 -33.87 -56.39
C LYS O 229 -63.84 -33.83 -57.63
N TYR O 230 -65.16 -33.72 -57.48
CA TYR O 230 -66.03 -33.62 -58.64
C TYR O 230 -65.75 -32.35 -59.44
N ASN O 231 -65.52 -31.23 -58.75
CA ASN O 231 -65.16 -30.01 -59.44
C ASN O 231 -63.82 -30.15 -60.16
N ILE O 232 -62.86 -30.84 -59.53
CA ILE O 232 -61.57 -31.07 -60.16
C ILE O 232 -61.74 -31.90 -61.43
N GLU O 233 -62.56 -32.95 -61.38
CA GLU O 233 -62.79 -33.77 -62.56
C GLU O 233 -63.48 -32.97 -63.66
N VAL O 234 -64.45 -32.14 -63.30
CA VAL O 234 -65.13 -31.32 -64.29
C VAL O 234 -64.15 -30.34 -64.94
N VAL O 235 -63.28 -29.73 -64.13
CA VAL O 235 -62.30 -28.79 -64.67
C VAL O 235 -61.32 -29.51 -65.59
N CYS O 236 -60.91 -30.73 -65.21
CA CYS O 236 -60.01 -31.50 -66.07
C CYS O 236 -60.67 -31.84 -67.40
N GLU O 237 -61.94 -32.24 -67.36
CA GLU O 237 -62.65 -32.53 -68.61
C GLU O 237 -62.77 -31.28 -69.48
N TYR O 238 -63.10 -30.14 -68.86
CA TYR O 238 -63.22 -28.89 -69.62
C TYR O 238 -61.88 -28.49 -70.23
N ILE O 239 -60.79 -28.67 -69.48
CA ILE O 239 -59.46 -28.35 -70.00
C ILE O 239 -59.11 -29.26 -71.17
N VAL O 240 -59.40 -30.55 -71.04
CA VAL O 240 -59.12 -31.48 -72.13
C VAL O 240 -59.93 -31.13 -73.37
N LYS O 241 -61.18 -30.69 -73.18
CA LYS O 241 -62.05 -30.39 -74.31
C LYS O 241 -61.70 -29.07 -74.98
N LYS O 242 -61.25 -28.08 -74.20
CA LYS O 242 -61.14 -26.71 -74.70
C LYS O 242 -59.72 -26.28 -75.04
N ILE O 243 -58.70 -26.86 -74.42
CA ILE O 243 -57.33 -26.41 -74.61
C ILE O 243 -56.86 -26.72 -76.02
N PRO O 244 -56.41 -25.74 -76.79
CA PRO O 244 -55.90 -26.01 -78.14
C PRO O 244 -54.40 -26.22 -78.16
N VAL O 245 -53.94 -26.95 -79.17
CA VAL O 245 -52.52 -27.24 -79.35
C VAL O 245 -51.82 -26.01 -79.90
N PRO O 246 -50.77 -25.52 -79.25
CA PRO O 246 -50.06 -24.34 -79.75
C PRO O 246 -48.99 -24.74 -80.74
N PRO O 247 -48.69 -23.89 -81.73
CA PRO O 247 -47.68 -24.22 -82.73
C PRO O 247 -46.28 -23.96 -82.19
N ARG O 248 -45.51 -25.04 -82.00
CA ARG O 248 -44.14 -24.97 -81.52
C ARG O 248 -43.18 -25.43 -82.61
N ASP O 249 -42.10 -24.69 -82.79
CA ASP O 249 -41.12 -24.98 -83.84
C ASP O 249 -40.14 -26.03 -83.33
N PHE O 250 -40.45 -27.29 -83.63
CA PHE O 250 -39.58 -28.40 -83.23
C PHE O 250 -38.35 -28.51 -84.12
N THR O 251 -38.38 -27.96 -85.33
CA THR O 251 -37.28 -28.10 -86.27
C THR O 251 -36.15 -27.12 -86.03
N SER O 252 -36.34 -26.13 -85.17
CA SER O 252 -35.31 -25.15 -84.89
C SER O 252 -34.22 -25.75 -83.99
N GLU O 253 -33.09 -25.04 -83.92
CA GLU O 253 -32.02 -25.48 -83.05
C GLU O 253 -32.46 -25.39 -81.59
N PRO O 254 -32.10 -26.38 -80.77
CA PRO O 254 -32.54 -26.34 -79.37
C PRO O 254 -31.96 -25.16 -78.61
N ARG O 255 -32.76 -24.63 -77.69
CA ARG O 255 -32.34 -23.52 -76.84
C ARG O 255 -33.02 -23.68 -75.49
N LEU O 256 -32.22 -23.71 -74.42
CA LEU O 256 -32.72 -23.90 -73.07
C LEU O 256 -32.28 -22.75 -72.18
N ILE O 257 -33.21 -22.29 -71.33
CA ILE O 257 -32.94 -21.24 -70.36
C ILE O 257 -32.95 -21.90 -68.98
N VAL O 258 -31.87 -21.67 -68.23
CA VAL O 258 -31.70 -22.32 -66.93
C VAL O 258 -32.47 -21.55 -65.87
N ILE O 259 -33.21 -22.28 -65.04
CA ILE O 259 -33.99 -21.68 -63.96
C ILE O 259 -33.71 -22.40 -62.66
N ARG O 260 -32.91 -23.47 -62.71
CA ARG O 260 -32.60 -24.25 -61.51
C ARG O 260 -31.34 -25.04 -61.76
N SER O 261 -30.36 -24.90 -60.87
CA SER O 261 -29.10 -25.64 -60.94
C SER O 261 -28.91 -26.46 -59.67
N PHE O 262 -28.27 -27.61 -59.82
CA PHE O 262 -28.08 -28.54 -58.70
C PHE O 262 -26.69 -29.15 -58.78
N ASP O 263 -26.30 -29.79 -57.68
CA ASP O 263 -25.06 -30.57 -57.60
C ASP O 263 -25.42 -31.91 -56.97
N VAL O 264 -25.61 -32.93 -57.81
CA VAL O 264 -26.14 -34.21 -57.34
C VAL O 264 -25.15 -34.97 -56.48
N ASN O 265 -23.86 -34.65 -56.56
CA ASN O 265 -22.84 -35.38 -55.82
C ASN O 265 -23.05 -35.16 -54.33
N LYS O 266 -23.46 -36.22 -53.62
CA LYS O 266 -23.69 -36.12 -52.20
C LYS O 266 -22.37 -35.99 -51.44
N PRO O 267 -22.40 -35.45 -50.22
CA PRO O 267 -21.16 -35.34 -49.45
C PRO O 267 -20.59 -36.70 -49.09
N GLY O 268 -19.27 -36.78 -49.04
CA GLY O 268 -18.59 -38.02 -48.72
C GLY O 268 -18.81 -39.13 -49.72
N CYS O 269 -18.92 -38.79 -51.00
CA CYS O 269 -19.11 -39.79 -52.03
C CYS O 269 -17.77 -40.32 -52.52
N GLU O 270 -17.81 -41.48 -53.18
CA GLU O 270 -16.61 -42.09 -53.71
C GLU O 270 -16.22 -41.45 -55.04
N VAL O 271 -14.97 -41.72 -55.46
CA VAL O 271 -14.47 -41.16 -56.72
C VAL O 271 -15.05 -41.83 -57.94
N ASP O 272 -15.87 -42.87 -57.77
CA ASP O 272 -16.51 -43.57 -58.89
C ASP O 272 -17.92 -43.06 -59.15
N ASP O 273 -18.74 -42.94 -58.11
CA ASP O 273 -20.09 -42.41 -58.24
C ASP O 273 -20.09 -40.89 -58.07
N LEU O 274 -19.35 -40.23 -58.96
CA LEU O 274 -19.18 -38.78 -58.93
C LEU O 274 -19.88 -38.18 -60.15
N LYS O 275 -21.16 -37.89 -60.00
CA LYS O 275 -21.95 -37.26 -61.05
C LYS O 275 -22.07 -35.76 -60.77
N GLY O 276 -22.11 -34.97 -61.83
CA GLY O 276 -22.19 -33.54 -61.70
C GLY O 276 -22.68 -32.89 -62.97
N GLY O 277 -22.98 -31.60 -62.86
CA GLY O 277 -23.49 -30.85 -63.99
C GLY O 277 -24.97 -31.02 -64.24
N VAL O 278 -25.74 -31.34 -63.21
CA VAL O 278 -27.19 -31.55 -63.38
C VAL O 278 -27.88 -30.20 -63.35
N ALA O 279 -28.01 -29.59 -64.52
CA ALA O 279 -28.66 -28.29 -64.66
C ALA O 279 -30.18 -28.52 -64.79
N GLY O 280 -30.90 -27.45 -65.14
CA GLY O 280 -32.33 -27.53 -65.32
C GLY O 280 -32.82 -26.30 -66.04
N GLY O 281 -34.13 -26.24 -66.23
CA GLY O 281 -34.73 -25.10 -66.88
C GLY O 281 -35.83 -25.45 -67.86
N SER O 282 -36.01 -24.61 -68.88
CA SER O 282 -37.07 -24.81 -69.86
C SER O 282 -36.54 -24.58 -71.26
N ILE O 283 -37.06 -25.37 -72.20
CA ILE O 283 -36.68 -25.28 -73.61
C ILE O 283 -37.85 -24.65 -74.37
N LEU O 284 -37.55 -23.58 -75.11
CA LEU O 284 -38.58 -22.87 -75.85
C LEU O 284 -38.70 -23.36 -77.29
N LYS O 285 -37.62 -23.27 -78.05
CA LYS O 285 -37.61 -23.66 -79.46
C LYS O 285 -36.56 -24.75 -79.67
N GLY O 286 -36.96 -25.84 -80.30
CA GLY O 286 -36.07 -26.92 -80.63
C GLY O 286 -36.29 -28.13 -79.73
N VAL O 287 -35.55 -29.20 -80.05
CA VAL O 287 -35.59 -30.44 -79.29
C VAL O 287 -34.16 -30.82 -78.94
N LEU O 288 -33.93 -31.15 -77.66
CA LEU O 288 -32.62 -31.50 -77.16
C LEU O 288 -32.47 -33.02 -77.14
N LYS O 289 -31.38 -33.51 -77.72
CA LYS O 289 -31.09 -34.93 -77.80
C LYS O 289 -29.86 -35.26 -76.96
N VAL O 290 -29.91 -36.39 -76.26
CA VAL O 290 -28.80 -36.79 -75.41
C VAL O 290 -27.57 -37.05 -76.26
N GLY O 291 -26.41 -36.67 -75.75
CA GLY O 291 -25.15 -36.81 -76.45
C GLY O 291 -24.76 -35.64 -77.32
N GLN O 292 -25.65 -34.68 -77.51
CA GLN O 292 -25.33 -33.51 -78.32
C GLN O 292 -24.31 -32.62 -77.61
N GLU O 293 -23.53 -31.89 -78.40
CA GLU O 293 -22.53 -30.96 -77.89
C GLU O 293 -23.21 -29.62 -77.62
N ILE O 294 -23.39 -29.28 -76.35
CA ILE O 294 -24.10 -28.08 -75.94
C ILE O 294 -23.10 -27.06 -75.41
N GLU O 295 -23.47 -25.79 -75.52
CA GLU O 295 -22.66 -24.68 -75.03
C GLU O 295 -23.53 -23.74 -74.22
N VAL O 296 -22.92 -23.12 -73.21
CA VAL O 296 -23.60 -22.15 -72.34
C VAL O 296 -23.28 -20.76 -72.86
N ARG O 297 -24.33 -20.01 -73.21
CA ARG O 297 -24.12 -18.65 -73.72
C ARG O 297 -23.46 -17.73 -72.71
N PRO O 298 -23.91 -17.67 -71.46
CA PRO O 298 -23.23 -16.82 -70.48
C PRO O 298 -21.84 -17.34 -70.13
N GLY O 299 -21.77 -18.63 -69.79
CA GLY O 299 -20.48 -19.20 -69.42
C GLY O 299 -20.01 -18.72 -68.05
N ILE O 300 -18.70 -18.65 -67.90
CA ILE O 300 -18.07 -18.16 -66.68
C ILE O 300 -17.59 -16.74 -66.93
N VAL O 301 -18.04 -15.81 -66.10
CA VAL O 301 -17.72 -14.39 -66.24
C VAL O 301 -16.74 -14.02 -65.14
N SER O 302 -15.57 -13.51 -65.54
CA SER O 302 -14.55 -13.10 -64.60
C SER O 302 -14.01 -11.73 -64.99
N LYS O 303 -13.63 -10.94 -63.99
CA LYS O 303 -13.08 -9.61 -64.20
C LYS O 303 -11.71 -9.45 -63.54
N ASP O 304 -11.04 -10.57 -63.24
CA ASP O 304 -9.73 -10.52 -62.58
C ASP O 304 -8.62 -10.01 -63.49
N SER O 305 -8.88 -9.86 -64.79
CA SER O 305 -7.88 -9.40 -65.75
C SER O 305 -7.58 -7.89 -65.65
N GLU O 306 -8.09 -7.21 -64.62
CA GLU O 306 -7.87 -5.78 -64.42
C GLU O 306 -8.42 -4.96 -65.59
N GLY O 307 -9.46 -5.47 -66.24
CA GLY O 307 -10.09 -4.77 -67.35
C GLY O 307 -11.59 -4.98 -67.41
N LYS O 308 -12.14 -5.00 -68.61
CA LYS O 308 -13.56 -5.24 -68.78
C LYS O 308 -13.89 -6.71 -68.46
N LEU O 309 -15.15 -6.95 -68.14
CA LEU O 309 -15.59 -8.29 -67.80
C LEU O 309 -15.41 -9.23 -69.01
N MET O 310 -14.84 -10.40 -68.76
CA MET O 310 -14.59 -11.39 -69.79
C MET O 310 -15.42 -12.63 -69.50
N CYS O 311 -16.21 -13.06 -70.48
CA CYS O 311 -17.08 -14.21 -70.36
C CYS O 311 -16.58 -15.32 -71.28
N LYS O 312 -16.29 -16.48 -70.71
CA LYS O 312 -15.85 -17.64 -71.47
C LYS O 312 -16.96 -18.68 -71.48
N PRO O 313 -17.50 -19.02 -72.65
CA PRO O 313 -18.57 -20.03 -72.70
C PRO O 313 -18.07 -21.39 -72.27
N ILE O 314 -18.97 -22.19 -71.72
CA ILE O 314 -18.67 -23.53 -71.22
C ILE O 314 -19.29 -24.55 -72.15
N PHE O 315 -18.48 -25.49 -72.63
CA PHE O 315 -18.93 -26.53 -73.53
C PHE O 315 -19.06 -27.85 -72.77
N SER O 316 -20.08 -28.62 -73.11
CA SER O 316 -20.31 -29.92 -72.48
C SER O 316 -21.12 -30.79 -73.42
N LYS O 317 -21.48 -31.97 -72.95
CA LYS O 317 -22.30 -32.91 -73.70
C LYS O 317 -23.46 -33.35 -72.83
N ILE O 318 -24.63 -33.49 -73.44
CA ILE O 318 -25.84 -33.86 -72.70
C ILE O 318 -25.76 -35.34 -72.35
N VAL O 319 -25.34 -35.63 -71.11
CA VAL O 319 -25.21 -37.01 -70.67
C VAL O 319 -26.51 -37.59 -70.12
N SER O 320 -27.53 -36.75 -69.92
CA SER O 320 -28.80 -37.23 -69.39
C SER O 320 -29.87 -36.19 -69.70
N LEU O 321 -31.12 -36.59 -69.50
CA LEU O 321 -32.26 -35.68 -69.65
C LEU O 321 -33.38 -36.26 -68.79
N PHE O 322 -33.69 -35.61 -67.67
CA PHE O 322 -34.63 -36.14 -66.69
C PHE O 322 -35.76 -35.15 -66.47
N ALA O 323 -36.99 -35.64 -66.59
CA ALA O 323 -38.17 -34.90 -66.19
C ALA O 323 -38.51 -35.26 -64.74
N GLU O 324 -39.73 -34.95 -64.31
CA GLU O 324 -40.17 -35.40 -62.99
C GLU O 324 -40.09 -36.91 -62.88
N HIS O 325 -40.50 -37.62 -63.93
CA HIS O 325 -40.26 -39.05 -64.05
C HIS O 325 -38.97 -39.28 -64.83
N ASN O 326 -38.73 -40.52 -65.26
CA ASN O 326 -37.56 -40.84 -66.07
C ASN O 326 -37.84 -40.47 -67.51
N ASP O 327 -37.10 -39.48 -68.03
CA ASP O 327 -37.30 -39.03 -69.40
C ASP O 327 -36.31 -39.73 -70.34
N LEU O 328 -36.63 -39.68 -71.63
CA LEU O 328 -35.85 -40.37 -72.65
C LEU O 328 -34.66 -39.52 -73.08
N GLN O 329 -33.95 -39.97 -74.11
CA GLN O 329 -32.79 -39.25 -74.62
C GLN O 329 -33.15 -38.00 -75.39
N TYR O 330 -34.43 -37.78 -75.70
CA TYR O 330 -34.89 -36.61 -76.43
C TYR O 330 -35.75 -35.73 -75.52
N ALA O 331 -35.56 -34.42 -75.63
CA ALA O 331 -36.29 -33.45 -74.82
C ALA O 331 -37.19 -32.62 -75.70
N ALA O 332 -38.43 -32.40 -75.23
CA ALA O 332 -39.40 -31.63 -75.98
C ALA O 332 -39.73 -30.32 -75.28
N PRO O 333 -40.11 -29.29 -76.02
CA PRO O 333 -40.45 -28.01 -75.39
C PRO O 333 -41.75 -28.10 -74.61
N GLY O 334 -41.89 -27.17 -73.66
CA GLY O 334 -43.09 -27.10 -72.86
C GLY O 334 -43.03 -27.89 -71.56
N GLY O 335 -41.99 -27.66 -70.77
CA GLY O 335 -41.87 -28.32 -69.50
C GLY O 335 -40.57 -27.95 -68.82
N LEU O 336 -40.32 -28.58 -67.68
CA LEU O 336 -39.10 -28.39 -66.90
C LEU O 336 -38.23 -29.62 -67.10
N ILE O 337 -37.28 -29.54 -68.02
CA ILE O 337 -36.40 -30.64 -68.36
C ILE O 337 -35.00 -30.32 -67.84
N GLY O 338 -34.49 -31.18 -66.97
CA GLY O 338 -33.16 -31.01 -66.43
C GLY O 338 -32.08 -31.67 -67.27
N VAL O 339 -31.40 -30.88 -68.10
CA VAL O 339 -30.37 -31.41 -68.98
C VAL O 339 -29.05 -31.54 -68.23
N GLY O 340 -28.82 -32.71 -67.64
CA GLY O 340 -27.58 -32.94 -66.90
C GLY O 340 -26.40 -33.22 -67.81
N THR O 341 -25.50 -32.25 -67.93
CA THR O 341 -24.35 -32.35 -68.80
C THR O 341 -23.12 -32.80 -68.01
N LYS O 342 -21.98 -32.85 -68.70
CA LYS O 342 -20.71 -33.21 -68.07
C LYS O 342 -19.96 -31.98 -67.57
N ILE O 343 -20.63 -31.19 -66.73
CA ILE O 343 -20.08 -29.96 -66.18
C ILE O 343 -19.62 -30.21 -64.76
N ASP O 344 -18.52 -29.58 -64.37
CA ASP O 344 -18.01 -29.75 -63.02
C ASP O 344 -18.99 -29.17 -62.02
N PRO O 345 -19.25 -29.86 -60.90
CA PRO O 345 -20.19 -29.33 -59.91
C PRO O 345 -19.73 -28.02 -59.28
N THR O 346 -18.43 -27.71 -59.33
CA THR O 346 -17.95 -26.46 -58.75
C THR O 346 -18.46 -25.26 -59.52
N LEU O 347 -18.57 -25.37 -60.85
CA LEU O 347 -19.17 -24.29 -61.64
C LEU O 347 -20.69 -24.29 -61.57
N CYS O 348 -21.30 -25.41 -61.17
CA CYS O 348 -22.76 -25.51 -61.07
C CYS O 348 -23.10 -26.06 -59.69
N ARG O 349 -23.14 -25.17 -58.70
CA ARG O 349 -23.67 -25.49 -57.38
C ARG O 349 -25.14 -25.08 -57.33
N ALA O 350 -25.70 -25.03 -56.11
CA ALA O 350 -27.12 -24.73 -55.96
C ALA O 350 -27.47 -23.36 -56.53
N ASP O 351 -28.20 -23.36 -57.65
CA ASP O 351 -28.70 -22.15 -58.30
C ASP O 351 -27.57 -21.17 -58.66
N ARG O 352 -26.38 -21.70 -58.94
CA ARG O 352 -25.27 -20.86 -59.36
C ARG O 352 -25.15 -20.72 -60.87
N MET O 353 -25.97 -21.43 -61.64
CA MET O 353 -25.97 -21.35 -63.10
C MET O 353 -27.23 -20.68 -63.63
N VAL O 354 -28.15 -20.28 -62.74
CA VAL O 354 -29.39 -19.66 -63.17
C VAL O 354 -29.09 -18.35 -63.88
N GLY O 355 -29.79 -18.12 -64.98
CA GLY O 355 -29.56 -16.95 -65.80
C GLY O 355 -28.68 -17.18 -67.02
N GLN O 356 -28.45 -18.42 -67.41
CA GLN O 356 -27.63 -18.74 -68.57
C GLN O 356 -28.47 -19.52 -69.59
N VAL O 357 -28.17 -19.30 -70.86
CA VAL O 357 -28.86 -19.97 -71.96
C VAL O 357 -27.97 -21.08 -72.48
N LEU O 358 -28.45 -22.32 -72.41
CA LEU O 358 -27.70 -23.48 -72.86
C LEU O 358 -27.96 -23.69 -74.34
N GLY O 359 -27.07 -23.15 -75.18
CA GLY O 359 -27.21 -23.31 -76.61
C GLY O 359 -26.67 -24.65 -77.10
N ALA O 360 -26.85 -24.89 -78.39
CA ALA O 360 -26.41 -26.13 -79.02
C ALA O 360 -25.41 -25.91 -80.13
N VAL O 361 -25.68 -24.98 -81.04
CA VAL O 361 -24.84 -24.79 -82.22
C VAL O 361 -24.23 -23.38 -82.22
N GLY O 362 -23.96 -22.86 -81.03
CA GLY O 362 -23.39 -21.53 -80.95
C GLY O 362 -24.39 -20.45 -81.31
N ALA O 363 -25.36 -20.21 -80.43
CA ALA O 363 -26.42 -19.26 -80.69
C ALA O 363 -25.86 -17.88 -81.01
N LEU O 364 -26.43 -17.24 -82.02
CA LEU O 364 -25.98 -15.95 -82.54
C LEU O 364 -26.08 -14.85 -81.49
N PRO O 365 -26.93 -15.01 -80.47
CA PRO O 365 -27.05 -13.97 -79.44
C PRO O 365 -25.73 -13.74 -78.71
N GLU O 366 -25.18 -12.55 -78.89
CA GLU O 366 -23.90 -12.20 -78.29
C GLU O 366 -24.09 -11.79 -76.83
N ILE O 367 -22.97 -11.66 -76.12
CA ILE O 367 -23.00 -11.24 -74.72
C ILE O 367 -23.17 -9.73 -74.66
N PHE O 368 -24.16 -9.28 -73.89
CA PHE O 368 -24.47 -7.87 -73.76
C PHE O 368 -24.18 -7.40 -72.35
N THR O 369 -23.40 -6.31 -72.24
CA THR O 369 -23.11 -5.69 -70.96
C THR O 369 -24.08 -4.55 -70.65
N GLU O 370 -24.33 -3.68 -71.62
CA GLU O 370 -25.28 -2.59 -71.48
C GLU O 370 -26.21 -2.59 -72.69
N LEU O 371 -27.44 -2.15 -72.48
CA LEU O 371 -28.46 -2.16 -73.52
C LEU O 371 -29.19 -0.82 -73.56
N GLU O 372 -29.40 -0.31 -74.77
CA GLU O 372 -30.18 0.91 -74.99
C GLU O 372 -31.59 0.49 -75.37
N ILE O 373 -32.54 0.71 -74.46
CA ILE O 373 -33.90 0.24 -74.61
C ILE O 373 -34.85 1.44 -74.64
N SER O 374 -35.67 1.51 -75.68
CA SER O 374 -36.74 2.50 -75.73
C SER O 374 -37.96 1.95 -75.00
N TYR O 375 -38.45 2.70 -74.02
CA TYR O 375 -39.45 2.20 -73.09
C TYR O 375 -40.70 3.07 -73.10
N PHE O 376 -41.81 2.49 -72.66
CA PHE O 376 -43.07 3.18 -72.46
C PHE O 376 -43.54 2.86 -71.05
N LEU O 377 -43.10 3.66 -70.08
CA LEU O 377 -43.42 3.40 -68.68
C LEU O 377 -44.92 3.56 -68.44
N LEU O 378 -45.51 2.59 -67.73
CA LEU O 378 -46.93 2.64 -67.44
C LEU O 378 -47.21 3.67 -66.36
N ARG O 379 -48.32 4.39 -66.53
CA ARG O 379 -48.59 5.54 -65.66
C ARG O 379 -48.84 5.11 -64.21
N ARG O 380 -49.64 4.07 -64.02
CA ARG O 380 -50.01 3.61 -62.69
C ARG O 380 -49.81 2.10 -62.60
N LEU O 381 -49.99 1.56 -61.39
CA LEU O 381 -49.94 0.12 -61.21
C LEU O 381 -51.11 -0.54 -61.96
N LEU O 382 -50.80 -1.61 -62.68
CA LEU O 382 -51.80 -2.26 -63.53
C LEU O 382 -52.84 -2.94 -62.66
N GLY O 383 -54.03 -2.34 -62.59
CA GLY O 383 -55.14 -2.93 -61.86
C GLY O 383 -55.12 -2.75 -60.36
N VAL O 384 -54.13 -2.06 -59.81
CA VAL O 384 -54.00 -1.86 -58.38
C VAL O 384 -54.55 -0.49 -58.05
N ARG O 385 -55.74 -0.45 -57.45
CA ARG O 385 -56.37 0.80 -56.99
C ARG O 385 -56.90 0.54 -55.59
N THR O 386 -56.05 0.79 -54.59
CA THR O 386 -56.42 0.52 -53.21
C THR O 386 -57.32 1.64 -52.67
N GLU O 387 -57.81 1.45 -51.44
CA GLU O 387 -58.66 2.45 -50.83
C GLU O 387 -57.92 3.77 -50.62
N GLY O 388 -56.66 3.70 -50.18
CA GLY O 388 -55.87 4.89 -49.97
C GLY O 388 -55.32 5.45 -51.27
N ASP O 389 -54.47 4.67 -51.94
CA ASP O 389 -53.86 5.07 -53.21
C ASP O 389 -53.13 6.41 -53.07
N LYS O 390 -52.43 6.58 -51.94
CA LYS O 390 -51.69 7.81 -51.66
C LYS O 390 -50.35 7.75 -52.41
N LYS O 391 -50.43 7.97 -53.72
CA LYS O 391 -49.29 7.95 -54.64
C LYS O 391 -48.56 6.61 -54.66
N ALA O 392 -49.13 5.57 -54.05
CA ALA O 392 -48.49 4.26 -54.10
C ALA O 392 -48.62 3.64 -55.48
N ALA O 393 -49.81 3.72 -56.08
CA ALA O 393 -50.04 3.20 -57.43
C ALA O 393 -49.74 4.28 -58.47
N LYS O 394 -48.49 4.73 -58.47
CA LYS O 394 -48.06 5.77 -59.41
C LYS O 394 -46.59 5.54 -59.71
N VAL O 395 -46.30 5.07 -60.92
CA VAL O 395 -44.94 4.78 -61.34
C VAL O 395 -44.27 6.10 -61.73
N GLN O 396 -43.24 6.49 -61.00
CA GLN O 396 -42.52 7.72 -61.28
C GLN O 396 -41.65 7.55 -62.52
N LYS O 397 -40.98 8.63 -62.91
CA LYS O 397 -40.11 8.60 -64.06
C LYS O 397 -38.85 7.77 -63.78
N LEU O 398 -38.12 7.45 -64.84
CA LEU O 398 -36.92 6.65 -64.71
C LEU O 398 -35.79 7.45 -64.08
N SER O 399 -35.64 7.33 -62.77
CA SER O 399 -34.58 8.06 -62.07
C SER O 399 -33.22 7.51 -62.43
N LYS O 400 -32.24 8.40 -62.52
CA LYS O 400 -30.87 7.99 -62.84
C LYS O 400 -30.28 7.19 -61.69
N ASN O 401 -29.37 6.27 -62.04
CA ASN O 401 -28.68 5.41 -61.07
C ASN O 401 -29.67 4.63 -60.21
N GLU O 402 -30.70 4.09 -60.85
CA GLU O 402 -31.73 3.30 -60.18
C GLU O 402 -31.70 1.88 -60.71
N VAL O 403 -31.69 0.91 -59.80
CA VAL O 403 -31.62 -0.50 -60.17
C VAL O 403 -33.01 -0.99 -60.54
N LEU O 404 -33.13 -1.59 -61.73
CA LEU O 404 -34.39 -2.12 -62.21
C LEU O 404 -34.19 -3.58 -62.63
N MET O 405 -35.25 -4.37 -62.50
CA MET O 405 -35.21 -5.79 -62.82
C MET O 405 -35.58 -5.98 -64.28
N VAL O 406 -34.56 -6.07 -65.13
CA VAL O 406 -34.78 -6.36 -66.55
C VAL O 406 -35.09 -7.84 -66.69
N ASN O 407 -36.20 -8.15 -67.36
CA ASN O 407 -36.69 -9.52 -67.49
C ASN O 407 -36.99 -9.75 -68.97
N ILE O 408 -36.04 -10.38 -69.68
CA ILE O 408 -36.21 -10.71 -71.09
C ILE O 408 -36.72 -12.15 -71.16
N GLY O 409 -38.01 -12.30 -71.40
CA GLY O 409 -38.61 -13.63 -71.46
C GLY O 409 -38.64 -14.29 -70.10
N SER O 410 -37.80 -15.31 -69.90
CA SER O 410 -37.62 -15.94 -68.61
C SER O 410 -36.27 -15.63 -67.98
N LEU O 411 -35.48 -14.74 -68.60
CA LEU O 411 -34.15 -14.40 -68.11
C LEU O 411 -34.28 -13.24 -67.14
N SER O 412 -34.30 -13.55 -65.84
CA SER O 412 -34.40 -12.54 -64.80
C SER O 412 -33.00 -12.04 -64.45
N THR O 413 -32.72 -10.78 -64.78
CA THR O 413 -31.43 -10.17 -64.49
C THR O 413 -31.67 -8.79 -63.88
N GLY O 414 -30.58 -8.15 -63.47
CA GLY O 414 -30.64 -6.86 -62.84
C GLY O 414 -29.93 -5.80 -63.67
N GLY O 415 -30.46 -4.58 -63.63
CA GLY O 415 -29.89 -3.49 -64.39
C GLY O 415 -30.13 -2.12 -63.80
N ARG O 416 -29.09 -1.29 -63.80
CA ARG O 416 -29.17 0.07 -63.30
C ARG O 416 -29.23 1.05 -64.47
N VAL O 417 -30.00 2.12 -64.29
CA VAL O 417 -30.17 3.13 -65.33
C VAL O 417 -28.97 4.07 -65.31
N SER O 418 -28.28 4.19 -66.45
CA SER O 418 -27.13 5.07 -66.57
C SER O 418 -27.46 6.41 -67.19
N ALA O 419 -28.29 6.43 -68.24
CA ALA O 419 -28.67 7.67 -68.89
C ALA O 419 -29.98 7.46 -69.63
N VAL O 420 -30.70 8.57 -69.85
CA VAL O 420 -31.97 8.54 -70.56
C VAL O 420 -32.30 9.97 -70.99
N LYS O 421 -32.82 10.11 -72.22
CA LYS O 421 -33.33 11.39 -72.69
C LYS O 421 -34.72 11.17 -73.29
N ALA O 422 -35.72 11.07 -72.42
CA ALA O 422 -37.14 11.25 -72.75
C ALA O 422 -37.69 10.19 -73.70
N ASP O 423 -36.84 9.34 -74.29
CA ASP O 423 -37.34 8.30 -75.17
C ASP O 423 -36.60 6.97 -75.09
N LEU O 424 -35.50 6.87 -74.35
CA LEU O 424 -34.71 5.65 -74.35
C LEU O 424 -33.68 5.66 -73.24
N GLY O 425 -33.63 4.60 -72.43
CA GLY O 425 -32.66 4.47 -71.37
C GLY O 425 -31.48 3.60 -71.75
N LYS O 426 -30.37 3.80 -71.06
CA LYS O 426 -29.15 3.02 -71.24
C LYS O 426 -28.93 2.24 -69.95
N ILE O 427 -29.40 1.01 -69.93
CA ILE O 427 -29.36 0.17 -68.73
C ILE O 427 -28.08 -0.64 -68.74
N VAL O 428 -27.29 -0.52 -67.69
CA VAL O 428 -26.09 -1.33 -67.49
C VAL O 428 -26.47 -2.49 -66.58
N LEU O 429 -26.27 -3.71 -67.06
CA LEU O 429 -26.75 -4.90 -66.36
C LEU O 429 -25.75 -5.36 -65.32
N THR O 430 -26.27 -6.00 -64.27
CA THR O 430 -25.40 -6.52 -63.21
C THR O 430 -24.60 -7.71 -63.69
N ASN O 431 -25.11 -8.47 -64.65
CA ASN O 431 -24.40 -9.58 -65.26
C ASN O 431 -24.74 -9.66 -66.75
N PRO O 432 -23.82 -10.16 -67.57
CA PRO O 432 -24.08 -10.24 -69.01
C PRO O 432 -25.22 -11.21 -69.32
N VAL O 433 -25.93 -10.93 -70.41
CA VAL O 433 -27.02 -11.76 -70.88
C VAL O 433 -26.88 -11.94 -72.39
N CYS O 434 -27.45 -13.03 -72.89
CA CYS O 434 -27.46 -13.35 -74.32
C CYS O 434 -28.90 -13.64 -74.73
N THR O 435 -29.64 -12.59 -75.11
CA THR O 435 -31.03 -12.77 -75.50
C THR O 435 -31.29 -12.45 -76.96
N GLU O 436 -31.01 -11.23 -77.40
CA GLU O 436 -31.26 -10.81 -78.77
C GLU O 436 -30.69 -9.40 -78.95
N VAL O 437 -30.94 -8.82 -80.13
CA VAL O 437 -30.55 -7.45 -80.41
C VAL O 437 -31.74 -6.52 -80.58
N GLY O 438 -32.96 -7.06 -80.69
CA GLY O 438 -34.14 -6.24 -80.84
C GLY O 438 -35.36 -6.81 -80.14
N GLU O 439 -35.15 -7.69 -79.17
CA GLU O 439 -36.26 -8.34 -78.49
C GLU O 439 -36.96 -7.36 -77.56
N LYS O 440 -38.12 -7.78 -77.06
CA LYS O 440 -38.91 -6.98 -76.13
C LYS O 440 -38.48 -7.32 -74.70
N ILE O 441 -37.95 -6.33 -73.99
CA ILE O 441 -37.46 -6.50 -72.62
C ILE O 441 -38.35 -5.72 -71.68
N ALA O 442 -38.94 -6.41 -70.71
CA ALA O 442 -39.78 -5.75 -69.73
C ALA O 442 -38.92 -4.98 -68.73
N LEU O 443 -39.56 -4.06 -68.01
CA LEU O 443 -38.86 -3.27 -67.00
C LEU O 443 -39.72 -3.27 -65.73
N SER O 444 -39.13 -3.71 -64.62
CA SER O 444 -39.83 -3.82 -63.35
C SER O 444 -39.04 -3.10 -62.26
N ARG O 445 -39.71 -2.87 -61.14
CA ARG O 445 -39.14 -2.16 -60.00
C ARG O 445 -40.04 -2.41 -58.80
N ARG O 446 -39.43 -2.69 -57.65
CA ARG O 446 -40.19 -2.91 -56.44
C ARG O 446 -40.58 -1.57 -55.81
N VAL O 447 -41.79 -1.51 -55.26
CA VAL O 447 -42.21 -0.33 -54.52
C VAL O 447 -42.18 -0.58 -53.02
N GLU O 448 -42.56 -1.78 -52.58
CA GLU O 448 -42.44 -2.16 -51.17
C GLU O 448 -42.18 -3.67 -51.11
N LYS O 449 -40.89 -4.02 -51.10
CA LYS O 449 -40.45 -5.41 -50.92
C LYS O 449 -41.13 -6.38 -51.88
N HIS O 450 -41.47 -5.90 -53.08
CA HIS O 450 -42.14 -6.74 -54.07
C HIS O 450 -41.92 -6.16 -55.45
N TRP O 451 -41.15 -6.85 -56.29
CA TRP O 451 -40.93 -6.40 -57.65
C TRP O 451 -42.23 -6.40 -58.44
N ARG O 452 -42.52 -5.30 -59.13
CA ARG O 452 -43.74 -5.16 -59.91
C ARG O 452 -43.42 -4.50 -61.24
N LEU O 453 -44.27 -4.80 -62.24
CA LEU O 453 -44.03 -4.32 -63.59
C LEU O 453 -44.15 -2.81 -63.64
N ILE O 454 -43.25 -2.19 -64.41
CA ILE O 454 -43.22 -0.73 -64.53
C ILE O 454 -43.40 -0.33 -65.99
N GLY O 455 -42.97 -1.18 -66.91
CA GLY O 455 -43.09 -0.83 -68.30
C GLY O 455 -42.48 -1.87 -69.23
N TRP O 456 -42.37 -1.48 -70.49
CA TRP O 456 -41.89 -2.33 -71.57
C TRP O 456 -40.55 -1.79 -72.07
N GLY O 457 -40.04 -2.37 -73.15
CA GLY O 457 -38.80 -1.90 -73.73
C GLY O 457 -38.50 -2.63 -75.02
N GLN O 458 -37.68 -1.98 -75.85
CA GLN O 458 -37.22 -2.55 -77.12
C GLN O 458 -35.74 -2.24 -77.26
N ILE O 459 -34.93 -3.29 -77.37
CA ILE O 459 -33.48 -3.13 -77.46
C ILE O 459 -33.12 -2.58 -78.83
N ARG O 460 -32.31 -1.51 -78.85
CA ARG O 460 -31.86 -0.90 -80.09
C ARG O 460 -30.36 -1.04 -80.33
N ARG O 461 -29.56 -1.02 -79.26
CA ARG O 461 -28.11 -1.15 -79.39
C ARG O 461 -27.56 -1.70 -78.08
N GLY O 462 -26.32 -2.18 -78.13
CA GLY O 462 -25.70 -2.72 -76.93
C GLY O 462 -24.21 -2.86 -77.09
N VAL O 463 -23.56 -3.23 -75.98
CA VAL O 463 -22.12 -3.47 -75.94
C VAL O 463 -21.90 -4.97 -75.99
N THR O 464 -21.08 -5.42 -76.95
CA THR O 464 -20.87 -6.83 -77.19
C THR O 464 -19.55 -7.29 -76.57
N ILE O 465 -19.57 -8.48 -75.98
CA ILE O 465 -18.39 -9.13 -75.44
C ILE O 465 -18.26 -10.48 -76.12
N LYS O 466 -17.15 -10.70 -76.82
CA LYS O 466 -16.92 -11.92 -77.58
C LYS O 466 -15.55 -12.50 -77.23
N PRO O 467 -15.42 -13.07 -76.04
CA PRO O 467 -14.15 -13.68 -75.65
C PRO O 467 -14.08 -15.15 -76.01
N THR O 468 -12.85 -15.60 -76.30
CA THR O 468 -12.62 -16.99 -76.69
C THR O 468 -12.53 -17.88 -75.45
#